data_7P5Y
#
_entry.id   7P5Y
#
_cell.length_a   1.00
_cell.length_b   1.00
_cell.length_c   1.00
_cell.angle_alpha   90.00
_cell.angle_beta   90.00
_cell.angle_gamma   90.00
#
_symmetry.space_group_name_H-M   'P 1'
#
loop_
_entity.id
_entity.type
_entity.pdbx_description
1 polymer 'Volume-regulated anion channel subunit LRRC8A'
2 polymer 'synthetic nanobody Sb3'
#
loop_
_entity_poly.entity_id
_entity_poly.type
_entity_poly.pdbx_seq_one_letter_code
_entity_poly.pdbx_strand_id
1 'polypeptide(L)'
;MIPVTELRYFADTQPAYRILKPWWDVFTDYISIVMLMIAVFGGTLQVTQDKMICLPCKWVTKDSCNDSFRGWAASSPEPT
YPNSTVLPTPDTGPTGIKYDLDRHQYNYVDAVCYENRLHWFAKYFPYLVLLHTLIFLACSNFWFKFPRTSSKLEHFVSIL
LKCFDSPWTTRALSETVVEESDPKPAFSKMNGSMDKKSSTVSEDVEATVPMLQRTKSRIEQGIVDRSETGVLDKKEGEQA
KALFEKVKKFRTHVEEGDIVYRLYMRQTIIKVIKFALIICYTVYYVHNIKFDVDCTVDIESLTGYRTYRCAHPLATLFKI
LASFYISLVIFYGLICMYTLWWMLRRSLKKYSFESIREESSYSDIPDVKNDFAFMLHLIDQYDPLYSKRFAVFLSEVSEN
KLRQLNLNNEWTLDKLRQRLTKNAQDKLELHLFMLSGIPDTVFDLVELEVLKLELIPDVTIPPSIAQLTGLKELWLYHTA
AKIEAPALAFLRENLRALHIKFTDIKEIPLWIYSLKTLEELHLTGNLSAENNRYIVIDGLRELKRLKVLRLKSNLSKLPQ
VVTDVGVHLQKLSINNEGTKLIVLNSLKKMVNLTELELIRCDLERIPHSIFSLHNLQEIDLKDNNLKTIEEIISFQHLHR
LTCLKLWYNHIAYIPIQIGNLTNLERLYLNRNKIEKIPTQLFYCRKLRYLDLSHNNLTFLPADIGLLQNLQNLAVTANRI
EALPPELFQCRKLRALHLGNNVLQSLPSRVGELTNLTQIELRGNRLECLPVELGECPLLKRSGLVVEEDLFSTLPPEVKE
RLWRADKEQA
;
A,B,C,D,E,F
2 'polypeptide(L)'
;GSSSQVQLVESGGGLVQAGGSLRLSCAASGFPVMNAGMYWYRQAPGKEREWVAAIESEGTSTYYADSVKGRFTISRDNAK
NTVYLQMNSLKPEDTAVYYCNVKDVGDNHFPYDYWGQGTQVTVSAGRAGEQKLISEEDLNSAVDHHHHHH
;
G,H,I,J,K,L
#
# COMPACT_ATOMS: atom_id res chain seq x y z
N PRO A 15 27.29 17.85 -20.52
CA PRO A 15 25.90 17.57 -20.93
C PRO A 15 24.89 18.37 -20.12
N ALA A 16 25.33 18.98 -19.04
CA ALA A 16 24.46 19.77 -18.18
C ALA A 16 24.57 21.28 -18.40
N TYR A 17 25.77 21.77 -18.69
CA TYR A 17 25.99 23.20 -18.90
C TYR A 17 26.03 23.59 -20.37
N ARG A 18 25.70 22.66 -21.28
CA ARG A 18 25.73 22.97 -22.70
C ARG A 18 24.74 24.05 -23.09
N ILE A 19 23.73 24.31 -22.25
CA ILE A 19 22.80 25.40 -22.52
C ILE A 19 23.50 26.74 -22.41
N LEU A 20 24.47 26.87 -21.51
CA LEU A 20 25.18 28.12 -21.30
C LEU A 20 26.30 28.35 -22.29
N LYS A 21 26.55 27.41 -23.20
CA LYS A 21 27.61 27.57 -24.19
C LYS A 21 26.99 27.93 -25.53
N PRO A 22 27.16 29.16 -26.00
CA PRO A 22 26.67 29.51 -27.35
C PRO A 22 27.51 28.86 -28.43
N TRP A 23 27.24 29.17 -29.70
CA TRP A 23 28.01 28.57 -30.77
C TRP A 23 29.47 28.98 -30.70
N TRP A 24 29.74 30.22 -30.28
CA TRP A 24 31.13 30.66 -30.19
C TRP A 24 31.88 29.91 -29.10
N ASP A 25 31.22 29.57 -27.99
CA ASP A 25 31.91 28.84 -26.93
C ASP A 25 32.29 27.43 -27.35
N VAL A 26 31.37 26.71 -28.01
CA VAL A 26 31.69 25.37 -28.47
C VAL A 26 32.73 25.42 -29.59
N PHE A 27 32.65 26.43 -30.46
CA PHE A 27 33.66 26.60 -31.49
C PHE A 27 35.04 26.80 -30.88
N THR A 28 35.13 27.66 -29.87
CA THR A 28 36.41 27.89 -29.20
C THR A 28 36.90 26.63 -28.50
N ASP A 29 35.97 25.86 -27.91
CA ASP A 29 36.37 24.62 -27.25
C ASP A 29 36.99 23.63 -28.25
N TYR A 30 36.35 23.47 -29.41
CA TYR A 30 36.89 22.54 -30.40
C TYR A 30 38.19 23.07 -31.01
N ILE A 31 38.28 24.38 -31.24
CA ILE A 31 39.53 24.97 -31.73
C ILE A 31 40.65 24.74 -30.72
N SER A 32 40.35 24.86 -29.43
CA SER A 32 41.35 24.60 -28.40
C SER A 32 41.74 23.14 -28.36
N ILE A 33 40.78 22.23 -28.60
CA ILE A 33 41.12 20.81 -28.68
C ILE A 33 42.11 20.55 -29.82
N VAL A 34 41.85 21.17 -30.98
CA VAL A 34 42.76 20.99 -32.11
C VAL A 34 44.13 21.62 -31.82
N MET A 35 44.14 22.75 -31.11
CA MET A 35 45.40 23.35 -30.70
C MET A 35 46.17 22.44 -29.76
N LEU A 36 45.47 21.78 -28.84
CA LEU A 36 46.12 20.80 -27.97
C LEU A 36 46.70 19.65 -28.78
N MET A 37 45.97 19.17 -29.79
CA MET A 37 46.51 18.11 -30.63
C MET A 37 47.77 18.57 -31.37
N ILE A 38 47.75 19.81 -31.88
CA ILE A 38 48.93 20.35 -32.56
C ILE A 38 50.10 20.43 -31.60
N ALA A 39 49.86 20.92 -30.38
CA ALA A 39 50.93 21.05 -29.41
C ALA A 39 51.52 19.70 -29.05
N VAL A 40 50.66 18.69 -28.82
CA VAL A 40 51.17 17.38 -28.46
C VAL A 40 51.95 16.77 -29.62
N PHE A 41 51.44 16.89 -30.85
CA PHE A 41 52.14 16.34 -31.99
C PHE A 41 53.49 17.01 -32.20
N GLY A 42 53.53 18.34 -32.08
CA GLY A 42 54.79 19.04 -32.23
C GLY A 42 55.78 18.68 -31.14
N GLY A 43 55.30 18.55 -29.90
CA GLY A 43 56.19 18.20 -28.80
C GLY A 43 56.78 16.82 -28.96
N THR A 44 55.93 15.83 -29.31
CA THR A 44 56.46 14.49 -29.48
C THR A 44 57.33 14.38 -30.72
N LEU A 45 57.05 15.17 -31.76
CA LEU A 45 57.90 15.19 -32.93
C LEU A 45 59.28 15.75 -32.61
N GLN A 46 59.32 16.86 -31.87
CA GLN A 46 60.60 17.47 -31.52
C GLN A 46 61.39 16.57 -30.58
N VAL A 47 60.72 15.98 -29.58
CA VAL A 47 61.43 15.12 -28.64
C VAL A 47 61.95 13.87 -29.35
N THR A 48 61.11 13.24 -30.19
CA THR A 48 61.53 12.01 -30.85
C THR A 48 62.69 12.26 -31.80
N GLN A 49 62.62 13.33 -32.60
CA GLN A 49 63.76 13.69 -33.45
C GLN A 49 63.63 15.17 -33.82
N ASP A 50 64.63 15.96 -33.43
CA ASP A 50 64.74 17.34 -33.87
C ASP A 50 66.19 17.63 -34.23
N LYS A 51 66.86 16.65 -34.81
CA LYS A 51 68.29 16.77 -35.08
C LYS A 51 68.56 17.82 -36.14
N MET A 52 69.76 18.39 -36.07
CA MET A 52 70.31 19.22 -37.13
C MET A 52 71.38 18.43 -37.87
N ILE A 53 71.53 18.71 -39.16
CA ILE A 53 72.50 18.02 -40.01
C ILE A 53 73.37 19.10 -40.64
N CYS A 54 74.56 19.31 -40.07
CA CYS A 54 75.41 20.44 -40.42
C CYS A 54 76.66 19.95 -41.12
N LEU A 55 76.91 20.48 -42.33
CA LEU A 55 78.14 20.27 -43.07
C LEU A 55 78.97 21.55 -43.07
N PRO A 56 80.25 21.48 -42.73
CA PRO A 56 81.07 22.69 -42.65
C PRO A 56 81.26 23.35 -44.01
N CYS A 57 81.40 24.67 -43.98
CA CYS A 57 81.71 25.45 -45.17
C CYS A 57 83.23 25.52 -45.32
N LYS A 58 83.75 25.06 -46.46
CA LYS A 58 85.18 25.19 -46.70
C LYS A 58 85.56 26.61 -47.10
N TRP A 59 84.74 27.27 -47.89
CA TRP A 59 85.00 28.64 -48.35
C TRP A 59 83.88 29.54 -47.83
N VAL A 60 84.20 30.40 -46.87
CA VAL A 60 83.22 31.24 -46.20
C VAL A 60 83.40 32.67 -46.65
N THR A 61 82.30 33.43 -46.65
CA THR A 61 82.33 34.86 -46.92
C THR A 61 81.27 35.53 -46.06
N LYS A 62 81.73 36.35 -45.10
CA LYS A 62 80.85 37.03 -44.15
C LYS A 62 79.95 36.04 -43.41
N ASP A 63 80.59 35.05 -42.79
CA ASP A 63 79.92 34.07 -41.93
C ASP A 63 78.83 33.29 -42.69
N SER A 64 79.11 32.96 -43.94
CA SER A 64 78.22 32.12 -44.75
C SER A 64 78.99 31.69 -45.99
N CYS A 65 78.97 30.39 -46.29
CA CYS A 65 79.71 29.92 -47.46
C CYS A 65 79.02 30.37 -48.75
N ASN A 66 79.83 30.62 -49.77
CA ASN A 66 79.37 31.18 -51.03
C ASN A 66 78.81 30.14 -51.98
N ASP A 67 78.84 28.86 -51.60
CA ASP A 67 78.40 27.76 -52.46
C ASP A 67 79.14 27.78 -53.80
N SER A 68 80.44 28.04 -53.73
CA SER A 68 81.29 28.05 -54.92
C SER A 68 82.17 26.80 -54.97
N THR A 92 88.37 13.51 -63.78
CA THR A 92 87.43 13.92 -64.81
C THR A 92 86.07 14.24 -64.21
N GLY A 93 85.40 13.21 -63.69
CA GLY A 93 84.09 13.37 -63.11
C GLY A 93 84.13 13.95 -61.72
N PRO A 94 82.97 14.25 -61.15
CA PRO A 94 82.93 14.81 -59.79
C PRO A 94 83.38 13.79 -58.76
N THR A 95 83.87 14.30 -57.64
CA THR A 95 84.29 13.47 -56.52
C THR A 95 83.86 14.14 -55.22
N GLY A 96 83.74 13.33 -54.18
CA GLY A 96 83.30 13.84 -52.90
C GLY A 96 84.30 14.80 -52.28
N ILE A 97 83.79 15.65 -51.40
CA ILE A 97 84.61 16.65 -50.71
C ILE A 97 85.06 16.07 -49.38
N LYS A 98 86.37 16.03 -49.16
CA LYS A 98 86.92 15.50 -47.93
C LYS A 98 86.93 16.58 -46.85
N TYR A 99 86.27 16.29 -45.72
CA TYR A 99 86.33 17.16 -44.56
C TYR A 99 87.25 16.66 -43.47
N ASP A 100 87.56 15.37 -43.45
CA ASP A 100 88.43 14.78 -42.43
C ASP A 100 87.88 15.00 -41.03
N LEU A 101 86.58 14.82 -40.88
CA LEU A 101 85.91 14.96 -39.58
C LEU A 101 85.36 13.61 -39.13
N ASP A 102 85.56 13.31 -37.86
CA ASP A 102 85.00 12.09 -37.29
C ASP A 102 83.47 12.22 -37.20
N ARG A 103 82.83 11.08 -36.98
CA ARG A 103 81.38 11.10 -36.77
C ARG A 103 81.02 11.87 -35.50
N HIS A 104 81.84 11.75 -34.46
CA HIS A 104 81.57 12.48 -33.23
C HIS A 104 81.77 13.98 -33.40
N GLN A 105 82.69 14.40 -34.26
CA GLN A 105 82.82 15.83 -34.55
C GLN A 105 81.57 16.36 -35.24
N TYR A 106 81.02 15.57 -36.16
CA TYR A 106 79.75 15.95 -36.80
C TYR A 106 78.62 16.03 -35.78
N ASN A 107 78.54 15.05 -34.87
CA ASN A 107 77.52 15.09 -33.83
C ASN A 107 77.69 16.30 -32.93
N TYR A 108 78.93 16.62 -32.58
CA TYR A 108 79.18 17.77 -31.72
C TYR A 108 78.79 19.08 -32.40
N VAL A 109 79.14 19.24 -33.68
CA VAL A 109 78.76 20.49 -34.34
C VAL A 109 77.25 20.55 -34.53
N ASP A 110 76.60 19.42 -34.79
CA ASP A 110 75.14 19.43 -34.86
C ASP A 110 74.53 19.87 -33.53
N ALA A 111 75.04 19.32 -32.43
CA ALA A 111 74.52 19.70 -31.11
C ALA A 111 74.75 21.18 -30.83
N VAL A 112 75.95 21.67 -31.13
CA VAL A 112 76.28 23.06 -30.81
C VAL A 112 75.44 24.02 -31.66
N CYS A 113 75.29 23.73 -32.95
CA CYS A 113 74.51 24.62 -33.80
C CYS A 113 73.02 24.51 -33.51
N TYR A 114 72.56 23.35 -33.07
CA TYR A 114 71.17 23.23 -32.64
C TYR A 114 70.91 24.02 -31.38
N GLU A 115 71.83 23.98 -30.42
CA GLU A 115 71.61 24.67 -29.16
C GLU A 115 71.82 26.18 -29.28
N ASN A 116 72.72 26.62 -30.17
CA ASN A 116 73.08 28.03 -30.23
C ASN A 116 72.39 28.76 -31.38
N ARG A 117 72.56 28.29 -32.61
CA ARG A 117 72.14 29.05 -33.78
C ARG A 117 70.81 28.60 -34.37
N LEU A 118 70.09 27.71 -33.70
CA LEU A 118 68.73 27.39 -34.10
C LEU A 118 67.77 28.31 -33.35
N HIS A 119 66.83 28.91 -34.08
CA HIS A 119 65.99 29.94 -33.51
C HIS A 119 65.13 29.38 -32.39
N TRP A 120 64.94 30.20 -31.34
CA TRP A 120 64.20 29.75 -30.17
C TRP A 120 62.77 29.38 -30.53
N PHE A 121 62.19 30.03 -31.53
CA PHE A 121 60.83 29.70 -31.93
C PHE A 121 60.74 28.28 -32.47
N ALA A 122 61.73 27.87 -33.26
CA ALA A 122 61.73 26.49 -33.76
C ALA A 122 61.84 25.49 -32.62
N LYS A 123 62.65 25.78 -31.61
CA LYS A 123 62.86 24.84 -30.51
C LYS A 123 61.65 24.78 -29.59
N TYR A 124 60.96 25.90 -29.41
CA TYR A 124 59.93 25.99 -28.36
C TYR A 124 58.54 26.30 -28.90
N PHE A 125 58.31 26.08 -30.20
CA PHE A 125 56.97 26.27 -30.74
C PHE A 125 55.93 25.36 -30.11
N PRO A 126 56.13 24.04 -30.00
CA PRO A 126 55.08 23.21 -29.39
C PRO A 126 54.76 23.57 -27.96
N TYR A 127 55.78 23.95 -27.18
CA TYR A 127 55.53 24.29 -25.78
C TYR A 127 54.80 25.62 -25.65
N LEU A 128 55.14 26.59 -26.49
CA LEU A 128 54.39 27.84 -26.52
C LEU A 128 52.95 27.61 -26.93
N VAL A 129 52.71 26.74 -27.91
CA VAL A 129 51.35 26.43 -28.32
C VAL A 129 50.59 25.76 -27.18
N LEU A 130 51.24 24.83 -26.47
CA LEU A 130 50.60 24.19 -25.33
C LEU A 130 50.24 25.20 -24.26
N LEU A 131 51.16 26.11 -23.94
CA LEU A 131 50.88 27.14 -22.95
C LEU A 131 49.71 28.02 -23.37
N HIS A 132 49.70 28.44 -24.64
CA HIS A 132 48.63 29.33 -25.11
C HIS A 132 47.28 28.63 -25.09
N THR A 133 47.23 27.36 -25.51
CA THR A 133 45.94 26.67 -25.52
C THR A 133 45.48 26.35 -24.10
N LEU A 134 46.40 26.08 -23.18
CA LEU A 134 46.01 25.91 -21.79
C LEU A 134 45.46 27.21 -21.20
N ILE A 135 46.08 28.34 -21.56
CA ILE A 135 45.56 29.63 -21.10
C ILE A 135 44.17 29.89 -21.67
N PHE A 136 43.97 29.56 -22.95
CA PHE A 136 42.65 29.74 -23.55
C PHE A 136 41.60 28.86 -22.88
N LEU A 137 41.96 27.60 -22.58
CA LEU A 137 41.04 26.71 -21.89
C LEU A 137 40.71 27.23 -20.49
N ALA A 138 41.72 27.74 -19.78
CA ALA A 138 41.48 28.31 -18.46
C ALA A 138 40.55 29.52 -18.54
N CYS A 139 40.75 30.37 -19.55
CA CYS A 139 39.87 31.51 -19.72
C CYS A 139 38.45 31.07 -20.03
N SER A 140 38.30 30.01 -20.82
CA SER A 140 36.96 29.51 -21.13
C SER A 140 36.27 28.93 -19.89
N ASN A 141 37.00 28.20 -19.06
CA ASN A 141 36.40 27.42 -17.99
C ASN A 141 36.55 28.05 -16.61
N PHE A 142 37.06 29.29 -16.52
CA PHE A 142 37.24 29.91 -15.22
C PHE A 142 35.91 30.10 -14.50
N TRP A 143 34.93 30.71 -15.15
CA TRP A 143 33.65 30.95 -14.49
C TRP A 143 32.90 29.66 -14.19
N PHE A 144 33.23 28.57 -14.86
CA PHE A 144 32.69 27.26 -14.50
C PHE A 144 33.43 26.66 -13.31
N LYS A 145 34.69 27.01 -13.12
CA LYS A 145 35.44 26.51 -11.98
C LYS A 145 35.48 27.49 -10.82
N PHE A 146 35.15 28.75 -11.04
CA PHE A 146 35.12 29.73 -9.96
C PHE A 146 33.86 29.55 -9.13
N PRO A 147 33.96 29.20 -7.84
CA PRO A 147 32.75 28.82 -7.09
C PRO A 147 31.70 29.91 -7.00
N ARG A 148 32.12 31.17 -6.86
CA ARG A 148 31.16 32.27 -6.71
C ARG A 148 30.24 32.37 -7.92
N THR A 149 30.78 32.17 -9.11
CA THR A 149 29.97 32.15 -10.32
C THR A 149 29.45 30.76 -10.65
N SER A 150 30.19 29.71 -10.26
CA SER A 150 29.76 28.35 -10.56
C SER A 150 28.45 28.01 -9.86
N SER A 151 28.31 28.42 -8.60
CA SER A 151 27.07 28.14 -7.87
C SER A 151 25.88 28.81 -8.55
N LYS A 152 26.04 30.09 -8.92
CA LYS A 152 24.96 30.79 -9.61
C LYS A 152 24.62 30.12 -10.93
N LEU A 153 25.64 29.71 -11.69
CA LEU A 153 25.39 29.11 -12.99
C LEU A 153 24.65 27.78 -12.86
N GLU A 154 25.09 26.93 -11.92
CA GLU A 154 24.44 25.64 -11.76
C GLU A 154 23.03 25.78 -11.22
N HIS A 155 22.81 26.72 -10.29
CA HIS A 155 21.45 26.96 -9.81
C HIS A 155 20.55 27.48 -10.92
N PHE A 156 21.08 28.39 -11.75
CA PHE A 156 20.29 28.90 -12.87
C PHE A 156 19.95 27.81 -13.85
N VAL A 157 20.90 26.92 -14.15
CA VAL A 157 20.63 25.82 -15.07
C VAL A 157 19.57 24.89 -14.50
N SER A 158 19.68 24.54 -13.22
CA SER A 158 18.70 23.65 -12.61
C SER A 158 17.30 24.28 -12.62
N ILE A 159 17.22 25.56 -12.27
CA ILE A 159 15.93 26.24 -12.22
C ILE A 159 15.33 26.35 -13.61
N LEU A 160 16.14 26.70 -14.61
CA LEU A 160 15.64 26.82 -15.97
C LEU A 160 15.18 25.47 -16.51
N LEU A 161 15.91 24.39 -16.20
CA LEU A 161 15.48 23.06 -16.62
C LEU A 161 14.17 22.67 -15.95
N LYS A 162 14.01 22.99 -14.66
CA LYS A 162 12.75 22.71 -13.99
C LYS A 162 11.61 23.48 -14.62
N CYS A 163 11.82 24.76 -14.92
CA CYS A 163 10.77 25.58 -15.52
C CYS A 163 10.45 25.13 -16.94
N PHE A 164 11.42 24.53 -17.64
CA PHE A 164 11.18 24.14 -19.02
C PHE A 164 10.20 22.97 -19.11
N ASP A 165 10.40 21.94 -18.29
CA ASP A 165 9.56 20.75 -18.33
C ASP A 165 8.57 20.70 -17.18
N SER A 166 8.29 21.83 -16.53
CA SER A 166 7.33 21.83 -15.45
C SER A 166 5.94 21.51 -15.98
N PRO A 167 5.16 20.67 -15.27
CA PRO A 167 3.82 20.35 -15.75
C PRO A 167 2.89 21.54 -15.78
N TRP A 168 3.18 22.61 -15.03
CA TRP A 168 2.31 23.78 -15.00
C TRP A 168 2.68 24.82 -16.05
N THR A 169 3.90 24.76 -16.60
CA THR A 169 4.28 25.69 -17.65
C THR A 169 3.44 25.46 -18.90
N THR A 170 3.17 24.20 -19.24
CA THR A 170 2.32 23.90 -20.39
C THR A 170 0.92 24.46 -20.21
N ARG A 171 0.36 24.32 -19.01
CA ARG A 171 -0.96 24.87 -18.74
C ARG A 171 -0.94 26.40 -18.83
N ALA A 172 0.09 27.03 -18.27
CA ALA A 172 0.17 28.49 -18.32
C ALA A 172 0.29 29.00 -19.75
N LEU A 173 1.06 28.29 -20.59
CA LEU A 173 1.19 28.69 -21.99
C LEU A 173 -0.08 28.41 -22.77
N SER A 174 -0.78 27.32 -22.46
CA SER A 174 -2.05 27.03 -23.15
C SER A 174 -3.10 28.07 -22.81
N GLU A 175 -3.14 28.52 -21.55
CA GLU A 175 -4.05 29.61 -21.20
C GLU A 175 -3.70 30.88 -21.96
N THR A 176 -2.40 31.19 -22.07
CA THR A 176 -1.92 32.36 -22.79
C THR A 176 -2.54 33.66 -22.28
N GLY A 230 -9.48 24.67 -12.59
CA GLY A 230 -8.65 23.61 -13.15
C GLY A 230 -8.41 22.48 -12.18
N VAL A 231 -7.47 21.60 -12.52
CA VAL A 231 -7.14 20.45 -11.68
C VAL A 231 -5.71 20.03 -11.97
N LEU A 232 -5.00 19.63 -10.91
CA LEU A 232 -3.65 19.11 -11.03
C LEU A 232 -3.36 18.30 -9.78
N ASP A 233 -2.41 17.36 -9.89
CA ASP A 233 -2.08 16.51 -8.76
C ASP A 233 -1.50 17.35 -7.62
N LYS A 234 -1.80 16.94 -6.38
CA LYS A 234 -1.35 17.69 -5.22
C LYS A 234 0.17 17.76 -5.16
N LYS A 235 0.85 16.65 -5.43
CA LYS A 235 2.31 16.67 -5.46
C LYS A 235 2.82 17.58 -6.57
N GLU A 236 2.17 17.55 -7.74
CA GLU A 236 2.58 18.43 -8.83
C GLU A 236 2.34 19.89 -8.48
N GLY A 237 1.23 20.19 -7.80
CA GLY A 237 0.98 21.55 -7.37
C GLY A 237 2.01 22.03 -6.35
N GLU A 238 2.38 21.15 -5.42
CA GLU A 238 3.42 21.49 -4.45
C GLU A 238 4.76 21.74 -5.16
N GLN A 239 5.07 20.91 -6.16
CA GLN A 239 6.30 21.11 -6.92
C GLN A 239 6.27 22.44 -7.67
N ALA A 240 5.12 22.79 -8.25
CA ALA A 240 5.02 24.07 -8.96
C ALA A 240 5.18 25.24 -8.01
N LYS A 241 4.57 25.16 -6.82
CA LYS A 241 4.73 26.23 -5.85
C LYS A 241 6.17 26.34 -5.37
N ALA A 242 6.83 25.20 -5.14
CA ALA A 242 8.24 25.22 -4.75
C ALA A 242 9.09 25.83 -5.85
N LEU A 243 8.77 25.52 -7.11
CA LEU A 243 9.51 26.12 -8.22
C LEU A 243 9.29 27.63 -8.28
N PHE A 244 8.06 28.08 -8.02
CA PHE A 244 7.80 29.51 -7.98
C PHE A 244 8.63 30.19 -6.89
N GLU A 245 8.66 29.60 -5.70
CA GLU A 245 9.45 30.17 -4.61
C GLU A 245 10.93 30.15 -4.93
N LYS A 246 11.42 29.07 -5.54
CA LYS A 246 12.81 29.00 -5.93
C LYS A 246 13.16 30.06 -6.96
N VAL A 247 12.28 30.28 -7.93
CA VAL A 247 12.52 31.29 -8.95
C VAL A 247 12.58 32.67 -8.32
N LYS A 248 11.65 32.98 -7.42
CA LYS A 248 11.64 34.31 -6.84
C LYS A 248 12.85 34.53 -5.93
N LYS A 249 13.25 33.51 -5.16
CA LYS A 249 14.42 33.67 -4.31
C LYS A 249 15.69 33.78 -5.14
N PHE A 250 15.78 33.04 -6.25
CA PHE A 250 16.92 33.16 -7.14
C PHE A 250 16.99 34.54 -7.77
N ARG A 251 15.84 35.08 -8.16
CA ARG A 251 15.81 36.44 -8.71
C ARG A 251 16.26 37.45 -7.67
N THR A 252 15.83 37.28 -6.42
CA THR A 252 16.29 38.18 -5.36
C THR A 252 17.79 38.05 -5.16
N HIS A 253 18.32 36.83 -5.20
CA HIS A 253 19.73 36.59 -4.89
C HIS A 253 20.65 37.12 -5.99
N VAL A 254 20.27 36.92 -7.25
CA VAL A 254 21.21 37.10 -8.35
C VAL A 254 21.08 38.48 -8.98
N GLU A 255 19.93 39.14 -8.80
CA GLU A 255 19.67 40.39 -9.48
C GLU A 255 20.66 41.49 -9.12
N GLU A 256 21.33 41.39 -7.96
CA GLU A 256 22.22 42.43 -7.48
C GLU A 256 23.65 41.94 -7.33
N GLY A 257 24.05 40.95 -8.13
CA GLY A 257 25.41 40.43 -8.03
C GLY A 257 26.39 41.07 -8.99
N ASP A 258 26.04 41.09 -10.27
CA ASP A 258 26.87 41.63 -11.35
C ASP A 258 28.28 41.02 -11.32
N ILE A 259 28.33 39.71 -11.13
CA ILE A 259 29.59 38.97 -11.11
C ILE A 259 29.76 38.09 -12.35
N VAL A 260 28.67 37.49 -12.84
CA VAL A 260 28.76 36.64 -14.02
C VAL A 260 29.07 37.46 -15.26
N TYR A 261 28.37 38.59 -15.42
CA TYR A 261 28.58 39.43 -16.60
C TYR A 261 30.00 39.99 -16.62
N ARG A 262 30.48 40.51 -15.49
CA ARG A 262 31.82 41.06 -15.44
C ARG A 262 32.87 39.98 -15.68
N LEU A 263 32.69 38.80 -15.07
CA LEU A 263 33.66 37.73 -15.25
C LEU A 263 33.70 37.26 -16.69
N TYR A 264 32.53 37.13 -17.32
CA TYR A 264 32.49 36.71 -18.73
C TYR A 264 33.14 37.75 -19.63
N MET A 265 32.87 39.04 -19.38
CA MET A 265 33.49 40.08 -20.18
C MET A 265 35.00 40.10 -19.99
N ARG A 266 35.47 39.89 -18.76
CA ARG A 266 36.91 39.85 -18.51
C ARG A 266 37.56 38.66 -19.18
N GLN A 267 36.89 37.50 -19.17
CA GLN A 267 37.40 36.35 -19.90
C GLN A 267 37.52 36.65 -21.39
N THR A 268 36.49 37.27 -21.96
CA THR A 268 36.53 37.61 -23.38
C THR A 268 37.63 38.60 -23.69
N ILE A 269 37.83 39.59 -22.82
CA ILE A 269 38.88 40.59 -23.04
C ILE A 269 40.26 39.95 -22.96
N ILE A 270 40.46 39.06 -21.98
CA ILE A 270 41.74 38.36 -21.87
C ILE A 270 41.98 37.52 -23.11
N LYS A 271 40.94 36.82 -23.59
CA LYS A 271 41.08 36.03 -24.81
C LYS A 271 41.47 36.92 -26.00
N VAL A 272 40.83 38.08 -26.12
CA VAL A 272 41.11 38.95 -27.26
C VAL A 272 42.54 39.48 -27.21
N ILE A 273 42.98 39.93 -26.04
CA ILE A 273 44.34 40.47 -25.95
C ILE A 273 45.38 39.36 -26.14
N LYS A 274 45.10 38.17 -25.60
CA LYS A 274 46.00 37.05 -25.79
C LYS A 274 46.10 36.67 -27.25
N PHE A 275 44.97 36.66 -27.96
CA PHE A 275 44.98 36.36 -29.39
C PHE A 275 45.75 37.43 -30.16
N ALA A 276 45.58 38.70 -29.77
CA ALA A 276 46.31 39.77 -30.45
C ALA A 276 47.81 39.59 -30.31
N LEU A 277 48.29 39.40 -29.08
CA LEU A 277 49.73 39.26 -28.87
C LEU A 277 50.25 37.98 -29.52
N ILE A 278 49.48 36.89 -29.45
CA ILE A 278 49.90 35.64 -30.06
C ILE A 278 50.05 35.80 -31.56
N ILE A 279 49.05 36.40 -32.21
CA ILE A 279 49.12 36.60 -33.66
C ILE A 279 50.31 37.47 -34.00
N CYS A 280 50.49 38.58 -33.29
CA CYS A 280 51.61 39.48 -33.56
C CYS A 280 52.94 38.73 -33.52
N TYR A 281 53.25 38.12 -32.38
CA TYR A 281 54.58 37.53 -32.24
C TYR A 281 54.75 36.28 -33.08
N THR A 282 53.71 35.45 -33.22
CA THR A 282 53.82 34.25 -34.03
C THR A 282 54.01 34.58 -35.51
N VAL A 283 53.28 35.58 -36.02
CA VAL A 283 53.50 35.98 -37.41
C VAL A 283 54.87 36.62 -37.57
N TYR A 284 55.34 37.35 -36.56
CA TYR A 284 56.66 37.97 -36.66
C TYR A 284 57.79 36.95 -36.61
N TYR A 285 57.58 35.80 -35.97
CA TYR A 285 58.65 34.82 -35.80
C TYR A 285 58.47 33.52 -36.58
N VAL A 286 57.38 33.36 -37.34
CA VAL A 286 57.22 32.15 -38.14
C VAL A 286 58.23 32.10 -39.28
N HIS A 287 58.63 33.26 -39.81
CA HIS A 287 59.63 33.27 -40.87
C HIS A 287 60.99 32.76 -40.39
N ASN A 288 61.19 32.66 -39.08
CA ASN A 288 62.48 32.30 -38.52
C ASN A 288 62.73 30.80 -38.48
N ILE A 289 61.76 29.97 -38.86
CA ILE A 289 61.96 28.53 -38.92
C ILE A 289 62.19 28.16 -40.38
N LYS A 290 63.42 27.80 -40.70
CA LYS A 290 63.83 27.53 -42.07
C LYS A 290 64.59 26.22 -42.13
N PHE A 291 64.48 25.53 -43.27
CA PHE A 291 65.22 24.30 -43.45
C PHE A 291 66.72 24.56 -43.46
N ASP A 292 67.16 25.54 -44.23
CA ASP A 292 68.58 25.87 -44.34
C ASP A 292 68.93 26.99 -43.39
N VAL A 293 69.86 26.73 -42.47
CA VAL A 293 70.28 27.71 -41.48
C VAL A 293 71.81 27.65 -41.37
N ASP A 294 72.44 28.82 -41.38
CA ASP A 294 73.89 28.92 -41.26
C ASP A 294 74.25 29.20 -39.82
N CYS A 295 75.22 28.45 -39.30
CA CYS A 295 75.71 28.65 -37.94
C CYS A 295 77.20 28.94 -37.97
N THR A 296 77.61 29.99 -37.29
CA THR A 296 79.02 30.30 -37.01
C THR A 296 79.15 30.28 -35.50
N VAL A 297 79.37 29.08 -34.95
CA VAL A 297 79.29 28.87 -33.51
C VAL A 297 80.64 28.96 -32.82
N ASP A 298 81.71 29.22 -33.57
CA ASP A 298 83.05 29.43 -33.02
C ASP A 298 83.53 28.20 -32.25
N ILE A 299 83.62 27.08 -32.96
CA ILE A 299 84.32 25.89 -32.50
C ILE A 299 85.33 25.55 -33.59
N GLU A 300 86.54 26.11 -33.48
CA GLU A 300 87.58 25.83 -34.45
C GLU A 300 88.70 25.00 -33.86
N SER A 301 88.95 25.14 -32.55
CA SER A 301 89.95 24.31 -31.90
C SER A 301 89.48 22.87 -31.76
N LEU A 302 88.19 22.59 -31.97
CA LEU A 302 87.65 21.25 -31.85
C LEU A 302 87.38 20.57 -33.19
N THR A 303 87.06 21.34 -34.24
CA THR A 303 86.77 20.74 -35.53
C THR A 303 87.68 21.30 -36.63
N GLY A 304 88.02 22.58 -36.53
CA GLY A 304 88.86 23.22 -37.52
C GLY A 304 88.12 24.12 -38.50
N TYR A 305 86.79 24.09 -38.51
CA TYR A 305 86.00 24.92 -39.40
C TYR A 305 85.29 26.01 -38.59
N ARG A 306 85.07 27.15 -39.24
CA ARG A 306 84.44 28.30 -38.59
C ARG A 306 82.92 28.24 -38.71
N THR A 307 82.40 28.23 -39.94
CA THR A 307 80.98 28.24 -40.19
C THR A 307 80.53 26.89 -40.74
N TYR A 308 79.26 26.57 -40.49
CA TYR A 308 78.69 25.31 -40.92
C TYR A 308 77.35 25.57 -41.58
N ARG A 309 77.09 24.89 -42.69
CA ARG A 309 75.80 24.93 -43.36
C ARG A 309 74.94 23.80 -42.80
N CYS A 310 73.86 24.16 -42.12
CA CYS A 310 73.05 23.18 -41.42
C CYS A 310 71.78 22.91 -42.21
N ALA A 311 71.05 21.89 -41.79
CA ALA A 311 69.74 21.56 -42.33
C ALA A 311 68.84 21.10 -41.21
N HIS A 312 67.67 21.71 -41.10
CA HIS A 312 66.68 21.33 -40.10
C HIS A 312 65.57 20.56 -40.80
N PRO A 313 65.62 19.22 -40.82
CA PRO A 313 64.63 18.47 -41.61
C PRO A 313 63.21 18.63 -41.15
N LEU A 314 62.97 19.01 -39.90
CA LEU A 314 61.62 19.24 -39.39
C LEU A 314 61.15 20.68 -39.56
N ALA A 315 61.97 21.54 -40.16
CA ALA A 315 61.61 22.96 -40.23
C ALA A 315 60.37 23.18 -41.08
N THR A 316 60.24 22.44 -42.19
CA THR A 316 59.08 22.61 -43.04
C THR A 316 57.81 22.08 -42.36
N LEU A 317 57.91 20.94 -41.69
CA LEU A 317 56.75 20.42 -40.97
C LEU A 317 56.37 21.34 -39.81
N PHE A 318 57.37 21.89 -39.11
CA PHE A 318 57.07 22.83 -38.03
C PHE A 318 56.46 24.11 -38.58
N LYS A 319 56.88 24.53 -39.77
CA LYS A 319 56.28 25.73 -40.38
C LYS A 319 54.85 25.46 -40.79
N ILE A 320 54.56 24.26 -41.31
CA ILE A 320 53.18 23.92 -41.64
C ILE A 320 52.32 23.87 -40.39
N LEU A 321 52.84 23.29 -39.31
CA LEU A 321 52.11 23.25 -38.05
C LEU A 321 51.89 24.66 -37.50
N ALA A 322 52.90 25.52 -37.62
CA ALA A 322 52.77 26.89 -37.13
C ALA A 322 51.76 27.68 -37.96
N SER A 323 51.72 27.46 -39.27
CA SER A 323 50.71 28.10 -40.10
C SER A 323 49.30 27.62 -39.74
N PHE A 324 49.15 26.32 -39.50
CA PHE A 324 47.86 25.80 -39.06
C PHE A 324 47.45 26.41 -37.73
N TYR A 325 48.41 26.54 -36.80
CA TYR A 325 48.13 27.15 -35.51
C TYR A 325 47.78 28.63 -35.67
N ILE A 326 48.42 29.32 -36.62
CA ILE A 326 48.08 30.72 -36.88
C ILE A 326 46.66 30.83 -37.39
N SER A 327 46.26 29.94 -38.30
CA SER A 327 44.90 29.97 -38.80
C SER A 327 43.89 29.69 -37.69
N LEU A 328 44.20 28.73 -36.82
CA LEU A 328 43.31 28.43 -35.71
C LEU A 328 43.22 29.61 -34.75
N VAL A 329 44.33 30.28 -34.47
CA VAL A 329 44.31 31.44 -33.60
C VAL A 329 43.55 32.58 -34.23
N ILE A 330 43.64 32.74 -35.55
CA ILE A 330 42.85 33.77 -36.24
C ILE A 330 41.36 33.48 -36.09
N PHE A 331 40.96 32.23 -36.31
CA PHE A 331 39.55 31.88 -36.11
C PHE A 331 39.11 32.12 -34.67
N TYR A 332 39.95 31.73 -33.71
CA TYR A 332 39.64 31.93 -32.30
C TYR A 332 39.49 33.41 -31.97
N GLY A 333 40.38 34.24 -32.50
CA GLY A 333 40.32 35.66 -32.23
C GLY A 333 39.13 36.34 -32.86
N LEU A 334 38.80 35.94 -34.10
CA LEU A 334 37.59 36.49 -34.72
C LEU A 334 36.35 36.09 -33.94
N ILE A 335 36.29 34.85 -33.47
CA ILE A 335 35.15 34.40 -32.68
C ILE A 335 35.06 35.18 -31.36
N CYS A 336 36.20 35.38 -30.70
CA CYS A 336 36.20 36.11 -29.43
C CYS A 336 35.86 37.58 -29.64
N MET A 337 36.31 38.17 -30.74
CA MET A 337 35.94 39.55 -31.04
C MET A 337 34.46 39.66 -31.32
N TYR A 338 33.87 38.67 -32.01
CA TYR A 338 32.43 38.67 -32.19
C TYR A 338 31.70 38.57 -30.85
N THR A 339 32.21 37.72 -29.95
CA THR A 339 31.60 37.62 -28.62
C THR A 339 31.69 38.95 -27.88
N LEU A 340 32.84 39.62 -27.95
CA LEU A 340 33.01 40.91 -27.29
C LEU A 340 32.07 41.94 -27.86
N TRP A 341 31.89 41.96 -29.18
CA TRP A 341 30.95 42.90 -29.80
C TRP A 341 29.51 42.58 -29.42
N TRP A 342 29.18 41.29 -29.31
CA TRP A 342 27.86 40.89 -28.86
C TRP A 342 27.60 41.34 -27.43
N MET A 343 28.64 41.38 -26.61
CA MET A 343 28.49 41.91 -25.25
C MET A 343 28.43 43.43 -25.21
N LEU A 344 28.59 44.11 -26.35
CA LEU A 344 28.60 45.56 -26.39
C LEU A 344 27.67 46.13 -27.46
N ARG A 345 26.69 45.34 -27.90
CA ARG A 345 25.75 45.81 -28.91
C ARG A 345 24.33 45.98 -28.38
N ARG A 346 24.01 45.47 -27.20
CA ARG A 346 22.66 45.51 -26.68
C ARG A 346 22.57 45.89 -25.21
N SER A 347 23.68 46.13 -24.53
CA SER A 347 23.69 46.45 -23.10
C SER A 347 23.00 45.34 -22.29
N LEU A 348 23.66 44.19 -22.29
CA LEU A 348 23.10 42.94 -21.78
C LEU A 348 22.77 42.98 -20.29
N LYS A 349 23.01 44.12 -19.63
CA LYS A 349 22.66 44.23 -18.22
C LYS A 349 21.15 44.30 -18.01
N LYS A 350 20.38 44.54 -19.08
CA LYS A 350 18.93 44.63 -18.99
C LYS A 350 18.29 43.72 -20.01
N TYR A 351 17.22 43.04 -19.61
CA TYR A 351 16.47 42.13 -20.46
C TYR A 351 15.08 42.72 -20.71
N SER A 352 14.70 42.82 -21.98
CA SER A 352 13.44 43.47 -22.33
C SER A 352 12.25 42.70 -21.82
N PHE A 353 12.20 41.39 -22.09
CA PHE A 353 11.14 40.47 -21.69
C PHE A 353 9.77 40.88 -22.24
N GLU A 354 9.71 41.82 -23.18
CA GLU A 354 8.42 42.33 -23.65
C GLU A 354 7.71 41.35 -24.58
N SER A 355 8.45 40.55 -25.34
CA SER A 355 7.80 39.66 -26.32
C SER A 355 6.86 38.68 -25.65
N ILE A 356 7.32 38.02 -24.57
CA ILE A 356 6.48 37.04 -23.90
C ILE A 356 5.35 37.73 -23.15
N ARG A 357 5.64 38.84 -22.47
CA ARG A 357 4.63 39.53 -21.68
C ARG A 357 3.55 40.16 -22.54
N GLU A 358 3.81 40.41 -23.81
CA GLU A 358 2.78 40.90 -24.72
C GLU A 358 2.12 39.80 -25.54
N GLU A 359 2.83 38.71 -25.79
CA GLU A 359 2.25 37.58 -26.51
C GLU A 359 1.25 36.83 -25.64
N SER A 360 1.63 36.56 -24.38
CA SER A 360 0.79 35.78 -23.47
C SER A 360 -0.09 36.66 -22.60
N SER A 361 -0.10 37.97 -22.79
CA SER A 361 -0.94 38.91 -22.05
C SER A 361 -0.64 38.90 -20.55
N TYR A 362 0.58 38.52 -20.17
CA TYR A 362 1.04 38.63 -18.80
C TYR A 362 1.75 39.98 -18.66
N SER A 363 0.95 41.04 -18.57
CA SER A 363 1.49 42.39 -18.64
C SER A 363 2.49 42.66 -17.52
N ASP A 364 2.30 42.02 -16.37
CA ASP A 364 3.19 42.25 -15.22
C ASP A 364 4.26 41.17 -15.17
N ILE A 365 5.09 41.16 -16.22
CA ILE A 365 6.33 40.39 -16.21
C ILE A 365 7.48 41.39 -16.13
N PRO A 366 8.20 41.44 -15.02
CA PRO A 366 9.20 42.49 -14.83
C PRO A 366 10.38 42.33 -15.78
N ASP A 367 10.97 43.46 -16.16
CA ASP A 367 12.23 43.45 -16.87
C ASP A 367 13.36 43.07 -15.93
N VAL A 368 14.25 42.24 -16.40
CA VAL A 368 15.28 41.66 -15.56
C VAL A 368 16.55 42.51 -15.61
N LYS A 369 17.17 42.72 -14.46
CA LYS A 369 18.33 43.57 -14.30
C LYS A 369 19.62 42.75 -14.43
N ASN A 370 20.73 43.36 -14.02
CA ASN A 370 22.07 42.80 -14.27
C ASN A 370 22.27 41.48 -13.52
N ASP A 371 23.18 40.67 -14.07
CA ASP A 371 23.62 39.38 -13.52
C ASP A 371 22.53 38.33 -13.69
N PHE A 372 21.36 38.76 -14.14
CA PHE A 372 20.23 37.88 -14.40
C PHE A 372 19.64 38.12 -15.78
N ALA A 373 19.81 39.31 -16.35
CA ALA A 373 19.53 39.54 -17.76
C ALA A 373 20.62 38.95 -18.65
N PHE A 374 21.87 38.95 -18.19
CA PHE A 374 22.95 38.39 -18.99
C PHE A 374 22.76 36.89 -19.20
N MET A 375 22.38 36.17 -18.16
CA MET A 375 22.14 34.73 -18.31
C MET A 375 20.94 34.47 -19.21
N LEU A 376 19.91 35.32 -19.14
CA LEU A 376 18.78 35.17 -20.04
C LEU A 376 19.20 35.41 -21.49
N HIS A 377 20.09 36.39 -21.72
CA HIS A 377 20.61 36.59 -23.07
C HIS A 377 21.43 35.39 -23.53
N LEU A 378 22.21 34.80 -22.63
CA LEU A 378 22.95 33.58 -22.95
C LEU A 378 22.00 32.46 -23.38
N ILE A 379 20.92 32.27 -22.62
CA ILE A 379 19.95 31.24 -22.97
C ILE A 379 19.30 31.53 -24.31
N ASP A 380 18.94 32.80 -24.55
CA ASP A 380 18.36 33.17 -25.84
C ASP A 380 19.34 32.89 -26.98
N GLN A 381 20.64 33.04 -26.71
CA GLN A 381 21.63 32.60 -27.68
C GLN A 381 21.54 31.10 -27.91
N TYR A 382 21.33 30.32 -26.84
CA TYR A 382 21.10 28.90 -27.03
C TYR A 382 19.70 28.61 -27.56
N ASP A 383 18.67 28.97 -26.79
CA ASP A 383 17.29 28.72 -27.18
C ASP A 383 16.33 29.66 -26.45
N PRO A 384 15.60 30.52 -27.16
CA PRO A 384 14.65 31.41 -26.48
C PRO A 384 13.49 30.69 -25.81
N LEU A 385 13.22 29.44 -26.19
CA LEU A 385 12.09 28.72 -25.61
C LEU A 385 12.27 28.52 -24.12
N TYR A 386 13.50 28.31 -23.66
CA TYR A 386 13.75 28.21 -22.23
C TYR A 386 13.41 29.52 -21.53
N SER A 387 13.75 30.64 -22.14
CA SER A 387 13.37 31.94 -21.57
C SER A 387 11.85 32.10 -21.52
N LYS A 388 11.15 31.66 -22.57
CA LYS A 388 9.70 31.74 -22.55
C LYS A 388 9.10 30.91 -21.44
N ARG A 389 9.62 29.68 -21.25
CA ARG A 389 9.13 28.84 -20.16
C ARG A 389 9.43 29.46 -18.80
N PHE A 390 10.60 30.07 -18.66
CA PHE A 390 10.99 30.69 -17.40
C PHE A 390 10.21 31.96 -17.11
N ALA A 391 9.69 32.62 -18.14
CA ALA A 391 8.95 33.86 -17.92
C ALA A 391 7.67 33.62 -17.13
N VAL A 392 6.99 32.50 -17.37
CA VAL A 392 5.71 32.25 -16.71
C VAL A 392 5.86 32.02 -15.21
N PHE A 393 7.07 31.83 -14.70
CA PHE A 393 7.32 31.75 -13.28
C PHE A 393 7.77 33.09 -12.69
N LEU A 394 7.52 34.19 -13.40
CA LEU A 394 7.95 35.50 -12.98
C LEU A 394 6.85 36.54 -12.99
N SER A 395 5.65 36.20 -13.46
CA SER A 395 4.60 37.20 -13.63
C SER A 395 3.92 37.55 -12.30
N GLU A 396 3.84 36.58 -11.39
CA GLU A 396 3.18 36.70 -10.09
C GLU A 396 1.65 36.72 -10.27
N VAL A 397 1.18 36.77 -11.51
CA VAL A 397 -0.20 36.45 -11.81
C VAL A 397 -0.36 34.95 -11.96
N SER A 398 0.62 34.31 -12.60
CA SER A 398 0.67 32.85 -12.62
C SER A 398 0.76 32.29 -11.21
N GLU A 399 1.42 33.01 -10.29
CA GLU A 399 1.43 32.59 -8.90
C GLU A 399 0.03 32.58 -8.31
N ASN A 400 -0.75 33.62 -8.60
CA ASN A 400 -2.13 33.66 -8.12
C ASN A 400 -2.96 32.55 -8.73
N LYS A 401 -2.79 32.30 -10.04
CA LYS A 401 -3.52 31.21 -10.68
C LYS A 401 -3.16 29.86 -10.08
N LEU A 402 -1.87 29.66 -9.77
CA LEU A 402 -1.44 28.41 -9.14
C LEU A 402 -2.04 28.27 -7.74
N ARG A 403 -2.10 29.38 -6.98
CA ARG A 403 -2.74 29.32 -5.67
C ARG A 403 -4.21 28.93 -5.79
N GLN A 404 -4.92 29.55 -6.74
CA GLN A 404 -6.33 29.24 -6.92
C GLN A 404 -6.53 27.79 -7.35
N LEU A 405 -5.68 27.30 -8.25
CA LEU A 405 -5.80 25.92 -8.69
C LEU A 405 -5.53 24.94 -7.56
N ASN A 406 -4.52 25.23 -6.73
CA ASN A 406 -4.23 24.37 -5.60
C ASN A 406 -5.38 24.38 -4.60
N LEU A 407 -5.97 25.54 -4.35
CA LEU A 407 -7.12 25.60 -3.45
C LEU A 407 -8.31 24.83 -4.00
N ASN A 408 -8.58 24.99 -5.29
CA ASN A 408 -9.72 24.28 -5.89
C ASN A 408 -9.52 22.77 -5.86
N ASN A 409 -8.30 22.31 -6.15
CA ASN A 409 -8.02 20.88 -6.08
C ASN A 409 -8.09 20.37 -4.65
N GLU A 410 -7.64 21.18 -3.69
CA GLU A 410 -7.62 20.77 -2.29
C GLU A 410 -9.02 20.76 -1.71
N TRP A 411 -9.81 21.79 -1.97
CA TRP A 411 -11.14 21.95 -1.37
C TRP A 411 -12.20 21.73 -2.45
N THR A 412 -12.59 20.47 -2.62
CA THR A 412 -13.71 20.15 -3.48
C THR A 412 -15.03 20.47 -2.76
N LEU A 413 -16.10 20.56 -3.54
CA LEU A 413 -17.41 20.89 -2.95
C LEU A 413 -17.86 19.81 -1.98
N ASP A 414 -17.59 18.54 -2.29
CA ASP A 414 -17.96 17.47 -1.37
C ASP A 414 -17.14 17.54 -0.07
N LYS A 415 -15.88 17.96 -0.16
CA LYS A 415 -15.06 18.13 1.03
C LYS A 415 -15.21 19.50 1.67
N LEU A 416 -15.96 20.41 1.04
CA LEU A 416 -16.22 21.73 1.59
C LEU A 416 -17.57 21.84 2.28
N ARG A 417 -18.58 21.10 1.79
CA ARG A 417 -19.87 21.09 2.47
C ARG A 417 -19.81 20.36 3.79
N GLN A 418 -18.97 19.32 3.89
CA GLN A 418 -18.84 18.60 5.16
C GLN A 418 -18.21 19.48 6.23
N ARG A 419 -17.47 20.50 5.82
CA ARG A 419 -16.86 21.42 6.76
C ARG A 419 -17.78 22.55 7.18
N LEU A 420 -18.98 22.63 6.62
CA LEU A 420 -19.95 23.62 7.04
C LEU A 420 -20.40 23.33 8.47
N THR A 421 -20.56 24.38 9.26
CA THR A 421 -20.94 24.26 10.66
C THR A 421 -22.06 25.24 10.97
N LYS A 422 -22.75 24.98 12.07
CA LYS A 422 -23.83 25.83 12.56
C LYS A 422 -23.33 26.61 13.76
N ASN A 423 -23.39 27.93 13.67
CA ASN A 423 -22.89 28.79 14.74
C ASN A 423 -23.92 28.88 15.85
N ALA A 424 -23.72 29.82 16.78
CA ALA A 424 -24.66 30.00 17.89
C ALA A 424 -26.03 30.43 17.37
N GLN A 425 -26.06 31.23 16.30
CA GLN A 425 -27.31 31.71 15.74
C GLN A 425 -28.00 30.68 14.85
N ASP A 426 -27.55 29.43 14.86
CA ASP A 426 -28.17 28.34 14.12
C ASP A 426 -28.29 28.67 12.63
N LYS A 427 -27.19 29.20 12.08
CA LYS A 427 -27.11 29.50 10.66
C LYS A 427 -25.79 28.96 10.13
N LEU A 428 -25.80 28.57 8.85
CA LEU A 428 -24.65 27.91 8.25
C LEU A 428 -23.43 28.82 8.27
N GLU A 429 -22.30 28.28 8.71
CA GLU A 429 -21.06 29.02 8.87
C GLU A 429 -19.92 28.28 8.18
N LEU A 430 -19.08 29.03 7.47
CA LEU A 430 -17.85 28.50 6.89
C LEU A 430 -16.67 29.26 7.48
N HIS A 431 -15.75 28.53 8.09
CA HIS A 431 -14.59 29.12 8.75
C HIS A 431 -13.33 28.63 8.04
N LEU A 432 -12.57 29.57 7.48
CA LEU A 432 -11.34 29.26 6.78
C LEU A 432 -10.16 29.70 7.65
N PHE A 433 -9.22 28.78 7.88
CA PHE A 433 -8.15 28.99 8.84
C PHE A 433 -6.80 28.77 8.18
N MET A 434 -5.97 29.81 8.15
CA MET A 434 -4.59 29.73 7.69
C MET A 434 -4.48 29.25 6.25
N LEU A 435 -5.53 29.46 5.45
CA LEU A 435 -5.48 29.10 4.05
C LEU A 435 -4.61 30.08 3.27
N SER A 436 -4.06 29.60 2.16
CA SER A 436 -3.29 30.46 1.26
C SER A 436 -4.15 31.48 0.55
N GLY A 437 -5.47 31.33 0.58
CA GLY A 437 -6.36 32.25 -0.08
C GLY A 437 -7.78 31.78 0.06
N ILE A 438 -8.68 32.50 -0.61
CA ILE A 438 -10.09 32.12 -0.62
C ILE A 438 -10.32 31.13 -1.75
N PRO A 439 -10.67 29.87 -1.45
CA PRO A 439 -10.92 28.92 -2.53
C PRO A 439 -12.06 29.38 -3.42
N ASP A 440 -11.91 29.11 -4.73
CA ASP A 440 -12.93 29.52 -5.69
C ASP A 440 -14.19 28.67 -5.59
N THR A 441 -14.15 27.56 -4.87
CA THR A 441 -15.33 26.72 -4.68
C THR A 441 -16.19 27.13 -3.49
N VAL A 442 -15.72 28.06 -2.66
CA VAL A 442 -16.53 28.51 -1.55
C VAL A 442 -17.65 29.44 -2.00
N PHE A 443 -17.56 29.97 -3.22
CA PHE A 443 -18.62 30.81 -3.75
C PHE A 443 -19.63 30.02 -4.58
N ASP A 444 -19.48 28.69 -4.65
CA ASP A 444 -20.48 27.82 -5.23
C ASP A 444 -21.47 27.33 -4.18
N LEU A 445 -21.24 27.60 -2.90
CA LEU A 445 -22.13 27.17 -1.82
C LEU A 445 -23.25 28.20 -1.70
N VAL A 446 -24.38 27.91 -2.35
CA VAL A 446 -25.51 28.81 -2.32
C VAL A 446 -26.09 28.90 -0.91
N GLU A 447 -26.07 27.78 -0.18
CA GLU A 447 -26.65 27.71 1.15
C GLU A 447 -25.86 28.47 2.21
N LEU A 448 -24.66 28.94 1.88
CA LEU A 448 -23.81 29.59 2.88
C LEU A 448 -24.47 30.86 3.41
N GLU A 449 -24.29 31.10 4.71
CA GLU A 449 -24.88 32.27 5.36
C GLU A 449 -23.80 33.12 6.03
N VAL A 450 -22.81 32.47 6.63
CA VAL A 450 -21.72 33.15 7.32
C VAL A 450 -20.40 32.68 6.75
N LEU A 451 -19.62 33.62 6.23
CA LEU A 451 -18.28 33.33 5.70
C LEU A 451 -17.26 33.97 6.63
N LYS A 452 -16.48 33.13 7.30
CA LYS A 452 -15.51 33.58 8.29
C LYS A 452 -14.11 33.39 7.71
N LEU A 453 -13.37 34.49 7.61
CA LEU A 453 -12.02 34.49 7.06
C LEU A 453 -11.02 34.77 8.18
N GLU A 454 -10.08 33.86 8.38
CA GLU A 454 -9.16 33.92 9.51
C GLU A 454 -7.74 33.73 9.00
N LEU A 455 -6.94 34.79 9.06
CA LEU A 455 -5.51 34.73 8.77
C LEU A 455 -5.22 34.13 7.40
N ILE A 456 -5.90 34.65 6.39
CA ILE A 456 -5.60 34.36 4.99
C ILE A 456 -4.88 35.58 4.41
N PRO A 457 -3.73 35.40 3.76
CA PRO A 457 -2.89 36.57 3.42
C PRO A 457 -3.29 37.26 2.13
N ASP A 458 -3.63 38.55 2.24
CA ASP A 458 -3.87 39.43 1.10
C ASP A 458 -4.82 38.79 0.07
N VAL A 459 -6.04 38.53 0.53
CA VAL A 459 -7.06 37.91 -0.31
C VAL A 459 -7.91 39.02 -0.92
N THR A 460 -8.12 38.95 -2.23
CA THR A 460 -9.01 39.85 -2.95
C THR A 460 -10.29 39.09 -3.25
N ILE A 461 -11.38 39.49 -2.62
CA ILE A 461 -12.66 38.80 -2.78
C ILE A 461 -13.13 39.00 -4.21
N PRO A 462 -13.33 37.93 -4.97
CA PRO A 462 -13.66 38.08 -6.39
C PRO A 462 -15.11 38.48 -6.58
N PRO A 463 -15.48 38.92 -7.79
CA PRO A 463 -16.89 39.20 -8.06
C PRO A 463 -17.78 37.96 -7.99
N SER A 464 -17.19 36.77 -7.90
CA SER A 464 -17.97 35.54 -7.78
C SER A 464 -18.68 35.43 -6.44
N ILE A 465 -18.38 36.31 -5.49
CA ILE A 465 -19.11 36.33 -4.22
C ILE A 465 -20.57 36.65 -4.44
N ALA A 466 -20.90 37.36 -5.53
CA ALA A 466 -22.30 37.62 -5.86
C ALA A 466 -23.07 36.34 -6.14
N GLN A 467 -22.38 35.25 -6.47
CA GLN A 467 -23.06 33.97 -6.65
C GLN A 467 -23.68 33.48 -5.35
N LEU A 468 -23.15 33.92 -4.22
CA LEU A 468 -23.77 33.63 -2.93
C LEU A 468 -25.06 34.42 -2.79
N THR A 469 -26.12 33.73 -2.37
CA THR A 469 -27.43 34.36 -2.19
C THR A 469 -27.82 34.50 -0.74
N GLY A 470 -27.54 33.51 0.09
CA GLY A 470 -27.84 33.55 1.51
C GLY A 470 -26.76 34.18 2.35
N LEU A 471 -25.69 34.70 1.75
CA LEU A 471 -24.60 35.29 2.51
C LEU A 471 -25.08 36.53 3.24
N LYS A 472 -24.92 36.55 4.56
CA LYS A 472 -25.30 37.69 5.38
C LYS A 472 -24.21 38.18 6.31
N GLU A 473 -23.33 37.31 6.78
CA GLU A 473 -22.27 37.68 7.72
C GLU A 473 -20.91 37.42 7.08
N LEU A 474 -20.00 38.37 7.25
CA LEU A 474 -18.64 38.26 6.74
C LEU A 474 -17.68 38.56 7.87
N TRP A 475 -16.93 37.54 8.31
CA TRP A 475 -15.99 37.67 9.42
C TRP A 475 -14.58 37.74 8.84
N LEU A 476 -13.93 38.88 9.01
CA LEU A 476 -12.57 39.10 8.54
C LEU A 476 -11.65 39.17 9.75
N TYR A 477 -11.17 38.00 10.19
CA TYR A 477 -10.31 37.90 11.36
C TYR A 477 -8.86 38.00 10.93
N HIS A 478 -8.20 39.11 11.29
CA HIS A 478 -6.80 39.36 10.97
C HIS A 478 -6.54 39.22 9.47
N THR A 479 -7.50 39.72 8.67
CA THR A 479 -7.43 39.62 7.22
C THR A 479 -7.80 40.96 6.61
N ALA A 480 -6.93 41.48 5.75
CA ALA A 480 -7.20 42.69 4.99
C ALA A 480 -7.65 42.28 3.59
N ALA A 481 -8.91 42.57 3.27
CA ALA A 481 -9.52 42.13 2.03
C ALA A 481 -9.69 43.30 1.08
N LYS A 482 -9.29 43.09 -0.17
CA LYS A 482 -9.49 44.06 -1.24
C LYS A 482 -10.67 43.61 -2.09
N ILE A 483 -11.43 44.56 -2.60
CA ILE A 483 -12.69 44.29 -3.27
C ILE A 483 -12.70 44.99 -4.62
N GLU A 484 -13.48 44.45 -5.55
CA GLU A 484 -13.63 45.02 -6.87
C GLU A 484 -14.99 45.71 -7.00
N ALA A 485 -15.24 46.32 -8.16
CA ALA A 485 -16.47 47.08 -8.35
C ALA A 485 -17.73 46.22 -8.28
N PRO A 486 -17.83 45.05 -8.95
CA PRO A 486 -19.08 44.28 -8.87
C PRO A 486 -19.32 43.68 -7.50
N ALA A 487 -18.28 43.10 -6.91
CA ALA A 487 -18.41 42.46 -5.61
C ALA A 487 -18.73 43.45 -4.51
N LEU A 488 -18.12 44.64 -4.54
CA LEU A 488 -18.44 45.65 -3.53
C LEU A 488 -19.89 46.10 -3.66
N ALA A 489 -20.38 46.25 -4.89
CA ALA A 489 -21.79 46.60 -5.06
C ALA A 489 -22.70 45.49 -4.55
N PHE A 490 -22.34 44.23 -4.82
CA PHE A 490 -23.14 43.12 -4.31
C PHE A 490 -23.19 43.12 -2.79
N LEU A 491 -22.03 43.37 -2.15
CA LEU A 491 -22.01 43.46 -0.70
C LEU A 491 -22.82 44.66 -0.21
N ARG A 492 -22.76 45.78 -0.93
CA ARG A 492 -23.60 46.92 -0.63
C ARG A 492 -25.08 46.59 -0.78
N GLU A 493 -25.41 45.52 -1.49
CA GLU A 493 -26.80 45.11 -1.65
C GLU A 493 -27.20 43.94 -0.76
N ASN A 494 -26.31 43.00 -0.49
CA ASN A 494 -26.68 41.74 0.16
C ASN A 494 -25.68 41.37 1.26
N LEU A 495 -25.37 42.31 2.15
CA LEU A 495 -24.57 42.02 3.33
C LEU A 495 -25.27 42.54 4.57
N ARG A 496 -25.28 41.73 5.62
CA ARG A 496 -25.95 42.06 6.88
C ARG A 496 -25.00 42.30 8.04
N ALA A 497 -24.05 41.39 8.27
CA ALA A 497 -23.15 41.49 9.42
C ALA A 497 -21.71 41.55 8.94
N LEU A 498 -20.86 42.19 9.75
CA LEU A 498 -19.45 42.33 9.41
C LEU A 498 -18.64 42.29 10.69
N HIS A 499 -17.88 41.22 10.88
CA HIS A 499 -16.95 41.09 11.99
C HIS A 499 -15.53 41.24 11.48
N ILE A 500 -14.75 42.12 12.11
CA ILE A 500 -13.35 42.31 11.74
C ILE A 500 -12.52 42.38 13.01
N LYS A 501 -11.45 41.59 13.06
CA LYS A 501 -10.44 41.67 14.10
C LYS A 501 -9.11 42.06 13.45
N PHE A 502 -8.45 43.06 14.02
CA PHE A 502 -7.27 43.62 13.39
C PHE A 502 -6.23 44.00 14.44
N THR A 503 -4.97 43.97 14.03
CA THR A 503 -3.86 44.43 14.86
C THR A 503 -3.45 45.86 14.58
N ASP A 504 -3.66 46.33 13.35
CA ASP A 504 -3.39 47.71 12.99
C ASP A 504 -4.57 48.27 12.20
N ILE A 505 -4.70 49.59 12.23
CA ILE A 505 -5.82 50.23 11.55
C ILE A 505 -5.73 50.02 10.04
N LYS A 506 -4.52 50.00 9.49
CA LYS A 506 -4.35 49.95 8.05
C LYS A 506 -4.88 48.66 7.43
N GLU A 507 -5.03 47.60 8.21
CA GLU A 507 -5.50 46.33 7.67
C GLU A 507 -7.01 46.16 7.78
N ILE A 508 -7.74 47.15 8.27
CA ILE A 508 -9.20 47.12 8.20
C ILE A 508 -9.59 47.51 6.77
N PRO A 509 -10.69 46.98 6.24
CA PRO A 509 -11.08 47.37 4.88
C PRO A 509 -11.45 48.85 4.81
N LEU A 510 -11.06 49.49 3.71
CA LEU A 510 -11.47 50.86 3.45
C LEU A 510 -12.81 50.95 2.74
N TRP A 511 -13.36 49.81 2.30
CA TRP A 511 -14.66 49.76 1.66
C TRP A 511 -15.78 49.40 2.62
N ILE A 512 -15.50 49.39 3.92
CA ILE A 512 -16.55 49.11 4.91
C ILE A 512 -17.65 50.15 4.84
N TYR A 513 -17.29 51.43 4.67
CA TYR A 513 -18.28 52.49 4.57
C TYR A 513 -19.06 52.46 3.26
N SER A 514 -18.62 51.65 2.30
CA SER A 514 -19.39 51.41 1.09
C SER A 514 -20.53 50.42 1.31
N LEU A 515 -20.61 49.82 2.49
CA LEU A 515 -21.70 48.92 2.84
C LEU A 515 -22.80 49.74 3.49
N LYS A 516 -23.74 50.22 2.68
CA LYS A 516 -24.83 51.04 3.17
C LYS A 516 -26.01 50.23 3.68
N THR A 517 -25.98 48.91 3.53
CA THR A 517 -27.05 48.04 4.01
C THR A 517 -26.64 47.23 5.23
N LEU A 518 -25.48 47.51 5.80
CA LEU A 518 -24.98 46.73 6.93
C LEU A 518 -25.86 46.96 8.16
N GLU A 519 -26.23 45.86 8.82
CA GLU A 519 -27.04 45.95 10.03
C GLU A 519 -26.18 46.04 11.29
N GLU A 520 -25.30 45.06 11.49
CA GLU A 520 -24.47 45.00 12.67
C GLU A 520 -23.00 44.99 12.29
N LEU A 521 -22.19 45.70 13.09
CA LEU A 521 -20.75 45.78 12.89
C LEU A 521 -20.04 45.42 14.19
N HIS A 522 -18.94 44.70 14.08
CA HIS A 522 -18.17 44.24 15.23
C HIS A 522 -16.71 44.65 15.02
N LEU A 523 -16.23 45.57 15.85
CA LEU A 523 -14.83 46.00 15.82
C LEU A 523 -14.12 45.41 17.03
N THR A 524 -13.10 44.58 16.77
CA THR A 524 -12.39 43.87 17.81
C THR A 524 -10.89 44.05 17.65
N GLY A 525 -10.44 45.29 17.44
CA GLY A 525 -9.03 45.57 17.28
C GLY A 525 -8.52 46.60 18.26
N ASN A 526 -7.89 47.66 17.74
CA ASN A 526 -7.39 48.76 18.57
C ASN A 526 -7.68 50.07 17.83
N LEU A 527 -8.86 50.64 18.12
CA LEU A 527 -9.24 51.93 17.56
C LEU A 527 -8.44 53.09 18.13
N SER A 528 -7.69 52.87 19.22
CA SER A 528 -6.86 53.90 19.83
C SER A 528 -5.63 54.12 18.95
N ALA A 529 -5.80 54.98 17.95
CA ALA A 529 -4.73 55.30 17.02
C ALA A 529 -3.79 56.32 17.64
N GLU A 530 -2.91 56.92 16.85
CA GLU A 530 -1.85 57.77 17.35
C GLU A 530 -2.45 59.09 17.85
N ASN A 531 -3.10 59.01 19.02
CA ASN A 531 -3.59 60.18 19.75
C ASN A 531 -4.49 61.06 18.89
N ASN A 532 -5.42 60.43 18.19
CA ASN A 532 -6.40 61.14 17.36
C ASN A 532 -7.80 60.91 17.91
N ARG A 533 -8.76 61.68 17.37
CA ARG A 533 -10.16 61.56 17.77
C ARG A 533 -10.87 60.48 16.96
N TYR A 534 -10.27 59.28 16.94
CA TYR A 534 -10.86 58.10 16.31
C TYR A 534 -11.29 58.39 14.87
N ILE A 535 -10.39 59.00 14.10
CA ILE A 535 -10.63 59.25 12.69
C ILE A 535 -10.82 57.93 11.94
N VAL A 536 -10.18 56.86 12.43
CA VAL A 536 -10.25 55.56 11.78
C VAL A 536 -11.68 55.03 11.71
N ILE A 537 -12.56 55.52 12.58
CA ILE A 537 -13.97 55.17 12.57
C ILE A 537 -14.86 56.38 12.31
N ASP A 538 -14.27 57.49 11.82
CA ASP A 538 -15.02 58.72 11.63
C ASP A 538 -16.12 58.57 10.60
N GLY A 539 -16.00 57.60 9.70
CA GLY A 539 -16.99 57.38 8.67
C GLY A 539 -18.11 56.44 9.04
N LEU A 540 -18.27 56.12 10.32
CA LEU A 540 -19.31 55.18 10.74
C LEU A 540 -20.70 55.73 10.48
N ARG A 541 -20.85 57.06 10.46
CA ARG A 541 -22.17 57.66 10.30
C ARG A 541 -22.82 57.32 8.97
N GLU A 542 -22.02 56.94 7.96
CA GLU A 542 -22.58 56.65 6.64
C GLU A 542 -23.52 55.46 6.68
N LEU A 543 -23.26 54.51 7.57
CA LEU A 543 -24.11 53.31 7.69
C LEU A 543 -25.45 53.72 8.27
N LYS A 544 -26.45 53.87 7.41
CA LYS A 544 -27.77 54.34 7.83
C LYS A 544 -28.63 53.23 8.41
N ARG A 545 -28.26 51.96 8.24
CA ARG A 545 -29.02 50.85 8.77
C ARG A 545 -28.24 50.08 9.84
N LEU A 546 -27.28 50.75 10.48
CA LEU A 546 -26.54 50.13 11.56
C LEU A 546 -27.43 49.96 12.79
N LYS A 547 -27.36 48.79 13.41
CA LYS A 547 -28.20 48.51 14.57
C LYS A 547 -27.43 47.98 15.76
N VAL A 548 -26.32 47.28 15.54
CA VAL A 548 -25.53 46.69 16.61
C VAL A 548 -24.09 47.14 16.48
N LEU A 549 -23.50 47.55 17.60
CA LEU A 549 -22.09 47.95 17.66
C LEU A 549 -21.39 47.14 18.74
N ARG A 550 -20.17 46.69 18.43
CA ARG A 550 -19.42 45.76 19.27
C ARG A 550 -17.99 46.23 19.44
N LEU A 551 -17.81 47.49 19.79
CA LEU A 551 -16.47 48.06 19.92
C LEU A 551 -15.72 47.41 21.07
N LYS A 552 -14.68 46.65 20.74
CA LYS A 552 -13.73 46.11 21.72
C LYS A 552 -12.35 46.58 21.28
N SER A 553 -12.01 47.82 21.63
CA SER A 553 -10.75 48.40 21.15
C SER A 553 -10.06 49.26 22.21
N ASN A 554 -10.24 48.95 23.49
CA ASN A 554 -9.60 49.67 24.58
C ASN A 554 -9.88 51.18 24.49
N LEU A 555 -11.15 51.51 24.25
CA LEU A 555 -11.54 52.90 24.08
C LEU A 555 -11.39 53.67 25.39
N SER A 556 -10.51 54.67 25.39
CA SER A 556 -10.31 55.50 26.58
C SER A 556 -11.50 56.41 26.86
N LYS A 557 -12.37 56.63 25.88
CA LYS A 557 -13.53 57.49 26.05
C LYS A 557 -14.52 57.15 24.94
N LEU A 558 -15.80 57.37 25.22
CA LEU A 558 -16.82 57.07 24.22
C LEU A 558 -16.72 58.08 23.08
N PRO A 559 -16.55 57.62 21.83
CA PRO A 559 -16.30 58.56 20.73
C PRO A 559 -17.51 59.41 20.41
N GLN A 560 -17.23 60.58 19.83
CA GLN A 560 -18.30 61.46 19.36
C GLN A 560 -19.09 60.79 18.23
N VAL A 561 -18.38 60.09 17.33
CA VAL A 561 -19.05 59.45 16.19
C VAL A 561 -20.04 58.39 16.67
N VAL A 562 -19.67 57.63 17.69
CA VAL A 562 -20.57 56.62 18.24
C VAL A 562 -21.81 57.29 18.82
N THR A 563 -21.62 58.39 19.55
CA THR A 563 -22.75 59.11 20.12
C THR A 563 -23.68 59.63 19.02
N ASP A 564 -23.11 60.14 17.94
CA ASP A 564 -23.93 60.63 16.84
C ASP A 564 -24.68 59.49 16.16
N VAL A 565 -24.01 58.37 15.91
CA VAL A 565 -24.62 57.27 15.17
C VAL A 565 -25.59 56.46 16.02
N GLY A 566 -25.55 56.62 17.35
CA GLY A 566 -26.45 55.86 18.20
C GLY A 566 -27.89 56.31 18.19
N VAL A 567 -28.22 57.34 17.39
CA VAL A 567 -29.59 57.85 17.35
C VAL A 567 -30.55 56.77 16.86
N HIS A 568 -30.06 55.83 16.06
CA HIS A 568 -30.88 54.72 15.57
C HIS A 568 -30.19 53.38 15.84
N LEU A 569 -29.52 53.26 16.99
CA LEU A 569 -28.82 52.05 17.36
C LEU A 569 -29.63 51.27 18.38
N GLN A 570 -29.74 49.96 18.18
CA GLN A 570 -30.50 49.09 19.06
C GLN A 570 -29.64 48.48 20.16
N LYS A 571 -28.55 47.81 19.78
CA LYS A 571 -27.67 47.15 20.73
C LYS A 571 -26.30 47.83 20.70
N LEU A 572 -25.83 48.23 21.88
CA LEU A 572 -24.49 48.76 22.04
C LEU A 572 -23.72 47.87 23.02
N SER A 573 -22.57 47.38 22.60
CA SER A 573 -21.73 46.51 23.42
C SER A 573 -20.30 47.01 23.39
N ILE A 574 -19.76 47.36 24.55
CA ILE A 574 -18.39 47.85 24.67
C ILE A 574 -17.62 46.89 25.56
N ASN A 575 -16.57 46.30 25.02
CA ASN A 575 -15.68 45.42 25.78
C ASN A 575 -14.34 46.14 25.89
N ASN A 576 -14.20 46.95 26.93
CA ASN A 576 -12.99 47.76 27.09
C ASN A 576 -11.80 46.96 27.60
N GLU A 577 -12.00 45.70 27.99
CA GLU A 577 -10.93 44.81 28.46
C GLU A 577 -10.20 45.43 29.65
N GLY A 578 -10.96 46.01 30.57
CA GLY A 578 -10.41 46.59 31.78
C GLY A 578 -10.01 48.05 31.66
N THR A 579 -10.01 48.61 30.46
CA THR A 579 -9.66 50.01 30.30
C THR A 579 -10.77 50.90 30.85
N LYS A 580 -10.38 51.89 31.65
CA LYS A 580 -11.35 52.80 32.25
C LYS A 580 -12.14 53.52 31.18
N LEU A 581 -13.46 53.53 31.32
CA LEU A 581 -14.36 54.19 30.39
C LEU A 581 -15.12 55.27 31.12
N ILE A 582 -15.16 56.46 30.52
CA ILE A 582 -15.84 57.62 31.09
C ILE A 582 -16.91 58.08 30.11
N VAL A 583 -18.12 58.30 30.62
CA VAL A 583 -19.23 58.74 29.77
C VAL A 583 -19.29 60.26 29.77
N LEU A 584 -19.53 60.85 30.95
CA LEU A 584 -19.58 62.30 31.12
C LEU A 584 -20.53 62.94 30.10
N ASN A 585 -21.80 62.57 30.24
CA ASN A 585 -22.87 63.03 29.34
C ASN A 585 -22.59 62.59 27.89
N SER A 586 -22.59 61.27 27.70
CA SER A 586 -22.40 60.69 26.38
C SER A 586 -23.38 59.58 26.04
N LEU A 587 -24.26 59.18 26.96
CA LEU A 587 -25.21 58.12 26.70
C LEU A 587 -26.64 58.61 26.52
N LYS A 588 -27.00 59.75 27.14
CA LYS A 588 -28.38 60.20 27.09
C LYS A 588 -28.81 60.61 25.68
N LYS A 589 -27.87 60.86 24.78
CA LYS A 589 -28.23 61.14 23.40
C LYS A 589 -28.92 59.93 22.77
N MET A 590 -28.41 58.73 23.05
CA MET A 590 -29.05 57.50 22.58
C MET A 590 -30.25 57.18 23.46
N VAL A 591 -31.43 57.06 22.83
CA VAL A 591 -32.66 56.78 23.54
C VAL A 591 -33.43 55.62 22.96
N ASN A 592 -32.90 54.95 21.94
CA ASN A 592 -33.56 53.79 21.35
C ASN A 592 -32.78 52.50 21.58
N LEU A 593 -31.74 52.55 22.42
CA LEU A 593 -30.97 51.35 22.72
C LEU A 593 -31.80 50.36 23.51
N THR A 594 -31.69 49.09 23.15
CA THR A 594 -32.34 48.01 23.89
C THR A 594 -31.36 47.18 24.70
N GLU A 595 -30.08 47.19 24.36
CA GLU A 595 -29.03 46.56 25.15
C GLU A 595 -27.90 47.55 25.34
N LEU A 596 -27.27 47.51 26.51
CA LEU A 596 -26.14 48.37 26.85
C LEU A 596 -25.03 47.56 27.51
N GLU A 597 -24.65 46.46 26.87
CA GLU A 597 -23.57 45.63 27.39
C GLU A 597 -22.30 46.44 27.53
N LEU A 598 -21.68 46.37 28.69
CA LEU A 598 -20.49 47.15 29.04
C LEU A 598 -19.45 46.26 29.71
N ILE A 599 -19.17 45.11 29.08
CA ILE A 599 -18.28 44.11 29.67
C ILE A 599 -16.88 44.69 29.83
N ARG A 600 -16.31 44.55 31.03
CA ARG A 600 -14.93 44.91 31.31
C ARG A 600 -14.64 46.37 31.00
N CYS A 601 -15.61 47.24 31.30
CA CYS A 601 -15.44 48.67 31.08
C CYS A 601 -14.84 49.39 32.29
N ASP A 602 -14.62 48.68 33.40
CA ASP A 602 -14.02 49.25 34.61
C ASP A 602 -14.80 50.48 35.08
N LEU A 603 -16.13 50.40 35.02
CA LEU A 603 -16.96 51.54 35.39
C LEU A 603 -16.81 51.87 36.87
N GLU A 604 -16.82 50.84 37.73
CA GLU A 604 -16.69 50.97 39.19
C GLU A 604 -17.95 51.57 39.80
N ARG A 605 -18.86 52.03 38.94
CA ARG A 605 -20.10 52.67 39.35
C ARG A 605 -21.07 52.57 38.19
N ILE A 606 -22.35 52.39 38.49
CA ILE A 606 -23.37 52.41 37.45
C ILE A 606 -23.47 53.84 36.95
N PRO A 607 -23.28 54.09 35.65
CA PRO A 607 -23.22 55.47 35.16
C PRO A 607 -24.53 56.21 35.37
N HIS A 608 -24.41 57.53 35.58
CA HIS A 608 -25.59 58.36 35.76
C HIS A 608 -26.30 58.66 34.44
N SER A 609 -25.61 58.49 33.31
CA SER A 609 -26.22 58.74 32.02
C SER A 609 -27.08 57.58 31.52
N ILE A 610 -26.99 56.41 32.14
CA ILE A 610 -27.82 55.28 31.73
C ILE A 610 -29.27 55.49 32.14
N PHE A 611 -29.54 56.41 33.05
CA PHE A 611 -30.90 56.63 33.55
C PHE A 611 -31.82 57.20 32.48
N SER A 612 -31.27 57.77 31.41
CA SER A 612 -32.09 58.40 30.38
C SER A 612 -32.48 57.45 29.26
N LEU A 613 -31.90 56.25 29.22
CA LEU A 613 -32.18 55.29 28.15
C LEU A 613 -33.44 54.50 28.50
N HIS A 614 -34.60 55.12 28.24
CA HIS A 614 -35.86 54.56 28.67
C HIS A 614 -36.27 53.31 27.90
N ASN A 615 -35.63 53.04 26.76
CA ASN A 615 -35.99 51.90 25.92
C ASN A 615 -35.10 50.69 26.16
N LEU A 616 -34.24 50.73 27.18
CA LEU A 616 -33.36 49.61 27.46
C LEU A 616 -34.16 48.39 27.89
N GLN A 617 -33.66 47.22 27.53
CA GLN A 617 -34.23 45.94 27.94
C GLN A 617 -33.21 45.03 28.60
N GLU A 618 -31.95 45.04 28.14
CA GLU A 618 -30.88 44.26 28.74
C GLU A 618 -29.77 45.23 29.16
N ILE A 619 -29.27 45.04 30.38
CA ILE A 619 -28.13 45.80 30.88
C ILE A 619 -27.09 44.82 31.38
N ASP A 620 -25.92 44.81 30.73
CA ASP A 620 -24.83 43.94 31.11
C ASP A 620 -23.65 44.77 31.58
N LEU A 621 -23.18 44.50 32.80
CA LEU A 621 -22.08 45.24 33.41
C LEU A 621 -21.03 44.27 33.93
N LYS A 622 -20.68 43.28 33.11
CA LYS A 622 -19.74 42.25 33.51
C LYS A 622 -18.35 42.84 33.74
N ASP A 623 -17.73 42.44 34.85
CA ASP A 623 -16.33 42.76 35.15
C ASP A 623 -16.08 44.27 35.15
N ASN A 624 -17.03 45.03 35.68
CA ASN A 624 -16.88 46.46 35.82
C ASN A 624 -16.39 46.88 37.20
N ASN A 625 -16.11 45.91 38.08
CA ASN A 625 -15.68 46.18 39.45
C ASN A 625 -16.65 47.10 40.17
N LEU A 626 -17.94 46.86 39.98
CA LEU A 626 -18.96 47.62 40.68
C LEU A 626 -18.94 47.27 42.17
N LYS A 627 -18.83 48.28 43.01
CA LYS A 627 -18.84 48.10 44.46
C LYS A 627 -20.21 48.36 45.07
N THR A 628 -20.80 49.50 44.76
CA THR A 628 -22.15 49.85 45.21
C THR A 628 -23.07 49.95 44.01
N ILE A 629 -24.24 49.33 44.13
CA ILE A 629 -25.22 49.31 43.05
C ILE A 629 -26.49 50.00 43.50
N GLU A 630 -26.34 51.04 44.33
CA GLU A 630 -27.49 51.81 44.80
C GLU A 630 -28.23 52.50 43.67
N GLU A 631 -27.62 52.60 42.48
CA GLU A 631 -28.28 53.22 41.34
C GLU A 631 -29.51 52.45 40.86
N ILE A 632 -29.81 51.30 41.46
CA ILE A 632 -31.07 50.61 41.17
C ILE A 632 -32.25 51.49 41.53
N ILE A 633 -32.07 52.39 42.51
CA ILE A 633 -33.12 53.31 42.91
C ILE A 633 -33.58 54.23 41.78
N SER A 634 -32.85 54.25 40.66
CA SER A 634 -33.21 55.09 39.53
C SER A 634 -33.59 54.29 38.29
N PHE A 635 -33.69 52.96 38.37
CA PHE A 635 -33.99 52.14 37.22
C PHE A 635 -35.48 51.84 37.07
N GLN A 636 -36.34 52.35 37.96
CA GLN A 636 -37.77 52.14 37.81
C GLN A 636 -38.34 52.90 36.63
N HIS A 637 -37.62 53.91 36.13
CA HIS A 637 -38.09 54.65 34.97
C HIS A 637 -38.19 53.76 33.74
N LEU A 638 -37.20 52.87 33.56
CA LEU A 638 -37.16 52.01 32.39
C LEU A 638 -38.27 50.99 32.47
N HIS A 639 -39.31 51.15 31.63
CA HIS A 639 -40.47 50.28 31.67
C HIS A 639 -40.27 48.97 30.93
N ARG A 640 -39.13 48.78 30.25
CA ARG A 640 -38.88 47.57 29.49
C ARG A 640 -37.65 46.82 29.98
N LEU A 641 -37.06 47.23 31.09
CA LEU A 641 -35.88 46.54 31.64
C LEU A 641 -36.30 45.17 32.14
N THR A 642 -35.70 44.11 31.55
CA THR A 642 -36.03 42.75 31.92
C THR A 642 -34.84 41.88 32.28
N CYS A 643 -33.63 42.22 31.85
CA CYS A 643 -32.48 41.32 31.97
C CYS A 643 -31.28 42.06 32.53
N LEU A 644 -31.48 42.78 33.63
CA LEU A 644 -30.36 43.41 34.32
C LEU A 644 -29.34 42.37 34.75
N LYS A 645 -28.13 42.46 34.20
CA LYS A 645 -27.04 41.56 34.52
C LYS A 645 -25.95 42.33 35.24
N LEU A 646 -25.54 41.83 36.40
CA LEU A 646 -24.48 42.45 37.19
C LEU A 646 -23.44 41.42 37.62
N TRP A 647 -23.31 40.33 36.88
CA TRP A 647 -22.40 39.26 37.25
C TRP A 647 -20.95 39.70 37.11
N TYR A 648 -20.07 38.97 37.78
CA TYR A 648 -18.63 39.22 37.78
C TYR A 648 -18.32 40.64 38.27
N ASN A 649 -18.74 40.91 39.50
CA ASN A 649 -18.47 42.18 40.15
C ASN A 649 -18.18 41.91 41.62
N HIS A 650 -17.93 42.98 42.37
CA HIS A 650 -17.69 42.89 43.82
C HIS A 650 -18.74 43.75 44.51
N ILE A 651 -19.91 43.17 44.74
CA ILE A 651 -21.03 43.86 45.37
C ILE A 651 -21.39 43.11 46.64
N ALA A 652 -21.54 43.84 47.75
CA ALA A 652 -21.76 43.23 49.05
C ALA A 652 -23.24 43.03 49.34
N TYR A 653 -24.01 44.12 49.35
CA TYR A 653 -25.41 44.07 49.75
C TYR A 653 -26.28 44.46 48.56
N ILE A 654 -27.27 43.61 48.26
CA ILE A 654 -28.26 43.91 47.24
C ILE A 654 -29.19 44.99 47.78
N PRO A 655 -29.35 46.11 47.08
CA PRO A 655 -30.10 47.23 47.65
C PRO A 655 -31.57 46.89 47.87
N ILE A 656 -32.16 47.52 48.88
CA ILE A 656 -33.57 47.36 49.19
C ILE A 656 -34.44 47.84 48.05
N GLN A 657 -33.93 48.72 47.20
CA GLN A 657 -34.69 49.33 46.11
C GLN A 657 -35.00 48.37 44.97
N ILE A 658 -34.72 47.07 45.10
CA ILE A 658 -35.12 46.11 44.08
C ILE A 658 -36.64 46.09 43.95
N GLY A 659 -37.36 46.37 45.05
CA GLY A 659 -38.80 46.42 45.01
C GLY A 659 -39.36 47.43 44.02
N ASN A 660 -38.60 48.50 43.74
CA ASN A 660 -39.02 49.45 42.71
C ASN A 660 -39.09 48.78 41.35
N LEU A 661 -38.10 47.95 41.03
CA LEU A 661 -38.12 47.21 39.78
C LEU A 661 -39.27 46.21 39.78
N THR A 662 -39.88 46.04 38.62
CA THR A 662 -41.04 45.16 38.51
C THR A 662 -40.93 44.14 37.38
N ASN A 663 -40.34 44.52 36.25
CA ASN A 663 -40.41 43.73 35.03
C ASN A 663 -39.14 42.93 34.75
N LEU A 664 -38.44 42.47 35.77
CA LEU A 664 -37.24 41.68 35.55
C LEU A 664 -37.61 40.27 35.09
N GLU A 665 -37.01 39.84 33.98
CA GLU A 665 -37.19 38.48 33.47
C GLU A 665 -35.99 37.58 33.72
N ARG A 666 -34.79 38.13 33.72
CA ARG A 666 -33.58 37.35 33.98
C ARG A 666 -32.64 38.20 34.82
N LEU A 667 -32.31 37.72 36.02
CA LEU A 667 -31.38 38.41 36.91
C LEU A 667 -30.14 37.53 37.10
N TYR A 668 -28.97 38.12 36.84
CA TYR A 668 -27.71 37.40 36.98
C TYR A 668 -26.84 38.16 37.96
N LEU A 669 -26.40 37.46 39.02
CA LEU A 669 -25.53 38.04 40.04
C LEU A 669 -24.41 37.08 40.38
N ASN A 670 -23.89 36.36 39.38
CA ASN A 670 -22.82 35.41 39.62
C ASN A 670 -21.51 36.12 39.94
N ARG A 671 -20.61 35.39 40.58
CA ARG A 671 -19.23 35.83 40.82
C ARG A 671 -19.19 37.18 41.56
N ASN A 672 -19.93 37.25 42.66
CA ASN A 672 -19.92 38.41 43.54
C ASN A 672 -19.67 37.96 44.97
N LYS A 673 -19.78 38.89 45.91
CA LYS A 673 -19.63 38.60 47.34
C LYS A 673 -20.89 39.09 48.04
N ILE A 674 -21.93 38.25 48.01
CA ILE A 674 -23.23 38.59 48.58
C ILE A 674 -23.62 37.50 49.58
N GLU A 675 -23.91 37.91 50.81
CA GLU A 675 -24.31 36.96 51.84
C GLU A 675 -25.81 36.91 52.04
N LYS A 676 -26.49 38.05 51.93
CA LYS A 676 -27.91 38.15 52.23
C LYS A 676 -28.69 38.44 50.96
N ILE A 677 -29.70 37.62 50.69
CA ILE A 677 -30.66 37.88 49.62
C ILE A 677 -31.83 38.64 50.23
N PRO A 678 -32.04 39.90 49.87
CA PRO A 678 -33.10 40.69 50.52
C PRO A 678 -34.47 40.12 50.24
N THR A 679 -35.37 40.29 51.21
CA THR A 679 -36.75 39.83 51.04
C THR A 679 -37.46 40.62 49.95
N GLN A 680 -37.08 41.88 49.76
CA GLN A 680 -37.69 42.70 48.73
C GLN A 680 -37.27 42.30 47.33
N LEU A 681 -36.28 41.40 47.20
CA LEU A 681 -35.88 40.95 45.88
C LEU A 681 -37.01 40.22 45.17
N PHE A 682 -37.79 39.43 45.91
CA PHE A 682 -38.87 38.65 45.33
C PHE A 682 -40.12 39.48 45.07
N TYR A 683 -40.05 40.81 45.22
CA TYR A 683 -41.12 41.66 44.73
C TYR A 683 -41.20 41.66 43.21
N CYS A 684 -40.11 41.31 42.53
CA CYS A 684 -40.10 41.14 41.08
C CYS A 684 -40.53 39.72 40.77
N ARG A 685 -41.84 39.55 40.58
CA ARG A 685 -42.42 38.21 40.45
C ARG A 685 -42.32 37.65 39.04
N LYS A 686 -41.74 38.39 38.10
CA LYS A 686 -41.63 37.96 36.72
C LYS A 686 -40.29 37.29 36.41
N LEU A 687 -39.50 37.01 37.43
CA LEU A 687 -38.20 36.39 37.22
C LEU A 687 -38.35 35.00 36.62
N ARG A 688 -37.50 34.72 35.64
CA ARG A 688 -37.47 33.40 35.00
C ARG A 688 -36.10 32.73 35.12
N TYR A 689 -35.02 33.48 34.92
CA TYR A 689 -33.67 32.91 34.95
C TYR A 689 -32.84 33.53 36.06
N LEU A 690 -33.41 33.69 37.25
CA LEU A 690 -32.65 34.19 38.39
C LEU A 690 -31.47 33.27 38.69
N ASP A 691 -30.29 33.85 38.85
CA ASP A 691 -29.06 33.07 38.99
C ASP A 691 -28.13 33.78 39.96
N LEU A 692 -27.84 33.15 41.08
CA LEU A 692 -26.87 33.65 42.06
C LEU A 692 -25.94 32.49 42.40
N SER A 693 -24.89 32.32 41.62
CA SER A 693 -23.91 31.26 41.82
C SER A 693 -22.54 31.87 42.02
N HIS A 694 -21.64 31.09 42.62
CA HIS A 694 -20.29 31.55 42.97
C HIS A 694 -20.36 32.81 43.82
N ASN A 695 -21.18 32.75 44.86
CA ASN A 695 -21.43 33.88 45.75
C ASN A 695 -21.40 33.38 47.18
N ASN A 696 -20.98 34.25 48.10
CA ASN A 696 -20.86 33.85 49.50
C ASN A 696 -22.20 33.89 50.22
N LEU A 697 -23.21 33.22 49.65
CA LEU A 697 -24.52 33.17 50.27
C LEU A 697 -24.51 32.27 51.49
N THR A 698 -25.47 32.49 52.38
CA THR A 698 -25.63 31.69 53.59
C THR A 698 -26.92 30.89 53.61
N PHE A 699 -28.04 31.50 53.20
CA PHE A 699 -29.33 30.83 53.25
C PHE A 699 -30.17 31.27 52.06
N LEU A 700 -31.14 30.43 51.71
CA LEU A 700 -32.11 30.78 50.68
C LEU A 700 -33.38 31.27 51.35
N PRO A 701 -33.83 32.50 51.08
CA PRO A 701 -34.98 33.05 51.81
C PRO A 701 -36.25 32.25 51.53
N ALA A 702 -37.14 32.26 52.53
CA ALA A 702 -38.38 31.48 52.47
C ALA A 702 -39.42 32.10 51.56
N ASP A 703 -39.29 33.37 51.20
CA ASP A 703 -40.28 34.03 50.35
C ASP A 703 -40.08 33.71 48.86
N ILE A 704 -39.29 32.69 48.54
CA ILE A 704 -39.09 32.32 47.15
C ILE A 704 -40.38 31.78 46.54
N GLY A 705 -41.25 31.18 47.36
CA GLY A 705 -42.51 30.69 46.85
C GLY A 705 -43.39 31.79 46.28
N LEU A 706 -43.19 33.02 46.75
CA LEU A 706 -43.93 34.15 46.19
C LEU A 706 -43.54 34.44 44.76
N LEU A 707 -42.40 33.92 44.30
CA LEU A 707 -41.95 34.07 42.92
C LEU A 707 -42.26 32.76 42.21
N GLN A 708 -43.49 32.64 41.71
CA GLN A 708 -43.98 31.38 41.17
C GLN A 708 -43.57 31.14 39.72
N ASN A 709 -43.07 32.15 39.03
CA ASN A 709 -42.77 32.05 37.60
C ASN A 709 -41.30 31.71 37.34
N LEU A 710 -40.58 31.27 38.36
CA LEU A 710 -39.18 30.91 38.19
C LEU A 710 -39.03 29.68 37.28
N GLN A 711 -38.02 29.72 36.42
CA GLN A 711 -37.76 28.60 35.52
C GLN A 711 -36.34 28.08 35.71
N ASN A 712 -35.39 28.97 35.96
CA ASN A 712 -34.01 28.59 36.19
C ASN A 712 -33.53 29.21 37.50
N LEU A 713 -32.73 28.46 38.24
CA LEU A 713 -32.13 28.97 39.48
C LEU A 713 -30.87 28.17 39.74
N ALA A 714 -29.71 28.81 39.60
CA ALA A 714 -28.42 28.17 39.83
C ALA A 714 -27.83 28.77 41.09
N VAL A 715 -27.61 27.92 42.10
CA VAL A 715 -27.05 28.35 43.37
C VAL A 715 -25.72 27.64 43.57
N THR A 716 -25.03 27.36 42.46
CA THR A 716 -23.78 26.61 42.51
C THR A 716 -22.72 27.37 43.30
N ALA A 717 -21.90 26.62 44.04
CA ALA A 717 -20.77 27.16 44.79
C ALA A 717 -21.23 28.21 45.80
N ASN A 718 -22.05 27.76 46.75
CA ASN A 718 -22.56 28.63 47.81
C ASN A 718 -22.61 27.85 49.11
N ARG A 719 -22.56 28.60 50.22
CA ARG A 719 -22.68 28.01 51.56
C ARG A 719 -24.17 27.81 51.87
N ILE A 720 -24.82 27.01 51.02
CA ILE A 720 -26.25 26.73 51.17
C ILE A 720 -26.35 25.49 52.05
N GLU A 721 -26.73 25.70 53.31
CA GLU A 721 -26.81 24.60 54.27
C GLU A 721 -27.89 23.60 53.87
N ALA A 722 -29.06 24.09 53.50
CA ALA A 722 -30.17 23.22 53.14
C ALA A 722 -31.16 23.99 52.28
N LEU A 723 -31.85 23.27 51.40
CA LEU A 723 -32.88 23.89 50.57
C LEU A 723 -34.14 24.12 51.41
N PRO A 724 -34.64 25.35 51.47
CA PRO A 724 -35.88 25.60 52.22
C PRO A 724 -37.05 24.88 51.57
N PRO A 725 -38.02 24.43 52.36
CA PRO A 725 -39.21 23.76 51.77
C PRO A 725 -40.00 24.67 50.86
N GLU A 726 -39.93 25.99 51.04
CA GLU A 726 -40.65 26.91 50.18
C GLU A 726 -40.06 26.96 48.77
N LEU A 727 -38.86 26.42 48.58
CA LEU A 727 -38.28 26.39 47.23
C LEU A 727 -39.13 25.57 46.27
N PHE A 728 -39.69 24.46 46.75
CA PHE A 728 -40.50 23.59 45.91
C PHE A 728 -41.94 24.04 45.79
N GLN A 729 -42.32 25.14 46.45
CA GLN A 729 -43.64 25.72 46.24
C GLN A 729 -43.82 26.14 44.78
N CYS A 730 -42.73 26.56 44.13
CA CYS A 730 -42.77 26.81 42.70
C CYS A 730 -42.96 25.49 41.94
N ARG A 731 -43.66 25.56 40.81
CA ARG A 731 -43.95 24.39 40.01
C ARG A 731 -43.35 24.40 38.62
N LYS A 732 -43.13 25.57 38.02
CA LYS A 732 -42.66 25.67 36.65
C LYS A 732 -41.13 25.72 36.55
N LEU A 733 -40.42 25.51 37.66
CA LEU A 733 -38.97 25.49 37.62
C LEU A 733 -38.48 24.38 36.70
N ARG A 734 -37.53 24.70 35.84
CA ARG A 734 -37.05 23.80 34.80
C ARG A 734 -35.62 23.32 35.05
N ALA A 735 -34.72 24.23 35.37
CA ALA A 735 -33.32 23.88 35.64
C ALA A 735 -32.93 24.38 37.03
N LEU A 736 -32.28 23.50 37.78
CA LEU A 736 -31.91 23.81 39.16
C LEU A 736 -30.49 23.30 39.40
N HIS A 737 -29.54 24.22 39.52
CA HIS A 737 -28.13 23.89 39.71
C HIS A 737 -27.76 24.15 41.16
N LEU A 738 -27.50 23.08 41.91
CA LEU A 738 -27.05 23.15 43.30
C LEU A 738 -25.77 22.33 43.40
N GLY A 739 -24.65 22.95 43.08
CA GLY A 739 -23.36 22.27 43.05
C GLY A 739 -22.34 22.94 43.95
N ASN A 740 -21.42 22.13 44.47
CA ASN A 740 -20.35 22.61 45.34
C ASN A 740 -20.91 23.36 46.55
N ASN A 741 -22.04 22.90 47.05
CA ASN A 741 -22.69 23.46 48.23
C ASN A 741 -22.66 22.44 49.35
N VAL A 742 -22.77 22.92 50.59
CA VAL A 742 -22.80 22.03 51.76
C VAL A 742 -24.27 21.68 51.98
N LEU A 743 -24.74 20.69 51.22
CA LEU A 743 -26.11 20.22 51.29
C LEU A 743 -26.09 18.83 51.92
N GLN A 744 -26.31 18.78 53.23
CA GLN A 744 -26.32 17.50 53.93
C GLN A 744 -27.55 16.68 53.57
N SER A 745 -28.69 17.33 53.36
CA SER A 745 -29.93 16.62 53.10
C SER A 745 -30.68 17.30 51.97
N LEU A 746 -31.48 16.50 51.26
CA LEU A 746 -32.36 16.98 50.22
C LEU A 746 -33.79 16.62 50.58
N PRO A 747 -34.73 17.58 50.53
CA PRO A 747 -36.11 17.27 50.91
C PRO A 747 -36.72 16.18 50.02
N SER A 748 -37.56 15.37 50.64
CA SER A 748 -38.19 14.26 49.93
C SER A 748 -39.26 14.71 48.94
N ARG A 749 -39.63 15.98 48.95
CA ARG A 749 -40.66 16.51 48.06
C ARG A 749 -40.11 17.02 46.73
N VAL A 750 -38.98 16.45 46.26
CA VAL A 750 -38.42 16.86 44.99
C VAL A 750 -39.36 16.52 43.84
N GLY A 751 -40.16 15.46 43.99
CA GLY A 751 -41.03 15.03 42.90
C GLY A 751 -42.15 15.99 42.57
N GLU A 752 -42.38 17.00 43.42
CA GLU A 752 -43.45 17.95 43.19
C GLU A 752 -43.27 18.73 41.90
N LEU A 753 -42.04 18.87 41.41
CA LEU A 753 -41.75 19.63 40.19
C LEU A 753 -41.77 18.67 39.00
N THR A 754 -42.74 18.86 38.11
CA THR A 754 -42.83 18.05 36.90
C THR A 754 -42.14 18.68 35.71
N ASN A 755 -41.90 19.99 35.74
CA ASN A 755 -41.23 20.69 34.65
C ASN A 755 -39.73 20.75 34.81
N LEU A 756 -39.19 20.23 35.92
CA LEU A 756 -37.75 20.23 36.14
C LEU A 756 -37.10 19.23 35.19
N THR A 757 -36.17 19.71 34.36
CA THR A 757 -35.51 18.88 33.37
C THR A 757 -34.08 18.52 33.75
N GLN A 758 -33.30 19.49 34.23
CA GLN A 758 -31.90 19.27 34.56
C GLN A 758 -31.66 19.73 35.99
N ILE A 759 -31.04 18.88 36.80
CA ILE A 759 -30.70 19.20 38.18
C ILE A 759 -29.31 18.66 38.47
N GLU A 760 -28.48 19.48 39.12
CA GLU A 760 -27.10 19.13 39.42
C GLU A 760 -26.87 19.18 40.92
N LEU A 761 -26.32 18.09 41.47
CA LEU A 761 -26.00 18.01 42.89
C LEU A 761 -24.59 17.49 43.13
N ARG A 762 -23.73 17.52 42.11
CA ARG A 762 -22.38 16.99 42.26
C ARG A 762 -21.56 17.85 43.22
N GLY A 763 -20.79 17.18 44.07
CA GLY A 763 -19.90 17.83 45.01
C GLY A 763 -20.50 18.13 46.37
N ASN A 764 -21.79 17.92 46.55
CA ASN A 764 -22.44 18.22 47.82
C ASN A 764 -22.14 17.15 48.87
N ARG A 765 -22.41 17.48 50.12
CA ARG A 765 -22.22 16.56 51.24
C ARG A 765 -23.48 15.73 51.49
N LEU A 766 -23.96 15.10 50.42
CA LEU A 766 -25.16 14.29 50.48
C LEU A 766 -24.83 12.85 50.84
N GLU A 767 -25.58 12.31 51.79
CA GLU A 767 -25.45 10.91 52.18
C GLU A 767 -26.61 10.05 51.70
N CYS A 768 -27.72 10.65 51.27
CA CYS A 768 -28.86 9.90 50.80
C CYS A 768 -29.64 10.76 49.81
N LEU A 769 -30.47 10.10 49.02
CA LEU A 769 -31.30 10.79 48.04
C LEU A 769 -32.77 10.48 48.27
N PRO A 770 -33.66 11.43 47.98
CA PRO A 770 -35.10 11.17 48.15
C PRO A 770 -35.57 10.03 47.28
N VAL A 771 -36.48 9.22 47.82
CA VAL A 771 -37.06 8.13 47.05
C VAL A 771 -38.15 8.63 46.10
N GLU A 772 -38.56 9.88 46.22
CA GLU A 772 -39.53 10.49 45.33
C GLU A 772 -38.88 11.18 44.14
N LEU A 773 -37.56 11.10 43.99
CA LEU A 773 -36.88 11.75 42.89
C LEU A 773 -37.32 11.19 41.54
N GLY A 774 -37.73 9.92 41.51
CA GLY A 774 -38.14 9.29 40.27
C GLY A 774 -39.48 9.77 39.74
N GLU A 775 -40.25 10.50 40.54
CA GLU A 775 -41.55 11.00 40.10
C GLU A 775 -41.40 12.27 39.29
N CYS A 776 -40.57 12.24 38.25
CA CYS A 776 -40.35 13.39 37.37
C CYS A 776 -40.68 12.96 35.95
N PRO A 777 -41.73 13.52 35.33
CA PRO A 777 -42.10 13.10 33.97
C PRO A 777 -41.01 13.31 32.94
N LEU A 778 -40.23 14.38 33.06
CA LEU A 778 -39.19 14.73 32.08
C LEU A 778 -37.86 14.86 32.81
N LEU A 779 -37.10 13.77 32.85
CA LEU A 779 -35.77 13.77 33.47
C LEU A 779 -34.99 12.59 32.93
N LYS A 780 -33.81 12.86 32.38
CA LYS A 780 -32.95 11.83 31.80
C LYS A 780 -31.69 11.69 32.65
N ARG A 781 -30.80 10.80 32.20
CA ARG A 781 -29.54 10.60 32.92
C ARG A 781 -28.70 11.86 32.92
N SER A 782 -28.63 12.55 31.78
CA SER A 782 -27.87 13.80 31.71
C SER A 782 -28.49 14.90 32.55
N GLY A 783 -29.80 14.84 32.80
CA GLY A 783 -30.45 15.84 33.63
C GLY A 783 -30.05 15.80 35.08
N LEU A 784 -29.49 14.70 35.54
CA LEU A 784 -29.01 14.55 36.92
C LEU A 784 -27.50 14.39 36.89
N VAL A 785 -26.80 15.28 37.58
CA VAL A 785 -25.34 15.27 37.63
C VAL A 785 -24.95 15.05 39.08
N VAL A 786 -24.73 13.79 39.45
CA VAL A 786 -24.32 13.42 40.80
C VAL A 786 -23.22 12.37 40.71
N GLU A 787 -22.43 12.29 41.78
CA GLU A 787 -21.41 11.26 41.88
C GLU A 787 -22.08 9.88 42.00
N GLU A 788 -21.41 8.86 41.47
CA GLU A 788 -22.04 7.55 41.35
C GLU A 788 -22.15 6.83 42.69
N ASP A 789 -21.32 7.20 43.67
CA ASP A 789 -21.35 6.49 44.95
C ASP A 789 -22.68 6.70 45.67
N LEU A 790 -23.17 7.94 45.68
CA LEU A 790 -24.46 8.24 46.30
C LEU A 790 -25.61 8.25 45.31
N PHE A 791 -25.34 8.01 44.03
CA PHE A 791 -26.41 7.90 43.05
C PHE A 791 -27.15 6.58 43.13
N SER A 792 -26.53 5.55 43.70
CA SER A 792 -27.12 4.22 43.77
C SER A 792 -27.90 3.97 45.05
N THR A 793 -27.89 4.91 46.00
CA THR A 793 -28.59 4.70 47.27
C THR A 793 -30.11 4.73 47.12
N LEU A 794 -30.63 5.33 46.06
CA LEU A 794 -32.06 5.35 45.81
C LEU A 794 -32.54 3.97 45.38
N PRO A 795 -33.83 3.68 45.50
CA PRO A 795 -34.34 2.36 45.14
C PRO A 795 -34.05 2.03 43.68
N PRO A 796 -33.80 0.76 43.37
CA PRO A 796 -33.44 0.40 41.98
C PRO A 796 -34.53 0.72 40.97
N GLU A 797 -35.80 0.76 41.38
CA GLU A 797 -36.88 0.97 40.43
C GLU A 797 -36.78 2.33 39.74
N VAL A 798 -36.54 3.39 40.51
CA VAL A 798 -36.46 4.72 39.90
C VAL A 798 -35.20 4.85 39.05
N LYS A 799 -34.10 4.23 39.47
CA LYS A 799 -32.88 4.25 38.66
C LYS A 799 -33.12 3.56 37.32
N GLU A 800 -33.79 2.42 37.34
CA GLU A 800 -34.08 1.69 36.11
C GLU A 800 -35.07 2.46 35.24
N ARG A 801 -36.02 3.17 35.85
CA ARG A 801 -36.91 4.02 35.07
C ARG A 801 -36.15 5.17 34.42
N LEU A 802 -35.19 5.76 35.14
CA LEU A 802 -34.37 6.82 34.57
C LEU A 802 -33.57 6.29 33.39
N TRP A 803 -32.99 5.09 33.53
CA TRP A 803 -32.30 4.47 32.41
C TRP A 803 -33.24 4.17 31.24
N ARG A 804 -34.48 3.78 31.53
CA ARG A 804 -35.46 3.53 30.48
C ARG A 804 -35.78 4.82 29.73
N ALA A 805 -35.80 5.95 30.43
CA ALA A 805 -36.05 7.23 29.79
C ALA A 805 -34.90 7.67 28.89
N ASP A 806 -33.74 7.00 28.98
CA ASP A 806 -32.56 7.38 28.22
C ASP A 806 -32.46 6.68 26.87
N LYS A 807 -33.43 5.84 26.52
CA LYS A 807 -33.34 5.08 25.27
C LYS A 807 -33.33 6.01 24.05
N GLU A 808 -34.19 7.02 24.05
CA GLU A 808 -34.24 7.99 22.95
C GLU A 808 -34.99 9.24 23.36
N PRO B 15 32.13 7.88 -0.79
CA PRO B 15 32.87 8.83 -1.64
C PRO B 15 32.86 10.25 -1.08
N ALA B 16 32.53 10.39 0.20
CA ALA B 16 32.43 11.69 0.84
C ALA B 16 33.73 12.03 1.57
N TYR B 17 34.77 12.26 0.77
CA TYR B 17 36.06 12.70 1.29
C TYR B 17 36.42 14.13 0.86
N ARG B 18 35.76 14.65 -0.18
CA ARG B 18 36.11 15.97 -0.70
C ARG B 18 35.73 17.09 0.26
N ILE B 19 34.80 16.85 1.18
CA ILE B 19 34.40 17.89 2.12
C ILE B 19 35.54 18.24 3.06
N LEU B 20 36.42 17.29 3.36
CA LEU B 20 37.55 17.52 4.25
C LEU B 20 38.76 18.09 3.52
N LYS B 21 38.67 18.30 2.21
CA LYS B 21 39.77 18.87 1.44
C LYS B 21 39.44 20.32 1.10
N PRO B 22 40.07 21.30 1.75
CA PRO B 22 39.82 22.70 1.39
C PRO B 22 40.38 23.05 0.02
N TRP B 23 40.27 24.32 -0.38
CA TRP B 23 40.76 24.72 -1.68
C TRP B 23 42.26 24.54 -1.80
N TRP B 24 43.00 24.80 -0.72
CA TRP B 24 44.45 24.68 -0.79
C TRP B 24 44.90 23.24 -0.97
N ASP B 25 44.18 22.27 -0.38
CA ASP B 25 44.53 20.88 -0.59
C ASP B 25 44.30 20.46 -2.04
N VAL B 26 43.21 20.92 -2.64
CA VAL B 26 42.95 20.61 -4.05
C VAL B 26 44.02 21.26 -4.93
N PHE B 27 44.40 22.50 -4.63
CA PHE B 27 45.44 23.16 -5.40
C PHE B 27 46.76 22.42 -5.28
N THR B 28 47.11 21.98 -4.07
CA THR B 28 48.36 21.23 -3.90
C THR B 28 48.30 19.88 -4.61
N ASP B 29 47.11 19.25 -4.64
CA ASP B 29 46.98 18.00 -5.38
C ASP B 29 47.21 18.22 -6.88
N TYR B 30 46.64 19.29 -7.43
CA TYR B 30 46.84 19.56 -8.85
C TYR B 30 48.29 19.95 -9.15
N ILE B 31 48.91 20.73 -8.26
CA ILE B 31 50.32 21.07 -8.44
C ILE B 31 51.18 19.82 -8.36
N SER B 32 50.84 18.89 -7.47
CA SER B 32 51.57 17.63 -7.39
C SER B 32 51.39 16.82 -8.66
N ILE B 33 50.19 16.85 -9.25
CA ILE B 33 49.98 16.15 -10.51
C ILE B 33 50.85 16.75 -11.61
N VAL B 34 50.92 18.08 -11.68
CA VAL B 34 51.74 18.72 -12.70
C VAL B 34 53.22 18.42 -12.47
N MET B 35 53.66 18.45 -11.22
CA MET B 35 55.05 18.12 -10.91
C MET B 35 55.36 16.68 -11.26
N LEU B 36 54.41 15.77 -11.03
CA LEU B 36 54.60 14.38 -11.43
C LEU B 36 54.69 14.25 -12.94
N MET B 37 53.88 15.02 -13.66
CA MET B 37 53.94 14.98 -15.13
C MET B 37 55.29 15.46 -15.64
N ILE B 38 55.80 16.55 -15.07
CA ILE B 38 57.11 17.03 -15.54
C ILE B 38 58.22 16.09 -15.07
N ALA B 39 58.02 15.41 -13.93
CA ALA B 39 58.97 14.40 -13.51
C ALA B 39 59.02 13.24 -14.50
N VAL B 40 57.85 12.79 -14.96
CA VAL B 40 57.79 11.71 -15.94
C VAL B 40 58.41 12.15 -17.26
N PHE B 41 58.13 13.38 -17.68
CA PHE B 41 58.70 13.88 -18.93
C PHE B 41 60.23 13.95 -18.85
N GLY B 42 60.75 14.55 -17.79
CA GLY B 42 62.20 14.60 -17.63
C GLY B 42 62.82 13.23 -17.47
N GLY B 43 62.12 12.32 -16.78
CA GLY B 43 62.65 10.99 -16.58
C GLY B 43 62.75 10.20 -17.87
N THR B 44 61.71 10.26 -18.71
CA THR B 44 61.76 9.55 -19.97
C THR B 44 62.76 10.19 -20.92
N LEU B 45 62.93 11.52 -20.84
CA LEU B 45 63.97 12.16 -21.64
C LEU B 45 65.37 11.73 -21.20
N GLN B 46 65.60 11.67 -19.89
CA GLN B 46 66.92 11.30 -19.38
C GLN B 46 67.20 9.82 -19.61
N VAL B 47 66.18 8.97 -19.59
CA VAL B 47 66.38 7.56 -19.87
C VAL B 47 66.64 7.35 -21.36
N THR B 48 65.81 7.95 -22.22
CA THR B 48 65.91 7.69 -23.64
C THR B 48 67.11 8.41 -24.26
N GLN B 49 67.35 9.66 -23.88
CA GLN B 49 68.37 10.48 -24.51
C GLN B 49 69.07 11.34 -23.45
N ASP B 50 70.16 10.83 -22.91
CA ASP B 50 70.97 11.57 -21.94
C ASP B 50 72.43 11.65 -22.36
N LYS B 51 72.71 11.51 -23.65
CA LYS B 51 74.09 11.46 -24.12
C LYS B 51 74.80 12.78 -23.88
N MET B 52 76.10 12.68 -23.63
CA MET B 52 77.01 13.80 -23.73
C MET B 52 77.90 13.59 -24.94
N ILE B 53 78.15 14.66 -25.68
CA ILE B 53 78.97 14.61 -26.87
C ILE B 53 80.27 15.33 -26.55
N CYS B 54 81.35 14.57 -26.42
CA CYS B 54 82.62 15.07 -25.92
C CYS B 54 83.68 14.98 -27.00
N LEU B 55 84.35 16.09 -27.27
CA LEU B 55 85.50 16.13 -28.15
C LEU B 55 86.75 16.46 -27.35
N PRO B 56 87.86 15.75 -27.57
CA PRO B 56 89.07 16.03 -26.80
C PRO B 56 89.69 17.37 -27.18
N CYS B 57 90.43 17.92 -26.22
CA CYS B 57 91.17 19.16 -26.42
C CYS B 57 92.64 18.82 -26.67
N LYS B 58 93.15 19.25 -27.82
CA LYS B 58 94.54 18.99 -28.16
C LYS B 58 95.49 19.94 -27.44
N TRP B 59 95.12 21.22 -27.37
CA TRP B 59 95.90 22.23 -26.67
C TRP B 59 95.15 22.60 -25.40
N VAL B 60 95.71 22.23 -24.25
CA VAL B 60 95.04 22.36 -22.97
C VAL B 60 95.78 23.36 -22.11
N THR B 61 95.05 24.33 -21.56
CA THR B 61 95.57 25.27 -20.58
C THR B 61 94.60 25.37 -19.42
N LYS B 62 95.09 25.14 -18.20
CA LYS B 62 94.27 25.19 -16.99
C LYS B 62 93.09 24.22 -17.07
N ASP B 63 93.36 23.00 -17.52
CA ASP B 63 92.37 21.93 -17.61
C ASP B 63 91.16 22.35 -18.44
N SER B 64 91.43 22.99 -19.58
CA SER B 64 90.38 23.38 -20.50
C SER B 64 90.98 23.58 -21.88
N CYS B 65 90.10 23.59 -22.89
CA CYS B 65 90.53 23.89 -24.25
C CYS B 65 91.13 25.28 -24.31
N ASN B 66 92.29 25.39 -24.96
CA ASN B 66 92.97 26.68 -25.08
C ASN B 66 92.39 27.53 -26.21
N ASP B 67 91.62 26.94 -27.12
CA ASP B 67 91.00 27.66 -28.24
C ASP B 67 92.03 28.42 -29.06
N SER B 68 93.13 27.75 -29.38
CA SER B 68 94.17 28.34 -30.22
C SER B 68 94.77 27.29 -31.15
N THR B 92 96.12 26.20 -47.50
CA THR B 92 94.99 26.60 -48.34
C THR B 92 93.76 26.89 -47.49
N GLY B 93 92.68 26.16 -47.73
CA GLY B 93 91.46 26.32 -46.98
C GLY B 93 91.48 25.55 -45.69
N PRO B 94 90.45 25.77 -44.87
CA PRO B 94 90.37 25.05 -43.60
C PRO B 94 90.15 23.56 -43.80
N THR B 95 90.63 22.78 -42.84
CA THR B 95 90.47 21.34 -42.89
C THR B 95 90.16 20.83 -41.49
N GLY B 96 89.46 19.71 -41.43
CA GLY B 96 89.15 19.12 -40.14
C GLY B 96 90.39 18.59 -39.45
N ILE B 97 90.34 18.60 -38.12
CA ILE B 97 91.44 18.11 -37.30
C ILE B 97 91.14 16.68 -36.91
N LYS B 98 92.13 15.80 -37.07
CA LYS B 98 91.96 14.38 -36.81
C LYS B 98 92.45 14.05 -35.41
N TYR B 99 91.62 13.35 -34.64
CA TYR B 99 91.98 12.92 -33.30
C TYR B 99 92.48 11.48 -33.25
N ASP B 100 92.25 10.70 -34.31
CA ASP B 100 92.62 9.29 -34.35
C ASP B 100 91.95 8.51 -33.23
N LEU B 101 90.64 8.69 -33.10
CA LEU B 101 89.85 7.99 -32.10
C LEU B 101 88.74 7.21 -32.78
N ASP B 102 88.58 5.95 -32.39
CA ASP B 102 87.48 5.14 -32.90
C ASP B 102 86.16 5.64 -32.35
N ARG B 103 85.07 5.10 -32.87
CA ARG B 103 83.75 5.45 -32.35
C ARG B 103 83.57 4.96 -30.92
N HIS B 104 84.13 3.81 -30.60
CA HIS B 104 83.98 3.28 -29.24
C HIS B 104 84.83 4.03 -28.22
N GLN B 105 85.98 4.57 -28.62
CA GLN B 105 86.72 5.44 -27.71
C GLN B 105 85.92 6.70 -27.41
N TYR B 106 85.25 7.25 -28.42
CA TYR B 106 84.35 8.38 -28.18
C TYR B 106 83.21 7.99 -27.26
N ASN B 107 82.63 6.82 -27.47
CA ASN B 107 81.54 6.37 -26.58
C ASN B 107 82.02 6.22 -25.15
N TYR B 108 83.20 5.65 -24.96
CA TYR B 108 83.76 5.49 -23.62
C TYR B 108 84.04 6.84 -22.98
N VAL B 109 84.59 7.79 -23.74
CA VAL B 109 84.82 9.13 -23.20
C VAL B 109 83.52 9.78 -22.80
N ASP B 110 82.49 9.64 -23.64
CA ASP B 110 81.18 10.20 -23.32
C ASP B 110 80.63 9.58 -22.04
N ALA B 111 80.74 8.26 -21.90
CA ALA B 111 80.23 7.60 -20.71
C ALA B 111 80.98 8.06 -19.46
N VAL B 112 82.31 8.17 -19.56
CA VAL B 112 83.09 8.55 -18.38
C VAL B 112 82.86 10.00 -17.99
N CYS B 113 82.74 10.89 -18.97
CA CYS B 113 82.50 12.29 -18.66
C CYS B 113 81.05 12.55 -18.27
N TYR B 114 80.14 11.66 -18.65
CA TYR B 114 78.78 11.73 -18.11
C TYR B 114 78.73 11.24 -16.68
N GLU B 115 79.49 10.19 -16.37
CA GLU B 115 79.50 9.64 -15.01
C GLU B 115 80.18 10.58 -14.03
N ASN B 116 81.36 11.09 -14.39
CA ASN B 116 82.22 11.76 -13.42
C ASN B 116 82.06 13.27 -13.42
N ARG B 117 82.03 13.90 -14.59
CA ARG B 117 82.14 15.35 -14.69
C ARG B 117 80.85 16.01 -15.17
N LEU B 118 79.73 15.33 -15.08
CA LEU B 118 78.42 15.95 -15.27
C LEU B 118 77.77 16.09 -13.91
N HIS B 119 77.29 17.29 -13.61
CA HIS B 119 76.76 17.58 -12.28
C HIS B 119 75.61 16.63 -11.95
N TRP B 120 75.61 16.13 -10.72
CA TRP B 120 74.59 15.15 -10.32
C TRP B 120 73.19 15.73 -10.45
N PHE B 121 73.03 17.04 -10.30
CA PHE B 121 71.72 17.64 -10.43
C PHE B 121 71.18 17.49 -11.84
N ALA B 122 72.01 17.73 -12.84
CA ALA B 122 71.56 17.57 -14.22
C ALA B 122 71.22 16.12 -14.54
N LYS B 123 71.91 15.18 -13.91
CA LYS B 123 71.65 13.77 -14.16
C LYS B 123 70.38 13.28 -13.46
N TYR B 124 70.12 13.77 -12.25
CA TYR B 124 69.09 13.21 -11.39
C TYR B 124 67.97 14.19 -11.07
N PHE B 125 67.82 15.26 -11.85
CA PHE B 125 66.72 16.19 -11.62
C PHE B 125 65.35 15.52 -11.69
N PRO B 126 65.00 14.76 -12.74
CA PRO B 126 63.66 14.15 -12.76
C PRO B 126 63.42 13.18 -11.62
N TYR B 127 64.45 12.43 -11.20
CA TYR B 127 64.26 11.48 -10.11
C TYR B 127 64.07 12.20 -8.78
N LEU B 128 64.80 13.28 -8.56
CA LEU B 128 64.59 14.09 -7.35
C LEU B 128 63.21 14.72 -7.36
N VAL B 129 62.76 15.18 -8.53
CA VAL B 129 61.41 15.74 -8.62
C VAL B 129 60.37 14.68 -8.28
N LEU B 130 60.54 13.47 -8.81
CA LEU B 130 59.61 12.38 -8.50
C LEU B 130 59.59 12.07 -7.01
N LEU B 131 60.78 11.98 -6.39
CA LEU B 131 60.85 11.67 -4.97
C LEU B 131 60.19 12.77 -4.14
N HIS B 132 60.49 14.03 -4.45
CA HIS B 132 59.93 15.14 -3.69
C HIS B 132 58.42 15.20 -3.85
N THR B 133 57.91 14.97 -5.06
CA THR B 133 56.46 14.99 -5.26
C THR B 133 55.78 13.84 -4.53
N LEU B 134 56.42 12.66 -4.54
CA LEU B 134 55.84 11.54 -3.79
C LEU B 134 55.82 11.84 -2.29
N ILE B 135 56.86 12.48 -1.77
CA ILE B 135 56.87 12.85 -0.36
C ILE B 135 55.79 13.90 -0.07
N PHE B 136 55.59 14.84 -0.99
CA PHE B 136 54.52 15.83 -0.82
C PHE B 136 53.16 15.15 -0.77
N LEU B 137 52.91 14.21 -1.67
CA LEU B 137 51.63 13.51 -1.67
C LEU B 137 51.47 12.67 -0.41
N ALA B 138 52.55 12.02 0.04
CA ALA B 138 52.47 11.24 1.28
C ALA B 138 52.15 12.12 2.47
N CYS B 139 52.80 13.28 2.57
CA CYS B 139 52.50 14.19 3.67
C CYS B 139 51.10 14.77 3.55
N SER B 140 50.57 14.88 2.33
CA SER B 140 49.22 15.42 2.16
C SER B 140 48.16 14.40 2.54
N ASN B 141 48.38 13.12 2.26
CA ASN B 141 47.37 12.09 2.47
C ASN B 141 47.67 11.18 3.66
N PHE B 142 48.70 11.50 4.45
CA PHE B 142 49.03 10.66 5.59
C PHE B 142 47.89 10.59 6.60
N TRP B 143 47.27 11.73 6.91
CA TRP B 143 46.17 11.72 7.87
C TRP B 143 44.96 10.97 7.35
N PHE B 144 44.72 10.99 6.04
CA PHE B 144 43.67 10.17 5.46
C PHE B 144 44.02 8.68 5.60
N LYS B 145 45.28 8.33 5.41
CA LYS B 145 45.68 6.92 5.43
C LYS B 145 46.07 6.43 6.82
N PHE B 146 46.36 7.31 7.76
CA PHE B 146 46.71 6.88 9.10
C PHE B 146 45.45 6.40 9.81
N PRO B 147 45.38 5.13 10.23
CA PRO B 147 44.11 4.61 10.78
C PRO B 147 43.65 5.35 12.03
N ARG B 148 44.58 5.81 12.85
CA ARG B 148 44.20 6.49 14.09
C ARG B 148 43.38 7.74 13.81
N THR B 149 43.76 8.50 12.78
CA THR B 149 43.00 9.67 12.39
C THR B 149 41.99 9.37 11.29
N SER B 150 42.21 8.32 10.50
CA SER B 150 41.23 7.94 9.49
C SER B 150 39.92 7.51 10.14
N SER B 151 39.99 6.79 11.25
CA SER B 151 38.78 6.36 11.95
C SER B 151 38.00 7.57 12.44
N LYS B 152 38.68 8.54 13.04
CA LYS B 152 38.00 9.74 13.52
C LYS B 152 37.41 10.52 12.36
N LEU B 153 38.13 10.64 11.26
CA LEU B 153 37.63 11.37 10.10
C LEU B 153 36.38 10.71 9.52
N GLU B 154 36.40 9.38 9.39
CA GLU B 154 35.24 8.70 8.83
C GLU B 154 34.05 8.76 9.78
N HIS B 155 34.30 8.66 11.09
CA HIS B 155 33.23 8.82 12.06
C HIS B 155 32.61 10.22 11.98
N PHE B 156 33.45 11.24 11.90
CA PHE B 156 32.97 12.61 11.79
C PHE B 156 32.17 12.81 10.50
N VAL B 157 32.66 12.27 9.39
CA VAL B 157 31.95 12.43 8.12
C VAL B 157 30.61 11.72 8.17
N SER B 158 30.56 10.52 8.76
CA SER B 158 29.30 9.80 8.87
C SER B 158 28.30 10.57 9.73
N ILE B 159 28.74 11.08 10.88
CA ILE B 159 27.84 11.85 11.73
C ILE B 159 27.38 13.12 11.03
N LEU B 160 28.29 13.80 10.35
CA LEU B 160 27.94 15.04 9.66
C LEU B 160 26.94 14.79 8.54
N LEU B 161 27.11 13.69 7.80
CA LEU B 161 26.17 13.39 6.73
C LEU B 161 24.82 12.92 7.28
N LYS B 162 24.82 12.22 8.41
CA LYS B 162 23.55 11.89 9.05
C LYS B 162 22.82 13.14 9.49
N CYS B 163 23.54 14.10 10.09
CA CYS B 163 22.90 15.34 10.50
C CYS B 163 22.50 16.20 9.30
N PHE B 164 23.19 16.05 8.17
CA PHE B 164 22.86 16.86 7.01
C PHE B 164 21.58 16.39 6.33
N ASP B 165 21.38 15.08 6.24
CA ASP B 165 20.19 14.51 5.61
C ASP B 165 19.12 14.13 6.63
N SER B 166 19.07 14.84 7.76
CA SER B 166 18.05 14.60 8.77
C SER B 166 16.87 15.53 8.52
N PRO B 167 15.66 15.00 8.30
CA PRO B 167 14.51 15.91 8.10
C PRO B 167 14.23 16.79 9.30
N TRP B 168 14.61 16.36 10.50
CA TRP B 168 14.41 17.20 11.67
C TRP B 168 15.25 18.48 11.58
N THR B 169 16.40 18.41 10.91
CA THR B 169 17.17 19.63 10.67
C THR B 169 16.41 20.60 9.78
N THR B 170 15.77 20.08 8.73
CA THR B 170 14.96 20.92 7.87
C THR B 170 13.82 21.57 8.66
N ARG B 171 13.15 20.78 9.50
CA ARG B 171 12.07 21.34 10.31
C ARG B 171 12.59 22.39 11.29
N ALA B 172 13.74 22.14 11.91
CA ALA B 172 14.30 23.10 12.87
C ALA B 172 14.70 24.40 12.18
N LEU B 173 15.27 24.31 10.99
CA LEU B 173 15.66 25.52 10.28
C LEU B 173 14.46 26.25 9.70
N SER B 174 13.38 25.52 9.40
CA SER B 174 12.15 26.14 8.90
C SER B 174 11.21 26.56 10.02
N GLU B 175 11.56 26.30 11.28
CA GLU B 175 10.72 26.76 12.40
C GLU B 175 10.59 28.28 12.41
N THR B 176 11.69 28.98 12.14
CA THR B 176 11.73 30.44 12.10
C THR B 176 11.27 31.06 13.43
N GLY B 230 0.38 19.27 9.88
CA GLY B 230 1.55 19.62 10.66
C GLY B 230 1.88 18.62 11.75
N VAL B 231 2.15 17.38 11.33
CA VAL B 231 2.46 16.30 12.26
C VAL B 231 3.66 15.53 11.72
N LEU B 232 4.38 14.87 12.62
CA LEU B 232 5.57 14.11 12.27
C LEU B 232 5.32 12.61 12.41
N ASP B 233 6.15 11.84 11.72
CA ASP B 233 6.06 10.39 11.77
C ASP B 233 6.63 9.87 13.09
N LYS B 234 6.13 8.71 13.51
CA LYS B 234 6.60 8.09 14.74
C LYS B 234 8.06 7.70 14.64
N LYS B 235 8.47 7.12 13.51
CA LYS B 235 9.84 6.64 13.35
C LYS B 235 10.82 7.78 13.18
N GLU B 236 10.41 8.90 12.57
CA GLU B 236 11.32 10.01 12.36
C GLU B 236 11.78 10.61 13.68
N GLY B 237 10.87 10.75 14.65
CA GLY B 237 11.25 11.27 15.95
C GLY B 237 12.23 10.37 16.68
N GLU B 238 11.99 9.06 16.63
CA GLU B 238 12.91 8.11 17.24
C GLU B 238 14.28 8.16 16.57
N GLN B 239 14.30 8.26 15.25
CA GLN B 239 15.57 8.38 14.53
C GLN B 239 16.30 9.66 14.91
N ALA B 240 15.56 10.76 15.08
CA ALA B 240 16.19 12.02 15.47
C ALA B 240 16.75 11.93 16.89
N LYS B 241 16.03 11.26 17.80
CA LYS B 241 16.56 11.07 19.15
C LYS B 241 17.81 10.20 19.13
N ALA B 242 17.81 9.14 18.33
CA ALA B 242 18.99 8.30 18.19
C ALA B 242 20.15 9.09 17.60
N LEU B 243 19.86 9.99 16.66
CA LEU B 243 20.89 10.85 16.10
C LEU B 243 21.47 11.81 17.12
N PHE B 244 20.61 12.38 17.97
CA PHE B 244 21.10 13.25 19.05
C PHE B 244 22.02 12.47 19.99
N GLU B 245 21.62 11.25 20.35
CA GLU B 245 22.47 10.44 21.21
C GLU B 245 23.78 10.08 20.53
N LYS B 246 23.72 9.76 19.24
CA LYS B 246 24.93 9.45 18.48
C LYS B 246 25.86 10.65 18.43
N VAL B 247 25.31 11.85 18.23
CA VAL B 247 26.13 13.06 18.22
C VAL B 247 26.76 13.29 19.57
N LYS B 248 26.02 13.08 20.66
CA LYS B 248 26.59 13.26 21.99
C LYS B 248 27.72 12.27 22.24
N LYS B 249 27.52 11.00 21.88
CA LYS B 249 28.57 10.00 22.08
C LYS B 249 29.80 10.29 21.23
N PHE B 250 29.59 10.66 19.97
CA PHE B 250 30.72 10.99 19.11
C PHE B 250 31.46 12.23 19.61
N ARG B 251 30.73 13.22 20.10
CA ARG B 251 31.36 14.42 20.64
C ARG B 251 32.19 14.12 21.87
N THR B 252 31.65 13.29 22.79
CA THR B 252 32.43 12.97 23.98
C THR B 252 33.57 12.01 23.68
N HIS B 253 33.50 11.26 22.58
CA HIS B 253 34.59 10.37 22.20
C HIS B 253 35.71 11.14 21.48
N VAL B 254 35.35 12.14 20.71
CA VAL B 254 36.32 12.79 19.82
C VAL B 254 36.98 14.02 20.44
N GLU B 255 36.21 14.84 21.17
CA GLU B 255 36.73 16.12 21.65
C GLU B 255 37.94 15.98 22.57
N GLU B 256 38.16 14.82 23.19
CA GLU B 256 39.27 14.65 24.10
C GLU B 256 40.53 14.09 23.44
N GLY B 257 40.49 13.85 22.13
CA GLY B 257 41.62 13.21 21.48
C GLY B 257 42.74 14.18 21.13
N ASP B 258 42.44 15.17 20.30
CA ASP B 258 43.41 16.13 19.79
C ASP B 258 44.56 15.43 19.06
N ILE B 259 44.18 14.64 18.06
CA ILE B 259 45.14 13.93 17.21
C ILE B 259 45.06 14.38 15.76
N VAL B 260 43.85 14.64 15.24
CA VAL B 260 43.71 15.10 13.88
C VAL B 260 44.37 16.47 13.72
N TYR B 261 44.15 17.37 14.68
CA TYR B 261 44.74 18.70 14.60
C TYR B 261 46.26 18.64 14.68
N ARG B 262 46.79 17.86 15.62
CA ARG B 262 48.23 17.76 15.78
C ARG B 262 48.87 17.14 14.54
N LEU B 263 48.26 16.09 14.00
CA LEU B 263 48.82 15.45 12.81
C LEU B 263 48.77 16.40 11.61
N TYR B 264 47.68 17.16 11.47
CA TYR B 264 47.58 18.11 10.37
C TYR B 264 48.62 19.21 10.50
N MET B 265 48.83 19.73 11.72
CA MET B 265 49.87 20.72 11.94
C MET B 265 51.24 20.15 11.58
N ARG B 266 51.52 18.92 12.02
CA ARG B 266 52.81 18.32 11.75
C ARG B 266 53.04 18.12 10.26
N GLN B 267 52.02 17.65 9.53
CA GLN B 267 52.22 17.41 8.11
C GLN B 267 52.33 18.72 7.33
N THR B 268 51.60 19.76 7.73
CA THR B 268 51.75 21.05 7.08
C THR B 268 53.12 21.64 7.36
N ILE B 269 53.62 21.49 8.58
CA ILE B 269 54.97 21.99 8.90
C ILE B 269 56.02 21.22 8.11
N ILE B 270 55.83 19.91 7.96
CA ILE B 270 56.74 19.12 7.14
C ILE B 270 56.72 19.61 5.70
N LYS B 271 55.53 19.87 5.15
CA LYS B 271 55.45 20.42 3.81
C LYS B 271 56.20 21.74 3.70
N VAL B 272 56.03 22.62 4.67
CA VAL B 272 56.66 23.94 4.61
C VAL B 272 58.18 23.82 4.67
N ILE B 273 58.69 23.03 5.60
CA ILE B 273 60.14 22.93 5.75
C ILE B 273 60.74 22.22 4.55
N LYS B 274 60.04 21.21 4.01
CA LYS B 274 60.53 20.55 2.81
C LYS B 274 60.54 21.49 1.62
N PHE B 275 59.50 22.34 1.49
CA PHE B 275 59.50 23.34 0.43
C PHE B 275 60.67 24.30 0.58
N ALA B 276 60.95 24.73 1.80
CA ALA B 276 62.08 25.64 2.01
C ALA B 276 63.39 24.98 1.61
N LEU B 277 63.64 23.76 2.09
CA LEU B 277 64.90 23.08 1.77
C LEU B 277 65.01 22.80 0.28
N ILE B 278 63.93 22.34 -0.34
CA ILE B 278 63.99 22.00 -1.76
C ILE B 278 64.20 23.25 -2.60
N ILE B 279 63.55 24.36 -2.24
CA ILE B 279 63.74 25.59 -3.02
C ILE B 279 65.17 26.09 -2.86
N CYS B 280 65.72 26.00 -1.64
CA CYS B 280 67.09 26.44 -1.43
C CYS B 280 68.07 25.65 -2.28
N TYR B 281 68.02 24.31 -2.17
CA TYR B 281 69.01 23.51 -2.88
C TYR B 281 68.79 23.52 -4.39
N THR B 282 67.54 23.53 -4.84
CA THR B 282 67.27 23.56 -6.28
C THR B 282 67.71 24.88 -6.88
N VAL B 283 67.44 26.01 -6.22
CA VAL B 283 67.89 27.30 -6.75
C VAL B 283 69.41 27.37 -6.72
N TYR B 284 70.04 26.78 -5.71
CA TYR B 284 71.50 26.82 -5.65
C TYR B 284 72.15 25.97 -6.75
N TYR B 285 71.54 24.83 -7.09
CA TYR B 285 72.16 23.89 -8.03
C TYR B 285 71.60 23.98 -9.44
N VAL B 286 70.60 24.82 -9.71
CA VAL B 286 70.07 24.93 -11.06
C VAL B 286 71.07 25.55 -12.02
N HIS B 287 72.01 26.36 -11.53
CA HIS B 287 72.98 27.01 -12.40
C HIS B 287 74.08 26.07 -12.86
N ASN B 288 74.11 24.83 -12.35
CA ASN B 288 75.08 23.83 -12.75
C ASN B 288 74.65 23.03 -13.96
N ILE B 289 73.45 23.28 -14.49
CA ILE B 289 72.96 22.59 -15.69
C ILE B 289 73.41 23.45 -16.87
N LYS B 290 74.60 23.14 -17.39
CA LYS B 290 75.19 23.87 -18.49
C LYS B 290 75.26 23.00 -19.73
N PHE B 291 75.11 23.64 -20.90
CA PHE B 291 75.14 22.89 -22.15
C PHE B 291 76.51 22.28 -22.40
N ASP B 292 77.57 23.03 -22.14
CA ASP B 292 78.93 22.59 -22.41
C ASP B 292 79.72 22.49 -21.11
N VAL B 293 80.33 21.33 -20.88
CA VAL B 293 81.12 21.08 -19.69
C VAL B 293 82.52 20.67 -20.11
N ASP B 294 83.47 20.84 -19.21
CA ASP B 294 84.86 20.43 -19.42
C ASP B 294 85.17 19.30 -18.47
N CYS B 295 85.62 18.17 -19.01
CA CYS B 295 85.95 17.00 -18.20
C CYS B 295 87.42 16.65 -18.39
N THR B 296 88.13 16.52 -17.29
CA THR B 296 89.49 15.99 -17.25
C THR B 296 89.41 14.72 -16.40
N VAL B 297 89.07 13.60 -17.06
CA VAL B 297 88.68 12.38 -16.36
C VAL B 297 89.83 11.41 -16.17
N ASP B 298 91.05 11.77 -16.59
CA ASP B 298 92.24 10.95 -16.35
C ASP B 298 92.11 9.57 -16.99
N ILE B 299 91.88 9.57 -18.30
CA ILE B 299 91.94 8.36 -19.12
C ILE B 299 92.86 8.67 -20.29
N GLU B 300 94.15 8.38 -20.12
CA GLU B 300 95.14 8.58 -21.18
C GLU B 300 95.67 7.27 -21.74
N SER B 301 95.78 6.23 -20.92
CA SER B 301 96.18 4.92 -21.43
C SER B 301 95.11 4.30 -22.30
N LEU B 302 93.90 4.86 -22.31
CA LEU B 302 92.78 4.34 -23.09
C LEU B 302 92.49 5.13 -24.34
N THR B 303 92.49 6.46 -24.26
CA THR B 303 92.20 7.31 -25.39
C THR B 303 93.35 8.22 -25.81
N GLY B 304 94.31 8.48 -24.93
CA GLY B 304 95.45 9.31 -25.26
C GLY B 304 95.28 10.78 -24.98
N TYR B 305 94.10 11.22 -24.56
CA TYR B 305 93.84 12.62 -24.29
C TYR B 305 93.55 12.85 -22.81
N ARG B 306 94.00 14.00 -22.33
CA ARG B 306 93.89 14.35 -20.91
C ARG B 306 92.55 14.99 -20.59
N THR B 307 92.14 16.01 -21.35
CA THR B 307 90.92 16.75 -21.10
C THR B 307 90.03 16.72 -22.33
N TYR B 308 88.73 16.89 -22.12
CA TYR B 308 87.74 16.84 -23.19
C TYR B 308 86.77 18.00 -23.04
N ARG B 309 86.28 18.49 -24.17
CA ARG B 309 85.26 19.53 -24.21
C ARG B 309 83.94 18.86 -24.57
N CYS B 310 82.99 18.87 -23.64
CA CYS B 310 81.78 18.08 -23.79
C CYS B 310 80.63 19.01 -24.17
N ALA B 311 79.54 18.41 -24.62
CA ALA B 311 78.30 19.11 -24.90
C ALA B 311 77.13 18.27 -24.41
N HIS B 312 76.27 18.88 -23.61
CA HIS B 312 75.09 18.25 -23.06
C HIS B 312 73.88 18.85 -23.76
N PRO B 313 73.44 18.29 -24.89
CA PRO B 313 72.38 18.93 -25.67
C PRO B 313 71.06 19.03 -24.95
N LEU B 314 70.82 18.22 -23.92
CA LEU B 314 69.59 18.24 -23.15
C LEU B 314 69.63 19.25 -22.01
N ALA B 315 70.73 19.99 -21.85
CA ALA B 315 70.89 20.84 -20.68
C ALA B 315 69.92 22.03 -20.70
N THR B 316 69.59 22.56 -21.88
CA THR B 316 68.66 23.69 -21.92
C THR B 316 67.24 23.25 -21.62
N LEU B 317 66.84 22.08 -22.12
CA LEU B 317 65.51 21.56 -21.80
C LEU B 317 65.40 21.24 -20.31
N PHE B 318 66.43 20.62 -19.73
CA PHE B 318 66.42 20.39 -18.30
C PHE B 318 66.47 21.68 -17.52
N LYS B 319 67.12 22.72 -18.07
CA LYS B 319 67.14 24.01 -17.39
C LYS B 319 65.76 24.62 -17.31
N ILE B 320 65.02 24.60 -18.43
CA ILE B 320 63.68 25.17 -18.38
C ILE B 320 62.75 24.29 -17.55
N LEU B 321 62.96 22.97 -17.56
CA LEU B 321 62.18 22.10 -16.67
C LEU B 321 62.45 22.41 -15.21
N ALA B 322 63.72 22.66 -14.87
CA ALA B 322 64.05 23.02 -13.49
C ALA B 322 63.46 24.36 -13.09
N SER B 323 63.47 25.33 -14.02
CA SER B 323 62.83 26.61 -13.72
C SER B 323 61.33 26.44 -13.50
N PHE B 324 60.68 25.65 -14.34
CA PHE B 324 59.25 25.40 -14.19
C PHE B 324 58.96 24.69 -12.87
N TYR B 325 59.80 23.72 -12.50
CA TYR B 325 59.61 23.02 -11.23
C TYR B 325 59.85 23.95 -10.05
N ILE B 326 60.81 24.87 -10.17
CA ILE B 326 61.03 25.85 -9.12
C ILE B 326 59.81 26.73 -8.95
N SER B 327 59.21 27.17 -10.06
CA SER B 327 58.01 27.97 -9.97
C SER B 327 56.86 27.19 -9.33
N LEU B 328 56.71 25.92 -9.70
CA LEU B 328 55.67 25.09 -9.11
C LEU B 328 55.90 24.90 -7.61
N VAL B 329 57.16 24.69 -7.21
CA VAL B 329 57.48 24.56 -5.80
C VAL B 329 57.22 25.87 -5.07
N ILE B 330 57.48 27.01 -5.71
CA ILE B 330 57.16 28.29 -5.11
C ILE B 330 55.67 28.41 -4.86
N PHE B 331 54.85 28.03 -5.84
CA PHE B 331 53.40 28.06 -5.65
C PHE B 331 52.98 27.13 -4.52
N TYR B 332 53.54 25.91 -4.49
CA TYR B 332 53.21 24.95 -3.44
C TYR B 332 53.58 25.50 -2.07
N GLY B 333 54.76 26.11 -1.97
CA GLY B 333 55.19 26.66 -0.70
C GLY B 333 54.37 27.85 -0.24
N LEU B 334 53.96 28.70 -1.19
CA LEU B 334 53.08 29.80 -0.82
C LEU B 334 51.74 29.29 -0.32
N ILE B 335 51.20 28.25 -0.98
CA ILE B 335 49.94 27.66 -0.51
C ILE B 335 50.11 27.06 0.88
N CYS B 336 51.22 26.36 1.11
CA CYS B 336 51.46 25.76 2.43
C CYS B 336 51.67 26.84 3.50
N MET B 337 52.32 27.94 3.14
CA MET B 337 52.47 29.06 4.07
C MET B 337 51.12 29.66 4.43
N TYR B 338 50.25 29.82 3.43
CA TYR B 338 48.91 30.31 3.72
C TYR B 338 48.15 29.35 4.62
N THR B 339 48.28 28.04 4.39
CA THR B 339 47.63 27.06 5.25
C THR B 339 48.14 27.16 6.68
N LEU B 340 49.46 27.29 6.85
CA LEU B 340 50.04 27.40 8.18
C LEU B 340 49.56 28.66 8.88
N TRP B 341 49.49 29.78 8.15
CA TRP B 341 48.94 31.00 8.74
C TRP B 341 47.49 30.81 9.13
N TRP B 342 46.72 30.11 8.30
CA TRP B 342 45.31 29.89 8.58
C TRP B 342 45.11 29.05 9.84
N MET B 343 46.04 28.14 10.11
CA MET B 343 45.94 27.29 11.30
C MET B 343 46.76 27.80 12.47
N LEU B 344 47.33 29.00 12.35
CA LEU B 344 48.08 29.59 13.45
C LEU B 344 47.59 30.99 13.81
N ARG B 345 46.43 31.41 13.30
CA ARG B 345 45.86 32.69 13.67
C ARG B 345 44.51 32.59 14.37
N ARG B 346 43.78 31.50 14.20
CA ARG B 346 42.44 31.37 14.77
C ARG B 346 42.38 30.45 15.97
N SER B 347 43.46 29.75 16.31
CA SER B 347 43.47 28.79 17.41
C SER B 347 42.35 27.76 17.22
N LEU B 348 42.52 26.95 16.18
CA LEU B 348 41.50 26.03 15.70
C LEU B 348 41.08 24.99 16.74
N LYS B 349 41.71 25.00 17.91
CA LYS B 349 41.31 24.11 18.98
C LYS B 349 39.96 24.48 19.60
N LYS B 350 39.42 25.65 19.27
CA LYS B 350 38.12 26.06 19.80
C LYS B 350 37.27 26.63 18.68
N TYR B 351 35.98 26.28 18.69
CA TYR B 351 35.03 26.76 17.71
C TYR B 351 34.16 27.86 18.33
N SER B 352 33.62 28.72 17.46
CA SER B 352 32.87 29.89 17.92
C SER B 352 31.37 29.60 18.03
N PHE B 353 30.74 29.20 16.92
CA PHE B 353 29.29 29.01 16.85
C PHE B 353 28.56 30.29 17.26
N GLU B 354 28.88 31.37 16.56
CA GLU B 354 28.30 32.68 16.83
C GLU B 354 27.27 33.10 15.80
N SER B 355 27.48 32.75 14.52
CA SER B 355 26.53 33.16 13.48
C SER B 355 25.16 32.53 13.71
N ILE B 356 25.12 31.25 14.06
CA ILE B 356 23.84 30.58 14.29
C ILE B 356 23.19 31.11 15.56
N ARG B 357 23.99 31.36 16.60
CA ARG B 357 23.43 31.89 17.84
C ARG B 357 22.90 33.30 17.65
N GLU B 358 23.52 34.10 16.78
CA GLU B 358 23.02 35.42 16.44
C GLU B 358 21.89 35.37 15.41
N GLU B 359 21.68 34.23 14.76
CA GLU B 359 20.64 34.08 13.74
C GLU B 359 19.48 33.20 14.17
N SER B 360 19.75 32.00 14.69
CA SER B 360 18.69 31.08 15.07
C SER B 360 18.11 31.37 16.45
N SER B 361 18.66 32.36 17.17
CA SER B 361 18.19 32.75 18.49
C SER B 361 18.29 31.59 19.49
N TYR B 362 19.26 30.71 19.30
CA TYR B 362 19.54 29.61 20.22
C TYR B 362 20.94 29.82 20.77
N SER B 363 21.03 30.63 21.82
CA SER B 363 22.34 30.95 22.41
C SER B 363 22.93 29.79 23.19
N ASP B 364 22.16 28.73 23.44
CA ASP B 364 22.64 27.59 24.23
C ASP B 364 23.26 26.53 23.33
N ILE B 365 24.23 26.97 22.52
CA ILE B 365 25.06 26.07 21.73
C ILE B 365 26.50 26.25 22.23
N PRO B 366 27.02 25.32 23.02
CA PRO B 366 28.34 25.52 23.62
C PRO B 366 29.45 25.50 22.58
N ASP B 367 30.56 26.18 22.91
CA ASP B 367 31.72 26.15 22.06
C ASP B 367 32.32 24.74 22.00
N VAL B 368 32.91 24.42 20.87
CA VAL B 368 33.41 23.08 20.58
C VAL B 368 34.91 23.04 20.84
N LYS B 369 35.36 22.02 21.55
CA LYS B 369 36.75 21.91 21.98
C LYS B 369 37.59 21.31 20.85
N ASN B 370 38.83 20.94 21.18
CA ASN B 370 39.80 20.51 20.18
C ASN B 370 39.43 19.18 19.56
N ASP B 371 39.96 18.95 18.35
CA ASP B 371 39.81 17.73 17.56
C ASP B 371 38.40 17.60 17.01
N PHE B 372 37.52 18.50 17.41
CA PHE B 372 36.17 18.61 16.90
C PHE B 372 35.88 20.00 16.35
N ALA B 373 36.55 21.02 16.90
CA ALA B 373 36.51 22.34 16.30
C ALA B 373 37.34 22.39 15.02
N PHE B 374 38.39 21.57 14.94
CA PHE B 374 39.25 21.57 13.77
C PHE B 374 38.52 21.02 12.55
N MET B 375 37.86 19.87 12.70
CA MET B 375 37.10 19.32 11.59
C MET B 375 35.91 20.19 11.23
N LEU B 376 35.31 20.85 12.22
CA LEU B 376 34.27 21.83 11.93
C LEU B 376 34.81 22.99 11.12
N HIS B 377 36.02 23.45 11.44
CA HIS B 377 36.66 24.52 10.68
C HIS B 377 36.93 24.08 9.24
N LEU B 378 37.40 22.84 9.06
CA LEU B 378 37.64 22.34 7.71
C LEU B 378 36.34 22.26 6.91
N ILE B 379 35.27 21.76 7.54
CA ILE B 379 33.98 21.68 6.87
C ILE B 379 33.49 23.09 6.53
N ASP B 380 33.70 24.05 7.43
CA ASP B 380 33.33 25.44 7.13
C ASP B 380 34.12 25.96 5.94
N GLN B 381 35.40 25.62 5.86
CA GLN B 381 36.19 25.97 4.69
C GLN B 381 35.63 25.33 3.43
N TYR B 382 35.00 24.16 3.54
CA TYR B 382 34.28 23.61 2.41
C TYR B 382 33.01 24.43 2.14
N ASP B 383 32.12 24.51 3.13
CA ASP B 383 30.95 25.39 3.09
C ASP B 383 30.33 25.44 4.46
N PRO B 384 29.82 26.61 4.91
CA PRO B 384 29.22 26.68 6.25
C PRO B 384 27.86 26.00 6.35
N LEU B 385 27.28 25.56 5.23
CA LEU B 385 25.96 24.93 5.29
C LEU B 385 25.99 23.67 6.13
N TYR B 386 27.00 22.82 5.94
CA TYR B 386 27.09 21.59 6.73
C TYR B 386 27.27 21.89 8.21
N SER B 387 28.11 22.89 8.54
CA SER B 387 28.31 23.24 9.93
C SER B 387 27.03 23.75 10.57
N LYS B 388 26.29 24.60 9.86
CA LYS B 388 25.04 25.13 10.41
C LYS B 388 23.99 24.04 10.58
N ARG B 389 23.89 23.13 9.60
CA ARG B 389 22.94 22.02 9.75
C ARG B 389 23.36 21.07 10.87
N PHE B 390 24.66 20.94 11.12
CA PHE B 390 25.13 20.08 12.19
C PHE B 390 24.92 20.70 13.56
N ALA B 391 24.99 22.03 13.65
CA ALA B 391 24.91 22.70 14.95
C ALA B 391 23.59 22.48 15.65
N VAL B 392 22.53 22.10 14.93
CA VAL B 392 21.24 21.88 15.56
C VAL B 392 21.25 20.64 16.45
N PHE B 393 22.27 19.80 16.34
CA PHE B 393 22.41 18.63 17.21
C PHE B 393 23.34 18.88 18.38
N LEU B 394 23.80 20.11 18.58
CA LEU B 394 24.63 20.46 19.71
C LEU B 394 23.94 21.41 20.68
N SER B 395 22.69 21.77 20.42
CA SER B 395 21.95 22.71 21.25
C SER B 395 20.97 21.96 22.14
N GLU B 396 20.92 22.33 23.42
CA GLU B 396 19.99 21.69 24.34
C GLU B 396 18.55 22.12 24.06
N VAL B 397 18.35 23.31 23.50
CA VAL B 397 16.99 23.75 23.18
C VAL B 397 16.37 22.85 22.11
N SER B 398 17.15 22.52 21.08
CA SER B 398 16.64 21.61 20.05
C SER B 398 16.40 20.21 20.61
N GLU B 399 17.27 19.77 21.52
CA GLU B 399 17.06 18.48 22.17
C GLU B 399 15.77 18.46 22.98
N ASN B 400 15.49 19.55 23.71
CA ASN B 400 14.26 19.62 24.48
C ASN B 400 13.04 19.70 23.58
N LYS B 401 13.13 20.44 22.46
CA LYS B 401 12.03 20.48 21.51
C LYS B 401 11.76 19.11 20.93
N LEU B 402 12.82 18.36 20.60
CA LEU B 402 12.64 17.00 20.09
C LEU B 402 12.03 16.10 21.16
N ARG B 403 12.46 16.25 22.41
CA ARG B 403 11.86 15.47 23.50
C ARG B 403 10.37 15.76 23.61
N GLN B 404 9.99 17.03 23.53
CA GLN B 404 8.58 17.39 23.62
C GLN B 404 7.79 16.83 22.44
N LEU B 405 8.36 16.91 21.23
CA LEU B 405 7.66 16.39 20.05
C LEU B 405 7.49 14.87 20.15
N ASN B 406 8.52 14.17 20.61
CA ASN B 406 8.42 12.72 20.76
C ASN B 406 7.45 12.35 21.88
N LEU B 407 7.38 13.17 22.93
CA LEU B 407 6.40 12.94 23.98
C LEU B 407 4.98 13.11 23.46
N ASN B 408 4.75 14.17 22.66
CA ASN B 408 3.43 14.37 22.08
C ASN B 408 3.06 13.23 21.13
N ASN B 409 4.01 12.77 20.31
CA ASN B 409 3.71 11.74 19.34
C ASN B 409 3.51 10.39 20.02
N GLU B 410 4.33 10.08 21.03
CA GLU B 410 4.23 8.79 21.71
C GLU B 410 2.99 8.73 22.59
N TRP B 411 2.73 9.79 23.36
CA TRP B 411 1.54 9.87 24.21
C TRP B 411 0.40 10.46 23.37
N THR B 412 -0.21 9.59 22.56
CA THR B 412 -1.30 10.01 21.71
C THR B 412 -2.56 10.30 22.53
N LEU B 413 -3.55 10.89 21.86
CA LEU B 413 -4.79 11.26 22.54
C LEU B 413 -5.51 10.02 23.07
N ASP B 414 -5.55 8.95 22.27
CA ASP B 414 -6.28 7.75 22.67
C ASP B 414 -5.66 7.10 23.90
N LYS B 415 -4.33 7.04 23.98
CA LYS B 415 -3.69 6.43 25.13
C LYS B 415 -3.98 7.19 26.42
N LEU B 416 -3.92 8.52 26.38
CA LEU B 416 -4.28 9.30 27.55
C LEU B 416 -5.75 9.15 27.89
N ARG B 417 -6.62 9.14 26.88
CA ARG B 417 -8.05 8.96 27.12
C ARG B 417 -8.32 7.64 27.83
N GLN B 418 -7.67 6.56 27.38
CA GLN B 418 -7.79 5.29 28.07
C GLN B 418 -7.16 5.34 29.46
N ARG B 419 -6.15 6.17 29.65
CA ARG B 419 -5.49 6.29 30.94
C ARG B 419 -6.25 7.16 31.92
N LEU B 420 -7.35 7.79 31.50
CA LEU B 420 -8.15 8.59 32.41
C LEU B 420 -8.78 7.72 33.48
N THR B 421 -8.70 8.18 34.73
CA THR B 421 -9.21 7.45 35.88
C THR B 421 -10.18 8.33 36.66
N LYS B 422 -10.84 7.72 37.65
CA LYS B 422 -11.79 8.40 38.51
C LYS B 422 -11.19 8.48 39.91
N ASN B 423 -11.12 9.70 40.45
CA ASN B 423 -10.54 9.93 41.76
C ASN B 423 -11.57 9.62 42.85
N ALA B 424 -11.27 10.02 44.08
CA ALA B 424 -12.18 9.77 45.19
C ALA B 424 -13.49 10.52 45.01
N GLN B 425 -13.44 11.74 44.50
CA GLN B 425 -14.64 12.55 44.29
C GLN B 425 -15.44 12.12 43.06
N ASP B 426 -15.07 11.02 42.42
CA ASP B 426 -15.79 10.46 41.27
C ASP B 426 -15.88 11.47 40.13
N LYS B 427 -14.70 11.85 39.64
CA LYS B 427 -14.59 12.67 38.44
C LYS B 427 -13.32 12.28 37.71
N LEU B 428 -13.30 12.55 36.40
CA LEU B 428 -12.18 12.14 35.57
C LEU B 428 -10.88 12.79 36.04
N GLU B 429 -9.84 11.98 36.17
CA GLU B 429 -8.54 12.43 36.64
C GLU B 429 -7.45 11.78 35.79
N LEU B 430 -6.41 12.56 35.51
CA LEU B 430 -5.27 12.09 34.74
C LEU B 430 -3.99 12.32 35.54
N HIS B 431 -3.23 11.24 35.73
CA HIS B 431 -2.01 11.29 36.54
C HIS B 431 -0.81 11.20 35.63
N LEU B 432 0.05 12.23 35.70
CA LEU B 432 1.30 12.28 34.96
C LEU B 432 2.45 12.20 35.95
N PHE B 433 3.18 11.08 35.95
CA PHE B 433 4.22 10.82 36.93
C PHE B 433 5.55 10.64 36.21
N MET B 434 6.53 11.48 36.57
CA MET B 434 7.90 11.39 36.08
C MET B 434 8.01 11.58 34.57
N LEU B 435 6.97 12.10 33.91
CA LEU B 435 7.07 12.40 32.49
C LEU B 435 7.94 13.63 32.28
N SER B 436 8.57 13.69 31.10
CA SER B 436 9.43 14.82 30.75
C SER B 436 8.63 16.10 30.52
N GLY B 437 7.32 16.01 30.36
CA GLY B 437 6.50 17.18 30.13
C GLY B 437 5.05 16.78 29.98
N ILE B 438 4.24 17.76 29.61
CA ILE B 438 2.81 17.54 29.38
C ILE B 438 2.59 17.43 27.87
N PRO B 439 2.14 16.28 27.39
CA PRO B 439 1.84 16.16 25.95
C PRO B 439 0.75 17.13 25.53
N ASP B 440 0.90 17.67 24.32
CA ASP B 440 -0.12 18.58 23.79
C ASP B 440 -1.43 17.85 23.49
N THR B 441 -1.42 16.52 23.39
CA THR B 441 -2.66 15.77 23.26
C THR B 441 -3.45 15.75 24.56
N VAL B 442 -2.78 15.95 25.71
CA VAL B 442 -3.48 16.00 26.98
C VAL B 442 -4.50 17.12 26.99
N PHE B 443 -4.11 18.29 26.48
CA PHE B 443 -4.98 19.47 26.47
C PHE B 443 -6.07 19.39 25.41
N ASP B 444 -6.26 18.23 24.79
CA ASP B 444 -7.42 17.97 23.94
C ASP B 444 -8.50 17.18 24.65
N LEU B 445 -8.26 16.77 25.90
CA LEU B 445 -9.22 16.00 26.67
C LEU B 445 -10.13 16.96 27.43
N VAL B 446 -11.09 17.53 26.69
CA VAL B 446 -12.01 18.50 27.28
C VAL B 446 -12.84 17.90 28.40
N GLU B 447 -13.00 16.57 28.42
CA GLU B 447 -13.73 15.91 29.48
C GLU B 447 -12.94 15.75 30.76
N LEU B 448 -11.65 16.08 30.74
CA LEU B 448 -10.83 15.99 31.95
C LEU B 448 -11.31 17.00 32.99
N GLU B 449 -11.22 16.60 34.26
CA GLU B 449 -11.68 17.45 35.35
C GLU B 449 -10.56 17.72 36.35
N VAL B 450 -9.68 16.74 36.56
CA VAL B 450 -8.55 16.89 37.47
C VAL B 450 -7.28 16.49 36.73
N LEU B 451 -6.26 17.34 36.79
CA LEU B 451 -4.98 17.09 36.14
C LEU B 451 -3.91 17.03 37.22
N LYS B 452 -3.29 15.86 37.36
CA LYS B 452 -2.25 15.63 38.36
C LYS B 452 -0.90 15.54 37.67
N LEU B 453 0.06 16.33 38.13
CA LEU B 453 1.41 16.34 37.61
C LEU B 453 2.37 16.03 38.76
N GLU B 454 3.18 14.99 38.59
CA GLU B 454 4.13 14.57 39.62
C GLU B 454 5.50 14.35 38.99
N LEU B 455 6.51 15.01 39.57
CA LEU B 455 7.91 14.81 39.18
C LEU B 455 8.14 15.06 37.69
N ILE B 456 7.51 16.11 37.17
CA ILE B 456 7.72 16.55 35.80
C ILE B 456 8.69 17.72 35.81
N PRO B 457 9.83 17.64 35.13
CA PRO B 457 10.85 18.70 35.25
C PRO B 457 10.62 19.85 34.29
N ASP B 458 10.75 21.06 34.83
CA ASP B 458 10.65 22.30 34.08
C ASP B 458 9.37 22.34 33.23
N VAL B 459 8.25 22.12 33.90
CA VAL B 459 6.95 22.05 33.25
C VAL B 459 6.42 23.47 33.04
N THR B 460 6.06 23.78 31.81
CA THR B 460 5.43 25.05 31.46
C THR B 460 4.01 24.77 30.97
N ILE B 461 3.03 25.39 31.61
CA ILE B 461 1.63 25.18 31.24
C ILE B 461 1.31 26.05 30.04
N PRO B 462 1.02 25.46 28.88
CA PRO B 462 0.83 26.25 27.67
C PRO B 462 -0.53 26.89 27.65
N PRO B 463 -0.75 27.87 26.76
CA PRO B 463 -2.09 28.45 26.62
C PRO B 463 -3.15 27.45 26.18
N SER B 464 -2.76 26.29 25.65
CA SER B 464 -3.73 25.31 25.18
C SER B 464 -4.54 24.70 26.31
N ILE B 465 -4.23 25.02 27.58
CA ILE B 465 -5.07 24.57 28.69
C ILE B 465 -6.46 25.18 28.61
N ALA B 466 -6.60 26.35 27.99
CA ALA B 466 -7.91 26.95 27.81
C ALA B 466 -8.81 26.11 26.93
N GLN B 467 -8.24 25.21 26.12
CA GLN B 467 -9.06 24.27 25.36
C GLN B 467 -9.83 23.35 26.30
N LEU B 468 -9.20 22.93 27.40
CA LEU B 468 -9.92 22.24 28.46
C LEU B 468 -10.92 23.19 29.11
N THR B 469 -12.14 22.71 29.34
CA THR B 469 -13.17 23.50 29.99
C THR B 469 -13.68 22.89 31.27
N GLY B 470 -13.73 21.56 31.37
CA GLY B 470 -14.15 20.90 32.58
C GLY B 470 -13.08 20.74 33.63
N LEU B 471 -11.86 21.21 33.37
CA LEU B 471 -10.79 21.14 34.35
C LEU B 471 -11.13 22.01 35.56
N LYS B 472 -10.99 21.44 36.74
CA LYS B 472 -11.30 22.16 37.98
C LYS B 472 -10.20 22.09 39.03
N GLU B 473 -9.39 21.04 39.06
CA GLU B 473 -8.35 20.88 40.06
C GLU B 473 -7.01 20.63 39.38
N LEU B 474 -5.95 21.22 39.93
CA LEU B 474 -4.60 21.06 39.42
C LEU B 474 -3.71 20.55 40.55
N TRP B 475 -3.03 19.44 40.31
CA TRP B 475 -2.14 18.82 41.30
C TRP B 475 -0.71 18.97 40.81
N LEU B 476 0.11 19.68 41.57
CA LEU B 476 1.51 19.94 41.24
C LEU B 476 2.37 19.27 42.31
N TYR B 477 2.73 18.01 42.07
CA TYR B 477 3.54 17.24 43.02
C TYR B 477 5.00 17.36 42.63
N HIS B 478 5.74 18.19 43.37
CA HIS B 478 7.17 18.41 43.15
C HIS B 478 7.47 18.95 41.76
N THR B 479 6.52 19.67 41.17
CA THR B 479 6.70 20.29 39.87
C THR B 479 6.53 21.79 39.99
N ALA B 480 7.54 22.55 39.56
CA ALA B 480 7.45 23.99 39.50
C ALA B 480 6.93 24.36 38.11
N ALA B 481 5.77 24.98 38.06
CA ALA B 481 5.09 25.28 36.80
C ALA B 481 5.24 26.76 36.47
N LYS B 482 5.69 27.05 35.25
CA LYS B 482 5.73 28.40 34.71
C LYS B 482 4.60 28.55 33.72
N ILE B 483 3.79 29.59 33.88
CA ILE B 483 2.53 29.71 33.16
C ILE B 483 2.48 31.03 32.42
N GLU B 484 1.93 31.00 31.20
CA GLU B 484 1.81 32.19 30.37
C GLU B 484 0.59 33.00 30.79
N ALA B 485 0.44 34.18 30.16
CA ALA B 485 -0.67 35.06 30.52
C ALA B 485 -2.04 34.48 30.24
N PRO B 486 -2.34 33.93 29.05
CA PRO B 486 -3.70 33.42 28.83
C PRO B 486 -4.04 32.21 29.69
N ALA B 487 -3.10 31.29 29.85
CA ALA B 487 -3.34 30.13 30.70
C ALA B 487 -3.54 30.55 32.15
N LEU B 488 -2.76 31.52 32.62
CA LEU B 488 -2.93 32.00 33.99
C LEU B 488 -4.26 32.71 34.16
N ALA B 489 -4.72 33.47 33.16
CA ALA B 489 -6.05 34.06 33.24
C ALA B 489 -7.13 32.99 33.29
N PHE B 490 -6.99 31.95 32.47
CA PHE B 490 -7.96 30.86 32.48
C PHE B 490 -8.02 30.19 33.85
N LEU B 491 -6.85 29.91 34.44
CA LEU B 491 -6.85 29.33 35.78
C LEU B 491 -7.42 30.30 36.82
N ARG B 492 -7.12 31.59 36.67
CA ARG B 492 -7.68 32.60 37.56
C ARG B 492 -9.20 32.62 37.49
N GLU B 493 -9.76 32.24 36.36
CA GLU B 493 -11.21 32.23 36.20
C GLU B 493 -11.84 30.85 36.28
N ASN B 494 -11.07 29.78 36.06
CA ASN B 494 -11.65 28.45 35.89
C ASN B 494 -10.82 27.38 36.60
N LEU B 495 -10.47 27.62 37.86
CA LEU B 495 -9.79 26.60 38.64
C LEU B 495 -10.35 26.58 40.06
N ARG B 496 -10.74 25.39 40.53
CA ARG B 496 -11.37 25.23 41.83
C ARG B 496 -10.37 24.90 42.94
N ALA B 497 -9.58 23.85 42.77
CA ALA B 497 -8.68 23.38 43.81
C ALA B 497 -7.26 23.30 43.28
N LEU B 498 -6.30 23.40 44.19
CA LEU B 498 -4.88 23.35 43.84
C LEU B 498 -4.13 22.58 44.91
N HIS B 499 -3.63 21.39 44.53
CA HIS B 499 -2.82 20.56 45.40
C HIS B 499 -1.37 20.69 44.96
N ILE B 500 -0.50 21.13 45.84
CA ILE B 500 0.93 21.24 45.53
C ILE B 500 1.73 20.64 46.68
N LYS B 501 2.77 19.87 46.33
CA LYS B 501 3.74 19.36 47.28
C LYS B 501 5.12 19.91 46.91
N PHE B 502 5.92 20.22 47.92
CA PHE B 502 7.21 20.85 47.68
C PHE B 502 8.12 20.56 48.86
N THR B 503 9.41 20.82 48.66
CA THR B 503 10.41 20.72 49.72
C THR B 503 11.04 22.05 50.09
N ASP B 504 11.09 22.99 49.16
CA ASP B 504 11.65 24.31 49.41
C ASP B 504 10.61 25.40 49.13
N ILE B 505 10.84 26.58 49.70
CA ILE B 505 9.93 27.70 49.50
C ILE B 505 9.97 28.17 48.05
N LYS B 506 11.16 28.25 47.47
CA LYS B 506 11.30 28.87 46.16
C LYS B 506 10.72 28.00 45.04
N GLU B 507 10.57 26.70 45.28
CA GLU B 507 10.07 25.80 44.24
C GLU B 507 8.55 25.68 44.24
N ILE B 508 7.84 26.60 44.88
CA ILE B 508 6.39 26.69 44.74
C ILE B 508 6.09 27.72 43.67
N PRO B 509 4.96 27.62 42.96
CA PRO B 509 4.64 28.64 41.96
C PRO B 509 4.39 29.99 42.61
N LEU B 510 4.87 31.04 41.95
CA LEU B 510 4.64 32.40 42.44
C LEU B 510 3.29 32.95 42.00
N TRP B 511 2.57 32.24 41.13
CA TRP B 511 1.26 32.66 40.65
C TRP B 511 0.12 31.96 41.38
N ILE B 512 0.40 31.28 42.49
CA ILE B 512 -0.64 30.58 43.23
C ILE B 512 -1.66 31.54 43.79
N TYR B 513 -1.21 32.73 44.22
CA TYR B 513 -2.10 33.72 44.80
C TYR B 513 -2.91 34.48 43.75
N SER B 514 -2.65 34.25 42.46
CA SER B 514 -3.38 34.89 41.38
C SER B 514 -4.67 34.15 41.04
N LEU B 515 -4.95 33.04 41.70
CA LEU B 515 -6.14 32.23 41.42
C LEU B 515 -7.29 32.71 42.29
N LYS B 516 -8.00 33.72 41.79
CA LYS B 516 -9.06 34.36 42.56
C LYS B 516 -10.25 33.45 42.78
N THR B 517 -10.47 32.46 41.91
CA THR B 517 -11.60 31.54 42.05
C THR B 517 -11.21 30.24 42.73
N LEU B 518 -10.01 30.18 43.31
CA LEU B 518 -9.57 28.97 43.99
C LEU B 518 -10.42 28.71 45.23
N GLU B 519 -10.74 27.44 45.47
CA GLU B 519 -11.55 27.03 46.61
C GLU B 519 -10.77 26.20 47.61
N GLU B 520 -10.13 25.12 47.17
CA GLU B 520 -9.36 24.23 48.03
C GLU B 520 -7.87 24.44 47.79
N LEU B 521 -7.12 24.60 48.87
CA LEU B 521 -5.67 24.72 48.81
C LEU B 521 -5.05 23.64 49.68
N HIS B 522 -4.06 22.94 49.13
CA HIS B 522 -3.42 21.80 49.79
C HIS B 522 -1.91 22.00 49.74
N LEU B 523 -1.35 22.53 50.83
CA LEU B 523 0.09 22.70 50.95
C LEU B 523 0.64 21.59 51.84
N THR B 524 1.58 20.81 51.30
CA THR B 524 2.17 19.68 52.00
C THR B 524 3.69 19.77 51.97
N GLY B 525 4.22 20.98 52.11
CA GLY B 525 5.65 21.21 52.09
C GLY B 525 6.21 21.55 53.45
N ASN B 526 7.19 22.44 53.45
CA ASN B 526 7.79 22.97 54.67
C ASN B 526 7.82 24.49 54.55
N LEU B 527 6.73 25.13 54.99
CA LEU B 527 6.58 26.58 54.88
C LEU B 527 7.47 27.35 55.85
N SER B 528 8.12 26.67 56.80
CA SER B 528 8.94 27.35 57.80
C SER B 528 10.27 27.73 57.19
N ALA B 529 10.44 29.01 56.87
CA ALA B 529 11.68 29.53 56.34
C ALA B 529 12.55 30.06 57.49
N GLU B 530 13.59 30.81 57.15
CA GLU B 530 14.59 31.25 58.13
C GLU B 530 14.07 32.50 58.85
N ASN B 531 13.61 32.33 60.09
CA ASN B 531 13.22 33.42 60.96
C ASN B 531 12.14 34.31 60.32
N ASN B 532 11.08 33.67 59.84
CA ASN B 532 9.95 34.37 59.25
C ASN B 532 8.66 33.82 59.83
N ARG B 533 7.65 34.69 59.90
CA ARG B 533 6.32 34.26 60.32
C ARG B 533 5.49 33.80 59.12
N TYR B 534 6.09 32.88 58.35
CA TYR B 534 5.48 32.33 57.14
C TYR B 534 5.16 33.43 56.13
N ILE B 535 6.20 34.17 55.76
CA ILE B 535 6.05 35.22 54.74
C ILE B 535 5.78 34.60 53.38
N VAL B 536 6.06 33.31 53.22
CA VAL B 536 5.85 32.64 51.93
C VAL B 536 4.37 32.67 51.56
N ILE B 537 3.49 32.42 52.52
CA ILE B 537 2.04 32.40 52.27
C ILE B 537 1.37 33.70 52.69
N ASP B 538 2.13 34.81 52.74
CA ASP B 538 1.54 36.09 53.10
C ASP B 538 0.50 36.56 52.08
N GLY B 539 0.51 35.97 50.89
CA GLY B 539 -0.47 36.28 49.86
C GLY B 539 -1.76 35.49 49.96
N LEU B 540 -1.92 34.67 51.00
CA LEU B 540 -3.17 33.94 51.18
C LEU B 540 -4.34 34.87 51.44
N ARG B 541 -4.09 36.09 51.90
CA ARG B 541 -5.16 37.07 52.09
C ARG B 541 -5.79 37.48 50.77
N GLU B 542 -5.09 37.29 49.65
CA GLU B 542 -5.65 37.62 48.35
C GLU B 542 -6.83 36.73 47.99
N LEU B 543 -6.79 35.46 48.38
CA LEU B 543 -7.84 34.51 48.02
C LEU B 543 -9.06 34.76 48.88
N LYS B 544 -10.09 35.36 48.29
CA LYS B 544 -11.35 35.57 48.97
C LYS B 544 -12.35 34.45 48.75
N ARG B 545 -12.06 33.52 47.85
CA ARG B 545 -12.92 32.39 47.55
C ARG B 545 -12.46 31.10 48.21
N LEU B 546 -11.49 31.18 49.12
CA LEU B 546 -10.93 29.99 49.73
C LEU B 546 -11.94 29.37 50.70
N LYS B 547 -12.15 28.06 50.56
CA LYS B 547 -13.05 27.31 51.43
C LYS B 547 -12.35 26.23 52.22
N VAL B 548 -11.36 25.56 51.63
CA VAL B 548 -10.64 24.46 52.27
C VAL B 548 -9.16 24.79 52.27
N LEU B 549 -8.51 24.62 53.42
CA LEU B 549 -7.07 24.78 53.55
C LEU B 549 -6.51 23.55 54.27
N ARG B 550 -5.47 22.96 53.69
CA ARG B 550 -4.90 21.70 54.19
C ARG B 550 -3.39 21.83 54.37
N LEU B 551 -2.96 22.87 55.09
CA LEU B 551 -1.54 23.06 55.36
C LEU B 551 -0.94 21.87 56.06
N LYS B 552 0.22 21.42 55.58
CA LYS B 552 1.02 20.38 56.23
C LYS B 552 2.49 20.81 56.12
N SER B 553 2.96 21.55 57.11
CA SER B 553 4.34 22.02 57.10
C SER B 553 5.00 21.94 58.48
N ASN B 554 4.47 21.10 59.37
CA ASN B 554 4.97 20.99 60.74
C ASN B 554 4.95 22.36 61.44
N LEU B 555 3.74 22.90 61.55
CA LEU B 555 3.56 24.24 62.11
C LEU B 555 3.93 24.28 63.58
N SER B 556 4.62 25.35 63.97
CA SER B 556 4.92 25.62 65.37
C SER B 556 4.01 26.67 65.98
N LYS B 557 3.91 27.82 65.33
CA LYS B 557 2.95 28.86 65.67
C LYS B 557 2.01 29.06 64.49
N LEU B 558 0.71 29.06 64.77
CA LEU B 558 -0.27 29.19 63.70
C LEU B 558 -0.08 30.53 63.00
N PRO B 559 0.08 30.56 61.68
CA PRO B 559 0.37 31.82 61.00
C PRO B 559 -0.76 32.82 61.18
N GLN B 560 -0.38 34.10 61.33
CA GLN B 560 -1.38 35.15 61.46
C GLN B 560 -2.20 35.28 60.18
N VAL B 561 -1.58 35.02 59.03
CA VAL B 561 -2.30 35.10 57.76
C VAL B 561 -3.41 34.06 57.72
N VAL B 562 -3.14 32.85 58.21
CA VAL B 562 -4.16 31.81 58.22
C VAL B 562 -5.30 32.17 59.18
N THR B 563 -4.95 32.72 60.35
CA THR B 563 -5.99 33.15 61.29
C THR B 563 -6.86 34.24 60.69
N ASP B 564 -6.25 35.17 59.97
CA ASP B 564 -7.02 36.24 59.33
C ASP B 564 -7.90 35.69 58.21
N VAL B 565 -7.37 34.77 57.40
CA VAL B 565 -8.13 34.25 56.26
C VAL B 565 -9.16 33.20 56.66
N GLY B 566 -9.09 32.69 57.88
CA GLY B 566 -10.06 31.71 58.31
C GLY B 566 -11.43 32.26 58.64
N VAL B 567 -11.62 33.58 58.53
CA VAL B 567 -12.92 34.18 58.79
C VAL B 567 -13.96 33.73 57.77
N HIS B 568 -13.52 33.21 56.63
CA HIS B 568 -14.42 32.72 55.58
C HIS B 568 -14.06 31.31 55.15
N LEU B 569 -13.41 30.56 56.04
CA LEU B 569 -12.93 29.22 55.73
C LEU B 569 -13.89 28.18 56.28
N GLN B 570 -14.15 27.13 55.49
CA GLN B 570 -15.06 26.08 55.86
C GLN B 570 -14.39 24.84 56.44
N LYS B 571 -13.36 24.32 55.76
CA LYS B 571 -12.69 23.09 56.19
C LYS B 571 -11.21 23.39 56.37
N LEU B 572 -10.79 23.55 57.62
CA LEU B 572 -9.39 23.78 57.95
C LEU B 572 -8.77 22.48 58.45
N SER B 573 -7.84 21.94 57.68
CA SER B 573 -7.14 20.71 58.02
C SER B 573 -5.65 21.03 58.18
N ILE B 574 -5.07 20.56 59.28
CA ILE B 574 -3.66 20.82 59.58
C ILE B 574 -3.01 19.51 60.00
N ASN B 575 -1.78 19.28 59.52
CA ASN B 575 -0.99 18.11 59.87
C ASN B 575 0.45 18.56 60.11
N ASN B 576 0.93 18.39 61.33
CA ASN B 576 2.30 18.75 61.68
C ASN B 576 3.20 17.53 61.88
N GLU B 577 2.68 16.33 61.70
CA GLU B 577 3.43 15.09 61.93
C GLU B 577 4.01 15.04 63.34
N GLY B 578 3.20 15.43 64.32
CA GLY B 578 3.62 15.42 65.71
C GLY B 578 4.39 16.64 66.16
N THR B 579 4.54 17.66 65.32
CA THR B 579 5.26 18.86 65.72
C THR B 579 4.37 19.72 66.61
N LYS B 580 4.98 20.28 67.66
CA LYS B 580 4.25 21.08 68.63
C LYS B 580 3.63 22.31 67.96
N LEU B 581 2.34 22.54 68.24
CA LEU B 581 1.62 23.68 67.71
C LEU B 581 0.86 24.36 68.84
N ILE B 582 0.95 25.68 68.90
CA ILE B 582 0.29 26.47 69.94
C ILE B 582 -0.73 27.39 69.27
N VAL B 583 -1.93 27.46 69.86
CA VAL B 583 -3.02 28.24 69.30
C VAL B 583 -2.99 29.66 69.89
N LEU B 584 -3.17 29.75 71.21
CA LEU B 584 -3.10 31.02 71.93
C LEU B 584 -4.07 32.05 71.36
N ASN B 585 -5.37 31.73 71.45
CA ASN B 585 -6.45 32.61 71.01
C ASN B 585 -6.27 33.00 69.54
N SER B 586 -6.26 31.98 68.69
CA SER B 586 -6.12 32.16 67.25
C SER B 586 -7.38 31.84 66.46
N LEU B 587 -8.20 30.90 66.92
CA LEU B 587 -9.39 30.50 66.19
C LEU B 587 -10.62 31.33 66.53
N LYS B 588 -10.53 32.22 67.52
CA LYS B 588 -11.68 33.04 67.91
C LYS B 588 -12.09 34.00 66.80
N LYS B 589 -11.22 34.27 65.83
CA LYS B 589 -11.58 35.15 64.73
C LYS B 589 -12.52 34.45 63.76
N MET B 590 -12.32 33.16 63.54
CA MET B 590 -13.21 32.38 62.69
C MET B 590 -14.57 32.23 63.34
N VAL B 591 -15.63 32.36 62.55
CA VAL B 591 -16.99 32.26 63.07
C VAL B 591 -17.82 31.31 62.23
N ASN B 592 -17.30 30.91 61.08
CA ASN B 592 -18.04 30.06 60.13
C ASN B 592 -17.32 28.77 59.81
N LEU B 593 -16.27 28.43 60.56
CA LEU B 593 -15.53 27.19 60.33
C LEU B 593 -16.37 25.99 60.75
N THR B 594 -16.33 24.94 59.94
CA THR B 594 -17.08 23.73 60.21
C THR B 594 -16.21 22.49 60.41
N GLU B 595 -15.04 22.44 59.78
CA GLU B 595 -14.11 21.33 59.96
C GLU B 595 -12.80 21.85 60.55
N LEU B 596 -12.30 21.14 61.55
CA LEU B 596 -11.10 21.54 62.28
C LEU B 596 -10.17 20.35 62.47
N GLU B 597 -9.89 19.64 61.38
CA GLU B 597 -8.93 18.55 61.43
C GLU B 597 -7.55 19.07 61.85
N LEU B 598 -7.00 18.49 62.91
CA LEU B 598 -5.69 18.87 63.45
C LEU B 598 -4.87 17.61 63.71
N ILE B 599 -4.82 16.73 62.72
CA ILE B 599 -4.13 15.44 62.88
C ILE B 599 -2.65 15.68 63.08
N ARG B 600 -2.07 15.06 64.12
CA ARG B 600 -0.64 15.08 64.38
C ARG B 600 -0.12 16.52 64.55
N CYS B 601 -0.74 17.24 65.49
CA CYS B 601 -0.33 18.61 65.79
C CYS B 601 0.28 18.76 67.18
N ASP B 602 0.36 17.67 67.94
CA ASP B 602 1.02 17.66 69.26
C ASP B 602 0.44 18.74 70.17
N LEU B 603 -0.89 18.85 70.15
CA LEU B 603 -1.55 19.81 71.05
C LEU B 603 -1.43 19.38 72.51
N GLU B 604 -1.50 18.07 72.76
CA GLU B 604 -1.35 17.46 74.08
C GLU B 604 -2.56 17.75 74.97
N ARG B 605 -3.46 18.61 74.48
CA ARG B 605 -4.67 19.00 75.17
C ARG B 605 -5.60 19.62 74.14
N ILE B 606 -6.90 19.54 74.40
CA ILE B 606 -7.85 20.23 73.53
C ILE B 606 -7.72 21.74 73.73
N PRO B 607 -7.53 22.52 72.67
CA PRO B 607 -7.34 23.97 72.85
C PRO B 607 -8.55 24.64 73.47
N HIS B 608 -8.29 25.69 74.24
CA HIS B 608 -9.35 26.46 74.88
C HIS B 608 -10.04 27.41 73.91
N SER B 609 -9.49 27.64 72.72
CA SER B 609 -10.08 28.55 71.74
C SER B 609 -11.07 27.85 70.81
N ILE B 610 -11.22 26.53 70.91
CA ILE B 610 -12.15 25.81 70.06
C ILE B 610 -13.60 25.99 70.53
N PHE B 611 -13.80 26.44 71.77
CA PHE B 611 -15.16 26.59 72.29
C PHE B 611 -15.91 27.70 71.54
N SER B 612 -15.22 28.79 71.21
CA SER B 612 -15.85 29.91 70.53
C SER B 612 -16.22 29.60 69.09
N LEU B 613 -15.73 28.49 68.54
CA LEU B 613 -16.09 28.07 67.18
C LEU B 613 -17.42 27.32 67.23
N HIS B 614 -18.48 28.09 67.53
CA HIS B 614 -19.80 27.52 67.70
C HIS B 614 -20.33 26.90 66.42
N ASN B 615 -19.85 27.36 65.27
CA ASN B 615 -20.34 26.87 63.99
C ASN B 615 -19.74 25.53 63.58
N LEU B 616 -18.77 25.01 64.34
CA LEU B 616 -18.12 23.77 63.97
C LEU B 616 -19.12 22.61 63.97
N GLN B 617 -18.93 21.71 63.03
CA GLN B 617 -19.70 20.46 62.95
C GLN B 617 -18.81 19.23 62.88
N GLU B 618 -17.60 19.38 62.33
CA GLU B 618 -16.62 18.30 62.28
C GLU B 618 -15.36 18.74 63.03
N ILE B 619 -14.93 17.94 63.99
CA ILE B 619 -13.70 18.18 64.74
C ILE B 619 -12.92 16.88 64.80
N ASP B 620 -11.63 16.94 64.50
CA ASP B 620 -10.75 15.78 64.56
C ASP B 620 -9.41 16.20 65.17
N LEU B 621 -8.95 15.44 66.16
CA LEU B 621 -7.69 15.74 66.83
C LEU B 621 -6.81 14.49 66.89
N LYS B 622 -6.66 13.81 65.75
CA LYS B 622 -5.94 12.54 65.72
C LYS B 622 -4.46 12.74 66.04
N ASP B 623 -3.91 11.85 66.86
CA ASP B 623 -2.48 11.81 67.19
C ASP B 623 -1.99 13.13 67.78
N ASN B 624 -2.83 13.75 68.62
CA ASN B 624 -2.46 14.97 69.31
C ASN B 624 -1.91 14.72 70.71
N ASN B 625 -1.79 13.45 71.12
CA ASN B 625 -1.25 13.10 72.43
C ASN B 625 -2.04 13.75 73.56
N LEU B 626 -3.36 13.77 73.42
CA LEU B 626 -4.22 14.34 74.45
C LEU B 626 -4.17 13.49 75.72
N LYS B 627 -4.50 14.12 76.84
CA LYS B 627 -4.56 13.43 78.13
C LYS B 627 -5.96 13.41 78.73
N THR B 628 -6.65 14.54 78.74
CA THR B 628 -8.01 14.62 79.28
C THR B 628 -8.90 15.37 78.30
N ILE B 629 -10.15 14.94 78.23
CA ILE B 629 -11.13 15.56 77.34
C ILE B 629 -12.34 16.01 78.15
N GLU B 630 -12.10 16.42 79.40
CA GLU B 630 -13.17 16.92 80.28
C GLU B 630 -13.80 18.21 79.78
N GLU B 631 -13.36 18.75 78.65
CA GLU B 631 -13.88 19.99 78.11
C GLU B 631 -15.20 19.82 77.38
N ILE B 632 -15.84 18.65 77.50
CA ILE B 632 -17.16 18.48 76.91
C ILE B 632 -18.16 19.42 77.58
N ILE B 633 -17.94 19.75 78.85
CA ILE B 633 -18.82 20.67 79.55
C ILE B 633 -18.77 22.06 78.93
N SER B 634 -17.58 22.48 78.48
CA SER B 634 -17.45 23.73 77.75
C SER B 634 -17.82 23.61 76.28
N PHE B 635 -17.87 22.39 75.75
CA PHE B 635 -18.28 22.14 74.37
C PHE B 635 -19.76 22.37 74.14
N GLN B 636 -20.55 22.63 75.19
CA GLN B 636 -21.99 22.79 75.04
C GLN B 636 -22.35 24.02 74.22
N HIS B 637 -21.41 24.93 73.98
CA HIS B 637 -21.67 26.04 73.07
C HIS B 637 -21.96 25.53 71.66
N LEU B 638 -21.23 24.52 71.21
CA LEU B 638 -21.40 23.97 69.88
C LEU B 638 -22.67 23.12 69.81
N HIS B 639 -23.77 23.72 69.37
CA HIS B 639 -25.05 23.01 69.26
C HIS B 639 -25.18 22.24 67.96
N ARG B 640 -24.32 22.50 66.97
CA ARG B 640 -24.37 21.81 65.69
C ARG B 640 -23.25 20.80 65.53
N LEU B 641 -22.46 20.58 66.57
CA LEU B 641 -21.35 19.63 66.50
C LEU B 641 -21.89 18.21 66.44
N THR B 642 -21.62 17.52 65.33
CA THR B 642 -22.10 16.15 65.14
C THR B 642 -21.00 15.16 64.79
N CYS B 643 -19.76 15.59 64.60
CA CYS B 643 -18.68 14.73 64.11
C CYS B 643 -17.43 14.93 64.96
N LEU B 644 -17.58 14.89 66.27
CA LEU B 644 -16.44 15.01 67.17
C LEU B 644 -15.55 13.78 67.05
N LYS B 645 -14.33 13.97 66.53
CA LYS B 645 -13.35 12.90 66.40
C LYS B 645 -12.19 13.15 67.35
N LEU B 646 -11.85 12.12 68.14
CA LEU B 646 -10.69 12.20 69.03
C LEU B 646 -9.87 10.91 69.01
N TRP B 647 -9.89 10.19 67.89
CA TRP B 647 -9.21 8.90 67.82
C TRP B 647 -7.69 9.09 67.82
N TYR B 648 -6.99 7.96 67.97
CA TYR B 648 -5.52 7.93 67.95
C TYR B 648 -4.92 8.83 69.03
N ASN B 649 -5.54 8.84 70.20
CA ASN B 649 -5.06 9.63 71.33
C ASN B 649 -5.02 8.74 72.58
N HIS B 650 -4.75 9.36 73.72
CA HIS B 650 -4.57 8.66 74.99
C HIS B 650 -5.47 9.30 76.05
N ILE B 651 -6.72 8.85 76.11
CA ILE B 651 -7.69 9.33 77.10
C ILE B 651 -8.06 8.16 78.00
N ALA B 652 -7.88 8.35 79.31
CA ALA B 652 -8.09 7.26 80.25
C ALA B 652 -9.55 6.82 80.29
N TYR B 653 -10.47 7.76 80.31
CA TYR B 653 -11.89 7.43 80.43
C TYR B 653 -12.73 8.52 79.80
N ILE B 654 -13.97 8.16 79.45
CA ILE B 654 -14.91 9.08 78.83
C ILE B 654 -15.57 9.92 79.92
N PRO B 655 -15.51 11.25 79.82
CA PRO B 655 -16.15 12.09 80.84
C PRO B 655 -17.66 11.95 80.82
N ILE B 656 -18.27 12.29 81.96
CA ILE B 656 -19.71 12.15 82.14
C ILE B 656 -20.46 13.26 81.42
N GLN B 657 -19.72 14.20 80.83
CA GLN B 657 -20.33 15.35 80.17
C GLN B 657 -20.76 15.07 78.73
N ILE B 658 -20.52 13.86 78.22
CA ILE B 658 -20.91 13.53 76.86
C ILE B 658 -22.42 13.58 76.71
N GLY B 659 -23.14 13.07 77.71
CA GLY B 659 -24.60 13.05 77.64
C GLY B 659 -25.24 14.41 77.57
N ASN B 660 -24.55 15.45 78.04
CA ASN B 660 -25.09 16.80 77.92
C ASN B 660 -25.31 17.18 76.47
N LEU B 661 -24.34 16.89 75.60
CA LEU B 661 -24.55 17.05 74.18
C LEU B 661 -25.48 15.95 73.66
N THR B 662 -26.49 16.36 72.90
CA THR B 662 -27.45 15.40 72.36
C THR B 662 -27.50 15.36 70.84
N ASN B 663 -26.64 16.10 70.15
CA ASN B 663 -26.61 16.11 68.69
C ASN B 663 -25.47 15.27 68.12
N LEU B 664 -24.82 14.45 68.94
CA LEU B 664 -23.70 13.63 68.47
C LEU B 664 -24.20 12.59 67.48
N GLU B 665 -23.59 12.54 66.31
CA GLU B 665 -23.91 11.57 65.27
C GLU B 665 -22.70 10.80 64.77
N ARG B 666 -21.54 11.45 64.68
CA ARG B 666 -20.29 10.80 64.32
C ARG B 666 -19.33 10.93 65.50
N LEU B 667 -19.17 9.87 66.28
CA LEU B 667 -18.29 9.85 67.43
C LEU B 667 -17.13 8.92 67.17
N TYR B 668 -15.91 9.44 67.30
CA TYR B 668 -14.71 8.67 66.96
C TYR B 668 -13.68 8.86 68.06
N LEU B 669 -13.40 7.80 68.80
CA LEU B 669 -12.32 7.77 69.79
C LEU B 669 -11.53 6.48 69.69
N ASN B 670 -11.26 6.05 68.46
CA ASN B 670 -10.54 4.81 68.22
C ASN B 670 -9.10 4.92 68.67
N ARG B 671 -8.46 3.76 68.85
CA ARG B 671 -7.06 3.66 69.22
C ARG B 671 -6.78 4.39 70.54
N ASN B 672 -7.75 4.34 71.45
CA ASN B 672 -7.62 4.94 72.77
C ASN B 672 -7.74 3.86 73.83
N LYS B 673 -7.29 4.19 75.05
CA LYS B 673 -7.34 3.28 76.18
C LYS B 673 -8.39 3.81 77.17
N ILE B 674 -9.64 3.45 76.92
CA ILE B 674 -10.77 3.83 77.77
C ILE B 674 -11.32 2.53 78.37
N GLU B 675 -11.21 2.41 79.69
CA GLU B 675 -11.54 1.15 80.36
C GLU B 675 -13.03 0.90 80.47
N LYS B 676 -13.87 1.93 80.44
CA LYS B 676 -15.30 1.74 80.58
C LYS B 676 -16.05 2.86 79.88
N ILE B 677 -17.28 2.56 79.48
CA ILE B 677 -18.18 3.51 78.83
C ILE B 677 -19.26 3.90 79.84
N PRO B 678 -19.26 5.13 80.35
CA PRO B 678 -20.34 5.57 81.23
C PRO B 678 -21.68 5.58 80.51
N THR B 679 -22.75 5.30 81.26
CA THR B 679 -24.07 5.20 80.68
C THR B 679 -24.61 6.54 80.18
N GLN B 680 -24.01 7.65 80.61
CA GLN B 680 -24.48 8.96 80.16
C GLN B 680 -24.26 9.16 78.66
N LEU B 681 -23.22 8.53 78.09
CA LEU B 681 -22.92 8.69 76.68
C LEU B 681 -24.08 8.22 75.81
N PHE B 682 -24.84 7.23 76.27
CA PHE B 682 -25.94 6.68 75.50
C PHE B 682 -27.16 7.60 75.45
N TYR B 683 -27.13 8.74 76.16
CA TYR B 683 -28.23 9.68 76.07
C TYR B 683 -28.40 10.22 74.66
N CYS B 684 -27.30 10.31 73.91
CA CYS B 684 -27.32 10.83 72.55
C CYS B 684 -28.13 9.89 71.67
N ARG B 685 -29.28 10.36 71.18
CA ARG B 685 -30.22 9.52 70.45
C ARG B 685 -30.01 9.52 68.94
N LYS B 686 -29.04 10.29 68.43
CA LYS B 686 -28.85 10.38 66.99
C LYS B 686 -27.44 9.96 66.54
N LEU B 687 -26.79 9.11 67.33
CA LEU B 687 -25.53 8.53 66.89
C LEU B 687 -25.76 7.63 65.69
N ARG B 688 -24.91 7.79 64.66
CA ARG B 688 -25.03 6.95 63.48
C ARG B 688 -23.69 6.32 63.11
N TYR B 689 -22.60 7.01 63.40
CA TYR B 689 -21.26 6.54 63.05
C TYR B 689 -20.37 6.49 64.28
N LEU B 690 -20.89 5.97 65.39
CA LEU B 690 -20.10 5.78 66.58
C LEU B 690 -19.11 4.63 66.37
N ASP B 691 -17.83 4.87 66.67
CA ASP B 691 -16.80 3.86 66.54
C ASP B 691 -15.78 4.06 67.64
N LEU B 692 -15.66 3.07 68.53
CA LEU B 692 -14.66 3.06 69.60
C LEU B 692 -13.90 1.74 69.47
N SER B 693 -12.88 1.73 68.63
CA SER B 693 -12.13 0.52 68.31
C SER B 693 -10.73 0.58 68.92
N HIS B 694 -10.11 -0.59 69.06
CA HIS B 694 -8.79 -0.73 69.66
C HIS B 694 -8.75 -0.07 71.05
N ASN B 695 -9.64 -0.57 71.91
CA ASN B 695 -9.81 -0.01 73.24
C ASN B 695 -9.93 -1.14 74.25
N ASN B 696 -9.53 -0.85 75.49
CA ASN B 696 -9.56 -1.83 76.58
C ASN B 696 -10.93 -1.84 77.26
N LEU B 697 -11.95 -2.23 76.48
CA LEU B 697 -13.31 -2.33 77.00
C LEU B 697 -13.62 -3.75 77.43
N THR B 698 -14.41 -3.87 78.50
CA THR B 698 -14.82 -5.16 79.03
C THR B 698 -16.26 -5.51 78.63
N PHE B 699 -17.17 -4.55 78.68
CA PHE B 699 -18.56 -4.80 78.32
C PHE B 699 -19.23 -3.47 77.97
N LEU B 700 -20.35 -3.57 77.26
CA LEU B 700 -21.14 -2.40 76.89
C LEU B 700 -22.42 -2.38 77.71
N PRO B 701 -22.76 -1.28 78.37
CA PRO B 701 -24.02 -1.22 79.12
C PRO B 701 -25.22 -1.35 78.19
N ALA B 702 -26.32 -1.84 78.76
CA ALA B 702 -27.54 -2.10 77.99
C ALA B 702 -28.20 -0.82 77.48
N ASP B 703 -27.78 0.35 77.96
CA ASP B 703 -28.38 1.61 77.52
C ASP B 703 -28.11 1.87 76.04
N ILE B 704 -27.15 1.15 75.45
CA ILE B 704 -26.87 1.29 74.02
C ILE B 704 -28.07 0.87 73.19
N GLY B 705 -28.93 0.01 73.72
CA GLY B 705 -30.08 -0.46 72.98
C GLY B 705 -31.14 0.58 72.72
N LEU B 706 -31.14 1.67 73.50
CA LEU B 706 -32.07 2.76 73.25
C LEU B 706 -31.67 3.61 72.05
N LEU B 707 -30.46 3.42 71.52
CA LEU B 707 -29.98 4.16 70.35
C LEU B 707 -30.39 3.40 69.10
N GLN B 708 -31.66 3.54 68.73
CA GLN B 708 -32.16 2.89 67.52
C GLN B 708 -31.67 3.57 66.26
N ASN B 709 -31.02 4.73 66.38
CA ASN B 709 -30.55 5.51 65.24
C ASN B 709 -29.14 5.14 64.82
N LEU B 710 -28.52 4.16 65.47
CA LEU B 710 -27.15 3.77 65.15
C LEU B 710 -27.11 3.07 63.79
N GLN B 711 -26.08 3.38 63.01
CA GLN B 711 -25.88 2.79 61.68
C GLN B 711 -24.63 1.93 61.60
N ASN B 712 -23.47 2.48 61.97
CA ASN B 712 -22.22 1.75 61.92
C ASN B 712 -21.52 1.82 63.26
N LEU B 713 -20.96 0.69 63.70
CA LEU B 713 -20.26 0.60 64.96
C LEU B 713 -19.07 -0.34 64.80
N ALA B 714 -17.93 0.07 65.37
CA ALA B 714 -16.71 -0.73 65.34
C ALA B 714 -16.21 -0.90 66.76
N VAL B 715 -16.13 -2.15 67.23
CA VAL B 715 -15.65 -2.46 68.57
C VAL B 715 -14.46 -3.39 68.45
N THR B 716 -13.66 -3.20 67.40
CA THR B 716 -12.53 -4.07 67.13
C THR B 716 -11.48 -3.96 68.24
N ALA B 717 -10.83 -5.09 68.52
CA ALA B 717 -9.80 -5.19 69.55
C ALA B 717 -10.34 -4.77 70.92
N ASN B 718 -11.50 -5.32 71.27
CA ASN B 718 -12.14 -5.07 72.55
C ASN B 718 -12.52 -6.40 73.20
N ARG B 719 -12.30 -6.49 74.51
CA ARG B 719 -12.60 -7.71 75.25
C ARG B 719 -14.06 -7.75 75.67
N ILE B 720 -14.97 -7.63 74.71
CA ILE B 720 -16.40 -7.60 74.98
C ILE B 720 -16.89 -9.05 75.03
N GLU B 721 -17.20 -9.52 76.24
CA GLU B 721 -17.66 -10.90 76.40
C GLU B 721 -18.98 -11.14 75.68
N ALA B 722 -19.92 -10.20 75.81
CA ALA B 722 -21.22 -10.34 75.16
C ALA B 722 -21.87 -8.98 75.01
N LEU B 723 -22.87 -8.91 74.14
CA LEU B 723 -23.64 -7.71 73.93
C LEU B 723 -25.03 -7.84 74.53
N PRO B 724 -25.61 -6.75 75.04
CA PRO B 724 -26.95 -6.82 75.62
C PRO B 724 -27.99 -7.16 74.56
N PRO B 725 -28.98 -7.98 74.91
CA PRO B 725 -30.08 -8.22 73.95
C PRO B 725 -30.85 -6.95 73.60
N GLU B 726 -30.84 -5.96 74.49
CA GLU B 726 -31.49 -4.69 74.19
C GLU B 726 -30.82 -3.98 73.02
N LEU B 727 -29.51 -4.17 72.84
CA LEU B 727 -28.80 -3.54 71.74
C LEU B 727 -29.36 -3.99 70.39
N PHE B 728 -29.60 -5.28 70.23
CA PHE B 728 -30.10 -5.82 68.98
C PHE B 728 -31.56 -5.48 68.72
N GLN B 729 -32.27 -4.91 69.69
CA GLN B 729 -33.66 -4.52 69.48
C GLN B 729 -33.79 -3.38 68.49
N CYS B 730 -32.70 -2.65 68.24
CA CYS B 730 -32.70 -1.63 67.20
C CYS B 730 -32.88 -2.27 65.82
N ARG B 731 -33.53 -1.54 64.92
CA ARG B 731 -33.82 -2.04 63.59
C ARG B 731 -33.25 -1.17 62.47
N LYS B 732 -32.54 -0.10 62.79
CA LYS B 732 -31.98 0.81 61.79
C LYS B 732 -30.48 0.65 61.60
N LEU B 733 -29.89 -0.39 62.20
CA LEU B 733 -28.45 -0.59 62.07
C LEU B 733 -28.07 -0.95 60.64
N ARG B 734 -26.87 -0.55 60.24
CA ARG B 734 -26.36 -0.82 58.90
C ARG B 734 -25.11 -1.68 58.87
N ALA B 735 -24.14 -1.42 59.76
CA ALA B 735 -22.89 -2.16 59.75
C ALA B 735 -22.42 -2.36 61.19
N LEU B 736 -21.87 -3.54 61.46
CA LEU B 736 -21.35 -3.87 62.79
C LEU B 736 -20.01 -4.56 62.61
N HIS B 737 -18.92 -3.85 62.88
CA HIS B 737 -17.57 -4.38 62.77
C HIS B 737 -17.11 -4.86 64.14
N LEU B 738 -16.93 -6.17 64.28
CA LEU B 738 -16.50 -6.79 65.53
C LEU B 738 -15.30 -7.67 65.21
N GLY B 739 -14.10 -7.14 65.41
CA GLY B 739 -12.87 -7.85 65.10
C GLY B 739 -12.02 -8.06 66.34
N ASN B 740 -11.54 -9.30 66.51
CA ASN B 740 -10.67 -9.68 67.62
C ASN B 740 -11.32 -9.34 68.97
N ASN B 741 -12.45 -10.00 69.20
CA ASN B 741 -13.21 -9.83 70.43
C ASN B 741 -13.42 -11.19 71.09
N VAL B 742 -13.60 -11.15 72.41
CA VAL B 742 -13.76 -12.36 73.21
C VAL B 742 -15.25 -12.70 73.20
N LEU B 743 -15.69 -13.42 72.17
CA LEU B 743 -17.08 -13.83 72.02
C LEU B 743 -17.15 -15.35 71.99
N GLN B 744 -17.98 -15.92 72.85
CA GLN B 744 -18.17 -17.37 72.90
C GLN B 744 -19.42 -17.83 72.19
N SER B 745 -20.42 -16.96 72.05
CA SER B 745 -21.67 -17.32 71.42
C SER B 745 -22.27 -16.09 70.75
N LEU B 746 -23.19 -16.33 69.82
CA LEU B 746 -23.88 -15.27 69.11
C LEU B 746 -25.36 -15.34 69.45
N PRO B 747 -25.97 -14.23 69.88
CA PRO B 747 -27.38 -14.26 70.27
C PRO B 747 -28.28 -14.69 69.12
N SER B 748 -29.36 -15.40 69.46
CA SER B 748 -30.31 -15.87 68.46
C SER B 748 -31.33 -14.82 68.07
N ARG B 749 -31.37 -13.68 68.75
CA ARG B 749 -32.30 -12.62 68.40
C ARG B 749 -31.78 -11.69 67.31
N VAL B 750 -30.55 -11.90 66.84
CA VAL B 750 -30.01 -11.09 65.76
C VAL B 750 -30.70 -11.39 64.44
N GLY B 751 -31.40 -12.53 64.34
CA GLY B 751 -32.12 -12.85 63.13
C GLY B 751 -33.23 -11.87 62.80
N GLU B 752 -33.75 -11.16 63.80
CA GLU B 752 -34.74 -10.12 63.55
C GLU B 752 -34.14 -8.88 62.90
N LEU B 753 -32.81 -8.78 62.82
CA LEU B 753 -32.16 -7.66 62.16
C LEU B 753 -32.32 -7.81 60.65
N THR B 754 -32.96 -6.83 60.03
CA THR B 754 -33.17 -6.84 58.58
C THR B 754 -32.40 -5.76 57.85
N ASN B 755 -32.14 -4.62 58.47
CA ASN B 755 -31.45 -3.51 57.83
C ASN B 755 -29.93 -3.63 57.92
N LEU B 756 -29.42 -4.62 58.66
CA LEU B 756 -27.98 -4.82 58.80
C LEU B 756 -27.39 -5.23 57.45
N THR B 757 -26.67 -4.31 56.82
CA THR B 757 -26.09 -4.59 55.50
C THR B 757 -24.86 -5.49 55.59
N GLN B 758 -24.06 -5.36 56.65
CA GLN B 758 -22.84 -6.12 56.77
C GLN B 758 -22.48 -6.32 58.24
N ILE B 759 -21.63 -7.32 58.49
CA ILE B 759 -21.18 -7.63 59.84
C ILE B 759 -19.88 -8.40 59.71
N GLU B 760 -18.94 -8.11 60.62
CA GLU B 760 -17.64 -8.78 60.64
C GLU B 760 -17.46 -9.50 61.96
N LEU B 761 -16.96 -10.73 61.89
CA LEU B 761 -16.74 -11.56 63.07
C LEU B 761 -15.33 -12.16 63.08
N ARG B 762 -14.42 -11.58 62.30
CA ARG B 762 -13.07 -12.11 62.21
C ARG B 762 -12.30 -11.88 63.50
N GLY B 763 -11.50 -12.87 63.90
CA GLY B 763 -10.73 -12.80 65.11
C GLY B 763 -11.42 -13.37 66.33
N ASN B 764 -12.74 -13.54 66.29
CA ASN B 764 -13.46 -14.13 67.41
C ASN B 764 -13.29 -15.65 67.42
N ARG B 765 -13.21 -16.21 68.61
CA ARG B 765 -13.13 -17.67 68.77
C ARG B 765 -14.52 -18.30 68.81
N LEU B 766 -15.34 -17.96 67.83
CA LEU B 766 -16.69 -18.50 67.77
C LEU B 766 -16.66 -19.96 67.32
N GLU B 767 -17.70 -20.70 67.71
CA GLU B 767 -17.89 -22.07 67.26
C GLU B 767 -19.33 -22.36 66.86
N CYS B 768 -20.26 -21.44 67.09
CA CYS B 768 -21.66 -21.65 66.77
C CYS B 768 -22.21 -20.40 66.10
N LEU B 769 -22.84 -20.58 64.94
CA LEU B 769 -23.55 -19.52 64.24
C LEU B 769 -25.02 -19.90 64.16
N PRO B 770 -25.90 -19.15 64.82
CA PRO B 770 -27.32 -19.54 64.85
C PRO B 770 -27.93 -19.58 63.46
N VAL B 771 -28.91 -20.47 63.30
CA VAL B 771 -29.50 -20.73 61.99
C VAL B 771 -30.29 -19.53 61.48
N GLU B 772 -30.96 -18.80 62.38
CA GLU B 772 -31.83 -17.71 61.95
C GLU B 772 -31.05 -16.52 61.42
N LEU B 773 -29.73 -16.51 61.56
CA LEU B 773 -28.92 -15.41 61.03
C LEU B 773 -29.08 -15.25 59.53
N GLY B 774 -29.35 -16.34 58.80
CA GLY B 774 -29.49 -16.27 57.36
C GLY B 774 -30.83 -15.76 56.88
N GLU B 775 -31.79 -15.56 57.78
CA GLU B 775 -33.11 -15.06 57.43
C GLU B 775 -33.06 -13.53 57.49
N CYS B 776 -32.82 -12.91 56.33
CA CYS B 776 -32.75 -11.46 56.22
C CYS B 776 -33.05 -11.04 54.78
N PRO B 777 -33.86 -10.00 54.59
CA PRO B 777 -34.16 -9.55 53.21
C PRO B 777 -32.92 -9.16 52.42
N LEU B 778 -31.93 -8.54 53.07
CA LEU B 778 -30.70 -8.11 52.42
C LEU B 778 -29.55 -8.85 53.08
N LEU B 779 -29.00 -9.84 52.39
CA LEU B 779 -27.91 -10.64 52.91
C LEU B 779 -27.15 -11.26 51.75
N LYS B 780 -25.85 -10.99 51.68
CA LYS B 780 -24.99 -11.53 50.63
C LYS B 780 -23.70 -12.02 51.28
N ARG B 781 -22.79 -12.53 50.44
CA ARG B 781 -21.52 -13.04 50.94
C ARG B 781 -20.59 -11.92 51.35
N SER B 782 -20.60 -10.80 50.61
CA SER B 782 -19.70 -9.70 50.91
C SER B 782 -20.01 -9.09 52.29
N GLY B 783 -21.29 -8.92 52.60
CA GLY B 783 -21.66 -8.33 53.88
C GLY B 783 -21.27 -9.21 55.06
N LEU B 784 -21.52 -10.51 54.96
CA LEU B 784 -21.25 -11.46 56.04
C LEU B 784 -20.01 -12.27 55.66
N VAL B 785 -18.87 -11.87 56.22
CA VAL B 785 -17.60 -12.56 55.99
C VAL B 785 -17.11 -13.07 57.35
N VAL B 786 -16.97 -14.38 57.48
CA VAL B 786 -16.52 -15.05 58.69
C VAL B 786 -15.52 -16.11 58.30
N GLU B 787 -15.04 -16.85 59.30
CA GLU B 787 -14.10 -17.93 59.05
C GLU B 787 -14.78 -19.06 58.27
N GLU B 788 -14.01 -19.71 57.40
CA GLU B 788 -14.58 -20.74 56.53
C GLU B 788 -15.09 -21.92 57.33
N ASP B 789 -14.34 -22.34 58.36
CA ASP B 789 -14.80 -23.47 59.18
C ASP B 789 -16.09 -23.14 59.90
N LEU B 790 -16.21 -21.92 60.43
CA LEU B 790 -17.44 -21.49 61.07
C LEU B 790 -18.56 -21.25 60.08
N PHE B 791 -18.24 -21.14 58.79
CA PHE B 791 -19.26 -20.94 57.77
C PHE B 791 -20.05 -22.23 57.52
N SER B 792 -19.48 -23.39 57.86
CA SER B 792 -20.14 -24.66 57.61
C SER B 792 -21.11 -25.08 58.72
N THR B 793 -21.15 -24.36 59.84
CA THR B 793 -22.03 -24.75 60.93
C THR B 793 -23.49 -24.41 60.67
N LEU B 794 -23.78 -23.61 59.65
CA LEU B 794 -25.15 -23.34 59.27
C LEU B 794 -25.60 -24.30 58.17
N PRO B 795 -26.90 -24.62 58.09
CA PRO B 795 -27.35 -25.56 57.08
C PRO B 795 -27.07 -25.04 55.68
N PRO B 796 -26.79 -25.93 54.73
CA PRO B 796 -26.32 -25.47 53.41
C PRO B 796 -27.41 -25.04 52.46
N GLU B 797 -28.67 -25.37 52.76
CA GLU B 797 -29.74 -25.05 51.82
C GLU B 797 -29.98 -23.55 51.72
N VAL B 798 -29.63 -22.79 52.76
CA VAL B 798 -29.71 -21.35 52.66
C VAL B 798 -28.46 -20.78 52.00
N LYS B 799 -27.30 -21.42 52.20
CA LYS B 799 -26.08 -20.95 51.55
C LYS B 799 -26.15 -21.11 50.05
N GLU B 800 -26.76 -22.21 49.57
CA GLU B 800 -26.93 -22.40 48.13
C GLU B 800 -27.81 -21.33 47.52
N ARG B 801 -28.91 -20.99 48.20
CA ARG B 801 -29.77 -19.92 47.71
C ARG B 801 -29.07 -18.57 47.75
N LEU B 802 -28.25 -18.35 48.78
CA LEU B 802 -27.45 -17.12 48.86
C LEU B 802 -26.50 -17.03 47.67
N TRP B 803 -25.83 -18.14 47.34
CA TRP B 803 -24.94 -18.18 46.21
C TRP B 803 -25.68 -18.00 44.89
N ARG B 804 -26.94 -18.44 44.83
CA ARG B 804 -27.74 -18.25 43.63
C ARG B 804 -27.93 -16.78 43.30
N ALA B 805 -28.15 -15.94 44.31
CA ALA B 805 -28.39 -14.52 44.11
C ALA B 805 -27.14 -13.68 44.26
N ASP B 806 -25.96 -14.30 44.44
CA ASP B 806 -24.73 -13.53 44.59
C ASP B 806 -24.25 -12.93 43.28
N LYS B 807 -24.67 -13.45 42.13
CA LYS B 807 -24.21 -12.93 40.85
C LYS B 807 -24.63 -11.48 40.66
N GLU B 808 -25.95 -11.24 40.59
CA GLU B 808 -26.49 -9.90 40.46
C GLU B 808 -27.99 -9.88 40.72
N PRO C 15 38.06 -0.62 1.01
CA PRO C 15 36.90 -0.01 1.66
C PRO C 15 36.16 -0.96 2.59
N ALA C 16 36.64 -2.20 2.67
CA ALA C 16 36.05 -3.21 3.54
C ALA C 16 36.99 -3.74 4.60
N TYR C 17 38.22 -4.08 4.25
CA TYR C 17 39.19 -4.63 5.19
C TYR C 17 40.10 -3.58 5.80
N ARG C 18 39.87 -2.30 5.50
CA ARG C 18 40.75 -1.25 6.02
C ARG C 18 40.72 -1.17 7.54
N ILE C 19 39.69 -1.70 8.17
CA ILE C 19 39.65 -1.72 9.64
C ILE C 19 40.67 -2.70 10.19
N LEU C 20 40.92 -3.80 9.48
CA LEU C 20 41.83 -4.84 9.94
C LEU C 20 43.29 -4.53 9.65
N LYS C 21 43.58 -3.42 8.97
CA LYS C 21 44.95 -3.05 8.66
C LYS C 21 45.41 -1.96 9.61
N PRO C 22 46.32 -2.25 10.55
CA PRO C 22 46.85 -1.18 11.40
C PRO C 22 47.75 -0.25 10.63
N TRP C 23 48.38 0.71 11.31
CA TRP C 23 49.27 1.64 10.61
C TRP C 23 50.45 0.92 9.99
N TRP C 24 50.97 -0.12 10.64
CA TRP C 24 52.09 -0.84 10.07
C TRP C 24 51.70 -1.58 8.79
N ASP C 25 50.46 -2.08 8.70
CA ASP C 25 50.05 -2.79 7.50
C ASP C 25 49.94 -1.84 6.30
N VAL C 26 49.33 -0.67 6.49
CA VAL C 26 49.23 0.28 5.37
C VAL C 26 50.62 0.82 5.03
N PHE C 27 51.46 1.03 6.03
CA PHE C 27 52.83 1.45 5.76
C PHE C 27 53.56 0.42 4.90
N THR C 28 53.43 -0.86 5.24
CA THR C 28 54.08 -1.89 4.45
C THR C 28 53.48 -1.99 3.06
N ASP C 29 52.16 -1.77 2.93
CA ASP C 29 51.55 -1.77 1.60
C ASP C 29 52.13 -0.68 0.73
N TYR C 30 52.27 0.53 1.26
CA TYR C 30 52.83 1.62 0.46
C TYR C 30 54.31 1.42 0.18
N ILE C 31 55.06 0.88 1.15
CA ILE C 31 56.46 0.59 0.93
C ILE C 31 56.62 -0.45 -0.17
N SER C 32 55.75 -1.47 -0.17
CA SER C 32 55.78 -2.47 -1.23
C SER C 32 55.40 -1.89 -2.57
N ILE C 33 54.47 -0.93 -2.60
CA ILE C 33 54.15 -0.27 -3.87
C ILE C 33 55.37 0.48 -4.41
N VAL C 34 56.09 1.18 -3.53
CA VAL C 34 57.29 1.88 -3.97
C VAL C 34 58.36 0.90 -4.43
N MET C 35 58.47 -0.24 -3.74
CA MET C 35 59.42 -1.27 -4.16
C MET C 35 59.05 -1.82 -5.54
N LEU C 36 57.76 -2.00 -5.80
CA LEU C 36 57.32 -2.43 -7.13
C LEU C 36 57.68 -1.39 -8.19
N MET C 37 57.50 -0.11 -7.87
CA MET C 37 57.90 0.94 -8.81
C MET C 37 59.39 0.89 -9.08
N ILE C 38 60.19 0.71 -8.04
CA ILE C 38 61.65 0.60 -8.21
C ILE C 38 61.99 -0.59 -9.10
N ALA C 39 61.35 -1.73 -8.85
CA ALA C 39 61.64 -2.94 -9.63
C ALA C 39 61.27 -2.74 -11.09
N VAL C 40 60.10 -2.16 -11.36
CA VAL C 40 59.69 -1.96 -12.75
C VAL C 40 60.62 -0.98 -13.44
N PHE C 41 60.97 0.12 -12.76
CA PHE C 41 61.85 1.10 -13.37
C PHE C 41 63.22 0.50 -13.65
N GLY C 42 63.78 -0.25 -12.71
CA GLY C 42 65.06 -0.89 -12.95
C GLY C 42 65.01 -1.91 -14.07
N GLY C 43 63.92 -2.70 -14.13
CA GLY C 43 63.81 -3.68 -15.18
C GLY C 43 63.72 -3.06 -16.56
N THR C 44 62.88 -2.04 -16.71
CA THR C 44 62.76 -1.39 -18.02
C THR C 44 64.03 -0.62 -18.37
N LEU C 45 64.71 -0.06 -17.37
CA LEU C 45 65.96 0.63 -17.62
C LEU C 45 67.03 -0.33 -18.10
N GLN C 46 67.10 -1.51 -17.49
CA GLN C 46 68.10 -2.49 -17.91
C GLN C 46 67.78 -3.08 -19.27
N VAL C 47 66.51 -3.40 -19.52
CA VAL C 47 66.13 -3.97 -20.81
C VAL C 47 66.35 -2.96 -21.93
N THR C 48 65.97 -1.71 -21.71
CA THR C 48 66.10 -0.70 -22.76
C THR C 48 67.56 -0.43 -23.09
N GLN C 49 68.41 -0.28 -22.07
CA GLN C 49 69.85 -0.14 -22.29
C GLN C 49 70.59 -0.51 -21.02
N ASP C 50 71.41 -1.56 -21.09
CA ASP C 50 72.32 -1.91 -20.02
C ASP C 50 73.67 -2.28 -20.60
N LYS C 51 74.07 -1.60 -21.66
CA LYS C 51 75.31 -1.91 -22.35
C LYS C 51 76.52 -1.58 -21.49
N MET C 52 77.62 -2.25 -21.79
CA MET C 52 78.94 -1.89 -21.29
C MET C 52 79.78 -1.38 -22.43
N ILE C 53 80.65 -0.42 -22.14
CA ILE C 53 81.52 0.21 -23.14
C ILE C 53 82.95 -0.11 -22.75
N CYS C 54 83.56 -1.07 -23.43
CA CYS C 54 84.85 -1.62 -23.05
C CYS C 54 85.92 -1.16 -24.04
N LEU C 55 87.02 -0.61 -23.50
CA LEU C 55 88.22 -0.28 -24.24
C LEU C 55 89.37 -1.18 -23.80
N PRO C 56 90.07 -1.81 -24.73
CA PRO C 56 91.15 -2.73 -24.35
C PRO C 56 92.31 -2.02 -23.67
N CYS C 57 92.96 -2.75 -22.77
CA CYS C 57 94.17 -2.29 -22.10
C CYS C 57 95.37 -2.70 -22.95
N LYS C 58 96.16 -1.72 -23.39
CA LYS C 58 97.37 -2.06 -24.13
C LYS C 58 98.49 -2.54 -23.21
N TRP C 59 98.62 -1.93 -22.02
CA TRP C 59 99.65 -2.30 -21.07
C TRP C 59 98.96 -2.82 -19.82
N VAL C 60 99.03 -4.13 -19.60
CA VAL C 60 98.32 -4.78 -18.51
C VAL C 60 99.32 -5.23 -17.45
N THR C 61 98.83 -5.33 -16.21
CA THR C 61 99.62 -5.87 -15.11
C THR C 61 98.69 -6.58 -14.16
N LYS C 62 98.85 -7.90 -14.04
CA LYS C 62 98.01 -8.75 -13.20
C LYS C 62 96.53 -8.56 -13.53
N ASP C 63 96.20 -8.77 -14.81
CA ASP C 63 94.82 -8.73 -15.30
C ASP C 63 94.16 -7.37 -15.06
N SER C 64 94.92 -6.30 -15.27
CA SER C 64 94.41 -4.93 -15.19
C SER C 64 95.44 -4.00 -15.78
N CYS C 65 94.99 -2.99 -16.53
CA CYS C 65 95.94 -2.04 -17.10
C CYS C 65 96.42 -1.06 -16.03
N ASN C 66 97.68 -0.64 -16.17
CA ASN C 66 98.35 0.20 -15.19
C ASN C 66 98.05 1.68 -15.36
N ASP C 67 97.25 2.05 -16.36
CA ASP C 67 96.94 3.44 -16.67
C ASP C 67 98.22 4.26 -16.88
N SER C 68 99.13 3.66 -17.66
CA SER C 68 100.40 4.31 -17.98
C SER C 68 100.45 4.67 -19.47
N THR C 92 103.89 16.66 -31.36
CA THR C 92 104.13 17.02 -29.97
C THR C 92 102.85 16.88 -29.15
N GLY C 93 101.74 17.38 -29.69
CA GLY C 93 100.46 17.32 -29.03
C GLY C 93 99.94 15.91 -28.94
N PRO C 94 98.99 15.67 -28.03
CA PRO C 94 98.44 14.32 -27.87
C PRO C 94 97.68 13.87 -29.10
N THR C 95 97.67 12.56 -29.31
CA THR C 95 96.90 11.95 -30.38
C THR C 95 96.22 10.70 -29.85
N GLY C 96 95.14 10.31 -30.53
CA GLY C 96 94.38 9.15 -30.10
C GLY C 96 95.17 7.87 -30.21
N ILE C 97 94.76 6.89 -29.42
CA ILE C 97 95.42 5.59 -29.39
C ILE C 97 94.76 4.69 -30.42
N LYS C 98 95.57 4.11 -31.31
CA LYS C 98 95.07 3.23 -32.34
C LYS C 98 94.95 1.81 -31.78
N TYR C 99 93.74 1.26 -31.79
CA TYR C 99 93.52 -0.12 -31.38
C TYR C 99 93.37 -1.07 -32.55
N ASP C 100 93.07 -0.57 -33.75
CA ASP C 100 92.88 -1.41 -34.94
C ASP C 100 91.79 -2.45 -34.71
N LEU C 101 90.70 -2.04 -34.09
CA LEU C 101 89.56 -2.91 -33.83
C LEU C 101 88.35 -2.43 -34.61
N ASP C 102 87.64 -3.38 -35.23
CA ASP C 102 86.39 -3.04 -35.90
C ASP C 102 85.33 -2.68 -34.86
N ARG C 103 84.24 -2.07 -35.35
CA ARG C 103 83.10 -1.81 -34.48
C ARG C 103 82.49 -3.11 -33.96
N HIS C 104 82.49 -4.15 -34.78
CA HIS C 104 81.91 -5.42 -34.35
C HIS C 104 82.78 -6.13 -33.32
N GLN C 105 84.11 -5.96 -33.39
CA GLN C 105 84.96 -6.49 -32.32
C GLN C 105 84.66 -5.78 -31.00
N TYR C 106 84.44 -4.46 -31.06
CA TYR C 106 84.03 -3.73 -29.87
C TYR C 106 82.70 -4.24 -29.34
N ASN C 107 81.73 -4.48 -30.22
CA ASN C 107 80.45 -5.01 -29.77
C ASN C 107 80.61 -6.39 -29.15
N TYR C 108 81.46 -7.22 -29.74
CA TYR C 108 81.68 -8.57 -29.21
C TYR C 108 82.31 -8.52 -27.83
N VAL C 109 83.34 -7.67 -27.65
CA VAL C 109 83.97 -7.62 -26.33
C VAL C 109 83.02 -7.00 -25.31
N ASP C 110 82.21 -6.03 -25.71
CA ASP C 110 81.20 -5.49 -24.79
C ASP C 110 80.24 -6.58 -24.36
N ALA C 111 79.75 -7.38 -25.32
CA ALA C 111 78.82 -8.45 -24.98
C ALA C 111 79.46 -9.48 -24.08
N VAL C 112 80.69 -9.89 -24.37
CA VAL C 112 81.35 -10.94 -23.60
C VAL C 112 81.65 -10.47 -22.19
N CYS C 113 82.13 -9.23 -22.04
CA CYS C 113 82.44 -8.74 -20.70
C CYS C 113 81.18 -8.41 -19.91
N TYR C 114 80.09 -8.02 -20.60
CA TYR C 114 78.82 -7.84 -19.93
C TYR C 114 78.28 -9.16 -19.41
N GLU C 115 78.35 -10.22 -20.23
CA GLU C 115 77.78 -11.48 -19.82
C GLU C 115 78.64 -12.22 -18.81
N ASN C 116 79.97 -12.07 -18.89
CA ASN C 116 80.87 -12.83 -18.03
C ASN C 116 81.33 -12.06 -16.81
N ARG C 117 81.87 -10.85 -17.00
CA ARG C 117 82.55 -10.14 -15.93
C ARG C 117 81.73 -9.03 -15.30
N LEU C 118 80.45 -8.89 -15.64
CA LEU C 118 79.56 -8.02 -14.89
C LEU C 118 78.92 -8.82 -13.77
N HIS C 119 78.89 -8.25 -12.57
CA HIS C 119 78.43 -8.99 -11.41
C HIS C 119 76.96 -9.35 -11.56
N TRP C 120 76.61 -10.54 -11.09
CA TRP C 120 75.23 -11.02 -11.22
C TRP C 120 74.26 -10.08 -10.53
N PHE C 121 74.68 -9.43 -9.45
CA PHE C 121 73.80 -8.48 -8.77
C PHE C 121 73.47 -7.31 -9.69
N ALA C 122 74.45 -6.82 -10.44
CA ALA C 122 74.21 -5.73 -11.37
C ALA C 122 73.16 -6.12 -12.42
N LYS C 123 73.27 -7.33 -12.96
CA LYS C 123 72.38 -7.74 -14.04
C LYS C 123 70.99 -8.07 -13.52
N TYR C 124 70.88 -8.61 -12.30
CA TYR C 124 69.62 -9.17 -11.83
C TYR C 124 69.08 -8.45 -10.59
N PHE C 125 69.54 -7.23 -10.33
CA PHE C 125 68.97 -6.46 -9.21
C PHE C 125 67.48 -6.16 -9.38
N PRO C 126 66.99 -5.64 -10.52
CA PRO C 126 65.54 -5.37 -10.61
C PRO C 126 64.68 -6.60 -10.46
N TYR C 127 65.12 -7.74 -11.00
CA TYR C 127 64.32 -8.96 -10.89
C TYR C 127 64.30 -9.49 -9.46
N LEU C 128 65.44 -9.40 -8.76
CA LEU C 128 65.45 -9.76 -7.35
C LEU C 128 64.55 -8.86 -6.52
N VAL C 129 64.56 -7.56 -6.82
CA VAL C 129 63.67 -6.64 -6.10
C VAL C 129 62.22 -6.97 -6.37
N LEU C 130 61.89 -7.27 -7.63
CA LEU C 130 60.52 -7.67 -7.98
C LEU C 130 60.11 -8.92 -7.21
N LEU C 131 60.99 -9.92 -7.18
CA LEU C 131 60.67 -11.15 -6.46
C LEU C 131 60.47 -10.89 -4.98
N HIS C 132 61.34 -10.08 -4.37
CA HIS C 132 61.23 -9.82 -2.94
C HIS C 132 59.96 -9.05 -2.61
N THR C 133 59.62 -8.03 -3.41
CA THR C 133 58.41 -7.28 -3.11
C THR C 133 57.16 -8.10 -3.39
N LEU C 134 57.19 -9.02 -4.37
CA LEU C 134 56.05 -9.92 -4.56
C LEU C 134 55.91 -10.87 -3.38
N ILE C 135 57.03 -11.36 -2.84
CA ILE C 135 56.98 -12.21 -1.66
C ILE C 135 56.40 -11.44 -0.47
N PHE C 136 56.83 -10.18 -0.30
CA PHE C 136 56.28 -9.38 0.80
C PHE C 136 54.79 -9.15 0.63
N LEU C 137 54.34 -8.85 -0.60
CA LEU C 137 52.91 -8.67 -0.84
C LEU C 137 52.13 -9.95 -0.56
N ALA C 138 52.67 -11.10 -0.97
CA ALA C 138 52.02 -12.37 -0.70
C ALA C 138 51.93 -12.63 0.80
N CYS C 139 53.00 -12.33 1.53
CA CYS C 139 52.95 -12.49 2.98
C CYS C 139 51.91 -11.58 3.61
N SER C 140 51.79 -10.35 3.10
CA SER C 140 50.79 -9.44 3.63
C SER C 140 49.36 -9.92 3.35
N ASN C 141 49.12 -10.44 2.15
CA ASN C 141 47.76 -10.74 1.71
C ASN C 141 47.39 -12.21 1.80
N PHE C 142 48.24 -13.06 2.38
CA PHE C 142 47.92 -14.48 2.45
C PHE C 142 46.66 -14.74 3.26
N TRP C 143 46.58 -14.21 4.49
CA TRP C 143 45.41 -14.46 5.31
C TRP C 143 44.14 -13.83 4.74
N PHE C 144 44.27 -12.80 3.92
CA PHE C 144 43.12 -12.27 3.20
C PHE C 144 42.73 -13.16 2.02
N LYS C 145 43.68 -13.89 1.45
CA LYS C 145 43.38 -14.81 0.37
C LYS C 145 43.21 -16.25 0.83
N PHE C 146 43.58 -16.56 2.06
CA PHE C 146 43.40 -17.91 2.59
C PHE C 146 41.96 -18.09 3.05
N PRO C 147 41.18 -18.98 2.42
CA PRO C 147 39.74 -19.02 2.74
C PRO C 147 39.42 -19.32 4.18
N ARG C 148 40.18 -20.22 4.83
CA ARG C 148 39.90 -20.60 6.21
C ARG C 148 39.96 -19.38 7.13
N THR C 149 40.90 -18.47 6.87
CA THR C 149 40.99 -17.24 7.64
C THR C 149 40.18 -16.10 7.01
N SER C 150 40.06 -16.09 5.68
CA SER C 150 39.34 -15.02 5.00
C SER C 150 37.87 -15.00 5.39
N SER C 151 37.25 -16.18 5.51
CA SER C 151 35.84 -16.24 5.91
C SER C 151 35.64 -15.65 7.30
N LYS C 152 36.51 -16.04 8.24
CA LYS C 152 36.41 -15.48 9.59
C LYS C 152 36.62 -13.97 9.58
N LEU C 153 37.59 -13.49 8.81
CA LEU C 153 37.88 -12.06 8.78
C LEU C 153 36.71 -11.27 8.21
N GLU C 154 36.13 -11.74 7.10
CA GLU C 154 35.02 -11.00 6.51
C GLU C 154 33.77 -11.06 7.38
N HIS C 155 33.51 -12.21 8.00
CA HIS C 155 32.38 -12.30 8.92
C HIS C 155 32.58 -11.37 10.11
N PHE C 156 33.80 -11.32 10.66
CA PHE C 156 34.08 -10.43 11.78
C PHE C 156 33.91 -8.97 11.38
N VAL C 157 34.37 -8.60 10.19
CA VAL C 157 34.22 -7.23 9.73
C VAL C 157 32.75 -6.87 9.57
N SER C 158 31.96 -7.77 8.97
CA SER C 158 30.54 -7.50 8.80
C SER C 158 29.85 -7.36 10.16
N ILE C 159 30.18 -8.23 11.10
CA ILE C 159 29.57 -8.16 12.43
C ILE C 159 29.94 -6.87 13.14
N LEU C 160 31.20 -6.48 13.06
CA LEU C 160 31.63 -5.24 13.71
C LEU C 160 30.96 -4.03 13.07
N LEU C 161 30.81 -4.02 11.75
CA LEU C 161 30.11 -2.92 11.10
C LEU C 161 28.64 -2.88 11.52
N LYS C 162 27.99 -4.04 11.61
CA LYS C 162 26.60 -4.06 12.06
C LYS C 162 26.47 -3.55 13.50
N CYS C 163 27.37 -3.98 14.37
CA CYS C 163 27.29 -3.57 15.77
C CYS C 163 27.63 -2.09 15.94
N PHE C 164 28.49 -1.54 15.08
CA PHE C 164 28.91 -0.15 15.23
C PHE C 164 27.75 0.81 15.00
N ASP C 165 26.99 0.60 13.92
CA ASP C 165 25.88 1.48 13.56
C ASP C 165 24.52 0.90 13.90
N SER C 166 24.46 -0.12 14.75
CA SER C 166 23.18 -0.69 15.13
C SER C 166 22.35 0.34 15.89
N PRO C 167 21.05 0.46 15.61
CA PRO C 167 20.22 1.44 16.32
C PRO C 167 20.09 1.15 17.80
N TRP C 168 20.36 -0.07 18.24
CA TRP C 168 20.24 -0.41 19.65
C TRP C 168 21.54 -0.21 20.43
N THR C 169 22.67 -0.14 19.74
CA THR C 169 23.93 0.13 20.43
C THR C 169 23.93 1.51 21.06
N THR C 170 23.35 2.50 20.36
CA THR C 170 23.25 3.84 20.93
C THR C 170 22.39 3.84 22.17
N ARG C 171 21.26 3.12 22.15
CA ARG C 171 20.41 3.04 23.33
C ARG C 171 21.14 2.37 24.49
N ALA C 172 21.87 1.28 24.20
CA ALA C 172 22.61 0.58 25.25
C ALA C 172 23.68 1.48 25.85
N LEU C 173 24.38 2.26 25.02
CA LEU C 173 25.39 3.15 25.53
C LEU C 173 24.79 4.31 26.32
N SER C 174 23.63 4.82 25.88
CA SER C 174 22.97 5.90 26.59
C SER C 174 22.49 5.43 27.97
N GLU C 175 21.99 4.20 28.04
CA GLU C 175 21.64 3.64 29.35
C GLU C 175 22.88 3.49 30.22
N THR C 176 23.99 3.05 29.63
CA THR C 176 25.27 2.89 30.31
C THR C 176 25.15 2.00 31.54
N GLY C 230 10.42 0.51 26.82
CA GLY C 230 11.12 1.22 25.76
C GLY C 230 10.32 1.27 24.46
N VAL C 231 10.90 1.91 23.44
CA VAL C 231 10.25 2.05 22.15
C VAL C 231 11.28 1.80 21.05
N LEU C 232 10.90 0.94 20.09
CA LEU C 232 11.73 0.67 18.92
C LEU C 232 10.87 -0.09 17.92
N ASP C 233 11.18 0.09 16.63
CA ASP C 233 10.40 -0.55 15.58
C ASP C 233 10.57 -2.06 15.63
N LYS C 234 9.52 -2.76 15.19
CA LYS C 234 9.55 -4.23 15.19
C LYS C 234 10.65 -4.75 14.29
N LYS C 235 10.82 -4.17 13.10
CA LYS C 235 11.89 -4.59 12.21
C LYS C 235 13.26 -4.33 12.83
N GLU C 236 13.42 -3.17 13.47
CA GLU C 236 14.69 -2.87 14.13
C GLU C 236 14.96 -3.83 15.29
N GLY C 237 13.93 -4.17 16.06
CA GLY C 237 14.11 -5.13 17.13
C GLY C 237 14.47 -6.51 16.63
N GLU C 238 13.84 -6.95 15.54
CA GLU C 238 14.19 -8.23 14.95
C GLU C 238 15.62 -8.22 14.42
N GLN C 239 16.04 -7.11 13.81
CA GLN C 239 17.41 -6.99 13.35
C GLN C 239 18.39 -7.04 14.52
N ALA C 240 18.06 -6.38 15.62
CA ALA C 240 18.93 -6.41 16.80
C ALA C 240 19.03 -7.82 17.38
N LYS C 241 17.90 -8.54 17.43
CA LYS C 241 17.95 -9.91 17.91
C LYS C 241 18.77 -10.80 16.99
N ALA C 242 18.61 -10.63 15.68
CA ALA C 242 19.41 -11.38 14.72
C ALA C 242 20.89 -11.08 14.91
N LEU C 243 21.22 -9.81 15.16
CA LEU C 243 22.62 -9.45 15.39
C LEU C 243 23.15 -10.08 16.67
N PHE C 244 22.33 -10.12 17.72
CA PHE C 244 22.75 -10.80 18.95
C PHE C 244 23.03 -12.28 18.70
N GLU C 245 22.14 -12.95 17.96
CA GLU C 245 22.33 -14.35 17.65
C GLU C 245 23.59 -14.55 16.79
N LYS C 246 23.81 -13.67 15.83
CA LYS C 246 24.98 -13.77 14.98
C LYS C 246 26.26 -13.58 15.79
N VAL C 247 26.25 -12.61 16.72
CA VAL C 247 27.43 -12.37 17.55
C VAL C 247 27.72 -13.59 18.42
N LYS C 248 26.69 -14.17 19.04
CA LYS C 248 26.96 -15.32 19.92
C LYS C 248 27.42 -16.53 19.12
N LYS C 249 26.82 -16.78 17.94
CA LYS C 249 27.25 -17.93 17.14
C LYS C 249 28.66 -17.71 16.62
N PHE C 250 29.01 -16.48 16.24
CA PHE C 250 30.37 -16.18 15.81
C PHE C 250 31.36 -16.37 16.94
N ARG C 251 30.99 -15.94 18.15
CA ARG C 251 31.87 -16.13 19.30
C ARG C 251 32.10 -17.61 19.57
N THR C 252 31.05 -18.43 19.47
CA THR C 252 31.21 -19.87 19.63
C THR C 252 32.11 -20.43 18.53
N HIS C 253 31.92 -19.96 17.29
CA HIS C 253 32.66 -20.52 16.16
C HIS C 253 34.14 -20.21 16.23
N VAL C 254 34.50 -18.98 16.61
CA VAL C 254 35.87 -18.51 16.45
C VAL C 254 36.69 -18.56 17.74
N GLU C 255 36.04 -18.73 18.90
CA GLU C 255 36.78 -18.70 20.16
C GLU C 255 37.78 -19.86 20.26
N GLU C 256 37.56 -20.94 19.53
CA GLU C 256 38.39 -22.13 19.63
C GLU C 256 39.12 -22.45 18.33
N GLY C 257 39.42 -21.43 17.53
CA GLY C 257 40.11 -21.66 16.28
C GLY C 257 41.61 -21.54 16.34
N ASP C 258 42.09 -20.41 16.87
CA ASP C 258 43.51 -20.08 16.97
C ASP C 258 44.22 -20.25 15.63
N ILE C 259 43.60 -19.71 14.58
CA ILE C 259 44.14 -19.76 13.23
C ILE C 259 44.55 -18.38 12.74
N VAL C 260 43.77 -17.35 13.03
CA VAL C 260 44.12 -16.00 12.60
C VAL C 260 45.39 -15.53 13.30
N TYR C 261 45.48 -15.75 14.61
CA TYR C 261 46.65 -15.31 15.36
C TYR C 261 47.91 -16.02 14.88
N ARG C 262 47.84 -17.35 14.73
CA ARG C 262 49.00 -18.11 14.29
C ARG C 262 49.41 -17.71 12.88
N LEU C 263 48.44 -17.56 11.97
CA LEU C 263 48.77 -17.20 10.59
C LEU C 263 49.39 -15.81 10.53
N TYR C 264 48.84 -14.85 11.29
CA TYR C 264 49.41 -13.51 11.30
C TYR C 264 50.81 -13.50 11.88
N MET C 265 51.04 -14.25 12.96
CA MET C 265 52.37 -14.31 13.54
C MET C 265 53.36 -14.96 12.59
N ARG C 266 52.92 -15.99 11.86
CA ARG C 266 53.81 -16.64 10.90
C ARG C 266 54.12 -15.71 9.73
N GLN C 267 53.14 -14.93 9.27
CA GLN C 267 53.41 -13.94 8.24
C GLN C 267 54.42 -12.92 8.72
N THR C 268 54.28 -12.44 9.95
CA THR C 268 55.22 -11.47 10.49
C THR C 268 56.62 -12.08 10.61
N ILE C 269 56.71 -13.32 11.06
CA ILE C 269 58.02 -13.98 11.20
C ILE C 269 58.67 -14.16 9.84
N ILE C 270 57.91 -14.58 8.84
CA ILE C 270 58.44 -14.72 7.49
C ILE C 270 58.93 -13.39 6.96
N LYS C 271 58.16 -12.33 7.19
CA LYS C 271 58.60 -11.00 6.76
C LYS C 271 59.89 -10.59 7.44
N VAL C 272 60.01 -10.85 8.74
CA VAL C 272 61.20 -10.45 9.48
C VAL C 272 62.43 -11.20 8.98
N ILE C 273 62.31 -12.52 8.79
CA ILE C 273 63.48 -13.29 8.35
C ILE C 273 63.84 -12.94 6.91
N LYS C 274 62.83 -12.71 6.06
CA LYS C 274 63.08 -12.29 4.70
C LYS C 274 63.80 -10.95 4.66
N PHE C 275 63.36 -10.00 5.51
CA PHE C 275 64.03 -8.71 5.58
C PHE C 275 65.47 -8.87 6.06
N ALA C 276 65.69 -9.74 7.05
CA ALA C 276 67.03 -9.94 7.56
C ALA C 276 67.96 -10.45 6.47
N LEU C 277 67.55 -11.51 5.77
CA LEU C 277 68.41 -12.07 4.73
C LEU C 277 68.59 -11.10 3.57
N ILE C 278 67.52 -10.38 3.20
CA ILE C 278 67.61 -9.41 2.12
C ILE C 278 68.61 -8.32 2.47
N ILE C 279 68.51 -7.77 3.68
CA ILE C 279 69.43 -6.72 4.08
C ILE C 279 70.86 -7.25 4.08
N CYS C 280 71.07 -8.44 4.65
CA CYS C 280 72.40 -9.01 4.69
C CYS C 280 73.01 -9.10 3.29
N TYR C 281 72.36 -9.84 2.40
CA TYR C 281 72.96 -10.08 1.10
C TYR C 281 73.00 -8.82 0.23
N THR C 282 71.98 -7.97 0.30
CA THR C 282 71.97 -6.76 -0.51
C THR C 282 73.06 -5.79 -0.07
N VAL C 283 73.24 -5.61 1.23
CA VAL C 283 74.33 -4.75 1.69
C VAL C 283 75.68 -5.37 1.36
N TYR C 284 75.79 -6.69 1.43
CA TYR C 284 77.06 -7.34 1.11
C TYR C 284 77.39 -7.29 -0.38
N TYR C 285 76.39 -7.16 -1.25
CA TYR C 285 76.64 -7.15 -2.69
C TYR C 285 76.39 -5.82 -3.38
N VAL C 286 75.98 -4.78 -2.65
CA VAL C 286 75.74 -3.50 -3.31
C VAL C 286 77.06 -2.82 -3.67
N HIS C 287 78.17 -3.26 -3.09
CA HIS C 287 79.46 -2.72 -3.48
C HIS C 287 79.93 -3.24 -4.83
N ASN C 288 79.28 -4.27 -5.37
CA ASN C 288 79.71 -4.90 -6.61
C ASN C 288 79.19 -4.22 -7.86
N ILE C 289 78.35 -3.19 -7.73
CA ILE C 289 77.88 -2.43 -8.88
C ILE C 289 78.74 -1.17 -8.97
N LYS C 290 79.66 -1.16 -9.94
CA LYS C 290 80.61 -0.07 -10.11
C LYS C 290 80.62 0.37 -11.57
N PHE C 291 80.88 1.65 -11.79
CA PHE C 291 80.98 2.17 -13.14
C PHE C 291 82.14 1.52 -13.89
N ASP C 292 83.33 1.54 -13.29
CA ASP C 292 84.51 0.98 -13.93
C ASP C 292 84.68 -0.47 -13.49
N VAL C 293 84.69 -1.38 -14.47
CA VAL C 293 84.86 -2.81 -14.21
C VAL C 293 85.92 -3.36 -15.15
N ASP C 294 86.93 -4.01 -14.59
CA ASP C 294 87.96 -4.65 -15.40
C ASP C 294 87.53 -6.07 -15.75
N CYS C 295 87.68 -6.43 -17.02
CA CYS C 295 87.34 -7.77 -17.47
C CYS C 295 88.53 -8.37 -18.21
N THR C 296 88.89 -9.60 -17.85
CA THR C 296 89.86 -10.40 -18.57
C THR C 296 89.13 -11.67 -18.99
N VAL C 297 88.46 -11.60 -20.14
CA VAL C 297 87.53 -12.65 -20.57
C VAL C 297 88.19 -13.68 -21.47
N ASP C 298 89.47 -13.50 -21.82
CA ASP C 298 90.23 -14.47 -22.60
C ASP C 298 89.60 -14.70 -23.98
N ILE C 299 89.53 -13.61 -24.75
CA ILE C 299 89.23 -13.67 -26.18
C ILE C 299 90.37 -12.93 -26.86
N GLU C 300 91.42 -13.66 -27.23
CA GLU C 300 92.58 -13.06 -27.87
C GLU C 300 92.71 -13.46 -29.33
N SER C 301 92.24 -14.65 -29.69
CA SER C 301 92.23 -15.05 -31.09
C SER C 301 91.16 -14.32 -31.89
N LEU C 302 90.25 -13.61 -31.22
CA LEU C 302 89.20 -12.88 -31.90
C LEU C 302 89.45 -11.38 -31.97
N THR C 303 90.10 -10.81 -30.96
CA THR C 303 90.34 -9.37 -30.91
C THR C 303 91.81 -9.00 -30.79
N GLY C 304 92.64 -9.86 -30.21
CA GLY C 304 94.06 -9.57 -30.04
C GLY C 304 94.44 -8.92 -28.73
N TYR C 305 93.50 -8.77 -27.80
CA TYR C 305 93.77 -8.17 -26.50
C TYR C 305 93.35 -9.12 -25.39
N ARG C 306 94.05 -9.03 -24.26
CA ARG C 306 93.77 -9.89 -23.12
C ARG C 306 92.72 -9.29 -22.20
N THR C 307 92.99 -8.10 -21.67
CA THR C 307 92.11 -7.45 -20.72
C THR C 307 91.49 -6.20 -21.32
N TYR C 308 90.32 -5.83 -20.81
CA TYR C 308 89.59 -4.68 -21.30
C TYR C 308 89.12 -3.85 -20.10
N ARG C 309 89.34 -2.54 -20.18
CA ARG C 309 88.78 -1.60 -19.22
C ARG C 309 87.38 -1.23 -19.68
N CYS C 310 86.38 -1.55 -18.88
CA CYS C 310 84.99 -1.37 -19.29
C CYS C 310 84.41 -0.21 -18.50
N ALA C 311 83.20 0.18 -18.90
CA ALA C 311 82.41 1.17 -18.19
C ALA C 311 80.95 0.75 -18.21
N HIS C 312 80.28 0.91 -17.08
CA HIS C 312 78.86 0.58 -16.94
C HIS C 312 78.12 1.88 -16.69
N PRO C 313 77.59 2.51 -17.74
CA PRO C 313 76.96 3.83 -17.55
C PRO C 313 75.75 3.81 -16.62
N LEU C 314 75.08 2.67 -16.46
CA LEU C 314 73.94 2.56 -15.56
C LEU C 314 74.33 2.11 -14.16
N ALA C 315 75.62 1.94 -13.88
CA ALA C 315 76.03 1.41 -12.59
C ALA C 315 75.68 2.36 -11.46
N THR C 316 75.87 3.67 -11.68
CA THR C 316 75.58 4.63 -10.63
C THR C 316 74.07 4.73 -10.38
N LEU C 317 73.27 4.71 -11.45
CA LEU C 317 71.82 4.75 -11.27
C LEU C 317 71.31 3.48 -10.59
N PHE C 318 71.88 2.32 -10.94
CA PHE C 318 71.49 1.10 -10.27
C PHE C 318 71.94 1.09 -8.81
N LYS C 319 73.09 1.68 -8.51
CA LYS C 319 73.53 1.78 -7.12
C LYS C 319 72.61 2.71 -6.32
N ILE C 320 72.18 3.81 -6.93
CA ILE C 320 71.24 4.71 -6.26
C ILE C 320 69.91 3.99 -6.01
N LEU C 321 69.43 3.25 -7.01
CA LEU C 321 68.20 2.49 -6.83
C LEU C 321 68.36 1.42 -5.75
N ALA C 322 69.53 0.77 -5.70
CA ALA C 322 69.76 -0.25 -4.69
C ALA C 322 69.83 0.35 -3.30
N SER C 323 70.42 1.54 -3.17
CA SER C 323 70.43 2.22 -1.87
C SER C 323 69.03 2.61 -1.45
N PHE C 324 68.22 3.11 -2.39
CA PHE C 324 66.82 3.42 -2.06
C PHE C 324 66.08 2.17 -1.63
N TYR C 325 66.31 1.05 -2.33
CA TYR C 325 65.66 -0.20 -1.97
C TYR C 325 66.12 -0.69 -0.61
N ILE C 326 67.41 -0.52 -0.30
CA ILE C 326 67.91 -0.91 1.02
C ILE C 326 67.24 -0.08 2.11
N SER C 327 67.09 1.22 1.88
CA SER C 327 66.40 2.06 2.86
C SER C 327 64.96 1.63 3.05
N LEU C 328 64.27 1.32 1.94
CA LEU C 328 62.89 0.84 2.04
C LEU C 328 62.81 -0.48 2.79
N VAL C 329 63.75 -1.39 2.53
CA VAL C 329 63.75 -2.67 3.22
C VAL C 329 64.05 -2.48 4.70
N ILE C 330 64.90 -1.51 5.04
CA ILE C 330 65.16 -1.23 6.45
C ILE C 330 63.89 -0.72 7.13
N PHE C 331 63.17 0.19 6.48
CA PHE C 331 61.91 0.66 7.05
C PHE C 331 60.91 -0.49 7.20
N TYR C 332 60.81 -1.33 6.17
CA TYR C 332 59.90 -2.47 6.20
C TYR C 332 60.25 -3.43 7.34
N GLY C 333 61.54 -3.72 7.51
CA GLY C 333 61.96 -4.63 8.56
C GLY C 333 61.76 -4.06 9.95
N LEU C 334 62.03 -2.77 10.13
CA LEU C 334 61.76 -2.16 11.42
C LEU C 334 60.27 -2.20 11.73
N ILE C 335 59.43 -1.93 10.74
CA ILE C 335 57.98 -2.00 10.94
C ILE C 335 57.54 -3.41 11.30
N CYS C 336 58.07 -4.41 10.59
CA CYS C 336 57.68 -5.79 10.86
C CYS C 336 58.20 -6.26 12.22
N MET C 337 59.39 -5.81 12.62
CA MET C 337 59.89 -6.13 13.95
C MET C 337 59.04 -5.48 15.03
N TYR C 338 58.57 -4.25 14.80
CA TYR C 338 57.64 -3.65 15.75
C TYR C 338 56.34 -4.45 15.82
N THR C 339 55.84 -4.91 14.68
CA THR C 339 54.64 -5.74 14.69
C THR C 339 54.87 -7.03 15.48
N LEU C 340 56.02 -7.66 15.28
CA LEU C 340 56.35 -8.88 16.01
C LEU C 340 56.41 -8.63 17.51
N TRP C 341 57.01 -7.50 17.91
CA TRP C 341 57.08 -7.18 19.33
C TRP C 341 55.71 -6.85 19.89
N TRP C 342 54.84 -6.23 19.09
CA TRP C 342 53.47 -5.97 19.50
C TRP C 342 52.71 -7.27 19.74
N MET C 343 52.96 -8.28 18.90
CA MET C 343 52.33 -9.57 19.11
C MET C 343 52.92 -10.32 20.30
N LEU C 344 53.99 -9.82 20.91
CA LEU C 344 54.64 -10.51 22.02
C LEU C 344 54.85 -9.60 23.22
N ARG C 345 54.04 -8.55 23.37
CA ARG C 345 54.13 -7.66 24.51
C ARG C 345 52.91 -7.69 25.41
N ARG C 346 51.81 -8.30 24.96
CA ARG C 346 50.56 -8.27 25.70
C ARG C 346 49.84 -9.62 25.76
N SER C 347 50.37 -10.67 25.15
CA SER C 347 49.72 -11.98 25.11
C SER C 347 48.32 -11.88 24.51
N LEU C 348 48.32 -11.55 23.21
CA LEU C 348 47.11 -11.18 22.48
C LEU C 348 46.09 -12.31 22.39
N LYS C 349 46.38 -13.46 23.00
CA LYS C 349 45.41 -14.56 23.02
C LYS C 349 44.25 -14.29 23.96
N LYS C 350 44.34 -13.25 24.79
CA LYS C 350 43.28 -12.91 25.74
C LYS C 350 42.99 -11.41 25.66
N TYR C 351 41.71 -11.06 25.73
CA TYR C 351 41.27 -9.67 25.70
C TYR C 351 40.66 -9.32 27.04
N SER C 352 41.13 -8.24 27.65
CA SER C 352 40.70 -7.89 29.00
C SER C 352 39.23 -7.53 29.04
N PHE C 353 38.78 -6.67 28.12
CA PHE C 353 37.41 -6.18 28.01
C PHE C 353 36.92 -5.49 29.28
N GLU C 354 37.81 -5.15 30.21
CA GLU C 354 37.38 -4.58 31.49
C GLU C 354 36.92 -3.14 31.37
N SER C 355 37.50 -2.37 30.44
CA SER C 355 37.18 -0.95 30.35
C SER C 355 35.69 -0.73 30.10
N ILE C 356 35.13 -1.43 29.12
CA ILE C 356 33.71 -1.26 28.81
C ILE C 356 32.83 -1.87 29.89
N ARG C 357 33.18 -3.06 30.37
CA ARG C 357 32.34 -3.74 31.36
C ARG C 357 32.31 -3.01 32.70
N GLU C 358 33.30 -2.18 33.00
CA GLU C 358 33.28 -1.38 34.22
C GLU C 358 32.80 0.04 33.98
N GLU C 359 33.00 0.59 32.78
CA GLU C 359 32.46 1.91 32.47
C GLU C 359 30.95 1.87 32.29
N SER C 360 30.45 0.85 31.59
CA SER C 360 29.03 0.72 31.30
C SER C 360 28.28 -0.08 32.36
N SER C 361 28.97 -0.49 33.44
CA SER C 361 28.34 -1.22 34.54
C SER C 361 27.77 -2.57 34.09
N TYR C 362 28.23 -3.07 32.95
CA TYR C 362 27.86 -4.42 32.49
C TYR C 362 28.89 -5.41 33.01
N SER C 363 28.74 -5.76 34.28
CA SER C 363 29.76 -6.58 34.96
C SER C 363 29.94 -7.92 34.28
N ASP C 364 28.88 -8.46 33.66
CA ASP C 364 28.95 -9.76 33.01
C ASP C 364 29.20 -9.59 31.52
N ILE C 365 30.36 -9.03 31.21
CA ILE C 365 30.90 -9.04 29.86
C ILE C 365 32.11 -9.95 29.87
N PRO C 366 32.04 -11.12 29.24
CA PRO C 366 33.12 -12.10 29.37
C PRO C 366 34.40 -11.63 28.70
N ASP C 367 35.52 -12.06 29.26
CA ASP C 367 36.81 -11.87 28.60
C ASP C 367 36.91 -12.81 27.41
N VAL C 368 37.52 -12.32 26.35
CA VAL C 368 37.56 -13.03 25.08
C VAL C 368 38.87 -13.80 24.97
N LYS C 369 38.79 -14.99 24.38
CA LYS C 369 39.91 -15.91 24.26
C LYS C 369 40.51 -15.84 22.86
N ASN C 370 41.40 -16.78 22.56
CA ASN C 370 42.23 -16.74 21.35
C ASN C 370 41.37 -16.79 20.09
N ASP C 371 41.92 -16.19 19.02
CA ASP C 371 41.35 -16.15 17.68
C ASP C 371 40.17 -15.19 17.61
N PHE C 372 39.77 -14.69 18.77
CA PHE C 372 38.74 -13.67 18.87
C PHE C 372 39.19 -12.48 19.69
N ALA C 373 40.17 -12.66 20.58
CA ALA C 373 40.82 -11.53 21.23
C ALA C 373 41.82 -10.85 20.30
N PHE C 374 42.49 -11.61 19.43
CA PHE C 374 43.45 -11.01 18.52
C PHE C 374 42.78 -10.05 17.55
N MET C 375 41.62 -10.43 17.02
CA MET C 375 40.90 -9.53 16.12
C MET C 375 40.42 -8.29 16.87
N LEU C 376 40.04 -8.43 18.13
CA LEU C 376 39.69 -7.27 18.93
C LEU C 376 40.90 -6.36 19.13
N HIS C 377 42.08 -6.93 19.32
CA HIS C 377 43.29 -6.12 19.42
C HIS C 377 43.58 -5.39 18.12
N LEU C 378 43.37 -6.06 16.98
CA LEU C 378 43.53 -5.40 15.69
C LEU C 378 42.58 -4.22 15.56
N ILE C 379 41.32 -4.42 15.95
CA ILE C 379 40.34 -3.34 15.87
C ILE C 379 40.75 -2.19 16.78
N ASP C 380 41.20 -2.49 18.00
CA ASP C 380 41.65 -1.45 18.91
C ASP C 380 42.83 -0.69 18.32
N GLN C 381 43.68 -1.39 17.57
CA GLN C 381 44.74 -0.71 16.83
C GLN C 381 44.15 0.25 15.80
N TYR C 382 43.06 -0.16 15.12
CA TYR C 382 42.37 0.77 14.24
C TYR C 382 41.56 1.78 15.03
N ASP C 383 40.57 1.31 15.79
CA ASP C 383 39.71 2.19 16.58
C ASP C 383 39.07 1.43 17.73
N PRO C 384 39.35 1.80 18.98
CA PRO C 384 38.71 1.11 20.12
C PRO C 384 37.21 1.29 20.17
N LEU C 385 36.67 2.33 19.51
CA LEU C 385 35.23 2.57 19.57
C LEU C 385 34.44 1.41 18.98
N TYR C 386 34.98 0.77 17.94
CA TYR C 386 34.31 -0.39 17.37
C TYR C 386 34.20 -1.52 18.38
N SER C 387 35.27 -1.77 19.14
CA SER C 387 35.23 -2.78 20.18
C SER C 387 34.25 -2.40 21.27
N LYS C 388 34.21 -1.11 21.64
CA LYS C 388 33.26 -0.65 22.65
C LYS C 388 31.82 -0.87 22.20
N ARG C 389 31.52 -0.58 20.93
CA ARG C 389 30.18 -0.84 20.41
C ARG C 389 29.88 -2.33 20.37
N PHE C 390 30.86 -3.14 19.98
CA PHE C 390 30.66 -4.58 19.88
C PHE C 390 30.51 -5.24 21.24
N ALA C 391 31.01 -4.61 22.30
CA ALA C 391 30.91 -5.20 23.63
C ALA C 391 29.47 -5.31 24.09
N VAL C 392 28.63 -4.33 23.74
CA VAL C 392 27.25 -4.31 24.23
C VAL C 392 26.43 -5.46 23.67
N PHE C 393 26.89 -6.11 22.60
CA PHE C 393 26.26 -7.31 22.07
C PHE C 393 26.85 -8.57 22.68
N LEU C 394 27.46 -8.47 23.86
CA LEU C 394 28.12 -9.61 24.48
C LEU C 394 27.80 -9.75 25.96
N SER C 395 27.02 -8.84 26.54
CA SER C 395 26.80 -8.87 27.99
C SER C 395 25.80 -9.94 28.40
N GLU C 396 24.82 -10.23 27.53
CA GLU C 396 23.72 -11.16 27.79
C GLU C 396 22.75 -10.57 28.80
N VAL C 397 23.09 -9.42 29.38
CA VAL C 397 22.11 -8.59 30.06
C VAL C 397 21.44 -7.66 29.07
N SER C 398 22.23 -7.13 28.13
CA SER C 398 21.66 -6.39 27.01
C SER C 398 20.71 -7.27 26.20
N GLU C 399 20.99 -8.57 26.11
CA GLU C 399 20.06 -9.48 25.47
C GLU C 399 18.72 -9.51 26.20
N ASN C 400 18.76 -9.55 27.55
CA ASN C 400 17.54 -9.52 28.33
C ASN C 400 16.79 -8.21 28.13
N LYS C 401 17.52 -7.09 28.12
CA LYS C 401 16.89 -5.79 27.90
C LYS C 401 16.24 -5.73 26.52
N LEU C 402 16.90 -6.30 25.51
CA LEU C 402 16.32 -6.33 24.17
C LEU C 402 15.06 -7.18 24.14
N ARG C 403 15.08 -8.33 24.82
CA ARG C 403 13.88 -9.15 24.91
C ARG C 403 12.73 -8.39 25.55
N GLN C 404 13.01 -7.72 26.67
CA GLN C 404 11.96 -6.97 27.36
C GLN C 404 11.42 -5.84 26.50
N LEU C 405 12.31 -5.13 25.79
CA LEU C 405 11.87 -4.04 24.94
C LEU C 405 11.02 -4.55 23.79
N ASN C 406 11.41 -5.67 23.18
CA ASN C 406 10.61 -6.25 22.10
C ASN C 406 9.26 -6.70 22.60
N LEU C 407 9.21 -7.29 23.80
CA LEU C 407 7.92 -7.69 24.37
C LEU C 407 7.03 -6.48 24.65
N ASN C 408 7.62 -5.42 25.22
CA ASN C 408 6.84 -4.23 25.53
C ASN C 408 6.30 -3.58 24.26
N ASN C 409 7.11 -3.50 23.21
CA ASN C 409 6.63 -2.95 21.95
C ASN C 409 5.58 -3.85 21.32
N GLU C 410 5.75 -5.17 21.44
CA GLU C 410 4.79 -6.11 20.87
C GLU C 410 3.48 -6.10 21.64
N TRP C 411 3.54 -6.15 22.96
CA TRP C 411 2.36 -6.28 23.81
C TRP C 411 2.14 -4.97 24.55
N THR C 412 1.40 -4.07 23.92
CA THR C 412 0.95 -2.86 24.60
C THR C 412 -0.23 -3.19 25.52
N LEU C 413 -0.56 -2.25 26.39
CA LEU C 413 -1.69 -2.47 27.30
C LEU C 413 -3.00 -2.62 26.54
N ASP C 414 -3.19 -1.83 25.47
CA ASP C 414 -4.40 -1.96 24.68
C ASP C 414 -4.50 -3.32 24.00
N LYS C 415 -3.39 -3.82 23.46
CA LYS C 415 -3.38 -5.12 22.79
C LYS C 415 -3.28 -6.27 23.78
N LEU C 416 -3.07 -6.00 25.07
CA LEU C 416 -3.04 -7.03 26.10
C LEU C 416 -4.34 -7.16 26.85
N ARG C 417 -5.08 -6.06 27.04
CA ARG C 417 -6.40 -6.15 27.68
C ARG C 417 -7.39 -6.89 26.80
N GLN C 418 -7.31 -6.69 25.48
CA GLN C 418 -8.22 -7.39 24.58
C GLN C 418 -7.98 -8.90 24.58
N ARG C 419 -6.79 -9.33 25.00
CA ARG C 419 -6.49 -10.75 25.07
C ARG C 419 -6.90 -11.37 26.40
N LEU C 420 -7.40 -10.58 27.35
CA LEU C 420 -7.89 -11.13 28.60
C LEU C 420 -9.15 -11.97 28.35
N THR C 421 -9.24 -13.11 29.03
CA THR C 421 -10.37 -14.01 28.90
C THR C 421 -11.04 -14.22 30.26
N LYS C 422 -12.23 -14.81 30.22
CA LYS C 422 -12.99 -15.15 31.40
C LYS C 422 -13.01 -16.66 31.53
N ASN C 423 -12.30 -17.18 32.52
CA ASN C 423 -12.11 -18.63 32.65
C ASN C 423 -13.38 -19.27 33.18
N ALA C 424 -13.30 -20.58 33.47
CA ALA C 424 -14.47 -21.30 33.97
C ALA C 424 -14.90 -20.80 35.34
N GLN C 425 -13.94 -20.47 36.20
CA GLN C 425 -14.24 -20.08 37.57
C GLN C 425 -14.60 -18.60 37.71
N ASP C 426 -14.98 -17.94 36.63
CA ASP C 426 -15.46 -16.55 36.63
C ASP C 426 -14.42 -15.60 37.26
N LYS C 427 -13.28 -15.51 36.57
CA LYS C 427 -12.24 -14.56 36.95
C LYS C 427 -11.39 -14.27 35.72
N LEU C 428 -10.81 -13.08 35.69
CA LEU C 428 -10.02 -12.67 34.53
C LEU C 428 -8.75 -13.50 34.42
N GLU C 429 -8.50 -14.03 33.22
CA GLU C 429 -7.37 -14.91 32.96
C GLU C 429 -6.56 -14.37 31.79
N LEU C 430 -5.24 -14.43 31.92
CA LEU C 430 -4.33 -14.08 30.84
C LEU C 430 -3.41 -15.26 30.58
N HIS C 431 -3.42 -15.75 29.34
CA HIS C 431 -2.64 -16.92 28.96
C HIS C 431 -1.56 -16.50 27.98
N LEU C 432 -0.30 -16.74 28.34
CA LEU C 432 0.84 -16.42 27.50
C LEU C 432 1.41 -17.70 26.92
N PHE C 433 1.53 -17.74 25.59
CA PHE C 433 1.87 -18.96 24.88
C PHE C 433 3.09 -18.72 24.00
N MET C 434 4.14 -19.49 24.23
CA MET C 434 5.36 -19.50 23.42
C MET C 434 6.03 -18.13 23.34
N LEU C 435 5.77 -17.24 24.30
CA LEU C 435 6.43 -15.96 24.31
C LEU C 435 7.90 -16.11 24.72
N SER C 436 8.72 -15.17 24.25
CA SER C 436 10.13 -15.15 24.61
C SER C 436 10.36 -14.82 26.08
N GLY C 437 9.36 -14.26 26.75
CA GLY C 437 9.50 -13.93 28.16
C GLY C 437 8.22 -13.27 28.65
N ILE C 438 8.25 -12.87 29.92
CA ILE C 438 7.10 -12.21 30.53
C ILE C 438 7.17 -10.73 30.19
N PRO C 439 6.20 -10.18 29.46
CA PRO C 439 6.22 -8.76 29.14
C PRO C 439 6.14 -7.90 30.39
N ASP C 440 6.81 -6.75 30.35
CA ASP C 440 6.76 -5.83 31.48
C ASP C 440 5.41 -5.12 31.59
N THR C 441 4.63 -5.09 30.50
CA THR C 441 3.29 -4.53 30.55
C THR C 441 2.26 -5.51 31.11
N VAL C 442 2.65 -6.76 31.34
CA VAL C 442 1.71 -7.73 31.88
C VAL C 442 1.41 -7.42 33.35
N PHE C 443 2.30 -6.70 34.02
CA PHE C 443 2.12 -6.36 35.42
C PHE C 443 1.49 -4.98 35.62
N ASP C 444 1.10 -4.31 34.54
CA ASP C 444 0.32 -3.09 34.63
C ASP C 444 -1.17 -3.36 34.65
N LEU C 445 -1.59 -4.61 34.46
CA LEU C 445 -3.00 -4.99 34.49
C LEU C 445 -3.40 -5.23 35.94
N VAL C 446 -3.97 -4.20 36.56
CA VAL C 446 -4.40 -4.32 37.96
C VAL C 446 -5.55 -5.30 38.07
N GLU C 447 -6.43 -5.35 37.08
CA GLU C 447 -7.62 -6.20 37.10
C GLU C 447 -7.29 -7.68 36.93
N LEU C 448 -6.05 -8.03 36.58
CA LEU C 448 -5.70 -9.42 36.34
C LEU C 448 -5.84 -10.23 37.62
N GLU C 449 -6.32 -11.47 37.47
CA GLU C 449 -6.53 -12.35 38.62
C GLU C 449 -5.89 -13.70 38.40
N VAL C 450 -5.79 -14.14 37.13
CA VAL C 450 -5.16 -15.39 36.77
C VAL C 450 -4.06 -15.10 35.77
N LEU C 451 -2.82 -15.46 36.11
CA LEU C 451 -1.68 -15.33 35.21
C LEU C 451 -1.19 -16.73 34.84
N LYS C 452 -1.39 -17.11 33.59
CA LYS C 452 -1.02 -18.43 33.10
C LYS C 452 0.22 -18.31 32.24
N LEU C 453 1.28 -19.02 32.63
CA LEU C 453 2.55 -19.02 31.91
C LEU C 453 2.71 -20.37 31.21
N GLU C 454 2.78 -20.34 29.88
CA GLU C 454 2.78 -21.57 29.08
C GLU C 454 3.94 -21.50 28.12
N LEU C 455 4.97 -22.33 28.36
CA LEU C 455 6.11 -22.48 27.46
C LEU C 455 6.80 -21.14 27.18
N ILE C 456 7.22 -20.48 28.24
CA ILE C 456 8.09 -19.31 28.15
C ILE C 456 9.44 -19.67 28.75
N PRO C 457 10.55 -19.46 28.03
CA PRO C 457 11.83 -20.03 28.46
C PRO C 457 12.58 -19.21 29.50
N ASP C 458 12.84 -19.82 30.66
CA ASP C 458 13.69 -19.26 31.71
C ASP C 458 13.33 -17.81 32.03
N VAL C 459 12.10 -17.65 32.50
CA VAL C 459 11.56 -16.34 32.84
C VAL C 459 11.76 -16.09 34.33
N THR C 460 12.28 -14.92 34.66
CA THR C 460 12.45 -14.49 36.05
C THR C 460 11.37 -13.47 36.35
N ILE C 461 10.45 -13.82 37.25
CA ILE C 461 9.33 -12.95 37.57
C ILE C 461 9.87 -11.73 38.31
N PRO C 462 9.67 -10.52 37.79
CA PRO C 462 10.29 -9.34 38.39
C PRO C 462 9.53 -8.90 39.63
N PRO C 463 10.12 -7.99 40.43
CA PRO C 463 9.39 -7.43 41.57
C PRO C 463 8.17 -6.61 41.18
N SER C 464 8.01 -6.28 39.89
CA SER C 464 6.87 -5.52 39.43
C SER C 464 5.56 -6.29 39.53
N ILE C 465 5.62 -7.59 39.82
CA ILE C 465 4.40 -8.38 40.01
C ILE C 465 3.61 -7.89 41.22
N ALA C 466 4.26 -7.17 42.14
CA ALA C 466 3.55 -6.58 43.27
C ALA C 466 2.53 -5.54 42.83
N GLN C 467 2.68 -4.99 41.63
CA GLN C 467 1.67 -4.08 41.10
C GLN C 467 0.33 -4.77 40.91
N LEU C 468 0.34 -6.09 40.71
CA LEU C 468 -0.89 -6.84 40.62
C LEU C 468 -1.53 -6.95 42.00
N THR C 469 -2.76 -6.45 42.13
CA THR C 469 -3.49 -6.46 43.38
C THR C 469 -4.49 -7.60 43.48
N GLY C 470 -5.21 -7.89 42.40
CA GLY C 470 -6.14 -8.99 42.38
C GLY C 470 -5.55 -10.34 42.04
N LEU C 471 -4.24 -10.41 41.81
CA LEU C 471 -3.61 -11.67 41.44
C LEU C 471 -3.75 -12.69 42.57
N LYS C 472 -4.37 -13.82 42.25
CA LYS C 472 -4.54 -14.91 43.21
C LYS C 472 -4.23 -16.29 42.64
N GLU C 473 -4.09 -16.44 41.33
CA GLU C 473 -3.74 -17.72 40.71
C GLU C 473 -2.55 -17.53 39.79
N LEU C 474 -1.66 -18.51 39.80
CA LEU C 474 -0.47 -18.51 38.94
C LEU C 474 -0.30 -19.88 38.33
N TRP C 475 -0.32 -19.95 37.00
CA TRP C 475 -0.18 -21.21 36.28
C TRP C 475 1.18 -21.24 35.59
N LEU C 476 1.99 -22.23 35.92
CA LEU C 476 3.32 -22.39 35.34
C LEU C 476 3.33 -23.70 34.55
N TYR C 477 2.99 -23.61 33.27
CA TYR C 477 2.92 -24.79 32.41
C TYR C 477 4.24 -24.97 31.68
N HIS C 478 5.00 -25.99 32.09
CA HIS C 478 6.30 -26.31 31.49
C HIS C 478 7.23 -25.09 31.52
N THR C 479 7.17 -24.35 32.63
CA THR C 479 7.95 -23.14 32.79
C THR C 479 8.58 -23.12 34.17
N ALA C 480 9.91 -23.01 34.21
CA ALA C 480 10.66 -22.90 35.46
C ALA C 480 10.86 -21.41 35.72
N ALA C 481 10.21 -20.90 36.76
CA ALA C 481 10.22 -19.48 37.06
C ALA C 481 11.16 -19.20 38.23
N LYS C 482 12.00 -18.19 38.07
CA LYS C 482 12.91 -17.74 39.11
C LYS C 482 12.34 -16.47 39.74
N ILE C 483 12.42 -16.39 41.07
CA ILE C 483 11.83 -15.28 41.81
C ILE C 483 12.91 -14.63 42.66
N GLU C 484 12.74 -13.33 42.91
CA GLU C 484 13.67 -12.57 43.72
C GLU C 484 13.12 -12.39 45.13
N ALA C 485 13.90 -11.76 45.99
CA ALA C 485 13.50 -11.56 47.38
C ALA C 485 12.24 -10.71 47.52
N PRO C 486 12.10 -9.54 46.87
CA PRO C 486 10.90 -8.71 47.12
C PRO C 486 9.62 -9.32 46.54
N ALA C 487 9.71 -9.92 45.35
CA ALA C 487 8.51 -10.47 44.73
C ALA C 487 8.07 -11.77 45.38
N LEU C 488 9.01 -12.53 45.93
CA LEU C 488 8.64 -13.77 46.61
C LEU C 488 7.84 -13.49 47.88
N ALA C 489 8.14 -12.38 48.56
CA ALA C 489 7.33 -12.01 49.71
C ALA C 489 5.91 -11.66 49.30
N PHE C 490 5.75 -10.92 48.20
CA PHE C 490 4.41 -10.59 47.71
C PHE C 490 3.66 -11.84 47.32
N LEU C 491 4.33 -12.79 46.68
CA LEU C 491 3.70 -14.07 46.37
C LEU C 491 3.38 -14.85 47.65
N ARG C 492 4.20 -14.69 48.69
CA ARG C 492 3.92 -15.34 49.96
C ARG C 492 2.72 -14.71 50.66
N GLU C 493 2.37 -13.48 50.30
CA GLU C 493 1.24 -12.81 50.95
C GLU C 493 -0.01 -12.72 50.07
N ASN C 494 0.12 -12.76 48.75
CA ASN C 494 -1.01 -12.52 47.86
C ASN C 494 -1.05 -13.53 46.71
N LEU C 495 -0.91 -14.81 47.02
CA LEU C 495 -1.06 -15.86 46.02
C LEU C 495 -1.86 -16.99 46.63
N ARG C 496 -3.00 -17.33 46.01
CA ARG C 496 -3.89 -18.36 46.53
C ARG C 496 -3.78 -19.67 45.77
N ALA C 497 -3.68 -19.63 44.45
CA ALA C 497 -3.66 -20.83 43.62
C ALA C 497 -2.34 -20.92 42.87
N LEU C 498 -1.88 -22.15 42.66
CA LEU C 498 -0.62 -22.39 41.94
C LEU C 498 -0.79 -23.67 41.12
N HIS C 499 -0.75 -23.52 39.79
CA HIS C 499 -0.78 -24.64 38.87
C HIS C 499 0.60 -24.77 38.23
N ILE C 500 1.15 -25.99 38.25
CA ILE C 500 2.43 -26.26 37.60
C ILE C 500 2.33 -27.58 36.86
N LYS C 501 2.74 -27.58 35.59
CA LYS C 501 2.92 -28.79 34.80
C LYS C 501 4.36 -28.87 34.35
N PHE C 502 4.94 -30.07 34.47
CA PHE C 502 6.37 -30.21 34.24
C PHE C 502 6.68 -31.59 33.68
N THR C 503 7.82 -31.67 33.00
CA THR C 503 8.34 -32.94 32.50
C THR C 503 9.41 -33.54 33.40
N ASP C 504 10.16 -32.71 34.11
CA ASP C 504 11.15 -33.17 35.07
C ASP C 504 10.97 -32.41 36.38
N ILE C 505 11.44 -33.03 37.47
CA ILE C 505 11.27 -32.45 38.79
C ILE C 505 12.05 -31.15 38.90
N LYS C 506 13.22 -31.08 38.27
CA LYS C 506 14.11 -29.94 38.45
C LYS C 506 13.52 -28.63 37.96
N GLU C 507 12.53 -28.68 37.08
CA GLU C 507 11.96 -27.46 36.52
C GLU C 507 10.76 -26.95 37.31
N ILE C 508 10.39 -27.60 38.41
CA ILE C 508 9.38 -27.05 39.30
C ILE C 508 10.07 -25.99 40.15
N PRO C 509 9.36 -24.95 40.59
CA PRO C 509 10.00 -23.94 41.44
C PRO C 509 10.42 -24.53 42.78
N LEU C 510 11.58 -24.10 43.28
CA LEU C 510 12.03 -24.48 44.60
C LEU C 510 11.50 -23.55 45.68
N TRP C 511 10.83 -22.47 45.30
CA TRP C 511 10.23 -21.53 46.24
C TRP C 511 8.74 -21.76 46.41
N ILE C 512 8.21 -22.89 45.91
CA ILE C 512 6.81 -23.20 46.11
C ILE C 512 6.50 -23.37 47.59
N TYR C 513 7.40 -24.01 48.34
CA TYR C 513 7.22 -24.18 49.77
C TYR C 513 7.34 -22.88 50.55
N SER C 514 7.80 -21.81 49.92
CA SER C 514 7.83 -20.49 50.53
C SER C 514 6.49 -19.78 50.45
N LEU C 515 5.51 -20.36 49.78
CA LEU C 515 4.17 -19.78 49.68
C LEU C 515 3.34 -20.32 50.84
N LYS C 516 3.21 -19.51 51.90
CA LYS C 516 2.52 -19.93 53.11
C LYS C 516 1.04 -19.57 53.11
N THR C 517 0.55 -18.87 52.08
CA THR C 517 -0.86 -18.53 51.98
C THR C 517 -1.54 -19.23 50.82
N LEU C 518 -0.89 -20.23 50.22
CA LEU C 518 -1.45 -20.91 49.07
C LEU C 518 -2.69 -21.71 49.47
N GLU C 519 -3.78 -21.52 48.74
CA GLU C 519 -5.02 -22.23 49.01
C GLU C 519 -5.05 -23.58 48.30
N GLU C 520 -4.93 -23.57 46.97
CA GLU C 520 -5.00 -24.78 46.16
C GLU C 520 -3.72 -24.95 45.37
N LEU C 521 -3.28 -26.20 45.23
CA LEU C 521 -2.08 -26.54 44.48
C LEU C 521 -2.43 -27.65 43.49
N HIS C 522 -1.90 -27.54 42.27
CA HIS C 522 -2.17 -28.48 41.20
C HIS C 522 -0.84 -28.99 40.65
N LEU C 523 -0.54 -30.26 40.89
CA LEU C 523 0.67 -30.89 40.36
C LEU C 523 0.27 -31.81 39.21
N THR C 524 0.76 -31.51 38.02
CA THR C 524 0.38 -32.23 36.80
C THR C 524 1.62 -32.66 36.03
N GLY C 525 2.59 -33.23 36.74
CA GLY C 525 3.82 -33.68 36.11
C GLY C 525 4.12 -35.14 36.39
N ASN C 526 5.32 -35.42 36.89
CA ASN C 526 5.73 -36.79 37.25
C ASN C 526 6.44 -36.73 38.59
N LEU C 527 5.67 -36.87 39.67
CA LEU C 527 6.24 -36.94 41.02
C LEU C 527 6.92 -38.27 41.28
N SER C 528 6.70 -39.29 40.44
CA SER C 528 7.33 -40.59 40.61
C SER C 528 8.76 -40.49 40.08
N ALA C 529 9.66 -40.04 40.95
CA ALA C 529 11.06 -39.86 40.59
C ALA C 529 11.78 -41.21 40.67
N GLU C 530 13.12 -41.17 40.62
CA GLU C 530 13.93 -42.38 40.51
C GLU C 530 13.89 -43.16 41.82
N ASN C 531 12.81 -43.92 42.00
CA ASN C 531 12.69 -44.91 43.08
C ASN C 531 12.91 -44.28 44.46
N ASN C 532 12.34 -43.09 44.66
CA ASN C 532 12.39 -42.41 45.94
C ASN C 532 10.99 -42.30 46.53
N ARG C 533 10.94 -42.03 47.83
CA ARG C 533 9.66 -41.93 48.54
C ARG C 533 9.11 -40.52 48.47
N TYR C 534 9.01 -39.97 47.25
CA TYR C 534 8.44 -38.64 47.01
C TYR C 534 9.10 -37.57 47.87
N ILE C 535 10.44 -37.56 47.83
CA ILE C 535 11.19 -36.50 48.50
C ILE C 535 10.95 -35.16 47.84
N VAL C 536 10.78 -35.16 46.51
CA VAL C 536 10.66 -33.93 45.74
C VAL C 536 9.45 -33.10 46.16
N ILE C 537 8.45 -33.73 46.79
CA ILE C 537 7.27 -33.03 47.28
C ILE C 537 7.16 -33.07 48.80
N ASP C 538 8.25 -33.39 49.50
CA ASP C 538 8.20 -33.60 50.94
C ASP C 538 7.89 -32.32 51.72
N GLY C 539 7.96 -31.16 51.07
CA GLY C 539 7.77 -29.91 51.78
C GLY C 539 6.35 -29.39 51.81
N LEU C 540 5.38 -30.23 51.44
CA LEU C 540 3.98 -29.81 51.46
C LEU C 540 3.48 -29.50 52.86
N ARG C 541 4.10 -30.09 53.89
CA ARG C 541 3.67 -29.84 55.26
C ARG C 541 3.83 -28.38 55.67
N GLU C 542 4.69 -27.62 54.99
CA GLU C 542 4.88 -26.22 55.34
C GLU C 542 3.63 -25.40 55.02
N LEU C 543 2.92 -25.74 53.95
CA LEU C 543 1.72 -25.01 53.57
C LEU C 543 0.62 -25.27 54.58
N LYS C 544 0.21 -24.22 55.30
CA LYS C 544 -0.81 -24.35 56.34
C LYS C 544 -2.22 -24.06 55.84
N ARG C 545 -2.37 -23.35 54.72
CA ARG C 545 -3.68 -23.02 54.19
C ARG C 545 -3.99 -23.77 52.89
N LEU C 546 -3.35 -24.92 52.68
CA LEU C 546 -3.66 -25.73 51.51
C LEU C 546 -5.02 -26.38 51.69
N LYS C 547 -5.85 -26.31 50.66
CA LYS C 547 -7.21 -26.85 50.74
C LYS C 547 -7.55 -27.78 49.59
N VAL C 548 -6.93 -27.61 48.43
CA VAL C 548 -7.21 -28.43 47.25
C VAL C 548 -5.91 -29.01 46.74
N LEU C 549 -5.92 -30.30 46.42
CA LEU C 549 -4.77 -30.99 45.85
C LEU C 549 -5.19 -31.68 44.56
N ARG C 550 -4.33 -31.61 43.55
CA ARG C 550 -4.64 -32.08 42.20
C ARG C 550 -3.48 -32.90 41.64
N LEU C 551 -3.02 -33.87 42.44
CA LEU C 551 -1.89 -34.70 42.03
C LEU C 551 -2.25 -35.55 40.80
N LYS C 552 -1.65 -35.22 39.66
CA LYS C 552 -1.74 -36.05 38.45
C LYS C 552 -0.30 -36.36 38.05
N SER C 553 0.28 -37.38 38.68
CA SER C 553 1.69 -37.68 38.47
C SER C 553 1.97 -39.17 38.45
N ASN C 554 1.00 -39.98 38.04
CA ASN C 554 1.17 -41.43 37.94
C ASN C 554 1.65 -42.02 39.26
N LEU C 555 1.02 -41.59 40.35
CA LEU C 555 1.43 -42.02 41.68
C LEU C 555 1.14 -43.50 41.86
N SER C 556 2.20 -44.29 42.04
CA SER C 556 2.04 -45.73 42.29
C SER C 556 1.48 -46.02 43.67
N LYS C 557 1.50 -45.05 44.58
CA LYS C 557 0.96 -45.21 45.92
C LYS C 557 0.81 -43.83 46.53
N LEU C 558 -0.20 -43.67 47.38
CA LEU C 558 -0.44 -42.38 48.00
C LEU C 558 0.70 -42.06 48.97
N PRO C 559 1.39 -40.94 48.82
CA PRO C 559 2.57 -40.68 49.65
C PRO C 559 2.22 -40.40 51.10
N GLN C 560 3.21 -40.59 51.96
CA GLN C 560 3.05 -40.28 53.38
C GLN C 560 2.79 -38.80 53.60
N VAL C 561 3.47 -37.94 52.82
CA VAL C 561 3.32 -36.50 52.99
C VAL C 561 1.88 -36.07 52.72
N VAL C 562 1.26 -36.64 51.69
CA VAL C 562 -0.13 -36.31 51.39
C VAL C 562 -1.04 -36.72 52.54
N THR C 563 -0.82 -37.91 53.09
CA THR C 563 -1.62 -38.37 54.23
C THR C 563 -1.46 -37.44 55.42
N ASP C 564 -0.23 -37.00 55.70
CA ASP C 564 0.00 -36.08 56.80
C ASP C 564 -0.67 -34.73 56.56
N VAL C 565 -0.57 -34.21 55.34
CA VAL C 565 -1.14 -32.88 55.05
C VAL C 565 -2.64 -32.90 54.87
N GLY C 566 -3.25 -34.08 54.72
CA GLY C 566 -4.69 -34.14 54.54
C GLY C 566 -5.50 -33.85 55.79
N VAL C 567 -4.84 -33.59 56.93
CA VAL C 567 -5.56 -33.34 58.17
C VAL C 567 -6.42 -32.09 58.05
N HIS C 568 -6.05 -31.16 57.17
CA HIS C 568 -6.84 -29.95 56.94
C HIS C 568 -7.05 -29.71 55.46
N LEU C 569 -7.23 -30.78 54.68
CA LEU C 569 -7.43 -30.70 53.25
C LEU C 569 -8.90 -30.89 52.92
N GLN C 570 -9.47 -29.96 52.16
CA GLN C 570 -10.89 -30.01 51.81
C GLN C 570 -11.13 -30.90 50.59
N LYS C 571 -10.50 -30.56 49.47
CA LYS C 571 -10.66 -31.30 48.22
C LYS C 571 -9.38 -32.05 47.90
N LEU C 572 -9.52 -33.34 47.62
CA LEU C 572 -8.42 -34.17 47.13
C LEU C 572 -8.82 -34.71 45.76
N SER C 573 -7.94 -34.54 44.78
CA SER C 573 -8.19 -35.00 43.42
C SER C 573 -6.94 -35.68 42.89
N ILE C 574 -7.05 -36.96 42.56
CA ILE C 574 -5.94 -37.72 42.03
C ILE C 574 -6.31 -38.21 40.63
N ASN C 575 -5.51 -37.85 39.65
CA ASN C 575 -5.68 -38.31 38.27
C ASN C 575 -4.47 -39.19 37.95
N ASN C 576 -4.59 -40.48 38.26
CA ASN C 576 -3.47 -41.39 38.10
C ASN C 576 -3.23 -41.77 36.64
N GLU C 577 -4.11 -41.37 35.72
CA GLU C 577 -3.95 -41.64 34.30
C GLU C 577 -3.83 -43.14 34.02
N GLY C 578 -4.65 -43.93 34.72
CA GLY C 578 -4.68 -45.36 34.54
C GLY C 578 -3.70 -46.14 35.40
N THR C 579 -2.80 -45.46 36.08
CA THR C 579 -1.85 -46.16 36.96
C THR C 579 -2.56 -46.69 38.19
N LYS C 580 -2.26 -47.94 38.54
CA LYS C 580 -2.88 -48.56 39.70
C LYS C 580 -2.56 -47.77 40.97
N LEU C 581 -3.58 -47.50 41.77
CA LEU C 581 -3.44 -46.78 43.02
C LEU C 581 -3.91 -47.67 44.17
N ILE C 582 -3.14 -47.67 45.25
CA ILE C 582 -3.43 -48.48 46.42
C ILE C 582 -3.52 -47.56 47.63
N VAL C 583 -4.54 -47.80 48.46
CA VAL C 583 -4.72 -46.99 49.67
C VAL C 583 -4.27 -47.79 50.88
N LEU C 584 -4.91 -48.92 51.14
CA LEU C 584 -4.59 -49.78 52.28
C LEU C 584 -4.65 -48.98 53.59
N ASN C 585 -5.83 -48.44 53.86
CA ASN C 585 -6.09 -47.61 55.04
C ASN C 585 -5.14 -46.41 55.08
N SER C 586 -5.22 -45.59 54.04
CA SER C 586 -4.43 -44.38 53.93
C SER C 586 -5.25 -43.09 53.95
N LEU C 587 -6.57 -43.18 53.80
CA LEU C 587 -7.43 -42.00 53.81
C LEU C 587 -8.17 -41.81 55.13
N LYS C 588 -8.12 -42.79 56.03
CA LYS C 588 -8.82 -42.66 57.30
C LYS C 588 -8.24 -41.55 58.16
N LYS C 589 -6.97 -41.21 57.97
CA LYS C 589 -6.37 -40.12 58.71
C LYS C 589 -7.05 -38.80 58.39
N MET C 590 -7.36 -38.57 57.13
CA MET C 590 -8.13 -37.39 56.75
C MET C 590 -9.57 -37.52 57.23
N VAL C 591 -10.09 -36.45 57.82
CA VAL C 591 -11.47 -36.42 58.30
C VAL C 591 -12.23 -35.18 57.86
N ASN C 592 -11.60 -34.29 57.08
CA ASN C 592 -12.26 -33.04 56.67
C ASN C 592 -12.42 -32.96 55.15
N LEU C 593 -12.18 -34.05 54.44
CA LEU C 593 -12.37 -34.04 53.00
C LEU C 593 -13.84 -33.88 52.65
N THR C 594 -14.11 -32.99 51.68
CA THR C 594 -15.45 -32.83 51.14
C THR C 594 -15.57 -33.33 49.70
N GLU C 595 -14.45 -33.50 49.01
CA GLU C 595 -14.44 -34.03 47.64
C GLU C 595 -13.28 -35.00 47.51
N LEU C 596 -13.50 -36.11 46.82
CA LEU C 596 -12.51 -37.18 46.67
C LEU C 596 -12.44 -37.64 45.22
N GLU C 597 -12.27 -36.69 44.30
CA GLU C 597 -12.10 -37.06 42.90
C GLU C 597 -10.92 -38.00 42.73
N LEU C 598 -11.16 -39.12 42.04
CA LEU C 598 -10.17 -40.17 41.86
C LEU C 598 -10.15 -40.65 40.41
N ILE C 599 -10.08 -39.69 39.48
CA ILE C 599 -10.17 -39.99 38.06
C ILE C 599 -9.03 -40.91 37.64
N ARG C 600 -9.37 -42.00 36.97
CA ARG C 600 -8.41 -42.90 36.35
C ARG C 600 -7.39 -43.45 37.35
N CYS C 601 -7.86 -43.77 38.55
CA CYS C 601 -7.00 -44.34 39.59
C CYS C 601 -6.90 -45.85 39.50
N ASP C 602 -7.63 -46.49 38.58
CA ASP C 602 -7.60 -47.95 38.40
C ASP C 602 -7.93 -48.67 39.70
N LEU C 603 -8.89 -48.13 40.46
CA LEU C 603 -9.26 -48.73 41.74
C LEU C 603 -9.85 -50.12 41.55
N GLU C 604 -10.73 -50.28 40.56
CA GLU C 604 -11.37 -51.54 40.20
C GLU C 604 -12.40 -51.95 41.25
N ARG C 605 -12.43 -51.22 42.37
CA ARG C 605 -13.35 -51.46 43.47
C ARG C 605 -13.34 -50.20 44.34
N ILE C 606 -14.49 -49.89 44.94
CA ILE C 606 -14.58 -48.76 45.85
C ILE C 606 -13.74 -49.09 47.08
N PRO C 607 -12.76 -48.27 47.43
CA PRO C 607 -11.86 -48.61 48.53
C PRO C 607 -12.58 -48.69 49.86
N HIS C 608 -12.06 -49.54 50.75
CA HIS C 608 -12.63 -49.66 52.09
C HIS C 608 -12.27 -48.48 52.99
N SER C 609 -11.25 -47.70 52.61
CA SER C 609 -10.85 -46.56 53.42
C SER C 609 -11.70 -45.32 53.19
N ILE C 610 -12.51 -45.29 52.13
CA ILE C 610 -13.38 -44.14 51.90
C ILE C 610 -14.53 -44.10 52.89
N PHE C 611 -14.80 -45.21 53.59
CA PHE C 611 -15.92 -45.27 54.50
C PHE C 611 -15.72 -44.39 55.74
N SER C 612 -14.50 -43.90 55.97
CA SER C 612 -14.22 -43.11 57.16
C SER C 612 -14.37 -41.62 56.94
N LEU C 613 -14.45 -41.17 55.69
CA LEU C 613 -14.52 -39.73 55.38
C LEU C 613 -15.97 -39.27 55.56
N HIS C 614 -16.34 -39.04 56.83
CA HIS C 614 -17.72 -38.70 57.16
C HIS C 614 -18.11 -37.31 56.66
N ASN C 615 -17.14 -36.46 56.32
CA ASN C 615 -17.42 -35.11 55.87
C ASN C 615 -17.48 -34.99 54.35
N LEU C 616 -17.38 -36.11 53.63
CA LEU C 616 -17.40 -36.08 52.18
C LEU C 616 -18.74 -35.58 51.67
N GLN C 617 -18.70 -34.86 50.54
CA GLN C 617 -19.91 -34.35 49.91
C GLN C 617 -19.95 -34.78 48.45
N GLU C 618 -18.79 -34.83 47.80
CA GLU C 618 -18.67 -35.26 46.41
C GLU C 618 -17.70 -36.44 46.34
N ILE C 619 -18.09 -37.49 45.63
CA ILE C 619 -17.24 -38.64 45.37
C ILE C 619 -17.21 -38.88 43.87
N ASP C 620 -16.03 -38.79 43.27
CA ASP C 620 -15.86 -38.99 41.84
C ASP C 620 -14.89 -40.15 41.62
N LEU C 621 -15.32 -41.12 40.81
CA LEU C 621 -14.53 -42.31 40.52
C LEU C 621 -14.49 -42.57 39.03
N LYS C 622 -14.21 -41.53 38.26
CA LYS C 622 -14.21 -41.64 36.80
C LYS C 622 -13.12 -42.60 36.32
N ASP C 623 -13.51 -43.50 35.41
CA ASP C 623 -12.57 -44.37 34.69
C ASP C 623 -11.69 -45.18 35.65
N ASN C 624 -12.31 -45.71 36.69
CA ASN C 624 -11.62 -46.59 37.64
C ASN C 624 -11.84 -48.06 37.35
N ASN C 625 -12.53 -48.38 36.25
CA ASN C 625 -12.83 -49.77 35.89
C ASN C 625 -13.54 -50.50 37.04
N LEU C 626 -14.45 -49.80 37.69
CA LEU C 626 -15.25 -50.43 38.74
C LEU C 626 -16.19 -51.46 38.12
N LYS C 627 -16.20 -52.67 38.71
CA LYS C 627 -17.06 -53.75 38.25
C LYS C 627 -18.28 -53.93 39.15
N THR C 628 -18.08 -53.94 40.46
CA THR C 628 -19.16 -54.03 41.44
C THR C 628 -19.11 -52.81 42.34
N ILE C 629 -20.29 -52.27 42.65
CA ILE C 629 -20.39 -51.08 43.49
C ILE C 629 -21.21 -51.42 44.73
N GLU C 630 -21.07 -52.66 45.22
CA GLU C 630 -21.79 -53.07 46.43
C GLU C 630 -21.35 -52.31 47.67
N GLU C 631 -20.38 -51.40 47.54
CA GLU C 631 -19.89 -50.62 48.67
C GLU C 631 -20.85 -49.49 49.03
N ILE C 632 -21.99 -49.42 48.33
CA ILE C 632 -23.04 -48.49 48.70
C ILE C 632 -23.55 -48.77 50.10
N ILE C 633 -23.43 -50.03 50.56
CA ILE C 633 -23.89 -50.43 51.87
C ILE C 633 -23.16 -49.70 53.00
N SER C 634 -22.09 -48.99 52.69
CA SER C 634 -21.33 -48.26 53.71
C SER C 634 -21.38 -46.75 53.52
N PHE C 635 -22.09 -46.24 52.51
CA PHE C 635 -22.12 -44.82 52.24
C PHE C 635 -23.25 -44.09 52.96
N GLN C 636 -24.14 -44.80 53.64
CA GLN C 636 -25.18 -44.13 54.41
C GLN C 636 -24.63 -43.44 55.65
N HIS C 637 -23.42 -43.81 56.08
CA HIS C 637 -22.80 -43.13 57.21
C HIS C 637 -22.54 -41.67 56.89
N LEU C 638 -22.11 -41.37 55.68
CA LEU C 638 -21.79 -40.00 55.28
C LEU C 638 -23.07 -39.20 55.18
N HIS C 639 -23.27 -38.28 56.13
CA HIS C 639 -24.51 -37.51 56.20
C HIS C 639 -24.53 -36.33 55.25
N ARG C 640 -23.44 -36.03 54.56
CA ARG C 640 -23.39 -34.91 53.63
C ARG C 640 -23.10 -35.34 52.20
N LEU C 641 -23.12 -36.64 51.91
CA LEU C 641 -22.89 -37.13 50.55
C LEU C 641 -24.04 -36.72 49.66
N THR C 642 -23.73 -35.98 48.58
CA THR C 642 -24.77 -35.51 47.67
C THR C 642 -24.47 -35.74 46.19
N CYS C 643 -23.23 -35.96 45.79
CA CYS C 643 -22.85 -35.96 44.38
C CYS C 643 -21.97 -37.15 44.05
N LEU C 644 -22.40 -38.34 44.46
CA LEU C 644 -21.70 -39.57 44.10
C LEU C 644 -21.65 -39.74 42.59
N LYS C 645 -20.45 -39.72 42.01
CA LYS C 645 -20.25 -39.92 40.58
C LYS C 645 -19.51 -41.23 40.35
N LEU C 646 -20.08 -42.07 39.49
CA LEU C 646 -19.45 -43.36 39.17
C LEU C 646 -19.41 -43.58 37.66
N TRP C 647 -19.35 -42.50 36.89
CA TRP C 647 -19.40 -42.60 35.44
C TRP C 647 -18.10 -43.18 34.87
N TYR C 648 -18.16 -43.54 33.59
CA TYR C 648 -17.02 -44.02 32.82
C TYR C 648 -16.42 -45.29 33.44
N ASN C 649 -17.31 -46.17 33.92
CA ASN C 649 -16.90 -47.44 34.50
C ASN C 649 -17.67 -48.55 33.80
N HIS C 650 -17.48 -49.79 34.28
CA HIS C 650 -18.19 -50.96 33.74
C HIS C 650 -18.94 -51.61 34.90
N ILE C 651 -20.14 -51.11 35.18
CA ILE C 651 -20.98 -51.61 36.25
C ILE C 651 -22.27 -52.14 35.63
N ALA C 652 -22.72 -53.30 36.10
CA ALA C 652 -23.86 -53.99 35.52
C ALA C 652 -25.14 -53.84 36.33
N TYR C 653 -25.09 -54.18 37.62
CA TYR C 653 -26.28 -54.20 38.47
C TYR C 653 -26.13 -53.13 39.54
N ILE C 654 -27.03 -52.15 39.53
CA ILE C 654 -27.08 -51.13 40.56
C ILE C 654 -27.66 -51.76 41.82
N PRO C 655 -26.96 -51.71 42.95
CA PRO C 655 -27.41 -52.45 44.13
C PRO C 655 -28.73 -51.93 44.67
N ILE C 656 -29.49 -52.83 45.30
CA ILE C 656 -30.74 -52.48 45.94
C ILE C 656 -30.55 -51.57 47.15
N GLN C 657 -29.32 -51.26 47.51
CA GLN C 657 -29.01 -50.49 48.71
C GLN C 657 -28.95 -48.99 48.44
N ILE C 658 -29.32 -48.54 47.24
CA ILE C 658 -29.43 -47.12 46.99
C ILE C 658 -30.48 -46.49 47.89
N GLY C 659 -31.47 -47.28 48.32
CA GLY C 659 -32.45 -46.81 49.29
C GLY C 659 -31.85 -46.41 50.61
N ASN C 660 -30.72 -47.02 51.00
CA ASN C 660 -30.03 -46.60 52.21
C ASN C 660 -29.56 -45.15 52.09
N LEU C 661 -29.02 -44.79 50.93
CA LEU C 661 -28.68 -43.39 50.68
C LEU C 661 -29.94 -42.54 50.64
N THR C 662 -29.85 -41.36 51.20
CA THR C 662 -31.02 -40.48 51.30
C THR C 662 -30.78 -39.11 50.70
N ASN C 663 -29.60 -38.53 50.88
CA ASN C 663 -29.34 -37.14 50.55
C ASN C 663 -28.54 -36.98 49.26
N LEU C 664 -28.70 -37.90 48.30
CA LEU C 664 -28.07 -37.74 47.00
C LEU C 664 -28.76 -36.62 46.22
N GLU C 665 -27.95 -35.79 45.57
CA GLU C 665 -28.47 -34.65 44.82
C GLU C 665 -28.07 -34.65 43.35
N ARG C 666 -26.87 -35.16 43.01
CA ARG C 666 -26.41 -35.17 41.63
C ARG C 666 -25.72 -36.51 41.39
N LEU C 667 -26.42 -37.42 40.72
CA LEU C 667 -25.91 -38.76 40.45
C LEU C 667 -25.56 -38.89 38.98
N TYR C 668 -24.36 -39.41 38.70
CA TYR C 668 -23.89 -39.60 37.35
C TYR C 668 -23.49 -41.06 37.17
N LEU C 669 -24.04 -41.70 36.13
CA LEU C 669 -23.72 -43.08 35.82
C LEU C 669 -23.52 -43.25 34.31
N ASN C 670 -22.85 -42.29 33.69
CA ASN C 670 -22.64 -42.32 32.26
C ASN C 670 -21.62 -43.38 31.87
N ARG C 671 -21.72 -43.84 30.62
CA ARG C 671 -20.73 -44.74 30.01
C ARG C 671 -20.51 -45.99 30.85
N ASN C 672 -21.60 -46.66 31.18
CA ASN C 672 -21.57 -47.95 31.86
C ASN C 672 -22.38 -48.96 31.06
N LYS C 673 -22.53 -50.16 31.62
CA LYS C 673 -23.33 -51.22 31.02
C LYS C 673 -24.42 -51.61 32.01
N ILE C 674 -25.51 -50.85 32.01
CA ILE C 674 -26.60 -51.04 32.96
C ILE C 674 -27.88 -51.23 32.16
N GLU C 675 -28.56 -52.35 32.39
CA GLU C 675 -29.79 -52.66 31.64
C GLU C 675 -31.03 -52.06 32.28
N LYS C 676 -31.09 -52.01 33.60
CA LYS C 676 -32.31 -51.61 34.29
C LYS C 676 -32.00 -50.59 35.38
N ILE C 677 -32.92 -49.65 35.57
CA ILE C 677 -32.85 -48.69 36.66
C ILE C 677 -33.61 -49.29 37.85
N PRO C 678 -32.95 -49.56 38.97
CA PRO C 678 -33.65 -50.18 40.11
C PRO C 678 -34.74 -49.27 40.64
N THR C 679 -35.81 -49.91 41.13
CA THR C 679 -36.95 -49.15 41.66
C THR C 679 -36.57 -48.39 42.92
N GLN C 680 -35.77 -49.01 43.80
CA GLN C 680 -35.38 -48.36 45.04
C GLN C 680 -34.41 -47.20 44.84
N LEU C 681 -33.87 -47.04 43.63
CA LEU C 681 -33.01 -45.89 43.36
C LEU C 681 -33.76 -44.57 43.52
N PHE C 682 -35.08 -44.58 43.32
CA PHE C 682 -35.89 -43.36 43.45
C PHE C 682 -36.28 -43.07 44.90
N TYR C 683 -35.81 -43.87 45.86
CA TYR C 683 -35.95 -43.50 47.26
C TYR C 683 -35.15 -42.23 47.59
N CYS C 684 -34.12 -41.94 46.81
CA CYS C 684 -33.36 -40.69 46.95
C CYS C 684 -34.11 -39.62 46.18
N ARG C 685 -34.99 -38.91 46.88
CA ARG C 685 -35.89 -37.95 46.25
C ARG C 685 -35.26 -36.57 46.07
N LYS C 686 -34.01 -36.38 46.48
CA LYS C 686 -33.34 -35.10 46.38
C LYS C 686 -32.51 -34.96 45.11
N LEU C 687 -32.64 -35.88 44.17
CA LEU C 687 -31.87 -35.81 42.93
C LEU C 687 -32.26 -34.56 42.15
N ARG C 688 -31.25 -33.91 41.56
CA ARG C 688 -31.47 -32.73 40.75
C ARG C 688 -30.80 -32.88 39.39
N TYR C 689 -29.73 -33.66 39.32
CA TYR C 689 -28.95 -33.85 38.11
C TYR C 689 -28.69 -35.33 37.87
N LEU C 690 -29.69 -36.17 38.05
CA LEU C 690 -29.57 -37.58 37.71
C LEU C 690 -29.27 -37.74 36.23
N ASP C 691 -28.28 -38.57 35.90
CA ASP C 691 -27.81 -38.69 34.52
C ASP C 691 -27.35 -40.12 34.29
N LEU C 692 -28.05 -40.82 33.39
CA LEU C 692 -27.64 -42.17 32.94
C LEU C 692 -27.66 -42.15 31.42
N SER C 693 -26.55 -41.72 30.84
CA SER C 693 -26.41 -41.64 29.39
C SER C 693 -25.32 -42.60 28.94
N HIS C 694 -25.40 -42.98 27.67
CA HIS C 694 -24.48 -43.96 27.07
C HIS C 694 -24.48 -45.25 27.87
N ASN C 695 -25.67 -45.82 28.01
CA ASN C 695 -25.88 -47.03 28.81
C ASN C 695 -26.92 -47.88 28.12
N ASN C 696 -26.87 -49.19 28.38
CA ASN C 696 -27.81 -50.10 27.74
C ASN C 696 -29.14 -50.16 28.48
N LEU C 697 -29.73 -49.01 28.74
CA LEU C 697 -31.03 -48.96 29.40
C LEU C 697 -32.14 -49.36 28.44
N THR C 698 -33.25 -49.84 29.00
CA THR C 698 -34.37 -50.31 28.20
C THR C 698 -35.61 -49.45 28.39
N PHE C 699 -36.02 -49.19 29.63
CA PHE C 699 -37.24 -48.44 29.89
C PHE C 699 -37.13 -47.76 31.24
N LEU C 700 -37.56 -46.51 31.31
CA LEU C 700 -37.55 -45.77 32.57
C LEU C 700 -38.64 -46.30 33.48
N PRO C 701 -38.33 -46.66 34.73
CA PRO C 701 -39.35 -47.23 35.59
C PRO C 701 -40.45 -46.23 35.92
N ALA C 702 -41.64 -46.76 36.19
CA ALA C 702 -42.82 -45.94 36.43
C ALA C 702 -42.72 -45.07 37.68
N ASP C 703 -41.86 -45.43 38.63
CA ASP C 703 -41.73 -44.67 39.86
C ASP C 703 -40.86 -43.42 39.71
N ILE C 704 -40.59 -42.99 38.48
CA ILE C 704 -39.80 -41.79 38.26
C ILE C 704 -40.56 -40.56 38.75
N GLY C 705 -41.88 -40.55 38.59
CA GLY C 705 -42.67 -39.42 39.06
C GLY C 705 -42.59 -39.24 40.57
N LEU C 706 -42.27 -40.30 41.30
CA LEU C 706 -42.08 -40.21 42.75
C LEU C 706 -40.90 -39.34 43.13
N LEU C 707 -39.99 -39.05 42.20
CA LEU C 707 -38.86 -38.15 42.43
C LEU C 707 -39.22 -36.81 41.81
N GLN C 708 -39.95 -36.00 42.58
CA GLN C 708 -40.52 -34.76 42.06
C GLN C 708 -39.54 -33.61 42.00
N ASN C 709 -38.39 -33.72 42.67
CA ASN C 709 -37.43 -32.63 42.75
C ASN C 709 -36.38 -32.69 41.64
N LEU C 710 -36.53 -33.61 40.69
CA LEU C 710 -35.58 -33.73 39.59
C LEU C 710 -35.58 -32.46 38.75
N GLN C 711 -34.38 -31.99 38.41
CA GLN C 711 -34.23 -30.81 37.57
C GLN C 711 -33.46 -31.07 36.28
N ASN C 712 -32.78 -32.20 36.15
CA ASN C 712 -32.03 -32.50 34.94
C ASN C 712 -31.87 -34.00 34.82
N LEU C 713 -32.25 -34.55 33.68
CA LEU C 713 -32.14 -35.98 33.41
C LEU C 713 -31.74 -36.17 31.96
N ALA C 714 -30.54 -36.72 31.74
CA ALA C 714 -30.04 -36.98 30.40
C ALA C 714 -30.05 -38.48 30.17
N VAL C 715 -30.79 -38.91 29.14
CA VAL C 715 -30.90 -40.32 28.81
C VAL C 715 -30.37 -40.52 27.39
N THR C 716 -29.40 -39.70 27.01
CA THR C 716 -28.82 -39.79 25.67
C THR C 716 -28.16 -41.15 25.45
N ALA C 717 -28.26 -41.65 24.23
CA ALA C 717 -27.62 -42.89 23.80
C ALA C 717 -28.05 -44.07 24.67
N ASN C 718 -29.35 -44.38 24.58
CA ASN C 718 -29.93 -45.49 25.31
C ASN C 718 -30.98 -46.16 24.44
N ARG C 719 -31.28 -47.42 24.77
CA ARG C 719 -32.34 -48.17 24.09
C ARG C 719 -33.67 -47.84 24.77
N ILE C 720 -34.03 -46.56 24.72
CA ILE C 720 -35.26 -46.08 25.36
C ILE C 720 -36.36 -46.18 24.30
N GLU C 721 -37.20 -47.22 24.44
CA GLU C 721 -38.27 -47.44 23.48
C GLU C 721 -39.29 -46.30 23.50
N ALA C 722 -39.69 -45.86 24.69
CA ALA C 722 -40.68 -44.80 24.81
C ALA C 722 -40.57 -44.16 26.19
N LEU C 723 -40.94 -42.89 26.28
CA LEU C 723 -40.94 -42.20 27.56
C LEU C 723 -42.17 -42.62 28.37
N PRO C 724 -42.00 -43.06 29.61
CA PRO C 724 -43.15 -43.43 30.42
C PRO C 724 -44.01 -42.20 30.70
N PRO C 725 -45.33 -42.38 30.81
CA PRO C 725 -46.19 -41.23 31.15
C PRO C 725 -45.86 -40.62 32.50
N GLU C 726 -45.34 -41.42 33.43
CA GLU C 726 -45.00 -40.90 34.76
C GLU C 726 -43.78 -39.98 34.73
N LEU C 727 -43.05 -39.94 33.61
CA LEU C 727 -41.91 -39.04 33.50
C LEU C 727 -42.35 -37.58 33.61
N PHE C 728 -43.49 -37.25 33.01
CA PHE C 728 -43.98 -35.88 33.01
C PHE C 728 -44.71 -35.51 34.30
N GLN C 729 -44.88 -36.45 35.23
CA GLN C 729 -45.46 -36.10 36.52
C GLN C 729 -44.59 -35.10 37.27
N CYS C 730 -43.28 -35.12 37.03
CA CYS C 730 -42.40 -34.08 37.55
C CYS C 730 -42.67 -32.77 36.84
N ARG C 731 -42.55 -31.66 37.59
CA ARG C 731 -42.82 -30.34 37.04
C ARG C 731 -41.62 -29.42 37.01
N LYS C 732 -40.63 -29.62 37.89
CA LYS C 732 -39.49 -28.71 37.99
C LYS C 732 -38.33 -29.14 37.11
N LEU C 733 -38.52 -30.13 36.25
CA LEU C 733 -37.46 -30.55 35.34
C LEU C 733 -37.08 -29.40 34.41
N ARG C 734 -35.77 -29.18 34.27
CA ARG C 734 -35.23 -28.05 33.51
C ARG C 734 -34.63 -28.47 32.18
N ALA C 735 -33.79 -29.51 32.17
CA ALA C 735 -33.17 -30.00 30.96
C ALA C 735 -33.45 -31.49 30.81
N LEU C 736 -33.65 -31.91 29.56
CA LEU C 736 -34.00 -33.31 29.28
C LEU C 736 -33.32 -33.70 27.97
N HIS C 737 -32.26 -34.50 28.06
CA HIS C 737 -31.50 -34.93 26.90
C HIS C 737 -31.93 -36.36 26.55
N LEU C 738 -32.62 -36.51 25.42
CA LEU C 738 -33.05 -37.81 24.91
C LEU C 738 -32.56 -37.90 23.47
N GLY C 739 -31.32 -38.32 23.27
CA GLY C 739 -30.71 -38.39 21.96
C GLY C 739 -30.16 -39.77 21.67
N ASN C 740 -30.10 -40.12 20.38
CA ASN C 740 -29.61 -41.41 19.93
C ASN C 740 -30.38 -42.56 20.58
N ASN C 741 -31.68 -42.35 20.76
CA ASN C 741 -32.57 -43.34 21.34
C ASN C 741 -33.63 -43.73 20.32
N VAL C 742 -34.19 -44.92 20.47
CA VAL C 742 -35.24 -45.40 19.56
C VAL C 742 -36.56 -44.93 20.16
N LEU C 743 -36.89 -43.68 19.89
CA LEU C 743 -38.12 -43.05 20.37
C LEU C 743 -39.06 -42.88 19.18
N GLN C 744 -39.91 -43.88 18.97
CA GLN C 744 -40.87 -43.79 17.86
C GLN C 744 -41.92 -42.72 18.11
N SER C 745 -42.36 -42.57 19.35
CA SER C 745 -43.43 -41.64 19.68
C SER C 745 -43.05 -40.81 20.89
N LEU C 746 -43.60 -39.61 20.94
CA LEU C 746 -43.42 -38.70 22.06
C LEU C 746 -44.78 -38.34 22.64
N PRO C 747 -44.98 -38.45 23.96
CA PRO C 747 -46.28 -38.13 24.54
C PRO C 747 -46.66 -36.67 24.31
N SER C 748 -47.97 -36.43 24.20
CA SER C 748 -48.48 -35.11 23.90
C SER C 748 -48.48 -34.19 25.11
N ARG C 749 -48.12 -34.69 26.30
CA ARG C 749 -48.10 -33.89 27.52
C ARG C 749 -46.76 -33.20 27.73
N VAL C 750 -46.01 -32.92 26.65
CA VAL C 750 -44.71 -32.28 26.79
C VAL C 750 -44.86 -30.86 27.33
N GLY C 751 -45.95 -30.17 26.98
CA GLY C 751 -46.10 -28.77 27.34
C GLY C 751 -46.33 -28.51 28.82
N GLU C 752 -46.78 -29.51 29.56
CA GLU C 752 -47.13 -29.30 30.97
C GLU C 752 -45.92 -29.00 31.85
N LEU C 753 -44.71 -29.22 31.35
CA LEU C 753 -43.49 -28.85 32.08
C LEU C 753 -43.11 -27.43 31.69
N THR C 754 -43.41 -26.46 32.56
CA THR C 754 -43.11 -25.07 32.30
C THR C 754 -41.66 -24.70 32.61
N ASN C 755 -40.97 -25.52 33.38
CA ASN C 755 -39.58 -25.25 33.75
C ASN C 755 -38.57 -25.88 32.79
N LEU C 756 -39.04 -26.66 31.83
CA LEU C 756 -38.14 -27.31 30.87
C LEU C 756 -37.60 -26.26 29.90
N THR C 757 -36.28 -26.08 29.89
CA THR C 757 -35.66 -25.05 29.07
C THR C 757 -35.02 -25.63 27.80
N GLN C 758 -34.30 -26.75 27.94
CA GLN C 758 -33.60 -27.34 26.81
C GLN C 758 -33.92 -28.82 26.72
N ILE C 759 -34.35 -29.26 25.54
CA ILE C 759 -34.64 -30.66 25.27
C ILE C 759 -33.98 -31.05 23.95
N GLU C 760 -33.26 -32.18 23.96
CA GLU C 760 -32.55 -32.66 22.78
C GLU C 760 -33.19 -33.96 22.33
N LEU C 761 -33.55 -34.03 21.04
CA LEU C 761 -34.18 -35.22 20.49
C LEU C 761 -33.55 -35.62 19.15
N ARG C 762 -32.37 -35.09 18.83
CA ARG C 762 -31.74 -35.40 17.56
C ARG C 762 -31.33 -36.86 17.48
N GLY C 763 -31.55 -37.47 16.31
CA GLY C 763 -31.18 -38.84 16.08
C GLY C 763 -32.25 -39.87 16.39
N ASN C 764 -33.38 -39.46 16.97
CA ASN C 764 -34.43 -40.39 17.32
C ASN C 764 -35.26 -40.77 16.09
N ARG C 765 -36.03 -41.85 16.24
CA ARG C 765 -36.90 -42.33 15.17
C ARG C 765 -38.30 -41.73 15.30
N LEU C 766 -38.34 -40.41 15.38
CA LEU C 766 -39.59 -39.66 15.53
C LEU C 766 -40.18 -39.35 14.17
N GLU C 767 -41.46 -39.70 14.00
CA GLU C 767 -42.18 -39.37 12.77
C GLU C 767 -43.13 -38.20 12.94
N CYS C 768 -43.44 -37.80 14.17
CA CYS C 768 -44.34 -36.68 14.43
C CYS C 768 -43.98 -36.06 15.77
N LEU C 769 -44.44 -34.82 15.95
CA LEU C 769 -44.19 -34.08 17.18
C LEU C 769 -45.52 -33.66 17.81
N PRO C 770 -45.57 -33.57 19.14
CA PRO C 770 -46.82 -33.16 19.79
C PRO C 770 -47.21 -31.74 19.41
N VAL C 771 -48.52 -31.51 19.28
CA VAL C 771 -49.04 -30.18 19.01
C VAL C 771 -49.07 -29.31 20.26
N GLU C 772 -48.84 -29.89 21.43
CA GLU C 772 -48.77 -29.16 22.68
C GLU C 772 -47.35 -28.75 23.04
N LEU C 773 -46.39 -29.00 22.16
CA LEU C 773 -44.99 -28.65 22.44
C LEU C 773 -44.81 -27.15 22.60
N GLY C 774 -45.61 -26.35 21.90
CA GLY C 774 -45.48 -24.91 21.97
C GLY C 774 -45.89 -24.30 23.29
N GLU C 775 -46.57 -25.06 24.15
CA GLU C 775 -47.03 -24.53 25.43
C GLU C 775 -45.92 -24.57 26.47
N CYS C 776 -44.76 -24.02 26.15
CA CYS C 776 -43.63 -23.97 27.07
C CYS C 776 -43.25 -22.51 27.30
N PRO C 777 -43.41 -21.99 28.52
CA PRO C 777 -43.10 -20.57 28.75
C PRO C 777 -41.64 -20.21 28.48
N LEU C 778 -40.70 -21.12 28.72
CA LEU C 778 -39.27 -20.85 28.56
C LEU C 778 -38.68 -21.91 27.64
N LEU C 779 -38.63 -21.62 26.35
CA LEU C 779 -38.03 -22.52 25.36
C LEU C 779 -37.70 -21.72 24.12
N LYS C 780 -36.44 -21.75 23.70
CA LYS C 780 -35.96 -21.01 22.54
C LYS C 780 -35.54 -21.99 21.44
N ARG C 781 -35.00 -21.44 20.36
CA ARG C 781 -34.53 -22.28 19.26
C ARG C 781 -33.41 -23.20 19.71
N SER C 782 -32.47 -22.68 20.49
CA SER C 782 -31.37 -23.50 20.99
C SER C 782 -31.84 -24.57 21.96
N GLY C 783 -32.97 -24.37 22.63
CA GLY C 783 -33.46 -25.35 23.59
C GLY C 783 -33.93 -26.64 22.96
N LEU C 784 -34.27 -26.63 21.69
CA LEU C 784 -34.71 -27.82 20.97
C LEU C 784 -33.66 -28.17 19.92
N VAL C 785 -33.14 -29.39 19.98
CA VAL C 785 -32.12 -29.87 19.05
C VAL C 785 -32.73 -31.06 18.32
N VAL C 786 -33.35 -30.79 17.16
CA VAL C 786 -33.96 -31.82 16.34
C VAL C 786 -33.59 -31.56 14.88
N GLU C 787 -33.65 -32.63 14.09
CA GLU C 787 -33.45 -32.52 12.66
C GLU C 787 -34.59 -31.73 12.02
N GLU C 788 -34.26 -30.97 10.97
CA GLU C 788 -35.21 -30.03 10.40
C GLU C 788 -36.35 -30.71 9.65
N ASP C 789 -36.18 -31.94 9.20
CA ASP C 789 -37.24 -32.60 8.44
C ASP C 789 -38.48 -32.83 9.30
N LEU C 790 -38.30 -33.26 10.55
CA LEU C 790 -39.42 -33.46 11.46
C LEU C 790 -39.69 -32.25 12.34
N PHE C 791 -38.95 -31.15 12.16
CA PHE C 791 -39.23 -29.94 12.91
C PHE C 791 -40.38 -29.13 12.32
N SER C 792 -40.81 -29.45 11.10
CA SER C 792 -41.86 -28.71 10.43
C SER C 792 -43.22 -29.41 10.46
N THR C 793 -43.26 -30.67 10.92
CA THR C 793 -44.52 -31.40 10.94
C THR C 793 -45.51 -30.83 11.95
N LEU C 794 -45.04 -30.10 12.95
CA LEU C 794 -45.91 -29.47 13.92
C LEU C 794 -46.62 -28.28 13.28
N PRO C 795 -47.73 -27.82 13.88
CA PRO C 795 -48.47 -26.68 13.30
C PRO C 795 -47.60 -25.45 13.21
N PRO C 796 -47.78 -24.62 12.18
CA PRO C 796 -46.92 -23.45 12.01
C PRO C 796 -47.00 -22.44 13.15
N GLU C 797 -48.13 -22.38 13.87
CA GLU C 797 -48.31 -21.35 14.89
C GLU C 797 -47.29 -21.49 16.02
N VAL C 798 -47.07 -22.72 16.51
CA VAL C 798 -46.11 -22.91 17.60
C VAL C 798 -44.68 -22.67 17.12
N LYS C 799 -44.36 -23.05 15.89
CA LYS C 799 -43.04 -22.78 15.34
C LYS C 799 -42.80 -21.27 15.25
N GLU C 800 -43.80 -20.52 14.79
CA GLU C 800 -43.67 -19.08 14.67
C GLU C 800 -43.59 -18.41 16.04
N ARG C 801 -44.31 -18.95 17.03
CA ARG C 801 -44.17 -18.44 18.39
C ARG C 801 -42.76 -18.70 18.93
N LEU C 802 -42.21 -19.88 18.64
CA LEU C 802 -40.85 -20.19 19.06
C LEU C 802 -39.86 -19.21 18.43
N TRP C 803 -40.03 -18.92 17.14
CA TRP C 803 -39.19 -17.93 16.48
C TRP C 803 -39.39 -16.54 17.06
N ARG C 804 -40.62 -16.20 17.46
CA ARG C 804 -40.87 -14.92 18.12
C ARG C 804 -40.12 -14.82 19.44
N ALA C 805 -40.05 -15.93 20.18
CA ALA C 805 -39.28 -15.94 21.43
C ALA C 805 -37.78 -15.85 21.20
N ASP C 806 -37.31 -16.03 19.96
CA ASP C 806 -35.89 -16.04 19.66
C ASP C 806 -35.31 -14.65 19.37
N LYS C 807 -36.14 -13.61 19.43
CA LYS C 807 -35.64 -12.27 19.09
C LYS C 807 -34.57 -11.81 20.06
N GLU C 808 -34.78 -12.01 21.36
CA GLU C 808 -33.80 -11.65 22.37
C GLU C 808 -34.05 -12.37 23.68
N PRO D 15 26.57 -13.56 -13.97
CA PRO D 15 28.00 -13.53 -13.61
C PRO D 15 28.39 -14.65 -12.65
N ALA D 16 27.53 -15.66 -12.53
CA ALA D 16 27.77 -16.76 -11.60
C ALA D 16 28.43 -17.94 -12.31
N TYR D 17 29.69 -17.74 -12.66
CA TYR D 17 30.51 -18.80 -13.26
C TYR D 17 31.62 -19.28 -12.33
N ARG D 18 31.92 -18.53 -11.27
CA ARG D 18 33.03 -18.89 -10.39
C ARG D 18 32.73 -20.11 -9.54
N ILE D 19 31.45 -20.43 -9.33
CA ILE D 19 31.10 -21.58 -8.50
C ILE D 19 31.54 -22.90 -9.13
N LEU D 20 31.67 -22.94 -10.45
CA LEU D 20 32.11 -24.15 -11.14
C LEU D 20 33.61 -24.21 -11.34
N LYS D 21 34.36 -23.21 -10.85
CA LYS D 21 35.81 -23.24 -10.96
C LYS D 21 36.41 -23.57 -9.60
N PRO D 22 36.91 -24.77 -9.40
CA PRO D 22 37.53 -25.10 -8.10
C PRO D 22 38.83 -24.35 -7.89
N TRP D 23 39.50 -24.62 -6.77
CA TRP D 23 40.75 -23.91 -6.49
C TRP D 23 41.82 -24.23 -7.53
N TRP D 24 41.85 -25.48 -8.00
CA TRP D 24 42.88 -25.85 -8.97
C TRP D 24 42.68 -25.15 -10.29
N ASP D 25 41.43 -24.92 -10.71
CA ASP D 25 41.19 -24.19 -11.95
C ASP D 25 41.63 -22.73 -11.82
N VAL D 26 41.39 -22.11 -10.66
CA VAL D 26 41.84 -20.74 -10.44
C VAL D 26 43.36 -20.69 -10.45
N PHE D 27 44.02 -21.66 -9.82
CA PHE D 27 45.48 -21.70 -9.82
C PHE D 27 46.03 -21.88 -11.23
N THR D 28 45.40 -22.75 -12.03
CA THR D 28 45.86 -22.91 -13.40
C THR D 28 45.63 -21.66 -14.23
N ASP D 29 44.54 -20.94 -13.96
CA ASP D 29 44.30 -19.67 -14.66
C ASP D 29 45.39 -18.65 -14.31
N TYR D 30 45.76 -18.57 -13.03
CA TYR D 30 46.80 -17.62 -12.64
C TYR D 30 48.16 -18.02 -13.19
N ILE D 31 48.47 -19.32 -13.19
CA ILE D 31 49.71 -19.80 -13.78
C ILE D 31 49.73 -19.51 -15.28
N SER D 32 48.58 -19.66 -15.95
CA SER D 32 48.50 -19.33 -17.37
C SER D 32 48.72 -17.84 -17.59
N ILE D 33 48.20 -16.99 -16.70
CA ILE D 33 48.44 -15.56 -16.84
C ILE D 33 49.92 -15.23 -16.68
N VAL D 34 50.58 -15.86 -15.70
CA VAL D 34 52.01 -15.60 -15.51
C VAL D 34 52.82 -16.10 -16.70
N MET D 35 52.47 -17.28 -17.22
CA MET D 35 53.16 -17.81 -18.40
C MET D 35 52.93 -16.91 -19.61
N LEU D 36 51.73 -16.34 -19.73
CA LEU D 36 51.47 -15.39 -20.80
C LEU D 36 52.32 -14.13 -20.63
N MET D 37 52.48 -13.67 -19.39
CA MET D 37 53.32 -12.50 -19.14
C MET D 37 54.77 -12.76 -19.53
N ILE D 38 55.30 -13.92 -19.15
CA ILE D 38 56.69 -14.22 -19.51
C ILE D 38 56.81 -14.47 -21.01
N ALA D 39 55.75 -14.99 -21.64
CA ALA D 39 55.75 -15.12 -23.10
C ALA D 39 55.82 -13.76 -23.77
N VAL D 40 55.04 -12.79 -23.28
CA VAL D 40 55.06 -11.46 -23.86
C VAL D 40 56.42 -10.79 -23.63
N PHE D 41 56.99 -10.97 -22.44
CA PHE D 41 58.31 -10.41 -22.15
C PHE D 41 59.38 -10.99 -23.08
N GLY D 42 59.43 -12.31 -23.18
CA GLY D 42 60.39 -12.93 -24.07
C GLY D 42 60.14 -12.57 -25.53
N GLY D 43 58.88 -12.44 -25.92
CA GLY D 43 58.59 -12.09 -27.30
C GLY D 43 59.03 -10.68 -27.65
N THR D 44 58.76 -9.72 -26.77
CA THR D 44 59.21 -8.36 -27.06
C THR D 44 60.72 -8.24 -26.98
N LEU D 45 61.37 -9.04 -26.13
CA LEU D 45 62.83 -9.05 -26.13
C LEU D 45 63.39 -9.65 -27.41
N GLN D 46 62.80 -10.75 -27.89
CA GLN D 46 63.31 -11.41 -29.08
C GLN D 46 62.95 -10.64 -30.34
N VAL D 47 61.95 -9.77 -30.26
CA VAL D 47 61.62 -8.93 -31.41
C VAL D 47 62.49 -7.68 -31.42
N THR D 48 62.53 -6.96 -30.30
CA THR D 48 63.25 -5.70 -30.25
C THR D 48 64.76 -5.91 -30.32
N GLN D 49 65.28 -6.92 -29.63
CA GLN D 49 66.73 -7.13 -29.53
C GLN D 49 67.02 -8.62 -29.58
N ASP D 50 67.24 -9.14 -30.79
CA ASP D 50 67.65 -10.53 -30.97
C ASP D 50 68.96 -10.63 -31.74
N LYS D 51 69.81 -9.63 -31.63
CA LYS D 51 71.04 -9.61 -32.40
C LYS D 51 71.97 -10.74 -31.97
N MET D 52 72.71 -11.25 -32.95
CA MET D 52 73.84 -12.11 -32.72
C MET D 52 75.10 -11.35 -33.09
N ILE D 53 76.16 -11.53 -32.32
CA ILE D 53 77.41 -10.82 -32.53
C ILE D 53 78.45 -11.88 -32.88
N CYS D 54 78.80 -11.96 -34.16
CA CYS D 54 79.66 -13.02 -34.68
C CYS D 54 80.96 -12.43 -35.22
N LEU D 55 82.08 -12.93 -34.71
CA LEU D 55 83.41 -12.63 -35.21
C LEU D 55 84.00 -13.84 -35.92
N PRO D 56 84.67 -13.65 -37.05
CA PRO D 56 85.24 -14.80 -37.76
C PRO D 56 86.45 -15.37 -37.04
N CYS D 57 86.70 -16.65 -37.32
CA CYS D 57 87.87 -17.35 -36.79
C CYS D 57 88.92 -17.45 -37.89
N LYS D 58 90.08 -16.82 -37.67
CA LYS D 58 91.15 -16.87 -38.66
C LYS D 58 91.83 -18.23 -38.67
N TRP D 59 92.05 -18.82 -37.49
CA TRP D 59 92.67 -20.13 -37.38
C TRP D 59 91.60 -21.12 -36.95
N VAL D 60 91.22 -22.02 -37.86
CA VAL D 60 90.09 -22.92 -37.66
C VAL D 60 90.62 -24.35 -37.52
N THR D 61 90.17 -25.03 -36.46
CA THR D 61 90.45 -26.45 -36.27
C THR D 61 89.18 -27.12 -35.78
N LYS D 62 88.75 -28.17 -36.49
CA LYS D 62 87.53 -28.91 -36.16
C LYS D 62 86.32 -28.00 -36.13
N ASP D 63 86.23 -27.11 -37.13
CA ASP D 63 85.09 -26.19 -37.29
C ASP D 63 84.88 -25.33 -36.06
N SER D 64 85.97 -24.80 -35.52
CA SER D 64 85.89 -23.90 -34.37
C SER D 64 87.15 -23.06 -34.31
N CYS D 65 87.07 -21.97 -33.56
CA CYS D 65 88.24 -21.15 -33.30
C CYS D 65 89.32 -21.97 -32.60
N ASN D 66 90.55 -21.85 -33.07
CA ASN D 66 91.66 -22.61 -32.49
C ASN D 66 92.23 -21.96 -31.24
N ASP D 67 91.91 -20.69 -31.00
CA ASP D 67 92.39 -19.97 -29.81
C ASP D 67 93.92 -20.00 -29.72
N SER D 68 94.59 -19.75 -30.84
CA SER D 68 96.04 -19.72 -30.88
C SER D 68 96.53 -18.76 -31.95
N THR D 92 106.02 -5.32 -30.20
CA THR D 92 105.87 -4.48 -29.02
C THR D 92 104.69 -4.93 -28.18
N GLY D 93 103.71 -4.04 -28.01
CA GLY D 93 102.52 -4.36 -27.26
C GLY D 93 101.47 -5.04 -28.11
N PRO D 94 100.39 -5.45 -27.46
CA PRO D 94 99.30 -6.10 -28.19
C PRO D 94 98.61 -5.14 -29.15
N THR D 95 98.05 -5.70 -30.21
CA THR D 95 97.33 -4.91 -31.19
C THR D 95 96.13 -5.72 -31.68
N GLY D 96 95.11 -5.02 -32.14
CA GLY D 96 93.94 -5.69 -32.67
C GLY D 96 94.24 -6.40 -33.97
N ILE D 97 93.45 -7.43 -34.26
CA ILE D 97 93.58 -8.20 -35.48
C ILE D 97 92.52 -7.75 -36.46
N LYS D 98 92.95 -7.37 -37.66
CA LYS D 98 92.04 -6.84 -38.67
C LYS D 98 91.47 -7.99 -39.50
N TYR D 99 90.16 -7.98 -39.67
CA TYR D 99 89.49 -8.93 -40.54
C TYR D 99 89.17 -8.36 -41.91
N ASP D 100 89.29 -7.05 -42.10
CA ASP D 100 88.97 -6.38 -43.36
C ASP D 100 87.54 -6.66 -43.80
N LEU D 101 86.62 -6.60 -42.86
CA LEU D 101 85.20 -6.81 -43.11
C LEU D 101 84.44 -5.52 -42.93
N ASP D 102 83.56 -5.20 -43.88
CA ASP D 102 82.68 -4.04 -43.75
C ASP D 102 81.65 -4.30 -42.66
N ARG D 103 80.97 -3.23 -42.24
CA ARG D 103 79.91 -3.37 -41.26
C ARG D 103 78.76 -4.21 -41.80
N HIS D 104 78.43 -4.05 -43.09
CA HIS D 104 77.37 -4.85 -43.67
C HIS D 104 77.74 -6.31 -43.81
N GLN D 105 79.02 -6.63 -44.03
CA GLN D 105 79.44 -8.03 -44.02
C GLN D 105 79.26 -8.64 -42.65
N TYR D 106 79.58 -7.89 -41.60
CA TYR D 106 79.31 -8.36 -40.24
C TYR D 106 77.83 -8.57 -40.01
N ASN D 107 77.00 -7.63 -40.48
CA ASN D 107 75.56 -7.78 -40.32
C ASN D 107 75.04 -9.00 -41.06
N TYR D 108 75.54 -9.25 -42.26
CA TYR D 108 75.14 -10.43 -43.03
C TYR D 108 75.57 -11.71 -42.33
N VAL D 109 76.79 -11.74 -41.79
CA VAL D 109 77.24 -12.92 -41.04
C VAL D 109 76.36 -13.15 -39.83
N ASP D 110 76.04 -12.08 -39.11
CA ASP D 110 75.16 -12.22 -37.94
C ASP D 110 73.79 -12.74 -38.35
N ALA D 111 73.22 -12.21 -39.44
CA ALA D 111 71.92 -12.68 -39.89
C ALA D 111 71.95 -14.15 -40.28
N VAL D 112 72.98 -14.55 -41.02
CA VAL D 112 73.05 -15.93 -41.50
C VAL D 112 73.28 -16.90 -40.34
N CYS D 113 74.10 -16.51 -39.38
CA CYS D 113 74.36 -17.39 -38.24
C CYS D 113 73.19 -17.42 -37.27
N TYR D 114 72.43 -16.33 -37.19
CA TYR D 114 71.18 -16.36 -36.45
C TYR D 114 70.17 -17.29 -37.12
N GLU D 115 70.11 -17.25 -38.45
CA GLU D 115 69.15 -18.07 -39.17
C GLU D 115 69.49 -19.55 -39.10
N ASN D 116 70.76 -19.90 -39.30
CA ASN D 116 71.13 -21.30 -39.52
C ASN D 116 71.63 -21.98 -38.26
N ARG D 117 72.65 -21.42 -37.62
CA ARG D 117 73.38 -22.13 -36.57
C ARG D 117 72.97 -21.71 -35.17
N LEU D 118 71.88 -20.97 -35.03
CA LEU D 118 71.31 -20.68 -33.72
C LEU D 118 70.14 -21.63 -33.50
N HIS D 119 70.14 -22.30 -32.35
CA HIS D 119 69.15 -23.35 -32.10
C HIS D 119 67.74 -22.78 -32.16
N TRP D 120 66.84 -23.55 -32.77
CA TRP D 120 65.47 -23.10 -32.94
C TRP D 120 64.80 -22.80 -31.61
N PHE D 121 65.18 -23.53 -30.54
CA PHE D 121 64.57 -23.29 -29.24
C PHE D 121 64.90 -21.90 -28.72
N ALA D 122 66.17 -21.48 -28.85
CA ALA D 122 66.53 -20.14 -28.41
C ALA D 122 65.84 -19.06 -29.23
N LYS D 123 65.55 -19.34 -30.49
CA LYS D 123 64.89 -18.36 -31.36
C LYS D 123 63.40 -18.26 -31.08
N TYR D 124 62.75 -19.39 -30.78
CA TYR D 124 61.28 -19.45 -30.73
C TYR D 124 60.75 -19.87 -29.36
N PHE D 125 61.55 -19.72 -28.30
CA PHE D 125 61.03 -19.98 -26.96
C PHE D 125 59.81 -19.16 -26.61
N PRO D 126 59.80 -17.83 -26.77
CA PRO D 126 58.60 -17.07 -26.39
C PRO D 126 57.36 -17.46 -27.19
N TYR D 127 57.52 -17.78 -28.48
CA TYR D 127 56.37 -18.14 -29.29
C TYR D 127 55.83 -19.52 -28.90
N LEU D 128 56.73 -20.45 -28.59
CA LEU D 128 56.29 -21.76 -28.09
C LEU D 128 55.57 -21.60 -26.76
N VAL D 129 56.08 -20.74 -25.87
CA VAL D 129 55.41 -20.49 -24.60
C VAL D 129 54.02 -19.91 -24.83
N LEU D 130 53.91 -18.95 -25.75
CA LEU D 130 52.61 -18.35 -26.04
C LEU D 130 51.63 -19.39 -26.58
N LEU D 131 52.08 -20.22 -27.52
CA LEU D 131 51.21 -21.25 -28.10
C LEU D 131 50.77 -22.25 -27.04
N HIS D 132 51.70 -22.71 -26.20
CA HIS D 132 51.34 -23.68 -25.17
C HIS D 132 50.38 -23.08 -24.15
N THR D 133 50.59 -21.82 -23.76
CA THR D 133 49.67 -21.18 -22.83
C THR D 133 48.29 -21.00 -23.44
N LEU D 134 48.23 -20.62 -24.72
CA LEU D 134 46.94 -20.49 -25.38
C LEU D 134 46.21 -21.85 -25.45
N ILE D 135 46.95 -22.91 -25.73
CA ILE D 135 46.33 -24.24 -25.77
C ILE D 135 45.86 -24.66 -24.38
N PHE D 136 46.63 -24.32 -23.34
CA PHE D 136 46.20 -24.60 -21.98
C PHE D 136 44.91 -23.88 -21.65
N LEU D 137 44.83 -22.59 -21.99
CA LEU D 137 43.61 -21.83 -21.72
C LEU D 137 42.44 -22.37 -22.53
N ALA D 138 42.67 -22.74 -23.79
CA ALA D 138 41.60 -23.30 -24.61
C ALA D 138 41.09 -24.61 -24.03
N CYS D 139 41.99 -25.49 -23.61
CA CYS D 139 41.56 -26.73 -22.98
C CYS D 139 40.84 -26.49 -21.66
N SER D 140 41.23 -25.42 -20.95
CA SER D 140 40.57 -25.13 -19.68
C SER D 140 39.15 -24.61 -19.89
N ASN D 141 38.95 -23.75 -20.89
CA ASN D 141 37.66 -23.09 -21.09
C ASN D 141 36.82 -23.70 -22.20
N PHE D 142 37.25 -24.82 -22.78
CA PHE D 142 36.51 -25.44 -23.85
C PHE D 142 35.12 -25.86 -23.41
N TRP D 143 35.01 -26.50 -22.24
CA TRP D 143 33.72 -26.95 -21.77
C TRP D 143 32.79 -25.78 -21.43
N PHE D 144 33.34 -24.63 -21.05
CA PHE D 144 32.52 -23.44 -20.87
C PHE D 144 32.07 -22.88 -22.21
N LYS D 145 32.91 -22.98 -23.24
CA LYS D 145 32.56 -22.42 -24.54
C LYS D 145 31.86 -23.41 -25.46
N PHE D 146 31.95 -24.71 -25.18
CA PHE D 146 31.27 -25.70 -26.01
C PHE D 146 29.78 -25.63 -25.74
N PRO D 147 28.94 -25.34 -26.75
CA PRO D 147 27.51 -25.14 -26.47
C PRO D 147 26.83 -26.35 -25.86
N ARG D 148 27.23 -27.56 -26.27
CA ARG D 148 26.59 -28.77 -25.77
C ARG D 148 26.72 -28.88 -24.26
N THR D 149 27.88 -28.53 -23.71
CA THR D 149 28.07 -28.54 -22.27
C THR D 149 27.81 -27.17 -21.64
N SER D 150 27.94 -26.09 -22.41
CA SER D 150 27.63 -24.77 -21.86
C SER D 150 26.16 -24.67 -21.50
N SER D 151 25.27 -25.24 -22.32
CA SER D 151 23.85 -25.21 -22.02
C SER D 151 23.56 -25.95 -20.72
N LYS D 152 24.13 -27.14 -20.55
CA LYS D 152 23.91 -27.90 -19.33
C LYS D 152 24.48 -27.17 -18.11
N LEU D 153 25.66 -26.57 -18.25
CA LEU D 153 26.24 -25.84 -17.13
C LEU D 153 25.39 -24.64 -16.74
N GLU D 154 24.90 -23.88 -17.72
CA GLU D 154 24.09 -22.72 -17.38
C GLU D 154 22.75 -23.13 -16.78
N HIS D 155 22.16 -24.22 -17.29
CA HIS D 155 20.92 -24.72 -16.71
C HIS D 155 21.14 -25.16 -15.26
N PHE D 156 22.24 -25.86 -15.00
CA PHE D 156 22.56 -26.29 -13.65
C PHE D 156 22.78 -25.11 -12.73
N VAL D 157 23.50 -24.09 -13.19
CA VAL D 157 23.75 -22.91 -12.36
C VAL D 157 22.45 -22.17 -12.07
N SER D 158 21.58 -22.06 -13.08
CA SER D 158 20.30 -21.39 -12.87
C SER D 158 19.44 -22.14 -11.84
N ILE D 159 19.37 -23.47 -11.97
CA ILE D 159 18.58 -24.25 -11.01
C ILE D 159 19.18 -24.15 -9.62
N LEU D 160 20.51 -24.23 -9.51
CA LEU D 160 21.18 -24.16 -8.22
C LEU D 160 20.96 -22.81 -7.56
N LEU D 161 20.99 -21.72 -8.34
CA LEU D 161 20.75 -20.40 -7.77
C LEU D 161 19.30 -20.19 -7.40
N LYS D 162 18.37 -20.78 -8.17
CA LYS D 162 16.96 -20.73 -7.78
C LYS D 162 16.72 -21.46 -6.48
N CYS D 163 17.34 -22.64 -6.31
CA CYS D 163 17.18 -23.39 -5.06
C CYS D 163 17.93 -22.73 -3.91
N PHE D 164 18.99 -21.98 -4.21
CA PHE D 164 19.76 -21.35 -3.14
C PHE D 164 19.01 -20.17 -2.55
N ASP D 165 18.35 -19.37 -3.39
CA ASP D 165 17.60 -18.20 -2.95
C ASP D 165 16.11 -18.51 -2.77
N SER D 166 15.77 -19.75 -2.46
CA SER D 166 14.39 -20.13 -2.22
C SER D 166 14.07 -20.00 -0.74
N PRO D 167 13.09 -19.17 -0.33
CA PRO D 167 12.77 -19.07 1.10
C PRO D 167 12.30 -20.39 1.69
N TRP D 168 11.73 -21.28 0.87
CA TRP D 168 11.32 -22.58 1.39
C TRP D 168 12.52 -23.40 1.83
N THR D 169 13.68 -23.20 1.22
CA THR D 169 14.89 -23.86 1.70
C THR D 169 15.27 -23.35 3.09
N THR D 170 15.16 -22.04 3.31
CA THR D 170 15.43 -21.50 4.64
C THR D 170 14.48 -22.09 5.66
N ARG D 171 13.19 -22.17 5.32
CA ARG D 171 12.22 -22.74 6.25
C ARG D 171 12.50 -24.22 6.51
N ALA D 172 12.87 -24.97 5.47
CA ALA D 172 13.15 -26.38 5.65
C ALA D 172 14.38 -26.60 6.52
N LEU D 173 15.42 -25.77 6.35
CA LEU D 173 16.62 -25.92 7.16
C LEU D 173 16.39 -25.42 8.58
N SER D 174 15.44 -24.51 8.77
CA SER D 174 15.10 -24.03 10.11
C SER D 174 14.00 -24.84 10.77
N GLU D 175 13.46 -25.85 10.09
CA GLU D 175 12.44 -26.71 10.71
C GLU D 175 13.01 -27.44 11.91
N THR D 176 14.25 -27.92 11.81
CA THR D 176 14.92 -28.64 12.89
C THR D 176 14.13 -29.87 13.34
N GLY D 230 3.17 -17.58 12.02
CA GLY D 230 3.62 -18.76 11.30
C GLY D 230 2.73 -19.12 10.12
N VAL D 231 2.72 -18.26 9.11
CA VAL D 231 1.90 -18.47 7.92
C VAL D 231 2.74 -18.16 6.69
N LEU D 232 2.55 -18.96 5.64
CA LEU D 232 3.28 -18.80 4.41
C LEU D 232 2.38 -18.24 3.31
N ASP D 233 2.99 -17.45 2.42
CA ASP D 233 2.25 -16.84 1.34
C ASP D 233 1.87 -17.88 0.29
N LYS D 234 0.71 -17.67 -0.33
CA LYS D 234 0.25 -18.56 -1.38
C LYS D 234 1.21 -18.55 -2.57
N LYS D 235 1.66 -17.35 -2.96
CA LYS D 235 2.58 -17.23 -4.08
C LYS D 235 3.92 -17.91 -3.81
N GLU D 236 4.41 -17.81 -2.57
CA GLU D 236 5.65 -18.50 -2.23
C GLU D 236 5.51 -20.01 -2.35
N GLY D 237 4.38 -20.55 -1.89
CA GLY D 237 4.15 -21.98 -2.04
C GLY D 237 4.04 -22.41 -3.50
N GLU D 238 3.34 -21.60 -4.30
CA GLU D 238 3.24 -21.92 -5.73
C GLU D 238 4.61 -21.89 -6.39
N GLN D 239 5.44 -20.89 -6.06
CA GLN D 239 6.78 -20.81 -6.62
C GLN D 239 7.62 -21.99 -6.18
N ALA D 240 7.49 -22.42 -4.92
CA ALA D 240 8.23 -23.58 -4.44
C ALA D 240 7.82 -24.85 -5.16
N LYS D 241 6.51 -25.02 -5.41
CA LYS D 241 6.06 -26.18 -6.18
C LYS D 241 6.59 -26.14 -7.61
N ALA D 242 6.57 -24.95 -8.23
CA ALA D 242 7.12 -24.81 -9.58
C ALA D 242 8.61 -25.12 -9.59
N LEU D 243 9.33 -24.71 -8.54
CA LEU D 243 10.76 -24.99 -8.47
C LEU D 243 11.03 -26.48 -8.27
N PHE D 244 10.18 -27.16 -7.49
CA PHE D 244 10.30 -28.61 -7.36
C PHE D 244 10.11 -29.29 -8.71
N GLU D 245 9.10 -28.87 -9.46
CA GLU D 245 8.88 -29.44 -10.79
C GLU D 245 10.05 -29.13 -11.73
N LYS D 246 10.59 -27.91 -11.63
CA LYS D 246 11.74 -27.53 -12.45
C LYS D 246 12.94 -28.39 -12.12
N VAL D 247 13.17 -28.66 -10.85
CA VAL D 247 14.29 -29.52 -10.45
C VAL D 247 14.08 -30.93 -10.95
N LYS D 248 12.85 -31.44 -10.89
CA LYS D 248 12.59 -32.79 -11.41
C LYS D 248 12.86 -32.86 -12.91
N LYS D 249 12.40 -31.86 -13.67
CA LYS D 249 12.64 -31.85 -15.10
C LYS D 249 14.13 -31.73 -15.41
N PHE D 250 14.84 -30.86 -14.67
CA PHE D 250 16.28 -30.73 -14.87
C PHE D 250 16.99 -32.03 -14.58
N ARG D 251 16.60 -32.72 -13.50
CA ARG D 251 17.24 -33.97 -13.15
C ARG D 251 16.99 -35.04 -14.20
N THR D 252 15.76 -35.14 -14.71
CA THR D 252 15.49 -36.15 -15.74
C THR D 252 16.09 -35.78 -17.08
N HIS D 253 16.40 -34.50 -17.31
CA HIS D 253 17.01 -34.10 -18.58
C HIS D 253 18.53 -34.26 -18.54
N VAL D 254 19.13 -34.08 -17.36
CA VAL D 254 20.59 -34.00 -17.28
C VAL D 254 21.25 -35.32 -16.90
N GLU D 255 20.65 -36.10 -16.01
CA GLU D 255 21.29 -37.30 -15.50
C GLU D 255 21.55 -38.36 -16.57
N GLU D 256 20.90 -38.28 -17.71
CA GLU D 256 21.07 -39.28 -18.76
C GLU D 256 22.12 -38.89 -19.80
N GLY D 257 22.73 -37.71 -19.67
CA GLY D 257 23.64 -37.24 -20.70
C GLY D 257 25.03 -37.81 -20.58
N ASP D 258 25.71 -37.52 -19.46
CA ASP D 258 27.09 -37.89 -19.23
C ASP D 258 28.01 -37.32 -20.32
N ILE D 259 27.95 -35.99 -20.46
CA ILE D 259 28.78 -35.28 -21.41
C ILE D 259 29.72 -34.30 -20.71
N VAL D 260 29.25 -33.62 -19.67
CA VAL D 260 30.10 -32.68 -18.94
C VAL D 260 31.25 -33.40 -18.28
N TYR D 261 30.96 -34.54 -17.63
CA TYR D 261 32.02 -35.31 -16.98
C TYR D 261 33.02 -35.83 -18.00
N ARG D 262 32.54 -36.37 -19.12
CA ARG D 262 33.44 -36.90 -20.12
C ARG D 262 34.31 -35.81 -20.72
N LEU D 263 33.71 -34.66 -21.04
CA LEU D 263 34.49 -33.55 -21.60
C LEU D 263 35.52 -33.02 -20.62
N TYR D 264 35.14 -32.89 -19.35
CA TYR D 264 36.08 -32.41 -18.34
C TYR D 264 37.23 -33.40 -18.16
N MET D 265 36.93 -34.70 -18.13
CA MET D 265 37.97 -35.72 -18.03
C MET D 265 38.89 -35.65 -19.23
N ARG D 266 38.33 -35.49 -20.43
CA ARG D 266 39.14 -35.43 -21.64
C ARG D 266 40.04 -34.21 -21.63
N GLN D 267 39.53 -33.06 -21.22
CA GLN D 267 40.36 -31.85 -21.24
C GLN D 267 41.44 -31.92 -20.15
N THR D 268 41.13 -32.53 -19.01
CA THR D 268 42.17 -32.71 -17.99
C THR D 268 43.26 -33.68 -18.46
N ILE D 269 42.86 -34.74 -19.14
CA ILE D 269 43.85 -35.69 -19.68
C ILE D 269 44.70 -35.00 -20.74
N ILE D 270 44.08 -34.16 -21.58
CA ILE D 270 44.83 -33.40 -22.57
C ILE D 270 45.84 -32.49 -21.88
N LYS D 271 45.41 -31.80 -20.82
CA LYS D 271 46.34 -30.95 -20.08
C LYS D 271 47.51 -31.76 -19.52
N VAL D 272 47.23 -32.93 -18.95
CA VAL D 272 48.29 -33.73 -18.34
C VAL D 272 49.29 -34.22 -19.40
N ILE D 273 48.78 -34.75 -20.52
CA ILE D 273 49.69 -35.26 -21.54
C ILE D 273 50.47 -34.13 -22.19
N LYS D 274 49.83 -32.97 -22.38
CA LYS D 274 50.55 -31.83 -22.93
C LYS D 274 51.62 -31.35 -21.97
N PHE D 275 51.34 -31.35 -20.66
CA PHE D 275 52.35 -30.98 -19.69
C PHE D 275 53.52 -31.96 -19.73
N ALA D 276 53.23 -33.25 -19.85
CA ALA D 276 54.32 -34.23 -19.93
C ALA D 276 55.18 -33.98 -21.16
N LEU D 277 54.57 -33.83 -22.32
CA LEU D 277 55.33 -33.64 -23.56
C LEU D 277 56.12 -32.33 -23.51
N ILE D 278 55.50 -31.25 -23.04
CA ILE D 278 56.17 -29.96 -23.01
C ILE D 278 57.32 -29.98 -22.04
N ILE D 279 57.15 -30.62 -20.87
CA ILE D 279 58.25 -30.67 -19.92
C ILE D 279 59.39 -31.50 -20.46
N CYS D 280 59.08 -32.60 -21.15
CA CYS D 280 60.14 -33.43 -21.73
C CYS D 280 60.94 -32.65 -22.75
N TYR D 281 60.27 -32.07 -23.74
CA TYR D 281 61.01 -31.40 -24.81
C TYR D 281 61.69 -30.12 -24.32
N THR D 282 61.05 -29.37 -23.42
CA THR D 282 61.68 -28.15 -22.92
C THR D 282 62.91 -28.46 -22.07
N VAL D 283 62.84 -29.48 -21.21
CA VAL D 283 64.01 -29.84 -20.43
C VAL D 283 65.11 -30.36 -21.34
N TYR D 284 64.74 -31.08 -22.40
CA TYR D 284 65.76 -31.60 -23.31
C TYR D 284 66.45 -30.49 -24.08
N TYR D 285 65.71 -29.46 -24.50
CA TYR D 285 66.25 -28.43 -25.37
C TYR D 285 66.65 -27.14 -24.65
N VAL D 286 66.47 -27.07 -23.32
CA VAL D 286 66.87 -25.85 -22.61
C VAL D 286 68.38 -25.69 -22.57
N HIS D 287 69.14 -26.77 -22.68
CA HIS D 287 70.60 -26.68 -22.62
C HIS D 287 71.21 -26.20 -23.93
N ASN D 288 70.41 -26.01 -24.97
CA ASN D 288 70.89 -25.51 -26.24
C ASN D 288 70.90 -23.98 -26.31
N ILE D 289 70.46 -23.31 -25.25
CA ILE D 289 70.48 -21.84 -25.19
C ILE D 289 71.82 -21.44 -24.57
N LYS D 290 72.83 -21.29 -25.41
CA LYS D 290 74.17 -20.95 -24.98
C LYS D 290 74.52 -19.53 -25.42
N PHE D 291 75.32 -18.85 -24.60
CA PHE D 291 75.74 -17.49 -24.92
C PHE D 291 76.64 -17.48 -26.16
N ASP D 292 77.60 -18.40 -26.21
CA ASP D 292 78.59 -18.43 -27.28
C ASP D 292 78.36 -19.65 -28.16
N VAL D 293 78.22 -19.40 -29.46
CA VAL D 293 77.98 -20.45 -30.45
C VAL D 293 79.03 -20.32 -31.54
N ASP D 294 79.27 -21.43 -32.24
CA ASP D 294 80.17 -21.46 -33.38
C ASP D 294 79.36 -21.79 -34.62
N CYS D 295 79.41 -20.91 -35.62
CA CYS D 295 78.69 -21.12 -36.86
C CYS D 295 79.68 -21.25 -38.01
N THR D 296 79.52 -22.31 -38.79
CA THR D 296 80.25 -22.50 -40.04
C THR D 296 79.18 -22.54 -41.13
N VAL D 297 78.82 -21.35 -41.64
CA VAL D 297 77.60 -21.19 -42.44
C VAL D 297 77.87 -21.24 -43.93
N ASP D 298 79.11 -21.53 -44.35
CA ASP D 298 79.44 -21.73 -45.77
C ASP D 298 79.14 -20.48 -46.60
N ILE D 299 79.72 -19.36 -46.17
CA ILE D 299 79.71 -18.12 -46.95
C ILE D 299 81.16 -17.66 -47.04
N GLU D 300 81.85 -18.08 -48.10
CA GLU D 300 83.22 -17.66 -48.34
C GLU D 300 83.35 -16.70 -49.51
N SER D 301 82.49 -16.83 -50.52
CA SER D 301 82.52 -15.89 -51.63
C SER D 301 81.97 -14.53 -51.27
N LEU D 302 81.32 -14.39 -50.11
CA LEU D 302 80.74 -13.14 -49.66
C LEU D 302 81.56 -12.44 -48.59
N THR D 303 82.08 -13.19 -47.62
CA THR D 303 82.86 -12.61 -46.54
C THR D 303 84.32 -13.04 -46.52
N GLY D 304 84.65 -14.18 -47.12
CA GLY D 304 86.02 -14.67 -47.14
C GLY D 304 86.39 -15.59 -46.00
N TYR D 305 85.53 -15.73 -44.99
CA TYR D 305 85.81 -16.53 -43.81
C TYR D 305 84.92 -17.76 -43.76
N ARG D 306 85.47 -18.86 -43.25
CA ARG D 306 84.76 -20.13 -43.23
C ARG D 306 83.88 -20.25 -42.00
N THR D 307 84.46 -20.12 -40.81
CA THR D 307 83.75 -20.29 -39.56
C THR D 307 83.77 -19.00 -38.74
N TYR D 308 82.79 -18.86 -37.86
CA TYR D 308 82.65 -17.66 -37.04
C TYR D 308 82.36 -18.05 -35.60
N ARG D 309 82.81 -17.21 -34.67
CA ARG D 309 82.54 -17.36 -33.24
C ARG D 309 81.49 -16.33 -32.87
N CYS D 310 80.31 -16.78 -32.47
CA CYS D 310 79.20 -15.88 -32.26
C CYS D 310 78.99 -15.67 -30.76
N ALA D 311 78.24 -14.63 -30.43
CA ALA D 311 77.81 -14.36 -29.07
C ALA D 311 76.32 -14.01 -29.11
N HIS D 312 75.54 -14.69 -28.27
CA HIS D 312 74.11 -14.44 -28.12
C HIS D 312 73.92 -13.76 -26.77
N PRO D 313 73.97 -12.42 -26.73
CA PRO D 313 73.91 -11.73 -25.43
C PRO D 313 72.62 -11.96 -24.67
N LEU D 314 71.54 -12.33 -25.34
CA LEU D 314 70.26 -12.58 -24.71
C LEU D 314 70.09 -14.03 -24.26
N ALA D 315 71.13 -14.85 -24.38
CA ALA D 315 70.98 -16.28 -24.12
C ALA D 315 70.81 -16.57 -22.63
N THR D 316 71.45 -15.80 -21.75
CA THR D 316 71.31 -16.07 -20.32
C THR D 316 69.95 -15.61 -19.80
N LEU D 317 69.45 -14.48 -20.31
CA LEU D 317 68.11 -14.05 -19.94
C LEU D 317 67.07 -15.03 -20.45
N PHE D 318 67.22 -15.52 -21.68
CA PHE D 318 66.31 -16.55 -22.17
C PHE D 318 66.47 -17.85 -21.40
N LYS D 319 67.68 -18.14 -20.89
CA LYS D 319 67.88 -19.35 -20.11
C LYS D 319 67.12 -19.27 -18.79
N ILE D 320 67.20 -18.13 -18.10
CA ILE D 320 66.46 -18.01 -16.84
C ILE D 320 64.96 -17.93 -17.11
N LEU D 321 64.55 -17.32 -18.23
CA LEU D 321 63.13 -17.35 -18.59
C LEU D 321 62.64 -18.76 -18.84
N ALA D 322 63.45 -19.57 -19.52
CA ALA D 322 63.08 -20.96 -19.78
C ALA D 322 63.02 -21.77 -18.50
N SER D 323 63.95 -21.53 -17.58
CA SER D 323 63.89 -22.22 -16.29
C SER D 323 62.64 -21.82 -15.50
N PHE D 324 62.30 -20.53 -15.52
CA PHE D 324 61.09 -20.08 -14.84
C PHE D 324 59.85 -20.70 -15.47
N TYR D 325 59.81 -20.77 -16.81
CA TYR D 325 58.68 -21.39 -17.49
C TYR D 325 58.60 -22.88 -17.18
N ILE D 326 59.76 -23.56 -17.07
CA ILE D 326 59.76 -24.97 -16.72
C ILE D 326 59.20 -25.17 -15.33
N SER D 327 59.58 -24.32 -14.38
CA SER D 327 59.02 -24.42 -13.04
C SER D 327 57.52 -24.17 -13.04
N LEU D 328 57.07 -23.18 -13.81
CA LEU D 328 55.63 -22.91 -13.90
C LEU D 328 54.88 -24.08 -14.51
N VAL D 329 55.45 -24.69 -15.55
CA VAL D 329 54.83 -25.86 -16.17
C VAL D 329 54.83 -27.03 -15.19
N ILE D 330 55.87 -27.17 -14.37
CA ILE D 330 55.88 -28.21 -13.35
C ILE D 330 54.72 -28.00 -12.37
N PHE D 331 54.52 -26.76 -11.92
CA PHE D 331 53.39 -26.49 -11.02
C PHE D 331 52.06 -26.77 -11.70
N TYR D 332 51.92 -26.35 -12.96
CA TYR D 332 50.69 -26.58 -13.70
C TYR D 332 50.41 -28.08 -13.85
N GLY D 333 51.45 -28.85 -14.18
CA GLY D 333 51.26 -30.28 -14.35
C GLY D 333 50.97 -31.00 -13.04
N LEU D 334 51.59 -30.57 -11.95
CA LEU D 334 51.26 -31.14 -10.65
C LEU D 334 49.81 -30.87 -10.29
N ILE D 335 49.33 -29.65 -10.57
CA ILE D 335 47.93 -29.33 -10.30
C ILE D 335 47.02 -30.19 -11.17
N CYS D 336 47.36 -30.38 -12.44
CA CYS D 336 46.53 -31.20 -13.32
C CYS D 336 46.55 -32.66 -12.88
N MET D 337 47.70 -33.15 -12.41
CA MET D 337 47.77 -34.51 -11.88
C MET D 337 46.90 -34.66 -10.63
N TYR D 338 46.90 -33.64 -9.77
CA TYR D 338 46.02 -33.68 -8.61
C TYR D 338 44.56 -33.71 -9.04
N THR D 339 44.20 -32.93 -10.05
CA THR D 339 42.83 -32.94 -10.56
C THR D 339 42.46 -34.32 -11.11
N LEU D 340 43.37 -34.93 -11.87
CA LEU D 340 43.11 -36.27 -12.39
C LEU D 340 42.92 -37.28 -11.27
N TRP D 341 43.76 -37.20 -10.24
CA TRP D 341 43.60 -38.09 -9.09
C TRP D 341 42.27 -37.84 -8.39
N TRP D 342 41.87 -36.57 -8.29
CA TRP D 342 40.62 -36.22 -7.63
C TRP D 342 39.42 -36.79 -8.36
N MET D 343 39.44 -36.76 -9.70
CA MET D 343 38.31 -37.26 -10.48
C MET D 343 38.54 -38.68 -10.98
N LEU D 344 39.46 -39.42 -10.38
CA LEU D 344 39.65 -40.83 -10.69
C LEU D 344 39.70 -41.70 -9.44
N ARG D 345 39.30 -41.17 -8.29
CA ARG D 345 39.25 -41.95 -7.06
C ARG D 345 37.87 -41.97 -6.41
N ARG D 346 37.07 -40.92 -6.58
CA ARG D 346 35.74 -40.86 -5.98
C ARG D 346 34.65 -41.44 -6.87
N SER D 347 34.95 -41.77 -8.12
CA SER D 347 33.95 -42.21 -9.09
C SER D 347 32.81 -41.19 -9.18
N LEU D 348 33.19 -40.01 -9.69
CA LEU D 348 32.33 -38.83 -9.69
C LEU D 348 30.99 -39.04 -10.40
N LYS D 349 30.80 -40.18 -11.05
CA LYS D 349 29.54 -40.47 -11.70
C LYS D 349 28.40 -40.70 -10.71
N LYS D 350 28.68 -40.90 -9.44
CA LYS D 350 27.65 -41.11 -8.44
C LYS D 350 27.90 -40.22 -7.22
N TYR D 351 26.83 -39.61 -6.73
CA TYR D 351 26.89 -38.75 -5.55
C TYR D 351 26.38 -39.51 -4.33
N SER D 352 26.84 -39.08 -3.16
CA SER D 352 26.54 -39.79 -1.92
C SER D 352 25.29 -39.24 -1.23
N PHE D 353 25.28 -37.95 -0.92
CA PHE D 353 24.21 -37.32 -0.15
C PHE D 353 24.02 -38.04 1.20
N GLU D 354 25.10 -38.08 1.98
CA GLU D 354 25.11 -38.77 3.26
C GLU D 354 25.12 -37.82 4.45
N SER D 355 25.83 -36.69 4.34
CA SER D 355 25.89 -35.76 5.46
C SER D 355 24.51 -35.19 5.78
N ILE D 356 23.74 -34.83 4.76
CA ILE D 356 22.41 -34.29 4.99
C ILE D 356 21.48 -35.39 5.52
N ARG D 357 21.61 -36.62 5.01
CA ARG D 357 20.77 -37.71 5.48
C ARG D 357 21.10 -38.08 6.93
N GLU D 358 22.37 -37.94 7.33
CA GLU D 358 22.75 -38.15 8.71
C GLU D 358 22.49 -36.94 9.60
N GLU D 359 22.20 -35.78 9.01
CA GLU D 359 21.96 -34.56 9.76
C GLU D 359 20.51 -34.09 9.72
N SER D 360 19.91 -34.02 8.54
CA SER D 360 18.54 -33.53 8.41
C SER D 360 17.49 -34.60 8.69
N SER D 361 17.91 -35.84 8.97
CA SER D 361 17.01 -36.95 9.28
C SER D 361 16.05 -37.24 8.13
N TYR D 362 16.47 -36.95 6.90
CA TYR D 362 15.68 -37.22 5.70
C TYR D 362 16.48 -38.20 4.85
N SER D 363 16.33 -39.50 5.13
CA SER D 363 17.08 -40.53 4.43
C SER D 363 16.57 -40.79 3.02
N ASP D 364 15.43 -40.22 2.65
CA ASP D 364 14.83 -40.47 1.34
C ASP D 364 15.30 -39.43 0.32
N ILE D 365 16.62 -39.33 0.20
CA ILE D 365 17.26 -38.52 -0.84
C ILE D 365 18.07 -39.48 -1.71
N PRO D 366 17.60 -39.82 -2.91
CA PRO D 366 18.29 -40.82 -3.71
C PRO D 366 19.65 -40.34 -4.19
N ASP D 367 20.54 -41.30 -4.43
CA ASP D 367 21.84 -40.99 -4.99
C ASP D 367 21.71 -40.42 -6.39
N VAL D 368 22.61 -39.52 -6.74
CA VAL D 368 22.54 -38.79 -7.99
C VAL D 368 23.44 -39.47 -9.02
N LYS D 369 22.90 -39.69 -10.22
CA LYS D 369 23.59 -40.45 -11.25
C LYS D 369 24.58 -39.54 -11.99
N ASN D 370 25.11 -40.02 -13.10
CA ASN D 370 26.17 -39.34 -13.82
C ASN D 370 25.67 -38.06 -14.49
N ASP D 371 26.60 -37.13 -14.71
CA ASP D 371 26.42 -35.82 -15.32
C ASP D 371 25.68 -34.85 -14.40
N PHE D 372 25.18 -35.32 -13.27
CA PHE D 372 24.57 -34.50 -12.25
C PHE D 372 25.28 -34.63 -10.92
N ALA D 373 25.87 -35.79 -10.65
CA ALA D 373 26.78 -35.94 -9.52
C ALA D 373 28.09 -35.19 -9.74
N PHE D 374 28.53 -35.07 -10.99
CA PHE D 374 29.80 -34.38 -11.27
C PHE D 374 29.71 -32.90 -10.94
N MET D 375 28.65 -32.24 -11.42
CA MET D 375 28.49 -30.82 -11.12
C MET D 375 28.23 -30.59 -9.64
N LEU D 376 27.54 -31.52 -8.98
CA LEU D 376 27.39 -31.42 -7.53
C LEU D 376 28.73 -31.54 -6.82
N HIS D 377 29.60 -32.42 -7.30
CA HIS D 377 30.94 -32.53 -6.73
C HIS D 377 31.74 -31.25 -6.93
N LEU D 378 31.62 -30.64 -8.12
CA LEU D 378 32.31 -29.37 -8.37
C LEU D 378 31.79 -28.28 -7.43
N ILE D 379 30.47 -28.20 -7.27
CA ILE D 379 29.90 -27.22 -6.36
C ILE D 379 30.36 -27.46 -4.93
N ASP D 380 30.42 -28.73 -4.52
CA ASP D 380 30.95 -29.06 -3.20
C ASP D 380 32.39 -28.60 -3.06
N GLN D 381 33.19 -28.78 -4.12
CA GLN D 381 34.56 -28.26 -4.12
C GLN D 381 34.57 -26.74 -3.97
N TYR D 382 33.53 -26.07 -4.46
CA TYR D 382 33.40 -24.64 -4.17
C TYR D 382 32.99 -24.42 -2.73
N ASP D 383 31.83 -24.96 -2.32
CA ASP D 383 31.40 -24.98 -0.93
C ASP D 383 30.22 -25.92 -0.79
N PRO D 384 30.12 -26.68 0.30
CA PRO D 384 28.97 -27.59 0.46
C PRO D 384 27.65 -26.89 0.78
N LEU D 385 27.67 -25.58 1.01
CA LEU D 385 26.43 -24.88 1.35
C LEU D 385 25.42 -24.97 0.22
N TYR D 386 25.87 -24.74 -1.02
CA TYR D 386 24.97 -24.82 -2.16
C TYR D 386 24.42 -26.22 -2.33
N SER D 387 25.26 -27.24 -2.16
CA SER D 387 24.80 -28.62 -2.28
C SER D 387 23.75 -28.95 -1.22
N LYS D 388 23.97 -28.51 0.02
CA LYS D 388 23.02 -28.78 1.09
C LYS D 388 21.71 -28.05 0.85
N ARG D 389 21.77 -26.78 0.43
CA ARG D 389 20.55 -26.05 0.15
C ARG D 389 19.82 -26.58 -1.08
N PHE D 390 20.55 -27.26 -1.98
CA PHE D 390 19.91 -27.81 -3.18
C PHE D 390 19.33 -29.19 -2.95
N ALA D 391 19.89 -29.94 -1.99
CA ALA D 391 19.43 -31.30 -1.77
C ALA D 391 17.98 -31.38 -1.28
N VAL D 392 17.43 -30.29 -0.74
CA VAL D 392 16.07 -30.32 -0.24
C VAL D 392 15.06 -30.50 -1.37
N PHE D 393 15.44 -30.27 -2.61
CA PHE D 393 14.56 -30.50 -3.75
C PHE D 393 14.74 -31.87 -4.37
N LEU D 394 15.54 -32.74 -3.77
CA LEU D 394 15.70 -34.11 -4.22
C LEU D 394 15.01 -35.11 -3.29
N SER D 395 14.43 -34.66 -2.19
CA SER D 395 13.82 -35.54 -1.20
C SER D 395 12.31 -35.54 -1.37
N GLU D 396 11.72 -36.74 -1.32
CA GLU D 396 10.27 -36.85 -1.41
C GLU D 396 9.59 -36.35 -0.14
N VAL D 397 10.28 -36.40 1.00
CA VAL D 397 9.69 -35.91 2.25
C VAL D 397 9.45 -34.41 2.16
N SER D 398 10.42 -33.65 1.64
CA SER D 398 10.24 -32.22 1.49
C SER D 398 9.14 -31.91 0.47
N GLU D 399 9.06 -32.70 -0.59
CA GLU D 399 8.01 -32.51 -1.58
C GLU D 399 6.63 -32.73 -0.96
N ASN D 400 6.50 -33.78 -0.14
CA ASN D 400 5.23 -34.05 0.52
C ASN D 400 4.88 -32.96 1.54
N LYS D 401 5.88 -32.46 2.27
CA LYS D 401 5.64 -31.37 3.19
C LYS D 401 5.17 -30.12 2.45
N LEU D 402 5.79 -29.83 1.30
CA LEU D 402 5.35 -28.68 0.50
C LEU D 402 3.94 -28.90 -0.02
N ARG D 403 3.62 -30.12 -0.45
CA ARG D 403 2.26 -30.43 -0.88
C ARG D 403 1.26 -30.18 0.23
N GLN D 404 1.58 -30.63 1.44
CA GLN D 404 0.68 -30.42 2.57
C GLN D 404 0.52 -28.94 2.89
N LEU D 405 1.62 -28.19 2.87
CA LEU D 405 1.53 -26.76 3.18
C LEU D 405 0.72 -26.02 2.12
N ASN D 406 0.92 -26.36 0.84
CA ASN D 406 0.15 -25.73 -0.22
C ASN D 406 -1.31 -26.13 -0.16
N LEU D 407 -1.60 -27.36 0.27
CA LEU D 407 -2.99 -27.77 0.47
C LEU D 407 -3.64 -26.97 1.59
N ASN D 408 -2.92 -26.79 2.70
CA ASN D 408 -3.45 -25.99 3.80
C ASN D 408 -3.69 -24.55 3.38
N ASN D 409 -2.75 -23.96 2.64
CA ASN D 409 -2.90 -22.57 2.23
C ASN D 409 -4.00 -22.41 1.19
N GLU D 410 -4.12 -23.36 0.26
CA GLU D 410 -5.12 -23.27 -0.79
C GLU D 410 -6.52 -23.54 -0.24
N TRP D 411 -6.66 -24.57 0.59
CA TRP D 411 -7.94 -24.89 1.23
C TRP D 411 -8.02 -24.13 2.56
N THR D 412 -8.39 -22.86 2.45
CA THR D 412 -8.52 -22.02 3.62
C THR D 412 -9.76 -22.40 4.42
N LEU D 413 -9.83 -21.90 5.66
CA LEU D 413 -10.94 -22.24 6.55
C LEU D 413 -12.28 -21.81 5.96
N ASP D 414 -12.33 -20.62 5.35
CA ASP D 414 -13.58 -20.12 4.82
C ASP D 414 -14.09 -20.98 3.67
N LYS D 415 -13.20 -21.46 2.81
CA LYS D 415 -13.62 -22.29 1.68
C LYS D 415 -14.25 -23.59 2.15
N LEU D 416 -13.63 -24.26 3.13
CA LEU D 416 -14.21 -25.48 3.68
C LEU D 416 -15.51 -25.19 4.41
N ARG D 417 -15.57 -24.08 5.14
CA ARG D 417 -16.79 -23.71 5.84
C ARG D 417 -17.94 -23.52 4.86
N GLN D 418 -17.68 -22.85 3.74
CA GLN D 418 -18.70 -22.72 2.70
C GLN D 418 -19.01 -24.05 2.05
N ARG D 419 -18.02 -24.96 1.99
CA ARG D 419 -18.23 -26.27 1.40
C ARG D 419 -18.94 -27.24 2.34
N LEU D 420 -19.18 -26.84 3.58
CA LEU D 420 -19.88 -27.69 4.53
C LEU D 420 -21.32 -27.93 4.06
N THR D 421 -21.76 -29.19 4.12
CA THR D 421 -23.08 -29.58 3.66
C THR D 421 -23.80 -30.36 4.77
N LYS D 422 -25.07 -30.65 4.52
CA LYS D 422 -25.91 -31.40 5.45
C LYS D 422 -26.17 -32.78 4.86
N ASN D 423 -25.93 -33.82 5.65
CA ASN D 423 -26.09 -35.19 5.17
C ASN D 423 -27.55 -35.60 5.25
N ALA D 424 -27.81 -36.91 5.08
CA ALA D 424 -29.17 -37.41 5.17
C ALA D 424 -29.75 -37.22 6.57
N GLN D 425 -28.93 -37.43 7.60
CA GLN D 425 -29.37 -37.28 8.98
C GLN D 425 -29.48 -35.82 9.41
N ASP D 426 -29.34 -34.87 8.48
CA ASP D 426 -29.48 -33.44 8.74
C ASP D 426 -28.48 -32.97 9.80
N LYS D 427 -27.20 -33.12 9.46
CA LYS D 427 -26.12 -32.61 10.29
C LYS D 427 -24.96 -32.24 9.38
N LEU D 428 -24.08 -31.37 9.88
CA LEU D 428 -22.98 -30.86 9.07
C LEU D 428 -22.04 -31.97 8.66
N GLU D 429 -21.69 -32.00 7.38
CA GLU D 429 -20.81 -33.01 6.82
C GLU D 429 -19.86 -32.35 5.83
N LEU D 430 -18.63 -32.84 5.79
CA LEU D 430 -17.61 -32.32 4.89
C LEU D 430 -17.06 -33.48 4.08
N HIS D 431 -17.08 -33.34 2.75
CA HIS D 431 -16.65 -34.40 1.84
C HIS D 431 -15.31 -34.02 1.25
N LEU D 432 -14.30 -34.86 1.46
CA LEU D 432 -12.98 -34.69 0.87
C LEU D 432 -12.74 -35.83 -0.11
N PHE D 433 -12.68 -35.50 -1.39
CA PHE D 433 -12.59 -36.50 -2.45
C PHE D 433 -11.35 -36.26 -3.28
N MET D 434 -10.47 -37.26 -3.35
CA MET D 434 -9.26 -37.26 -4.17
C MET D 434 -8.28 -36.16 -3.78
N LEU D 435 -8.43 -35.57 -2.61
CA LEU D 435 -7.44 -34.60 -2.13
C LEU D 435 -6.16 -35.32 -1.72
N SER D 436 -5.04 -34.62 -1.86
CA SER D 436 -3.75 -35.17 -1.47
C SER D 436 -3.63 -35.36 0.04
N GLY D 437 -4.50 -34.76 0.83
CA GLY D 437 -4.46 -34.90 2.27
C GLY D 437 -5.59 -34.12 2.91
N ILE D 438 -5.55 -34.07 4.24
CA ILE D 438 -6.54 -33.34 5.02
C ILE D 438 -5.93 -31.99 5.39
N PRO D 439 -6.50 -30.88 4.93
CA PRO D 439 -5.96 -29.56 5.33
C PRO D 439 -6.06 -29.36 6.83
N ASP D 440 -5.07 -28.66 7.39
CA ASP D 440 -5.09 -28.35 8.81
C ASP D 440 -6.21 -27.36 9.16
N THR D 441 -6.71 -26.60 8.18
CA THR D 441 -7.86 -25.74 8.42
C THR D 441 -9.15 -26.54 8.61
N VAL D 442 -9.19 -27.77 8.10
CA VAL D 442 -10.37 -28.60 8.28
C VAL D 442 -10.61 -28.87 9.76
N PHE D 443 -9.55 -29.14 10.51
CA PHE D 443 -9.67 -29.45 11.93
C PHE D 443 -9.91 -28.23 12.79
N ASP D 444 -10.20 -27.08 12.18
CA ASP D 444 -10.67 -25.90 12.90
C ASP D 444 -12.19 -25.75 12.83
N LEU D 445 -12.87 -26.65 12.13
CA LEU D 445 -14.33 -26.61 12.00
C LEU D 445 -14.95 -27.39 13.14
N VAL D 446 -14.96 -26.75 14.33
CA VAL D 446 -15.50 -27.40 15.52
C VAL D 446 -16.99 -27.73 15.36
N GLU D 447 -17.68 -27.07 14.44
CA GLU D 447 -19.09 -27.34 14.19
C GLU D 447 -19.30 -28.55 13.29
N LEU D 448 -18.23 -29.11 12.72
CA LEU D 448 -18.36 -30.29 11.87
C LEU D 448 -18.81 -31.49 12.69
N GLU D 449 -19.63 -32.34 12.08
CA GLU D 449 -20.17 -33.50 12.76
C GLU D 449 -19.83 -34.79 12.04
N VAL D 450 -19.71 -34.74 10.72
CA VAL D 450 -19.37 -35.90 9.91
C VAL D 450 -18.22 -35.52 8.98
N LEU D 451 -17.19 -36.35 8.95
CA LEU D 451 -16.02 -36.13 8.10
C LEU D 451 -15.91 -37.29 7.12
N LYS D 452 -16.07 -36.99 5.84
CA LYS D 452 -15.99 -37.99 4.78
C LYS D 452 -14.69 -37.82 4.01
N LEU D 453 -13.92 -38.89 3.91
CA LEU D 453 -12.66 -38.90 3.19
C LEU D 453 -12.71 -39.98 2.12
N GLU D 454 -12.51 -39.59 0.87
CA GLU D 454 -12.56 -40.53 -0.25
C GLU D 454 -11.31 -40.35 -1.11
N LEU D 455 -10.59 -41.45 -1.33
CA LEU D 455 -9.43 -41.49 -2.23
C LEU D 455 -8.38 -40.45 -1.85
N ILE D 456 -8.07 -40.36 -0.57
CA ILE D 456 -6.99 -39.53 -0.06
C ILE D 456 -5.80 -40.43 0.22
N PRO D 457 -4.65 -40.21 -0.43
CA PRO D 457 -3.53 -41.16 -0.33
C PRO D 457 -2.64 -40.90 0.88
N ASP D 458 -2.31 -41.99 1.57
CA ASP D 458 -1.40 -41.98 2.72
C ASP D 458 -1.82 -40.93 3.74
N VAL D 459 -3.09 -40.99 4.13
CA VAL D 459 -3.68 -40.04 5.05
C VAL D 459 -3.31 -40.41 6.47
N THR D 460 -2.77 -39.45 7.21
CA THR D 460 -2.50 -39.61 8.64
C THR D 460 -3.37 -38.61 9.40
N ILE D 461 -4.17 -39.12 10.33
CA ILE D 461 -5.08 -38.28 11.10
C ILE D 461 -4.29 -37.62 12.21
N PRO D 462 -4.10 -36.31 12.19
CA PRO D 462 -3.24 -35.66 13.16
C PRO D 462 -3.92 -35.53 14.51
N PRO D 463 -3.16 -35.23 15.57
CA PRO D 463 -3.79 -35.00 16.88
C PRO D 463 -4.72 -33.80 16.90
N SER D 464 -4.66 -32.92 15.90
CA SER D 464 -5.52 -31.74 15.88
C SER D 464 -6.98 -32.09 15.67
N ILE D 465 -7.32 -33.36 15.44
CA ILE D 465 -8.72 -33.76 15.36
C ILE D 465 -9.42 -33.56 16.69
N ALA D 466 -8.65 -33.59 17.79
CA ALA D 466 -9.23 -33.34 19.10
C ALA D 466 -9.76 -31.91 19.22
N GLN D 467 -9.30 -30.99 18.36
CA GLN D 467 -9.88 -29.66 18.33
C GLN D 467 -11.35 -29.72 17.91
N LEU D 468 -11.67 -30.61 16.97
CA LEU D 468 -13.07 -30.89 16.68
C LEU D 468 -13.72 -31.55 17.89
N THR D 469 -14.94 -31.13 18.19
CA THR D 469 -15.70 -31.70 19.29
C THR D 469 -17.03 -32.29 18.88
N GLY D 470 -17.70 -31.70 17.89
CA GLY D 470 -18.94 -32.23 17.40
C GLY D 470 -18.82 -33.37 16.41
N LEU D 471 -17.60 -33.75 16.05
CA LEU D 471 -17.41 -34.85 15.12
C LEU D 471 -17.95 -36.15 15.72
N LYS D 472 -18.75 -36.88 14.94
CA LYS D 472 -19.34 -38.12 15.40
C LYS D 472 -19.19 -39.28 14.43
N GLU D 473 -19.08 -39.03 13.12
CA GLU D 473 -18.96 -40.08 12.13
C GLU D 473 -17.74 -39.84 11.26
N LEU D 474 -17.02 -40.91 10.95
CA LEU D 474 -15.84 -40.84 10.11
C LEU D 474 -16.02 -41.78 8.93
N TRP D 475 -15.89 -41.24 7.72
CA TRP D 475 -16.07 -42.01 6.50
C TRP D 475 -14.71 -42.16 5.82
N LEU D 476 -14.21 -43.39 5.77
CA LEU D 476 -12.92 -43.70 5.18
C LEU D 476 -13.16 -44.49 3.90
N TYR D 477 -13.36 -43.77 2.79
CA TYR D 477 -13.65 -44.39 1.50
C TYR D 477 -12.35 -44.59 0.74
N HIS D 478 -11.86 -45.83 0.76
CA HIS D 478 -10.62 -46.22 0.06
C HIS D 478 -9.43 -45.41 0.56
N THR D 479 -9.45 -45.03 1.83
CA THR D 479 -8.35 -44.32 2.47
C THR D 479 -7.85 -45.12 3.65
N ALA D 480 -6.56 -45.45 3.64
CA ALA D 480 -5.92 -46.11 4.77
C ALA D 480 -5.37 -45.03 5.68
N ALA D 481 -5.96 -44.88 6.86
CA ALA D 481 -5.62 -43.82 7.79
C ALA D 481 -4.77 -44.38 8.92
N LYS D 482 -3.66 -43.70 9.20
CA LYS D 482 -2.79 -44.02 10.33
C LYS D 482 -2.91 -42.90 11.34
N ILE D 483 -3.18 -43.25 12.60
CA ILE D 483 -3.59 -42.29 13.60
C ILE D 483 -2.66 -42.37 14.81
N GLU D 484 -2.33 -41.21 15.37
CA GLU D 484 -1.47 -41.13 16.53
C GLU D 484 -2.26 -41.39 17.81
N ALA D 485 -1.52 -41.56 18.91
CA ALA D 485 -2.15 -41.86 20.19
C ALA D 485 -3.09 -40.77 20.67
N PRO D 486 -2.72 -39.48 20.71
CA PRO D 486 -3.68 -38.48 21.19
C PRO D 486 -4.94 -38.39 20.35
N ALA D 487 -4.83 -38.58 19.04
CA ALA D 487 -6.02 -38.54 18.19
C ALA D 487 -6.82 -39.83 18.32
N LEU D 488 -6.13 -40.96 18.48
CA LEU D 488 -6.84 -42.23 18.63
C LEU D 488 -7.60 -42.28 19.95
N ALA D 489 -7.09 -41.65 21.01
CA ALA D 489 -7.85 -41.58 22.25
C ALA D 489 -9.14 -40.78 22.05
N PHE D 490 -9.05 -39.65 21.36
CA PHE D 490 -10.24 -38.85 21.08
C PHE D 490 -11.24 -39.64 20.25
N LEU D 491 -10.77 -40.37 19.25
CA LEU D 491 -11.68 -41.21 18.46
C LEU D 491 -12.29 -42.31 19.33
N ARG D 492 -11.49 -42.90 20.22
CA ARG D 492 -12.00 -43.92 21.14
C ARG D 492 -13.07 -43.34 22.07
N GLU D 493 -13.04 -42.04 22.30
CA GLU D 493 -14.02 -41.44 23.22
C GLU D 493 -15.14 -40.69 22.51
N ASN D 494 -14.91 -40.16 21.31
CA ASN D 494 -15.87 -39.25 20.69
C ASN D 494 -16.09 -39.59 19.21
N LEU D 495 -16.37 -40.86 18.92
CA LEU D 495 -16.75 -41.26 17.56
C LEU D 495 -17.91 -42.22 17.63
N ARG D 496 -19.00 -41.89 16.93
CA ARG D 496 -20.22 -42.67 16.95
C ARG D 496 -20.26 -43.73 15.85
N ALA D 497 -20.04 -43.33 14.60
CA ALA D 497 -20.16 -44.22 13.46
C ALA D 497 -18.88 -44.20 12.64
N LEU D 498 -18.61 -45.33 11.98
CA LEU D 498 -17.41 -45.48 11.16
C LEU D 498 -17.80 -46.19 9.86
N HIS D 499 -17.77 -45.46 8.75
CA HIS D 499 -18.05 -46.01 7.44
C HIS D 499 -16.73 -46.16 6.68
N ILE D 500 -16.42 -47.37 6.24
CA ILE D 500 -15.20 -47.62 5.48
C ILE D 500 -15.53 -48.47 4.27
N LYS D 501 -14.92 -48.14 3.13
CA LYS D 501 -14.96 -48.94 1.92
C LYS D 501 -13.54 -49.35 1.56
N PHE D 502 -13.39 -50.58 1.08
CA PHE D 502 -12.07 -51.12 0.79
C PHE D 502 -12.18 -52.23 -0.24
N THR D 503 -11.04 -52.61 -0.78
CA THR D 503 -10.94 -53.76 -1.68
C THR D 503 -10.14 -54.91 -1.10
N ASP D 504 -9.12 -54.62 -0.28
CA ASP D 504 -8.33 -55.65 0.38
C ASP D 504 -8.53 -55.57 1.89
N ILE D 505 -8.36 -56.71 2.55
CA ILE D 505 -8.48 -56.74 4.00
C ILE D 505 -7.34 -55.97 4.66
N LYS D 506 -6.18 -55.92 4.03
CA LYS D 506 -5.02 -55.28 4.64
C LYS D 506 -5.12 -53.76 4.62
N GLU D 507 -5.85 -53.18 3.67
CA GLU D 507 -5.94 -51.74 3.54
C GLU D 507 -7.04 -51.13 4.40
N ILE D 508 -7.57 -51.88 5.37
CA ILE D 508 -8.50 -51.34 6.35
C ILE D 508 -7.69 -50.89 7.55
N PRO D 509 -8.14 -49.90 8.31
CA PRO D 509 -7.38 -49.49 9.50
C PRO D 509 -7.30 -50.63 10.52
N LEU D 510 -6.15 -50.74 11.17
CA LEU D 510 -5.97 -51.75 12.21
C LEU D 510 -6.45 -51.27 13.57
N TRP D 511 -6.81 -49.99 13.70
CA TRP D 511 -7.30 -49.43 14.94
C TRP D 511 -8.82 -49.31 14.98
N ILE D 512 -9.52 -49.96 14.04
CA ILE D 512 -10.98 -49.89 14.02
C ILE D 512 -11.58 -50.51 15.27
N TYR D 513 -10.97 -51.57 15.79
CA TYR D 513 -11.49 -52.24 16.97
C TYR D 513 -11.16 -51.50 18.27
N SER D 514 -10.37 -50.44 18.21
CA SER D 514 -10.04 -49.64 19.37
C SER D 514 -11.08 -48.58 19.68
N LEU D 515 -12.13 -48.48 18.88
CA LEU D 515 -13.17 -47.46 19.06
C LEU D 515 -14.25 -48.05 19.97
N LYS D 516 -14.07 -47.87 21.27
CA LYS D 516 -14.99 -48.47 22.24
C LYS D 516 -16.36 -47.80 22.25
N THR D 517 -16.45 -46.53 21.87
CA THR D 517 -17.71 -45.81 21.86
C THR D 517 -18.40 -45.88 20.50
N LEU D 518 -17.89 -46.69 19.58
CA LEU D 518 -18.49 -46.79 18.25
C LEU D 518 -19.88 -47.38 18.34
N GLU D 519 -20.80 -46.83 17.55
CA GLU D 519 -22.18 -47.28 17.50
C GLU D 519 -22.55 -47.95 16.18
N GLU D 520 -22.24 -47.30 15.06
CA GLU D 520 -22.53 -47.83 13.74
C GLU D 520 -21.24 -48.20 13.03
N LEU D 521 -21.23 -49.37 12.39
CA LEU D 521 -20.10 -49.82 11.61
C LEU D 521 -20.58 -50.23 10.22
N HIS D 522 -19.95 -49.67 9.20
CA HIS D 522 -20.33 -49.90 7.81
C HIS D 522 -19.14 -50.46 7.05
N LEU D 523 -19.19 -51.76 6.73
CA LEU D 523 -18.16 -52.40 5.94
C LEU D 523 -18.71 -52.71 4.56
N THR D 524 -18.06 -52.19 3.53
CA THR D 524 -18.50 -52.38 2.14
C THR D 524 -17.33 -52.87 1.29
N GLY D 525 -16.60 -53.86 1.79
CA GLY D 525 -15.46 -54.39 1.06
C GLY D 525 -15.61 -55.85 0.70
N ASN D 526 -14.53 -56.62 0.84
CA ASN D 526 -14.53 -58.07 0.63
C ASN D 526 -13.78 -58.70 1.79
N LEU D 527 -14.50 -59.07 2.84
CA LEU D 527 -13.89 -59.67 4.02
C LEU D 527 -13.53 -61.14 3.83
N SER D 528 -13.92 -61.74 2.71
CA SER D 528 -13.63 -63.16 2.46
C SER D 528 -12.15 -63.30 2.12
N ALA D 529 -11.37 -63.74 3.10
CA ALA D 529 -9.93 -63.93 2.93
C ALA D 529 -9.65 -65.37 2.50
N GLU D 530 -8.39 -65.78 2.57
CA GLU D 530 -7.95 -67.06 2.04
C GLU D 530 -8.12 -68.15 3.10
N ASN D 531 -9.20 -68.92 2.99
CA ASN D 531 -9.43 -70.10 3.83
C ASN D 531 -9.44 -69.75 5.32
N ASN D 532 -10.32 -68.82 5.68
CA ASN D 532 -10.51 -68.45 7.08
C ASN D 532 -11.93 -67.96 7.27
N ARG D 533 -12.44 -68.13 8.49
CA ARG D 533 -13.81 -67.74 8.80
C ARG D 533 -13.87 -66.26 9.20
N TYR D 534 -13.39 -65.43 8.27
CA TYR D 534 -13.34 -63.97 8.45
C TYR D 534 -12.50 -63.60 9.67
N ILE D 535 -11.23 -64.03 9.66
CA ILE D 535 -10.31 -63.73 10.74
C ILE D 535 -9.98 -62.25 10.80
N VAL D 536 -10.24 -61.50 9.71
CA VAL D 536 -9.96 -60.07 9.69
C VAL D 536 -10.78 -59.33 10.74
N ILE D 537 -12.07 -59.68 10.87
CA ILE D 537 -12.95 -59.02 11.82
C ILE D 537 -13.15 -59.86 13.08
N ASP D 538 -12.21 -60.76 13.39
CA ASP D 538 -12.33 -61.57 14.61
C ASP D 538 -12.28 -60.71 15.86
N GLY D 539 -11.80 -59.47 15.76
CA GLY D 539 -11.79 -58.54 16.87
C GLY D 539 -13.05 -57.72 17.03
N LEU D 540 -14.11 -58.03 16.27
CA LEU D 540 -15.36 -57.31 16.38
C LEU D 540 -16.03 -57.50 17.74
N ARG D 541 -15.67 -58.55 18.47
CA ARG D 541 -16.23 -58.77 19.80
C ARG D 541 -15.78 -57.71 20.81
N GLU D 542 -14.74 -56.94 20.49
CA GLU D 542 -14.28 -55.89 21.40
C GLU D 542 -15.33 -54.78 21.52
N LEU D 543 -16.01 -54.46 20.43
CA LEU D 543 -17.00 -53.37 20.42
C LEU D 543 -18.23 -53.82 21.20
N LYS D 544 -18.38 -53.30 22.41
CA LYS D 544 -19.56 -53.57 23.22
C LYS D 544 -20.64 -52.51 23.06
N ARG D 545 -20.33 -51.40 22.39
CA ARG D 545 -21.30 -50.32 22.16
C ARG D 545 -21.88 -50.35 20.76
N LEU D 546 -21.64 -51.41 19.99
CA LEU D 546 -22.11 -51.46 18.62
C LEU D 546 -23.62 -51.64 18.58
N LYS D 547 -24.28 -50.82 17.77
CA LYS D 547 -25.73 -50.88 17.61
C LYS D 547 -26.17 -51.20 16.19
N VAL D 548 -25.44 -50.70 15.19
CA VAL D 548 -25.79 -50.90 13.78
C VAL D 548 -24.60 -51.53 13.08
N LEU D 549 -24.85 -52.58 12.31
CA LEU D 549 -23.83 -53.23 11.49
C LEU D 549 -24.30 -53.22 10.04
N ARG D 550 -23.38 -52.87 9.14
CA ARG D 550 -23.70 -52.63 7.73
C ARG D 550 -22.72 -53.39 6.84
N LEU D 551 -22.55 -54.67 7.10
CA LEU D 551 -21.64 -55.50 6.32
C LEU D 551 -22.09 -55.60 4.86
N LYS D 552 -21.13 -55.45 3.95
CA LYS D 552 -21.34 -55.74 2.52
C LYS D 552 -20.04 -56.31 1.98
N SER D 553 -19.93 -57.65 2.02
CA SER D 553 -18.73 -58.31 1.51
C SER D 553 -19.04 -59.58 0.74
N ASN D 554 -20.28 -59.75 0.28
CA ASN D 554 -20.73 -60.96 -0.41
C ASN D 554 -20.50 -62.19 0.47
N LEU D 555 -21.17 -62.19 1.61
CA LEU D 555 -21.00 -63.26 2.59
C LEU D 555 -21.52 -64.58 2.05
N SER D 556 -20.76 -65.65 2.31
CA SER D 556 -21.19 -67.01 2.00
C SER D 556 -21.77 -67.71 3.23
N LYS D 557 -21.02 -67.74 4.32
CA LYS D 557 -21.49 -68.21 5.61
C LYS D 557 -21.43 -67.05 6.59
N LEU D 558 -22.51 -66.84 7.32
CA LEU D 558 -22.56 -65.73 8.27
C LEU D 558 -21.46 -65.89 9.32
N PRO D 559 -20.61 -64.90 9.52
CA PRO D 559 -19.48 -65.07 10.45
C PRO D 559 -19.96 -65.36 11.87
N GLN D 560 -19.24 -66.25 12.54
CA GLN D 560 -19.57 -66.58 13.92
C GLN D 560 -19.42 -65.36 14.82
N VAL D 561 -18.42 -64.52 14.54
CA VAL D 561 -18.22 -63.31 15.34
C VAL D 561 -19.42 -62.39 15.22
N VAL D 562 -19.99 -62.27 14.02
CA VAL D 562 -21.16 -61.42 13.84
C VAL D 562 -22.36 -62.00 14.56
N THR D 563 -22.55 -63.31 14.47
CA THR D 563 -23.67 -63.95 15.17
C THR D 563 -23.55 -63.77 16.67
N ASP D 564 -22.33 -63.81 17.20
CA ASP D 564 -22.14 -63.61 18.63
C ASP D 564 -22.36 -62.15 19.02
N VAL D 565 -21.82 -61.22 18.23
CA VAL D 565 -21.94 -59.80 18.56
C VAL D 565 -23.34 -59.26 18.32
N GLY D 566 -24.19 -60.01 17.59
CA GLY D 566 -25.55 -59.54 17.36
C GLY D 566 -26.46 -59.64 18.56
N VAL D 567 -25.98 -60.16 19.69
CA VAL D 567 -26.80 -60.26 20.89
C VAL D 567 -27.17 -58.88 21.43
N HIS D 568 -26.44 -57.84 21.03
CA HIS D 568 -26.69 -56.48 21.48
C HIS D 568 -26.81 -55.53 20.29
N LEU D 569 -27.18 -56.06 19.13
CA LEU D 569 -27.24 -55.29 17.90
C LEU D 569 -28.68 -54.88 17.60
N GLN D 570 -28.86 -53.65 17.12
CA GLN D 570 -30.17 -53.10 16.82
C GLN D 570 -30.55 -53.21 15.36
N LYS D 571 -29.67 -52.79 14.45
CA LYS D 571 -29.96 -52.76 13.01
C LYS D 571 -28.86 -53.51 12.29
N LEU D 572 -29.17 -54.71 11.80
CA LEU D 572 -28.23 -55.51 11.02
C LEU D 572 -28.65 -55.47 9.56
N SER D 573 -27.84 -54.84 8.72
CA SER D 573 -28.10 -54.73 7.29
C SER D 573 -26.96 -55.40 6.53
N ILE D 574 -27.31 -56.32 5.64
CA ILE D 574 -26.33 -57.12 4.91
C ILE D 574 -26.68 -57.08 3.43
N ASN D 575 -25.64 -57.02 2.59
CA ASN D 575 -25.80 -57.05 1.14
C ASN D 575 -24.68 -57.91 0.56
N ASN D 576 -25.06 -58.96 -0.17
CA ASN D 576 -24.11 -59.83 -0.84
C ASN D 576 -24.15 -59.69 -2.35
N GLU D 577 -24.96 -58.78 -2.89
CA GLU D 577 -25.12 -58.60 -4.34
C GLU D 577 -25.49 -59.91 -5.02
N GLY D 578 -26.42 -60.64 -4.42
CA GLY D 578 -26.86 -61.90 -4.96
C GLY D 578 -26.01 -63.11 -4.62
N THR D 579 -24.99 -62.95 -3.78
CA THR D 579 -24.16 -64.07 -3.40
C THR D 579 -24.88 -64.93 -2.37
N LYS D 580 -24.76 -66.25 -2.51
CA LYS D 580 -25.46 -67.18 -1.65
C LYS D 580 -25.01 -67.02 -0.19
N LEU D 581 -25.98 -66.95 0.71
CA LEU D 581 -25.71 -66.86 2.15
C LEU D 581 -26.60 -67.86 2.88
N ILE D 582 -25.99 -68.63 3.77
CA ILE D 582 -26.69 -69.63 4.56
C ILE D 582 -26.67 -69.21 6.02
N VAL D 583 -27.82 -69.33 6.69
CA VAL D 583 -27.96 -68.92 8.08
C VAL D 583 -27.66 -70.09 9.00
N LEU D 584 -28.47 -71.15 8.91
CA LEU D 584 -28.27 -72.38 9.67
C LEU D 584 -28.22 -72.11 11.17
N ASN D 585 -29.35 -71.62 11.70
CA ASN D 585 -29.52 -71.35 13.13
C ASN D 585 -28.42 -70.40 13.64
N SER D 586 -28.36 -69.22 13.01
CA SER D 586 -27.39 -68.20 13.36
C SER D 586 -27.99 -67.00 14.07
N LEU D 587 -29.27 -66.72 13.87
CA LEU D 587 -29.92 -65.56 14.47
C LEU D 587 -30.63 -65.87 15.78
N LYS D 588 -30.71 -67.14 16.18
CA LYS D 588 -31.39 -67.49 17.42
C LYS D 588 -30.68 -66.96 18.65
N LYS D 589 -29.40 -66.59 18.53
CA LYS D 589 -28.67 -66.04 19.66
C LYS D 589 -29.11 -64.61 19.97
N MET D 590 -29.40 -63.83 18.93
CA MET D 590 -29.87 -62.47 19.13
C MET D 590 -31.27 -62.46 19.73
N VAL D 591 -31.53 -61.50 20.62
CA VAL D 591 -32.82 -61.42 21.29
C VAL D 591 -33.37 -60.00 21.21
N ASN D 592 -32.53 -59.04 20.81
CA ASN D 592 -32.91 -57.64 20.83
C ASN D 592 -32.79 -56.98 19.46
N LEU D 593 -32.61 -57.77 18.40
CA LEU D 593 -32.49 -57.22 17.06
C LEU D 593 -33.84 -56.69 16.59
N THR D 594 -33.82 -55.53 15.94
CA THR D 594 -35.04 -54.90 15.46
C THR D 594 -35.08 -54.72 13.95
N GLU D 595 -33.95 -54.47 13.30
CA GLU D 595 -33.89 -54.33 11.85
C GLU D 595 -33.03 -55.46 11.29
N LEU D 596 -33.53 -56.11 10.24
CA LEU D 596 -32.89 -57.28 9.66
C LEU D 596 -32.85 -57.18 8.13
N GLU D 597 -32.37 -56.04 7.63
CA GLU D 597 -32.18 -55.90 6.20
C GLU D 597 -31.19 -56.93 5.68
N LEU D 598 -31.62 -57.71 4.68
CA LEU D 598 -30.78 -58.71 4.02
C LEU D 598 -30.90 -58.57 2.52
N ILE D 599 -30.77 -57.33 2.03
CA ILE D 599 -30.94 -57.04 0.62
C ILE D 599 -29.86 -57.74 -0.19
N ARG D 600 -30.28 -58.47 -1.23
CA ARG D 600 -29.36 -59.16 -2.14
C ARG D 600 -28.44 -60.12 -1.39
N CYS D 601 -29.07 -61.10 -0.73
CA CYS D 601 -28.33 -62.14 -0.01
C CYS D 601 -28.55 -63.54 -0.58
N ASP D 602 -29.38 -63.68 -1.61
CA ASP D 602 -29.60 -64.96 -2.28
C ASP D 602 -30.04 -66.04 -1.30
N LEU D 603 -30.94 -65.67 -0.38
CA LEU D 603 -31.48 -66.66 0.54
C LEU D 603 -32.38 -67.66 -0.18
N GLU D 604 -33.13 -67.19 -1.18
CA GLU D 604 -34.01 -67.99 -2.03
C GLU D 604 -35.24 -68.43 -1.25
N ARG D 605 -35.24 -68.19 0.05
CA ARG D 605 -36.36 -68.52 0.94
C ARG D 605 -36.20 -67.67 2.19
N ILE D 606 -37.31 -67.50 2.92
CA ILE D 606 -37.21 -66.82 4.22
C ILE D 606 -36.60 -67.79 5.23
N PRO D 607 -35.53 -67.39 5.93
CA PRO D 607 -34.87 -68.32 6.86
C PRO D 607 -35.80 -68.75 7.99
N HIS D 608 -35.59 -69.98 8.46
CA HIS D 608 -36.38 -70.52 9.56
C HIS D 608 -35.94 -70.00 10.92
N SER D 609 -34.77 -69.35 11.01
CA SER D 609 -34.28 -68.81 12.26
C SER D 609 -34.78 -67.40 12.56
N ILE D 610 -35.49 -66.78 11.62
CA ILE D 610 -35.99 -65.43 11.83
C ILE D 610 -37.23 -65.42 12.73
N PHE D 611 -37.87 -66.58 12.92
CA PHE D 611 -39.09 -66.63 13.74
C PHE D 611 -38.79 -66.31 15.19
N SER D 612 -37.66 -66.79 15.72
CA SER D 612 -37.34 -66.61 17.13
C SER D 612 -36.95 -65.18 17.46
N LEU D 613 -36.77 -64.31 16.48
CA LEU D 613 -36.44 -62.91 16.72
C LEU D 613 -37.73 -62.12 16.90
N HIS D 614 -38.35 -62.30 18.07
CA HIS D 614 -39.63 -61.65 18.34
C HIS D 614 -39.51 -60.14 18.37
N ASN D 615 -38.37 -59.62 18.81
CA ASN D 615 -38.18 -58.19 18.98
C ASN D 615 -38.07 -57.44 17.66
N LEU D 616 -37.96 -58.15 16.53
CA LEU D 616 -37.82 -57.49 15.24
C LEU D 616 -39.03 -56.62 14.94
N GLN D 617 -38.77 -55.45 14.36
CA GLN D 617 -39.81 -54.55 13.88
C GLN D 617 -39.66 -54.21 12.41
N GLU D 618 -38.44 -54.22 11.89
CA GLU D 618 -38.16 -53.99 10.47
C GLU D 618 -37.47 -55.22 9.91
N ILE D 619 -38.04 -55.79 8.85
CA ILE D 619 -37.44 -56.91 8.13
C ILE D 619 -37.50 -56.60 6.65
N ASP D 620 -36.35 -56.72 5.97
CA ASP D 620 -36.26 -56.44 4.55
C ASP D 620 -35.42 -57.53 3.88
N LEU D 621 -35.97 -58.14 2.83
CA LEU D 621 -35.28 -59.21 2.12
C LEU D 621 -35.25 -58.97 0.62
N LYS D 622 -34.87 -57.75 0.21
CA LYS D 622 -34.92 -57.39 -1.20
C LYS D 622 -33.95 -58.23 -2.02
N ASP D 623 -34.39 -58.62 -3.22
CA ASP D 623 -33.56 -59.32 -4.20
C ASP D 623 -32.96 -60.61 -3.63
N ASN D 624 -33.74 -61.31 -2.83
CA ASN D 624 -33.34 -62.60 -2.29
C ASN D 624 -33.84 -63.77 -3.10
N ASN D 625 -34.55 -63.52 -4.21
CA ASN D 625 -35.07 -64.57 -5.07
C ASN D 625 -35.95 -65.55 -4.30
N LEU D 626 -36.84 -65.01 -3.47
CA LEU D 626 -37.75 -65.85 -2.72
C LEU D 626 -38.78 -66.50 -3.65
N LYS D 627 -39.36 -67.60 -3.20
CA LYS D 627 -40.38 -68.32 -3.95
C LYS D 627 -41.72 -68.34 -3.24
N THR D 628 -41.74 -68.67 -1.94
CA THR D 628 -42.96 -68.71 -1.17
C THR D 628 -42.75 -67.98 0.16
N ILE D 629 -43.80 -67.30 0.62
CA ILE D 629 -43.76 -66.56 1.87
C ILE D 629 -44.87 -67.06 2.80
N GLU D 630 -45.19 -68.34 2.71
CA GLU D 630 -46.24 -68.93 3.54
C GLU D 630 -45.84 -68.99 5.00
N GLU D 631 -44.65 -68.49 5.34
CA GLU D 631 -44.15 -68.51 6.70
C GLU D 631 -44.76 -67.42 7.58
N ILE D 632 -45.80 -66.72 7.10
CA ILE D 632 -46.49 -65.74 7.93
C ILE D 632 -47.16 -66.44 9.12
N ILE D 633 -47.55 -67.70 8.96
CA ILE D 633 -48.16 -68.43 10.07
C ILE D 633 -47.16 -68.64 11.20
N SER D 634 -45.88 -68.85 10.86
CA SER D 634 -44.84 -68.91 11.87
C SER D 634 -44.38 -67.53 12.31
N PHE D 635 -44.64 -66.50 11.51
CA PHE D 635 -44.31 -65.12 11.86
C PHE D 635 -45.17 -64.57 12.99
N GLN D 636 -46.21 -65.29 13.41
CA GLN D 636 -47.10 -64.78 14.45
C GLN D 636 -46.40 -64.62 15.79
N HIS D 637 -45.20 -65.19 15.96
CA HIS D 637 -44.43 -64.94 17.17
C HIS D 637 -44.09 -63.46 17.31
N LEU D 638 -43.74 -62.81 16.21
CA LEU D 638 -43.36 -61.40 16.23
C LEU D 638 -44.59 -60.52 16.40
N HIS D 639 -44.89 -60.16 17.65
CA HIS D 639 -46.03 -59.30 17.95
C HIS D 639 -45.74 -57.82 17.73
N ARG D 640 -44.47 -57.43 17.60
CA ARG D 640 -44.10 -56.04 17.40
C ARG D 640 -43.66 -55.74 15.96
N LEU D 641 -43.81 -56.70 15.06
CA LEU D 641 -43.41 -56.50 13.67
C LEU D 641 -44.35 -55.52 12.99
N THR D 642 -43.80 -54.44 12.42
CA THR D 642 -44.59 -53.42 11.75
C THR D 642 -44.05 -53.02 10.39
N CYS D 643 -42.88 -53.50 9.98
CA CYS D 643 -42.23 -53.04 8.76
C CYS D 643 -41.70 -54.24 7.97
N LEU D 644 -42.55 -55.23 7.76
CA LEU D 644 -42.19 -56.40 6.97
C LEU D 644 -42.01 -55.99 5.50
N LYS D 645 -40.76 -55.90 5.05
CA LYS D 645 -40.43 -55.54 3.68
C LYS D 645 -39.96 -56.78 2.94
N LEU D 646 -40.57 -57.04 1.78
CA LEU D 646 -40.15 -58.16 0.94
C LEU D 646 -40.15 -57.80 -0.55
N TRP D 647 -39.96 -56.54 -0.91
CA TRP D 647 -40.06 -56.17 -2.31
C TRP D 647 -38.79 -56.59 -3.06
N TYR D 648 -38.82 -56.36 -4.38
CA TYR D 648 -37.77 -56.84 -5.28
C TYR D 648 -37.60 -58.35 -5.21
N ASN D 649 -38.72 -59.06 -5.08
CA ASN D 649 -38.72 -60.52 -4.99
C ASN D 649 -39.75 -61.08 -5.96
N HIS D 650 -39.92 -62.40 -5.94
CA HIS D 650 -40.80 -63.11 -6.87
C HIS D 650 -41.71 -64.05 -6.07
N ILE D 651 -42.86 -63.53 -5.65
CA ILE D 651 -43.85 -64.32 -4.92
C ILE D 651 -45.13 -64.36 -5.75
N ALA D 652 -45.63 -65.57 -5.99
CA ALA D 652 -46.79 -65.74 -6.88
C ALA D 652 -48.03 -65.09 -6.31
N TYR D 653 -48.30 -65.26 -5.02
CA TYR D 653 -49.52 -64.76 -4.42
C TYR D 653 -49.29 -64.47 -2.94
N ILE D 654 -50.13 -63.61 -2.39
CA ILE D 654 -50.05 -63.28 -0.96
C ILE D 654 -50.76 -64.34 -0.16
N PRO D 655 -50.09 -64.99 0.80
CA PRO D 655 -50.76 -66.02 1.61
C PRO D 655 -51.84 -65.43 2.50
N ILE D 656 -52.80 -66.29 2.87
CA ILE D 656 -53.92 -65.87 3.70
C ILE D 656 -53.52 -65.53 5.13
N GLN D 657 -52.30 -65.90 5.54
CA GLN D 657 -51.89 -65.71 6.93
C GLN D 657 -51.52 -64.27 7.26
N ILE D 658 -51.54 -63.36 6.27
CA ILE D 658 -51.26 -61.96 6.54
C ILE D 658 -52.29 -61.38 7.50
N GLY D 659 -53.56 -61.78 7.35
CA GLY D 659 -54.59 -61.26 8.22
C GLY D 659 -54.44 -61.67 9.67
N ASN D 660 -53.75 -62.78 9.92
CA ASN D 660 -53.50 -63.20 11.30
C ASN D 660 -52.71 -62.14 12.06
N LEU D 661 -51.66 -61.63 11.45
CA LEU D 661 -50.96 -60.48 12.04
C LEU D 661 -51.80 -59.21 11.84
N THR D 662 -51.97 -58.46 12.93
CA THR D 662 -52.76 -57.25 12.89
C THR D 662 -51.96 -55.99 13.23
N ASN D 663 -50.65 -56.11 13.43
CA ASN D 663 -49.81 -54.98 13.77
C ASN D 663 -49.04 -54.43 12.58
N LEU D 664 -49.35 -54.88 11.36
CA LEU D 664 -48.65 -54.44 10.17
C LEU D 664 -48.93 -52.95 9.92
N GLU D 665 -47.88 -52.17 9.73
CA GLU D 665 -47.98 -50.76 9.41
C GLU D 665 -47.19 -50.37 8.17
N ARG D 666 -46.04 -51.00 7.95
CA ARG D 666 -45.25 -50.81 6.74
C ARG D 666 -45.18 -52.14 6.01
N LEU D 667 -46.08 -52.34 5.04
CA LEU D 667 -46.13 -53.55 4.25
C LEU D 667 -45.60 -53.26 2.85
N TYR D 668 -44.69 -54.10 2.39
CA TYR D 668 -43.96 -53.82 1.15
C TYR D 668 -43.78 -55.12 0.37
N LEU D 669 -44.45 -55.22 -0.78
CA LEU D 669 -44.31 -56.32 -1.72
C LEU D 669 -44.15 -55.78 -3.14
N ASN D 670 -43.46 -54.66 -3.28
CA ASN D 670 -43.30 -54.01 -4.58
C ASN D 670 -42.45 -54.87 -5.51
N ARG D 671 -42.65 -54.63 -6.81
CA ARG D 671 -41.87 -55.29 -7.87
C ARG D 671 -41.98 -56.81 -7.78
N ASN D 672 -43.15 -57.29 -7.38
CA ASN D 672 -43.44 -58.71 -7.32
C ASN D 672 -44.54 -59.04 -8.33
N LYS D 673 -44.70 -60.33 -8.61
CA LYS D 673 -45.73 -60.81 -9.54
C LYS D 673 -46.81 -61.52 -8.71
N ILE D 674 -47.74 -60.72 -8.19
CA ILE D 674 -48.86 -61.21 -7.40
C ILE D 674 -50.13 -60.89 -8.16
N GLU D 675 -50.87 -61.92 -8.56
CA GLU D 675 -52.03 -61.75 -9.42
C GLU D 675 -53.26 -61.22 -8.69
N LYS D 676 -53.39 -61.47 -7.39
CA LYS D 676 -54.57 -61.04 -6.66
C LYS D 676 -54.20 -60.80 -5.20
N ILE D 677 -54.96 -59.92 -4.56
CA ILE D 677 -54.80 -59.57 -3.15
C ILE D 677 -55.90 -60.28 -2.37
N PRO D 678 -55.58 -61.23 -1.49
CA PRO D 678 -56.63 -61.84 -0.66
C PRO D 678 -57.26 -60.82 0.27
N THR D 679 -58.56 -61.02 0.53
CA THR D 679 -59.30 -60.07 1.35
C THR D 679 -58.85 -60.08 2.81
N GLN D 680 -58.24 -61.18 3.26
CA GLN D 680 -57.79 -61.27 4.64
C GLN D 680 -56.66 -60.30 4.95
N LEU D 681 -55.88 -59.89 3.93
CA LEU D 681 -54.79 -58.94 4.17
C LEU D 681 -55.30 -57.62 4.72
N PHE D 682 -56.52 -57.22 4.36
CA PHE D 682 -57.09 -55.94 4.79
C PHE D 682 -57.51 -55.94 6.25
N TYR D 683 -57.44 -57.09 6.95
CA TYR D 683 -57.79 -57.11 8.36
C TYR D 683 -56.91 -56.17 9.17
N CYS D 684 -55.67 -55.98 8.75
CA CYS D 684 -54.72 -55.13 9.46
C CYS D 684 -55.22 -53.69 9.43
N ARG D 685 -55.57 -53.15 10.59
CA ARG D 685 -56.19 -51.83 10.68
C ARG D 685 -55.20 -50.69 10.87
N LYS D 686 -53.90 -50.97 10.97
CA LYS D 686 -52.91 -49.92 11.25
C LYS D 686 -51.88 -49.79 10.14
N LEU D 687 -52.21 -50.19 8.92
CA LEU D 687 -51.33 -49.95 7.79
C LEU D 687 -51.23 -48.45 7.52
N ARG D 688 -50.00 -47.97 7.31
CA ARG D 688 -49.79 -46.56 6.99
C ARG D 688 -48.90 -46.40 5.78
N TYR D 689 -48.02 -47.35 5.53
CA TYR D 689 -47.07 -47.29 4.43
C TYR D 689 -47.17 -48.54 3.56
N LEU D 690 -48.40 -48.94 3.27
CA LEU D 690 -48.63 -50.07 2.37
C LEU D 690 -48.34 -49.66 0.94
N ASP D 691 -47.45 -50.40 0.28
CA ASP D 691 -47.11 -50.14 -1.12
C ASP D 691 -46.91 -51.47 -1.83
N LEU D 692 -47.74 -51.72 -2.84
CA LEU D 692 -47.63 -52.91 -3.69
C LEU D 692 -47.57 -52.40 -5.13
N SER D 693 -46.36 -52.06 -5.58
CA SER D 693 -46.17 -51.44 -6.89
C SER D 693 -45.42 -52.38 -7.81
N HIS D 694 -45.54 -52.10 -9.12
CA HIS D 694 -44.93 -52.92 -10.16
C HIS D 694 -45.36 -54.38 -10.03
N ASN D 695 -46.68 -54.58 -9.99
CA ASN D 695 -47.27 -55.87 -9.75
C ASN D 695 -48.39 -56.12 -10.75
N ASN D 696 -48.66 -57.40 -11.01
CA ASN D 696 -49.69 -57.81 -11.96
C ASN D 696 -51.05 -57.88 -11.27
N LEU D 697 -51.54 -56.72 -10.84
CA LEU D 697 -52.82 -56.62 -10.17
C LEU D 697 -53.90 -56.19 -11.15
N THR D 698 -55.10 -56.72 -10.95
CA THR D 698 -56.27 -56.39 -11.77
C THR D 698 -57.22 -55.44 -11.05
N PHE D 699 -57.48 -55.67 -9.77
CA PHE D 699 -58.37 -54.81 -9.00
C PHE D 699 -58.09 -54.99 -7.52
N LEU D 700 -58.54 -54.01 -6.73
CA LEU D 700 -58.42 -54.04 -5.28
C LEU D 700 -59.77 -54.31 -4.65
N PRO D 701 -59.88 -55.28 -3.75
CA PRO D 701 -61.17 -55.52 -3.07
C PRO D 701 -61.58 -54.33 -2.23
N ALA D 702 -62.90 -54.21 -2.02
CA ALA D 702 -63.47 -53.08 -1.30
C ALA D 702 -63.09 -53.07 0.18
N ASP D 703 -62.51 -54.15 0.69
CA ASP D 703 -62.14 -54.20 2.10
C ASP D 703 -61.03 -53.20 2.44
N ILE D 704 -60.35 -52.65 1.44
CA ILE D 704 -59.34 -51.64 1.68
C ILE D 704 -59.93 -50.39 2.32
N GLY D 705 -61.22 -50.12 2.10
CA GLY D 705 -61.85 -48.95 2.65
C GLY D 705 -62.07 -48.99 4.15
N LEU D 706 -61.92 -50.17 4.76
CA LEU D 706 -61.98 -50.28 6.20
C LEU D 706 -60.66 -49.88 6.87
N LEU D 707 -59.62 -49.64 6.09
CA LEU D 707 -58.31 -49.20 6.61
C LEU D 707 -58.26 -47.67 6.57
N GLN D 708 -58.91 -47.06 7.56
CA GLN D 708 -58.90 -45.60 7.66
C GLN D 708 -57.55 -45.06 8.11
N ASN D 709 -56.63 -45.92 8.53
CA ASN D 709 -55.34 -45.50 9.04
C ASN D 709 -54.26 -45.43 7.95
N LEU D 710 -54.63 -45.67 6.69
CA LEU D 710 -53.65 -45.66 5.62
C LEU D 710 -53.15 -44.24 5.35
N GLN D 711 -51.84 -44.11 5.14
CA GLN D 711 -51.21 -42.82 4.84
C GLN D 711 -50.63 -42.77 3.44
N ASN D 712 -49.76 -43.73 3.09
CA ASN D 712 -49.13 -43.75 1.78
C ASN D 712 -49.44 -45.06 1.07
N LEU D 713 -49.76 -44.94 -0.22
CA LEU D 713 -50.09 -46.10 -1.04
C LEU D 713 -49.47 -45.93 -2.43
N ALA D 714 -48.92 -47.02 -2.96
CA ALA D 714 -48.31 -47.02 -4.29
C ALA D 714 -48.85 -48.21 -5.06
N VAL D 715 -49.57 -47.94 -6.15
CA VAL D 715 -50.13 -48.99 -7.00
C VAL D 715 -49.58 -48.81 -8.41
N THR D 716 -48.33 -48.35 -8.50
CA THR D 716 -47.72 -48.08 -9.79
C THR D 716 -47.57 -49.36 -10.60
N ALA D 717 -47.70 -49.22 -11.93
CA ALA D 717 -47.57 -50.33 -12.87
C ALA D 717 -48.53 -51.47 -12.53
N ASN D 718 -49.80 -51.11 -12.34
CA ASN D 718 -50.85 -52.06 -12.03
C ASN D 718 -52.03 -51.84 -12.96
N ARG D 719 -52.62 -52.94 -13.43
CA ARG D 719 -53.76 -52.89 -14.35
C ARG D 719 -55.06 -52.71 -13.58
N ILE D 720 -55.14 -51.60 -12.85
CA ILE D 720 -56.28 -51.31 -11.99
C ILE D 720 -57.29 -50.51 -12.82
N GLU D 721 -58.37 -51.17 -13.24
CA GLU D 721 -59.39 -50.49 -14.04
C GLU D 721 -60.10 -49.41 -13.23
N ALA D 722 -60.41 -49.69 -11.97
CA ALA D 722 -61.14 -48.75 -11.14
C ALA D 722 -60.87 -49.05 -9.67
N LEU D 723 -61.22 -48.08 -8.82
CA LEU D 723 -61.05 -48.21 -7.39
C LEU D 723 -62.40 -48.16 -6.68
N PRO D 724 -62.56 -48.89 -5.58
CA PRO D 724 -63.84 -48.90 -4.86
C PRO D 724 -64.11 -47.57 -4.21
N PRO D 725 -65.36 -47.09 -4.25
CA PRO D 725 -65.69 -45.86 -3.51
C PRO D 725 -65.49 -46.00 -2.01
N GLU D 726 -65.55 -47.22 -1.48
CA GLU D 726 -65.28 -47.44 -0.07
C GLU D 726 -63.84 -47.06 0.29
N LEU D 727 -62.91 -47.23 -0.65
CA LEU D 727 -61.52 -46.84 -0.41
C LEU D 727 -61.41 -45.35 -0.12
N PHE D 728 -62.12 -44.53 -0.90
CA PHE D 728 -62.05 -43.08 -0.72
C PHE D 728 -62.78 -42.60 0.52
N GLN D 729 -63.55 -43.47 1.19
CA GLN D 729 -64.28 -43.07 2.37
C GLN D 729 -63.37 -42.76 3.56
N CYS D 730 -62.15 -43.30 3.57
CA CYS D 730 -61.18 -42.96 4.59
C CYS D 730 -60.75 -41.50 4.44
N ARG D 731 -60.36 -40.89 5.56
CA ARG D 731 -60.03 -39.47 5.59
C ARG D 731 -58.62 -39.19 6.09
N LYS D 732 -57.82 -40.21 6.38
CA LYS D 732 -56.48 -40.03 6.90
C LYS D 732 -55.39 -40.27 5.86
N LEU D 733 -55.76 -40.34 4.58
CA LEU D 733 -54.78 -40.57 3.53
C LEU D 733 -53.83 -39.39 3.40
N ARG D 734 -52.57 -39.68 3.07
CA ARG D 734 -51.55 -38.66 2.87
C ARG D 734 -51.01 -38.61 1.45
N ALA D 735 -50.62 -39.75 0.89
CA ALA D 735 -50.05 -39.79 -0.45
C ALA D 735 -50.48 -41.06 -1.16
N LEU D 736 -50.85 -40.92 -2.42
CA LEU D 736 -51.24 -42.06 -3.26
C LEU D 736 -50.54 -41.93 -4.60
N HIS D 737 -49.63 -42.86 -4.88
CA HIS D 737 -48.88 -42.87 -6.12
C HIS D 737 -49.53 -43.88 -7.06
N LEU D 738 -50.01 -43.40 -8.21
CA LEU D 738 -50.68 -44.22 -9.22
C LEU D 738 -50.01 -43.94 -10.56
N GLY D 739 -49.04 -44.77 -10.92
CA GLY D 739 -48.30 -44.59 -12.17
C GLY D 739 -48.52 -45.78 -13.09
N ASN D 740 -48.77 -45.48 -14.36
CA ASN D 740 -48.97 -46.48 -15.40
C ASN D 740 -50.08 -47.46 -15.02
N ASN D 741 -51.28 -46.91 -14.84
CA ASN D 741 -52.46 -47.69 -14.51
C ASN D 741 -53.55 -47.41 -15.54
N VAL D 742 -54.32 -48.44 -15.86
CA VAL D 742 -55.36 -48.34 -16.89
C VAL D 742 -56.62 -47.82 -16.18
N LEU D 743 -56.71 -46.51 -16.06
CA LEU D 743 -57.86 -45.86 -15.45
C LEU D 743 -58.58 -45.04 -16.52
N GLN D 744 -59.88 -45.27 -16.66
CA GLN D 744 -60.71 -44.53 -17.62
C GLN D 744 -61.34 -43.29 -17.01
N SER D 745 -61.61 -43.29 -15.70
CA SER D 745 -62.23 -42.16 -15.05
C SER D 745 -61.79 -42.11 -13.60
N LEU D 746 -61.93 -40.94 -12.99
CA LEU D 746 -61.60 -40.73 -11.59
C LEU D 746 -62.87 -40.33 -10.85
N PRO D 747 -63.26 -41.04 -9.80
CA PRO D 747 -64.51 -40.70 -9.10
C PRO D 747 -64.45 -39.30 -8.50
N SER D 748 -65.60 -38.62 -8.51
CA SER D 748 -65.67 -37.27 -8.00
C SER D 748 -65.66 -37.22 -6.47
N ARG D 749 -65.85 -38.37 -5.81
CA ARG D 749 -65.89 -38.39 -4.35
C ARG D 749 -64.52 -38.18 -3.71
N VAL D 750 -63.43 -38.17 -4.50
CA VAL D 750 -62.11 -37.92 -3.95
C VAL D 750 -61.99 -36.49 -3.44
N GLY D 751 -62.87 -35.59 -3.88
CA GLY D 751 -62.84 -34.22 -3.40
C GLY D 751 -63.12 -34.11 -1.92
N GLU D 752 -63.79 -35.11 -1.34
CA GLU D 752 -64.01 -35.17 0.10
C GLU D 752 -62.73 -35.45 0.88
N LEU D 753 -61.65 -35.82 0.21
CA LEU D 753 -60.37 -36.04 0.88
C LEU D 753 -59.74 -34.69 1.21
N THR D 754 -59.54 -34.44 2.50
CA THR D 754 -58.93 -33.20 2.97
C THR D 754 -57.52 -33.36 3.48
N ASN D 755 -57.19 -34.48 4.12
CA ASN D 755 -55.86 -34.73 4.63
C ASN D 755 -54.90 -35.24 3.57
N LEU D 756 -55.38 -35.52 2.37
CA LEU D 756 -54.54 -35.99 1.27
C LEU D 756 -53.56 -34.89 0.88
N THR D 757 -52.27 -35.21 0.88
CA THR D 757 -51.26 -34.19 0.60
C THR D 757 -50.82 -34.22 -0.86
N GLN D 758 -50.71 -35.40 -1.46
CA GLN D 758 -50.20 -35.49 -2.83
C GLN D 758 -50.74 -36.74 -3.50
N ILE D 759 -50.89 -36.66 -4.82
CA ILE D 759 -51.30 -37.79 -5.65
C ILE D 759 -50.57 -37.71 -6.97
N GLU D 760 -50.41 -38.86 -7.62
CA GLU D 760 -49.79 -38.94 -8.93
C GLU D 760 -50.71 -39.70 -9.88
N LEU D 761 -50.90 -39.13 -11.08
CA LEU D 761 -51.74 -39.73 -12.11
C LEU D 761 -50.98 -39.88 -13.42
N ARG D 762 -49.65 -39.82 -13.36
CA ARG D 762 -48.85 -39.89 -14.58
C ARG D 762 -48.89 -41.31 -15.16
N GLY D 763 -49.00 -41.38 -16.49
CA GLY D 763 -49.06 -42.64 -17.18
C GLY D 763 -50.45 -43.23 -17.34
N ASN D 764 -51.44 -42.69 -16.64
CA ASN D 764 -52.79 -43.20 -16.73
C ASN D 764 -53.44 -42.75 -18.04
N ARG D 765 -54.41 -43.55 -18.50
CA ARG D 765 -55.20 -43.22 -19.69
C ARG D 765 -56.45 -42.41 -19.31
N LEU D 766 -56.23 -41.33 -18.58
CA LEU D 766 -57.32 -40.48 -18.11
C LEU D 766 -57.58 -39.33 -19.08
N GLU D 767 -58.84 -38.88 -19.11
CA GLU D 767 -59.22 -37.72 -19.88
C GLU D 767 -60.15 -36.77 -19.13
N CYS D 768 -60.61 -37.14 -17.93
CA CYS D 768 -61.51 -36.30 -17.16
C CYS D 768 -61.02 -36.23 -15.72
N LEU D 769 -61.03 -35.02 -15.16
CA LEU D 769 -60.67 -34.80 -13.77
C LEU D 769 -61.83 -34.10 -13.09
N PRO D 770 -62.35 -34.62 -11.97
CA PRO D 770 -63.50 -33.98 -11.32
C PRO D 770 -63.18 -32.57 -10.85
N VAL D 771 -64.18 -31.70 -10.94
CA VAL D 771 -64.04 -30.33 -10.47
C VAL D 771 -63.94 -30.29 -8.95
N GLU D 772 -64.55 -31.26 -8.28
CA GLU D 772 -64.51 -31.30 -6.81
C GLU D 772 -63.11 -31.52 -6.27
N LEU D 773 -62.18 -32.02 -7.10
CA LEU D 773 -60.81 -32.25 -6.65
C LEU D 773 -60.14 -30.96 -6.16
N GLY D 774 -60.55 -29.81 -6.67
CA GLY D 774 -59.94 -28.55 -6.27
C GLY D 774 -60.35 -28.04 -4.93
N GLU D 775 -61.35 -28.64 -4.30
CA GLU D 775 -61.83 -28.24 -2.98
C GLU D 775 -61.11 -29.09 -1.93
N CYS D 776 -59.99 -28.58 -1.42
CA CYS D 776 -59.21 -29.28 -0.42
C CYS D 776 -58.43 -28.24 0.37
N PRO D 777 -58.40 -28.33 1.71
CA PRO D 777 -57.65 -27.34 2.49
C PRO D 777 -56.17 -27.28 2.14
N LEU D 778 -55.56 -28.43 1.84
CA LEU D 778 -54.14 -28.52 1.50
C LEU D 778 -54.04 -29.01 0.06
N LEU D 779 -53.64 -28.12 -0.84
CA LEU D 779 -53.51 -28.46 -2.25
C LEU D 779 -52.55 -27.47 -2.90
N LYS D 780 -51.53 -28.00 -3.57
CA LYS D 780 -50.54 -27.17 -4.24
C LYS D 780 -50.15 -27.83 -5.56
N ARG D 781 -49.32 -27.14 -6.34
CA ARG D 781 -48.83 -27.69 -7.59
C ARG D 781 -47.97 -28.93 -7.36
N SER D 782 -47.10 -28.88 -6.34
CA SER D 782 -46.21 -30.01 -6.07
C SER D 782 -46.97 -31.26 -5.70
N GLY D 783 -48.01 -31.11 -4.86
CA GLY D 783 -48.77 -32.28 -4.42
C GLY D 783 -49.50 -32.95 -5.56
N LEU D 784 -50.17 -32.16 -6.40
CA LEU D 784 -50.97 -32.68 -7.50
C LEU D 784 -50.26 -32.36 -8.81
N VAL D 785 -49.58 -33.35 -9.37
CA VAL D 785 -48.87 -33.22 -10.64
C VAL D 785 -49.49 -34.21 -11.61
N VAL D 786 -50.03 -33.71 -12.71
CA VAL D 786 -50.65 -34.51 -13.75
C VAL D 786 -50.20 -33.99 -15.11
N GLU D 787 -50.72 -34.60 -16.17
CA GLU D 787 -50.38 -34.16 -17.52
C GLU D 787 -50.94 -32.77 -17.78
N GLU D 788 -50.18 -31.98 -18.56
CA GLU D 788 -50.57 -30.59 -18.80
C GLU D 788 -51.90 -30.51 -19.53
N ASP D 789 -52.12 -31.36 -20.53
CA ASP D 789 -53.39 -31.34 -21.26
C ASP D 789 -54.55 -31.70 -20.35
N LEU D 790 -54.37 -32.71 -19.49
CA LEU D 790 -55.39 -33.06 -18.52
C LEU D 790 -55.57 -32.00 -17.44
N PHE D 791 -54.58 -31.11 -17.26
CA PHE D 791 -54.69 -30.05 -16.28
C PHE D 791 -55.69 -28.98 -16.72
N SER D 792 -55.97 -28.88 -18.01
CA SER D 792 -56.86 -27.85 -18.52
C SER D 792 -58.34 -28.21 -18.41
N THR D 793 -58.66 -29.45 -18.03
CA THR D 793 -60.07 -29.84 -17.93
C THR D 793 -60.77 -29.28 -16.71
N LEU D 794 -60.03 -28.69 -15.77
CA LEU D 794 -60.65 -28.04 -14.63
C LEU D 794 -60.78 -26.55 -14.89
N PRO D 795 -61.81 -25.89 -14.34
CA PRO D 795 -62.01 -24.47 -14.60
C PRO D 795 -60.86 -23.64 -14.07
N PRO D 796 -60.54 -22.52 -14.73
CA PRO D 796 -59.32 -21.77 -14.37
C PRO D 796 -59.45 -20.89 -13.14
N GLU D 797 -60.67 -20.59 -12.68
CA GLU D 797 -60.80 -19.66 -11.55
C GLU D 797 -60.25 -20.26 -10.26
N VAL D 798 -60.17 -21.58 -10.18
CA VAL D 798 -59.52 -22.20 -9.02
C VAL D 798 -58.03 -22.36 -9.27
N LYS D 799 -57.62 -22.57 -10.52
CA LYS D 799 -56.19 -22.68 -10.82
C LYS D 799 -55.45 -21.38 -10.55
N GLU D 800 -56.07 -20.25 -10.91
CA GLU D 800 -55.45 -18.95 -10.65
C GLU D 800 -55.30 -18.70 -9.15
N ARG D 801 -56.33 -19.03 -8.37
CA ARG D 801 -56.24 -18.89 -6.93
C ARG D 801 -55.17 -19.80 -6.35
N LEU D 802 -55.07 -21.03 -6.86
CA LEU D 802 -54.02 -21.94 -6.40
C LEU D 802 -52.64 -21.38 -6.71
N TRP D 803 -52.45 -20.85 -7.93
CA TRP D 803 -51.18 -20.26 -8.30
C TRP D 803 -50.85 -19.04 -7.43
N ARG D 804 -51.88 -18.30 -7.00
CA ARG D 804 -51.65 -17.16 -6.12
C ARG D 804 -51.04 -17.61 -4.80
N ALA D 805 -51.50 -18.74 -4.24
CA ALA D 805 -51.03 -19.22 -2.96
C ALA D 805 -49.83 -20.16 -3.09
N ASP D 806 -49.37 -20.45 -4.30
CA ASP D 806 -48.22 -21.35 -4.48
C ASP D 806 -46.90 -20.69 -4.13
N LYS D 807 -46.87 -19.38 -3.90
CA LYS D 807 -45.62 -18.69 -3.60
C LYS D 807 -44.99 -19.23 -2.32
N GLU D 808 -45.68 -19.05 -1.19
CA GLU D 808 -45.19 -19.55 0.09
C GLU D 808 -46.31 -19.60 1.12
N PRO E 15 26.41 -12.60 -24.87
CA PRO E 15 25.61 -13.12 -23.75
C PRO E 15 24.14 -13.33 -24.13
N ALA E 16 23.72 -12.72 -25.24
CA ALA E 16 22.35 -12.84 -25.71
C ALA E 16 22.20 -13.71 -26.95
N TYR E 17 23.14 -13.65 -27.88
CA TYR E 17 23.08 -14.43 -29.11
C TYR E 17 23.86 -15.74 -29.03
N ARG E 18 24.42 -16.07 -27.86
CA ARG E 18 25.22 -17.29 -27.75
C ARG E 18 24.39 -18.55 -27.99
N ILE E 19 23.07 -18.45 -27.85
CA ILE E 19 22.21 -19.61 -28.14
C ILE E 19 22.21 -19.90 -29.63
N LEU E 20 22.28 -18.87 -30.47
CA LEU E 20 22.24 -19.03 -31.92
C LEU E 20 23.58 -19.42 -32.52
N LYS E 21 24.64 -19.49 -31.72
CA LYS E 21 25.95 -19.83 -32.22
C LYS E 21 26.24 -21.30 -31.89
N PRO E 22 26.26 -22.19 -32.88
CA PRO E 22 26.64 -23.58 -32.60
C PRO E 22 28.12 -23.71 -32.29
N TRP E 23 28.61 -24.94 -32.13
CA TRP E 23 30.02 -25.12 -31.84
C TRP E 23 30.89 -24.64 -33.00
N TRP E 24 30.44 -24.82 -34.24
CA TRP E 24 31.24 -24.35 -35.36
C TRP E 24 31.34 -22.83 -35.39
N ASP E 25 30.29 -22.12 -34.98
CA ASP E 25 30.34 -20.67 -35.00
C ASP E 25 31.33 -20.13 -33.97
N VAL E 26 31.32 -20.68 -32.75
CA VAL E 26 32.28 -20.21 -31.74
C VAL E 26 33.69 -20.64 -32.12
N PHE E 27 33.83 -21.83 -32.70
CA PHE E 27 35.15 -22.25 -33.18
C PHE E 27 35.69 -21.28 -34.22
N THR E 28 34.85 -20.88 -35.17
CA THR E 28 35.29 -19.93 -36.19
C THR E 28 35.58 -18.56 -35.59
N ASP E 29 34.81 -18.15 -34.58
CA ASP E 29 35.09 -16.88 -33.92
C ASP E 29 36.47 -16.89 -33.27
N TYR E 30 36.80 -17.97 -32.56
CA TYR E 30 38.10 -18.02 -31.91
C TYR E 30 39.23 -18.17 -32.92
N ILE E 31 39.01 -18.94 -34.00
CA ILE E 31 40.01 -19.07 -35.04
C ILE E 31 40.26 -17.73 -35.69
N SER E 32 39.21 -16.94 -35.91
CA SER E 32 39.36 -15.60 -36.47
C SER E 32 40.09 -14.67 -35.50
N ILE E 33 39.86 -14.84 -34.19
CA ILE E 33 40.61 -14.04 -33.22
C ILE E 33 42.10 -14.35 -33.31
N VAL E 34 42.44 -15.63 -33.43
CA VAL E 34 43.85 -16.01 -33.56
C VAL E 34 44.43 -15.49 -34.86
N MET E 35 43.63 -15.52 -35.94
CA MET E 35 44.09 -14.95 -37.21
C MET E 35 44.35 -13.46 -37.10
N LEU E 36 43.49 -12.74 -36.37
CA LEU E 36 43.72 -11.33 -36.13
C LEU E 36 45.01 -11.11 -35.34
N MET E 37 45.26 -11.95 -34.33
CA MET E 37 46.51 -11.85 -33.59
C MET E 37 47.71 -12.06 -34.51
N ILE E 38 47.64 -13.06 -35.39
CA ILE E 38 48.73 -13.31 -36.34
C ILE E 38 48.93 -12.10 -37.24
N ALA E 39 47.83 -11.54 -37.75
CA ALA E 39 47.94 -10.41 -38.66
C ALA E 39 48.56 -9.20 -37.98
N VAL E 40 48.13 -8.90 -36.75
CA VAL E 40 48.66 -7.75 -36.03
C VAL E 40 50.14 -7.96 -35.71
N PHE E 41 50.50 -9.16 -35.24
CA PHE E 41 51.90 -9.44 -34.92
C PHE E 41 52.78 -9.34 -36.15
N GLY E 42 52.33 -9.90 -37.27
CA GLY E 42 53.11 -9.82 -38.49
C GLY E 42 53.24 -8.40 -39.01
N GLY E 43 52.16 -7.62 -38.91
CA GLY E 43 52.22 -6.24 -39.36
C GLY E 43 53.18 -5.40 -38.54
N THR E 44 53.10 -5.53 -37.21
CA THR E 44 54.00 -4.75 -36.37
C THR E 44 55.44 -5.24 -36.50
N LEU E 45 55.64 -6.53 -36.68
CA LEU E 45 56.98 -7.06 -36.90
C LEU E 45 57.58 -6.54 -38.20
N GLN E 46 56.77 -6.46 -39.26
CA GLN E 46 57.28 -5.98 -40.54
C GLN E 46 57.56 -4.48 -40.50
N VAL E 47 56.63 -3.69 -39.97
CA VAL E 47 56.85 -2.25 -39.95
C VAL E 47 57.98 -1.88 -38.99
N THR E 48 58.14 -2.61 -37.89
CA THR E 48 59.21 -2.30 -36.96
C THR E 48 60.58 -2.61 -37.56
N GLN E 49 60.74 -3.80 -38.14
CA GLN E 49 61.96 -4.11 -38.89
C GLN E 49 61.67 -5.24 -39.87
N ASP E 50 61.85 -4.97 -41.15
CA ASP E 50 61.77 -5.99 -42.19
C ASP E 50 62.88 -5.77 -43.20
N LYS E 51 64.07 -5.48 -42.68
CA LYS E 51 65.20 -5.13 -43.54
C LYS E 51 65.71 -6.34 -44.31
N MET E 52 66.33 -6.07 -45.45
CA MET E 52 67.12 -7.05 -46.18
C MET E 52 68.59 -6.67 -46.07
N ILE E 53 69.44 -7.68 -45.92
CA ILE E 53 70.88 -7.49 -45.78
C ILE E 53 71.53 -8.12 -47.00
N CYS E 54 72.03 -7.28 -47.91
CA CYS E 54 72.51 -7.71 -49.21
C CYS E 54 74.01 -7.49 -49.33
N LEU E 55 74.73 -8.54 -49.71
CA LEU E 55 76.15 -8.46 -50.06
C LEU E 55 76.32 -8.76 -51.54
N PRO E 56 77.06 -7.91 -52.26
CA PRO E 56 77.20 -8.11 -53.70
C PRO E 56 77.99 -9.37 -54.04
N CYS E 57 77.67 -9.93 -55.19
CA CYS E 57 78.40 -11.08 -55.75
C CYS E 57 79.55 -10.54 -56.58
N LYS E 58 80.77 -10.95 -56.26
CA LYS E 58 81.90 -10.58 -57.10
C LYS E 58 81.98 -11.42 -58.36
N TRP E 59 81.61 -12.70 -58.29
CA TRP E 59 81.63 -13.59 -59.43
C TRP E 59 80.22 -14.11 -59.66
N VAL E 60 79.59 -13.70 -60.75
CA VAL E 60 78.20 -14.02 -61.02
C VAL E 60 78.14 -15.01 -62.19
N THR E 61 77.09 -15.82 -62.19
CA THR E 61 76.80 -16.75 -63.29
C THR E 61 75.30 -16.84 -63.46
N LYS E 62 74.80 -16.35 -64.60
CA LYS E 62 73.37 -16.34 -64.90
C LYS E 62 72.57 -15.69 -63.78
N ASP E 63 72.90 -14.42 -63.50
CA ASP E 63 72.17 -13.60 -62.53
C ASP E 63 72.19 -14.21 -61.14
N SER E 64 73.33 -14.77 -60.74
CA SER E 64 73.52 -15.31 -59.40
C SER E 64 75.00 -15.62 -59.23
N CYS E 65 75.50 -15.48 -58.00
CA CYS E 65 76.89 -15.79 -57.74
C CYS E 65 77.10 -17.28 -57.58
N ASN E 66 78.28 -17.75 -57.99
CA ASN E 66 78.61 -19.17 -58.00
C ASN E 66 79.11 -19.67 -56.65
N ASP E 67 79.25 -18.78 -55.66
CA ASP E 67 79.81 -19.13 -54.35
C ASP E 67 81.19 -19.77 -54.50
N SER E 68 82.02 -19.16 -55.33
CA SER E 68 83.38 -19.64 -55.56
C SER E 68 84.40 -18.67 -54.97
N THR E 92 98.82 -16.18 -45.17
CA THR E 92 98.26 -17.36 -45.82
C THR E 92 96.88 -17.67 -45.28
N GLY E 93 96.53 -17.07 -44.15
CA GLY E 93 95.23 -17.28 -43.55
C GLY E 93 94.14 -16.54 -44.28
N PRO E 94 92.89 -16.87 -43.95
CA PRO E 94 91.76 -16.20 -44.59
C PRO E 94 91.72 -14.72 -44.27
N THR E 95 91.21 -13.94 -45.21
CA THR E 95 91.08 -12.50 -45.04
C THR E 95 89.75 -12.06 -45.63
N GLY E 96 89.26 -10.93 -45.12
CA GLY E 96 87.98 -10.43 -45.57
C GLY E 96 88.00 -9.98 -47.01
N ILE E 97 86.83 -9.97 -47.62
CA ILE E 97 86.67 -9.58 -49.02
C ILE E 97 86.34 -8.09 -49.07
N LYS E 98 87.14 -7.34 -49.81
CA LYS E 98 86.94 -5.90 -49.93
C LYS E 98 85.97 -5.61 -51.06
N TYR E 99 84.85 -4.96 -50.72
CA TYR E 99 83.90 -4.52 -51.72
C TYR E 99 84.02 -3.06 -52.08
N ASP E 100 84.67 -2.25 -51.23
CA ASP E 100 84.84 -0.81 -51.46
C ASP E 100 83.48 -0.12 -51.64
N LEU E 101 82.54 -0.46 -50.77
CA LEU E 101 81.22 0.15 -50.78
C LEU E 101 80.99 0.91 -49.49
N ASP E 102 80.43 2.12 -49.60
CA ASP E 102 80.06 2.88 -48.42
C ASP E 102 78.90 2.21 -47.71
N ARG E 103 78.62 2.68 -46.49
CA ARG E 103 77.45 2.19 -45.76
C ARG E 103 76.17 2.61 -46.46
N HIS E 104 76.17 3.80 -47.07
CA HIS E 104 74.97 4.28 -47.75
C HIS E 104 74.71 3.53 -49.04
N GLN E 105 75.76 3.09 -49.75
CA GLN E 105 75.55 2.23 -50.91
C GLN E 105 74.93 0.90 -50.49
N TYR E 106 75.37 0.36 -49.36
CA TYR E 106 74.75 -0.85 -48.82
C TYR E 106 73.29 -0.61 -48.47
N ASN E 107 72.98 0.51 -47.82
CA ASN E 107 71.58 0.81 -47.50
C ASN E 107 70.75 0.97 -48.77
N TYR E 108 71.30 1.62 -49.80
CA TYR E 108 70.58 1.81 -51.04
C TYR E 108 70.30 0.48 -51.73
N VAL E 109 71.30 -0.41 -51.78
CA VAL E 109 71.05 -1.70 -52.42
C VAL E 109 70.08 -2.52 -51.61
N ASP E 110 70.13 -2.43 -50.27
CA ASP E 110 69.14 -3.11 -49.45
C ASP E 110 67.74 -2.62 -49.76
N ALA E 111 67.57 -1.31 -49.85
CA ALA E 111 66.25 -0.75 -50.16
C ALA E 111 65.78 -1.17 -51.54
N VAL E 112 66.67 -1.13 -52.53
CA VAL E 112 66.27 -1.44 -53.91
C VAL E 112 65.91 -2.91 -54.04
N CYS E 113 66.71 -3.80 -53.46
CA CYS E 113 66.40 -5.22 -53.55
C CYS E 113 65.24 -5.62 -52.64
N TYR E 114 64.92 -4.82 -51.62
CA TYR E 114 63.73 -5.08 -50.83
C TYR E 114 62.48 -4.67 -51.61
N GLU E 115 62.53 -3.52 -52.28
CA GLU E 115 61.35 -3.06 -53.01
C GLU E 115 61.13 -3.84 -54.29
N ASN E 116 62.18 -4.22 -55.00
CA ASN E 116 62.04 -4.81 -56.32
C ASN E 116 62.04 -6.33 -56.30
N ARG E 117 63.06 -6.93 -55.68
CA ARG E 117 63.29 -8.37 -55.82
C ARG E 117 62.89 -9.17 -54.58
N LEU E 118 62.09 -8.59 -53.69
CA LEU E 118 61.48 -9.35 -52.61
C LEU E 118 60.03 -9.63 -52.96
N HIS E 119 59.62 -10.88 -52.79
CA HIS E 119 58.32 -11.31 -53.27
C HIS E 119 57.20 -10.56 -52.56
N TRP E 120 56.14 -10.24 -53.32
CA TRP E 120 55.03 -9.47 -52.76
C TRP E 120 54.37 -10.21 -51.61
N PHE E 121 54.39 -11.54 -51.62
CA PHE E 121 53.81 -12.29 -50.51
C PHE E 121 54.55 -12.03 -49.22
N ALA E 122 55.88 -11.98 -49.27
CA ALA E 122 56.65 -11.69 -48.06
C ALA E 122 56.34 -10.30 -47.53
N LYS E 123 56.16 -9.33 -48.43
CA LYS E 123 55.94 -7.95 -48.00
C LYS E 123 54.52 -7.75 -47.48
N TYR E 124 53.54 -8.46 -48.02
CA TYR E 124 52.14 -8.16 -47.74
C TYR E 124 51.38 -9.33 -47.13
N PHE E 125 52.09 -10.32 -46.57
CA PHE E 125 51.41 -11.41 -45.89
C PHE E 125 50.58 -10.97 -44.69
N PRO E 126 51.09 -10.15 -43.77
CA PRO E 126 50.22 -9.73 -42.64
C PRO E 126 48.99 -8.96 -43.08
N TYR E 127 49.12 -8.11 -44.10
CA TYR E 127 47.97 -7.34 -44.55
C TYR E 127 46.94 -8.21 -45.25
N LEU E 128 47.39 -9.20 -46.02
CA LEU E 128 46.47 -10.15 -46.62
C LEU E 128 45.76 -10.97 -45.55
N VAL E 129 46.48 -11.38 -44.51
CA VAL E 129 45.85 -12.12 -43.42
C VAL E 129 44.81 -11.25 -42.72
N LEU E 130 45.14 -9.98 -42.48
CA LEU E 130 44.18 -9.07 -41.87
C LEU E 130 42.94 -8.91 -42.73
N LEU E 131 43.12 -8.75 -44.04
CA LEU E 131 41.96 -8.61 -44.93
C LEU E 131 41.10 -9.86 -44.91
N HIS E 132 41.73 -11.04 -44.98
CA HIS E 132 40.98 -12.28 -45.01
C HIS E 132 40.23 -12.53 -43.71
N THR E 133 40.86 -12.25 -42.57
CA THR E 133 40.15 -12.46 -41.31
C THR E 133 39.06 -11.43 -41.08
N LEU E 134 39.24 -10.20 -41.58
CA LEU E 134 38.14 -9.24 -41.52
C LEU E 134 36.98 -9.67 -42.40
N ILE E 135 37.27 -10.22 -43.58
CA ILE E 135 36.20 -10.74 -44.44
C ILE E 135 35.48 -11.89 -43.75
N PHE E 136 36.23 -12.79 -43.11
CA PHE E 136 35.60 -13.90 -42.40
C PHE E 136 34.72 -13.40 -41.25
N LEU E 137 35.20 -12.42 -40.49
CA LEU E 137 34.40 -11.87 -39.40
C LEU E 137 33.13 -11.20 -39.93
N ALA E 138 33.25 -10.46 -41.03
CA ALA E 138 32.08 -9.82 -41.63
C ALA E 138 31.08 -10.87 -42.10
N CYS E 139 31.56 -11.96 -42.70
CA CYS E 139 30.67 -13.03 -43.11
C CYS E 139 29.98 -13.65 -41.91
N SER E 140 30.71 -13.84 -40.81
CA SER E 140 30.10 -14.42 -39.62
C SER E 140 29.03 -13.51 -39.04
N ASN E 141 29.29 -12.20 -39.00
CA ASN E 141 28.43 -11.28 -38.27
C ASN E 141 27.46 -10.50 -39.15
N PHE E 142 27.38 -10.81 -40.45
CA PHE E 142 26.49 -10.09 -41.33
C PHE E 142 25.03 -10.23 -40.90
N TRP E 143 24.56 -11.47 -40.73
CA TRP E 143 23.17 -11.67 -40.37
C TRP E 143 22.84 -11.13 -38.98
N PHE E 144 23.83 -10.94 -38.12
CA PHE E 144 23.62 -10.27 -36.85
C PHE E 144 23.59 -8.75 -37.01
N LYS E 145 24.26 -8.22 -38.03
CA LYS E 145 24.24 -6.80 -38.29
C LYS E 145 23.23 -6.39 -39.35
N PHE E 146 22.77 -7.31 -40.17
CA PHE E 146 21.76 -7.00 -41.18
C PHE E 146 20.40 -6.85 -40.51
N PRO E 147 19.76 -5.67 -40.57
CA PRO E 147 18.56 -5.46 -39.75
C PRO E 147 17.41 -6.41 -40.10
N ARG E 148 17.23 -6.73 -41.38
CA ARG E 148 16.11 -7.58 -41.78
C ARG E 148 16.18 -8.94 -41.10
N THR E 149 17.38 -9.47 -40.92
CA THR E 149 17.57 -10.72 -40.20
C THR E 149 17.82 -10.50 -38.71
N SER E 150 18.45 -9.37 -38.36
CA SER E 150 18.76 -9.11 -36.96
C SER E 150 17.50 -8.98 -36.12
N SER E 151 16.48 -8.29 -36.65
CA SER E 151 15.23 -8.13 -35.90
C SER E 151 14.58 -9.48 -35.64
N LYS E 152 14.52 -10.34 -36.67
CA LYS E 152 13.94 -11.66 -36.49
C LYS E 152 14.74 -12.47 -35.49
N LEU E 153 16.07 -12.41 -35.56
CA LEU E 153 16.90 -13.20 -34.64
C LEU E 153 16.72 -12.75 -33.20
N GLU E 154 16.71 -11.43 -32.96
CA GLU E 154 16.56 -10.94 -31.59
C GLU E 154 15.17 -11.23 -31.05
N HIS E 155 14.14 -11.08 -31.88
CA HIS E 155 12.79 -11.42 -31.44
C HIS E 155 12.69 -12.91 -31.11
N PHE E 156 13.27 -13.76 -31.95
CA PHE E 156 13.24 -15.19 -31.69
C PHE E 156 13.97 -15.53 -30.40
N VAL E 157 15.12 -14.89 -30.15
CA VAL E 157 15.86 -15.15 -28.92
C VAL E 157 15.06 -14.72 -27.70
N SER E 158 14.45 -13.53 -27.75
CA SER E 158 13.65 -13.07 -26.62
C SER E 158 12.46 -13.99 -26.37
N ILE E 159 11.78 -14.41 -27.43
CA ILE E 159 10.62 -15.28 -27.28
C ILE E 159 11.04 -16.63 -26.71
N LEU E 160 12.15 -17.18 -27.21
CA LEU E 160 12.62 -18.47 -26.71
C LEU E 160 13.03 -18.38 -25.25
N LEU E 161 13.69 -17.29 -24.87
CA LEU E 161 14.05 -17.12 -23.47
C LEU E 161 12.82 -17.00 -22.59
N LYS E 162 11.80 -16.28 -23.05
CA LYS E 162 10.55 -16.20 -22.29
C LYS E 162 9.91 -17.57 -22.14
N CYS E 163 9.87 -18.34 -23.22
CA CYS E 163 9.21 -19.64 -23.18
C CYS E 163 10.01 -20.65 -22.35
N PHE E 164 11.32 -20.47 -22.25
CA PHE E 164 12.13 -21.45 -21.53
C PHE E 164 11.87 -21.40 -20.03
N ASP E 165 11.83 -20.20 -19.45
CA ASP E 165 11.63 -20.03 -18.02
C ASP E 165 10.24 -19.53 -17.68
N SER E 166 9.27 -19.71 -18.57
CA SER E 166 7.91 -19.28 -18.28
C SER E 166 7.34 -20.11 -17.13
N PRO E 167 6.61 -19.48 -16.20
CA PRO E 167 6.04 -20.24 -15.09
C PRO E 167 5.04 -21.29 -15.52
N TRP E 168 4.44 -21.15 -16.70
CA TRP E 168 3.44 -22.10 -17.17
C TRP E 168 4.02 -23.23 -18.00
N THR E 169 5.25 -23.08 -18.50
CA THR E 169 5.88 -24.17 -19.24
C THR E 169 6.14 -25.36 -18.33
N THR E 170 6.55 -25.10 -17.09
CA THR E 170 6.75 -26.19 -16.14
C THR E 170 5.45 -26.93 -15.87
N ARG E 171 4.34 -26.20 -15.72
CA ARG E 171 3.05 -26.85 -15.51
C ARG E 171 2.64 -27.67 -16.73
N ALA E 172 2.85 -27.12 -17.93
CA ALA E 172 2.50 -27.86 -19.14
C ALA E 172 3.32 -29.12 -19.29
N LEU E 173 4.61 -29.06 -18.94
CA LEU E 173 5.45 -30.26 -19.01
C LEU E 173 5.08 -31.27 -17.93
N SER E 174 4.74 -30.80 -16.73
CA SER E 174 4.33 -31.71 -15.66
C SER E 174 3.04 -32.43 -16.01
N GLU E 175 2.10 -31.74 -16.64
CA GLU E 175 0.89 -32.40 -17.12
C GLU E 175 1.22 -33.45 -18.17
N THR E 176 2.15 -33.14 -19.07
CA THR E 176 2.59 -34.06 -20.12
C THR E 176 1.44 -34.58 -20.96
N GLY E 230 -6.95 -25.46 -12.15
CA GLY E 230 -5.64 -25.21 -11.61
C GLY E 230 -5.56 -23.91 -10.83
N VAL E 231 -4.33 -23.42 -10.63
CA VAL E 231 -4.13 -22.17 -9.89
C VAL E 231 -2.85 -21.51 -10.39
N LEU E 232 -2.93 -20.21 -10.63
CA LEU E 232 -1.78 -19.39 -10.99
C LEU E 232 -2.14 -17.93 -10.80
N ASP E 233 -1.14 -17.10 -10.56
CA ASP E 233 -1.37 -15.69 -10.31
C ASP E 233 -1.95 -15.02 -11.56
N LYS E 234 -2.77 -13.99 -11.33
CA LYS E 234 -3.40 -13.29 -12.45
C LYS E 234 -2.36 -12.62 -13.35
N LYS E 235 -1.35 -11.99 -12.76
CA LYS E 235 -0.29 -11.39 -13.56
C LYS E 235 0.47 -12.44 -14.35
N GLU E 236 0.76 -13.59 -13.72
CA GLU E 236 1.45 -14.66 -14.42
C GLU E 236 0.60 -15.23 -15.55
N GLY E 237 -0.71 -15.36 -15.33
CA GLY E 237 -1.59 -15.83 -16.38
C GLY E 237 -1.67 -14.85 -17.55
N GLU E 238 -1.73 -13.55 -17.24
CA GLU E 238 -1.73 -12.54 -18.30
C GLU E 238 -0.42 -12.58 -19.08
N GLN E 239 0.70 -12.74 -18.38
CA GLN E 239 1.99 -12.85 -19.06
C GLN E 239 2.05 -14.08 -19.95
N ALA E 240 1.50 -15.21 -19.47
CA ALA E 240 1.49 -16.42 -20.28
C ALA E 240 0.63 -16.24 -21.52
N LYS E 241 -0.53 -15.58 -21.38
CA LYS E 241 -1.37 -15.31 -22.54
C LYS E 241 -0.68 -14.38 -23.53
N ALA E 242 0.01 -13.36 -23.02
CA ALA E 242 0.76 -12.46 -23.88
C ALA E 242 1.87 -13.21 -24.61
N LEU E 243 2.52 -14.15 -23.92
CA LEU E 243 3.54 -14.96 -24.57
C LEU E 243 2.95 -15.86 -25.65
N PHE E 244 1.76 -16.43 -25.40
CA PHE E 244 1.09 -17.23 -26.43
C PHE E 244 0.80 -16.38 -27.66
N GLU E 245 0.26 -15.17 -27.45
CA GLU E 245 -0.04 -14.29 -28.57
C GLU E 245 1.23 -13.88 -29.31
N LYS E 246 2.29 -13.59 -28.57
CA LYS E 246 3.55 -13.23 -29.20
C LYS E 246 4.11 -14.39 -30.01
N VAL E 247 4.02 -15.61 -29.49
CA VAL E 247 4.52 -16.77 -30.23
C VAL E 247 3.73 -16.96 -31.51
N LYS E 248 2.41 -16.85 -31.44
CA LYS E 248 1.62 -17.09 -32.66
C LYS E 248 1.84 -15.98 -33.68
N LYS E 249 1.93 -14.72 -33.24
CA LYS E 249 2.17 -13.65 -34.21
C LYS E 249 3.57 -13.76 -34.82
N PHE E 250 4.57 -14.16 -34.01
CA PHE E 250 5.91 -14.37 -34.55
C PHE E 250 5.93 -15.51 -35.54
N ARG E 251 5.21 -16.60 -35.25
CA ARG E 251 5.14 -17.71 -36.20
C ARG E 251 4.48 -17.27 -37.51
N THR E 252 3.42 -16.48 -37.42
CA THR E 252 2.80 -15.96 -38.63
C THR E 252 3.77 -15.07 -39.42
N HIS E 253 4.52 -14.23 -38.70
CA HIS E 253 5.41 -13.27 -39.36
C HIS E 253 6.58 -13.96 -40.04
N VAL E 254 7.15 -14.99 -39.43
CA VAL E 254 8.45 -15.51 -39.84
C VAL E 254 8.32 -16.74 -40.72
N GLU E 255 7.16 -17.42 -40.65
CA GLU E 255 7.02 -18.70 -41.35
C GLU E 255 7.17 -18.55 -42.86
N GLU E 256 6.93 -17.35 -43.39
CA GLU E 256 6.95 -17.12 -44.83
C GLU E 256 8.05 -16.16 -45.25
N GLY E 257 9.14 -16.10 -44.49
CA GLY E 257 10.22 -15.19 -44.84
C GLY E 257 11.32 -15.80 -45.69
N ASP E 258 11.86 -16.92 -45.25
CA ASP E 258 12.96 -17.63 -45.91
C ASP E 258 14.13 -16.68 -46.19
N ILE E 259 14.50 -15.91 -45.17
CA ILE E 259 15.60 -14.96 -45.26
C ILE E 259 16.78 -15.37 -44.40
N VAL E 260 16.51 -15.89 -43.19
CA VAL E 260 17.60 -16.31 -42.32
C VAL E 260 18.32 -17.53 -42.91
N TYR E 261 17.55 -18.50 -43.41
CA TYR E 261 18.17 -19.70 -43.99
C TYR E 261 19.02 -19.35 -45.20
N ARG E 262 18.47 -18.55 -46.11
CA ARG E 262 19.22 -18.17 -47.31
C ARG E 262 20.47 -17.36 -46.95
N LEU E 263 20.33 -16.41 -46.04
CA LEU E 263 21.48 -15.58 -45.67
C LEU E 263 22.57 -16.41 -45.00
N TYR E 264 22.17 -17.34 -44.11
CA TYR E 264 23.15 -18.19 -43.46
C TYR E 264 23.84 -19.12 -44.46
N MET E 265 23.08 -19.67 -45.41
CA MET E 265 23.69 -20.52 -46.44
C MET E 265 24.64 -19.72 -47.31
N ARG E 266 24.28 -18.47 -47.64
CA ARG E 266 25.16 -17.64 -48.45
C ARG E 266 26.43 -17.29 -47.70
N GLN E 267 26.32 -17.01 -46.40
CA GLN E 267 27.51 -16.77 -45.60
C GLN E 267 28.42 -17.99 -45.58
N THR E 268 27.84 -19.17 -45.40
CA THR E 268 28.65 -20.39 -45.40
C THR E 268 29.30 -20.63 -46.75
N ILE E 269 28.58 -20.39 -47.84
CA ILE E 269 29.14 -20.59 -49.17
C ILE E 269 30.29 -19.62 -49.42
N ILE E 270 30.11 -18.35 -49.03
CA ILE E 270 31.17 -17.36 -49.19
C ILE E 270 32.39 -17.78 -48.37
N LYS E 271 32.17 -18.25 -47.14
CA LYS E 271 33.30 -18.69 -46.33
C LYS E 271 34.02 -19.86 -46.99
N VAL E 272 33.28 -20.81 -47.54
CA VAL E 272 33.91 -21.99 -48.14
C VAL E 272 34.72 -21.60 -49.37
N ILE E 273 34.16 -20.76 -50.25
CA ILE E 273 34.89 -20.38 -51.45
C ILE E 273 36.09 -19.50 -51.10
N LYS E 274 35.94 -18.62 -50.10
CA LYS E 274 37.06 -17.82 -49.64
C LYS E 274 38.17 -18.70 -49.10
N PHE E 275 37.81 -19.72 -48.31
CA PHE E 275 38.81 -20.64 -47.78
C PHE E 275 39.49 -21.40 -48.91
N ALA E 276 38.73 -21.82 -49.93
CA ALA E 276 39.32 -22.53 -51.05
C ALA E 276 40.36 -21.68 -51.76
N LEU E 277 39.98 -20.44 -52.12
CA LEU E 277 40.93 -19.59 -52.85
C LEU E 277 42.11 -19.20 -51.97
N ILE E 278 41.87 -18.96 -50.67
CA ILE E 278 42.95 -18.61 -49.76
C ILE E 278 43.95 -19.75 -49.66
N ILE E 279 43.45 -20.97 -49.46
CA ILE E 279 44.35 -22.12 -49.36
C ILE E 279 45.13 -22.29 -50.64
N CYS E 280 44.45 -22.19 -51.79
CA CYS E 280 45.14 -22.34 -53.07
C CYS E 280 46.29 -21.36 -53.19
N TYR E 281 45.99 -20.06 -53.11
CA TYR E 281 47.03 -19.06 -53.39
C TYR E 281 48.09 -19.03 -52.30
N THR E 282 47.70 -19.20 -51.03
CA THR E 282 48.67 -19.17 -49.95
C THR E 282 49.62 -20.35 -50.01
N VAL E 283 49.11 -21.56 -50.28
CA VAL E 283 49.99 -22.71 -50.41
C VAL E 283 50.88 -22.56 -51.65
N TYR E 284 50.34 -21.98 -52.72
CA TYR E 284 51.14 -21.81 -53.92
C TYR E 284 52.25 -20.77 -53.76
N TYR E 285 52.06 -19.78 -52.89
CA TYR E 285 53.04 -18.71 -52.73
C TYR E 285 53.81 -18.75 -51.42
N VAL E 286 53.57 -19.71 -50.54
CA VAL E 286 54.32 -19.75 -49.29
C VAL E 286 55.75 -20.19 -49.51
N HIS E 287 56.05 -20.84 -50.64
CA HIS E 287 57.42 -21.21 -50.93
C HIS E 287 58.27 -20.01 -51.31
N ASN E 288 57.65 -18.86 -51.56
CA ASN E 288 58.36 -17.68 -52.03
C ASN E 288 58.95 -16.82 -50.91
N ILE E 289 58.75 -17.19 -49.66
CA ILE E 289 59.33 -16.47 -48.53
C ILE E 289 60.55 -17.28 -48.07
N LYS E 290 61.74 -16.84 -48.47
CA LYS E 290 62.98 -17.54 -48.19
C LYS E 290 63.97 -16.60 -47.56
N PHE E 291 64.82 -17.15 -46.69
CA PHE E 291 65.86 -16.35 -46.06
C PHE E 291 66.85 -15.82 -47.09
N ASP E 292 67.27 -16.67 -48.03
CA ASP E 292 68.23 -16.28 -49.04
C ASP E 292 67.51 -15.94 -50.35
N VAL E 293 67.70 -14.72 -50.82
CA VAL E 293 67.07 -14.25 -52.06
C VAL E 293 68.13 -13.53 -52.89
N ASP E 294 68.23 -13.92 -54.16
CA ASP E 294 69.14 -13.26 -55.08
C ASP E 294 68.41 -12.13 -55.79
N CYS E 295 69.09 -10.98 -55.92
CA CYS E 295 68.53 -9.84 -56.61
C CYS E 295 69.51 -9.33 -57.66
N THR E 296 69.04 -9.17 -58.88
CA THR E 296 69.77 -8.51 -59.95
C THR E 296 68.92 -7.30 -60.36
N VAL E 297 69.11 -6.19 -59.65
CA VAL E 297 68.23 -5.04 -59.77
C VAL E 297 68.77 -4.00 -60.74
N ASP E 298 69.95 -4.22 -61.31
CA ASP E 298 70.55 -3.33 -62.30
C ASP E 298 70.76 -1.92 -61.74
N ILE E 299 71.59 -1.85 -60.71
CA ILE E 299 72.16 -0.59 -60.24
C ILE E 299 73.68 -0.78 -60.29
N GLU E 300 74.28 -0.43 -61.42
CA GLU E 300 75.72 -0.58 -61.59
C GLU E 300 76.42 0.76 -61.66
N SER E 301 75.76 1.77 -62.21
CA SER E 301 76.32 3.12 -62.21
C SER E 301 76.34 3.73 -60.82
N LEU E 302 75.65 3.14 -59.86
CA LEU E 302 75.60 3.65 -58.49
C LEU E 302 76.47 2.88 -57.52
N THR E 303 76.63 1.57 -57.71
CA THR E 303 77.43 0.75 -56.80
C THR E 303 78.54 -0.04 -57.48
N GLY E 304 78.41 -0.34 -58.77
CA GLY E 304 79.42 -1.06 -59.49
C GLY E 304 79.21 -2.56 -59.58
N TYR E 305 78.19 -3.10 -58.92
CA TYR E 305 77.92 -4.53 -58.93
C TYR E 305 76.58 -4.80 -59.62
N ARG E 306 76.50 -5.96 -60.27
CA ARG E 306 75.30 -6.34 -61.00
C ARG E 306 74.30 -7.06 -60.11
N THR E 307 74.70 -8.16 -59.50
CA THR E 307 73.82 -8.99 -58.69
C THR E 307 74.27 -8.95 -57.23
N TYR E 308 73.31 -9.14 -56.34
CA TYR E 308 73.57 -9.11 -54.90
C TYR E 308 72.94 -10.34 -54.26
N ARG E 309 73.67 -10.97 -53.36
CA ARG E 309 73.16 -12.05 -52.52
C ARG E 309 72.59 -11.44 -51.25
N CYS E 310 71.28 -11.55 -51.07
CA CYS E 310 70.60 -10.87 -49.97
C CYS E 310 70.25 -11.89 -48.91
N ALA E 311 69.84 -11.39 -47.76
CA ALA E 311 69.34 -12.20 -46.66
C ALA E 311 68.13 -11.51 -46.06
N HIS E 312 67.09 -12.30 -45.78
CA HIS E 312 65.85 -11.80 -45.19
C HIS E 312 65.73 -12.41 -43.81
N PRO E 313 66.19 -11.72 -42.76
CA PRO E 313 66.19 -12.34 -41.42
C PRO E 313 64.80 -12.68 -40.89
N LEU E 314 63.76 -12.01 -41.36
CA LEU E 314 62.40 -12.28 -40.94
C LEU E 314 61.68 -13.30 -41.82
N ALA E 315 62.38 -13.87 -42.80
CA ALA E 315 61.72 -14.79 -43.73
C ALA E 315 61.29 -16.07 -43.03
N THR E 316 62.11 -16.59 -42.14
CA THR E 316 61.74 -17.83 -41.45
C THR E 316 60.59 -17.62 -40.49
N LEU E 317 60.60 -16.50 -39.76
CA LEU E 317 59.50 -16.20 -38.86
C LEU E 317 58.21 -15.97 -39.64
N PHE E 318 58.29 -15.28 -40.77
CA PHE E 318 57.12 -15.10 -41.61
C PHE E 318 56.63 -16.43 -42.18
N LYS E 319 57.54 -17.34 -42.52
CA LYS E 319 57.13 -18.65 -43.01
C LYS E 319 56.43 -19.45 -41.90
N ILE E 320 56.94 -19.36 -40.67
CA ILE E 320 56.27 -20.04 -39.55
C ILE E 320 54.89 -19.45 -39.32
N LEU E 321 54.79 -18.12 -39.36
CA LEU E 321 53.49 -17.47 -39.20
C LEU E 321 52.53 -17.86 -40.32
N ALA E 322 53.04 -17.97 -41.54
CA ALA E 322 52.20 -18.34 -42.67
C ALA E 322 51.76 -19.79 -42.58
N SER E 323 52.62 -20.67 -42.08
CA SER E 323 52.21 -22.06 -41.85
C SER E 323 51.14 -22.14 -40.78
N PHE E 324 51.29 -21.37 -39.70
CA PHE E 324 50.25 -21.31 -38.68
C PHE E 324 48.93 -20.81 -39.26
N TYR E 325 49.01 -19.76 -40.09
CA TYR E 325 47.80 -19.23 -40.72
C TYR E 325 47.18 -20.23 -41.68
N ILE E 326 48.01 -20.99 -42.40
CA ILE E 326 47.48 -22.02 -43.29
C ILE E 326 46.76 -23.10 -42.51
N SER E 327 47.34 -23.52 -41.38
CA SER E 327 46.67 -24.51 -40.54
C SER E 327 45.34 -23.98 -40.01
N LEU E 328 45.32 -22.71 -39.59
CA LEU E 328 44.07 -22.13 -39.10
C LEU E 328 43.04 -22.02 -40.21
N VAL E 329 43.46 -21.67 -41.42
CA VAL E 329 42.53 -21.59 -42.54
C VAL E 329 42.02 -22.98 -42.90
N ILE E 330 42.86 -24.00 -42.79
CA ILE E 330 42.39 -25.37 -43.03
C ILE E 330 41.33 -25.76 -42.02
N PHE E 331 41.57 -25.46 -40.73
CA PHE E 331 40.56 -25.74 -39.71
C PHE E 331 39.26 -24.98 -39.99
N TYR E 332 39.38 -23.70 -40.35
CA TYR E 332 38.22 -22.88 -40.66
C TYR E 332 37.44 -23.44 -41.83
N GLY E 333 38.15 -23.86 -42.88
CA GLY E 333 37.47 -24.41 -44.05
C GLY E 333 36.82 -25.74 -43.78
N LEU E 334 37.47 -26.61 -43.01
CA LEU E 334 36.83 -27.87 -42.64
C LEU E 334 35.57 -27.63 -41.81
N ILE E 335 35.63 -26.67 -40.89
CA ILE E 335 34.46 -26.34 -40.07
C ILE E 335 33.34 -25.78 -40.94
N CYS E 336 33.68 -24.89 -41.88
CA CYS E 336 32.64 -24.32 -42.74
C CYS E 336 32.07 -25.37 -43.70
N MET E 337 32.91 -26.31 -44.16
CA MET E 337 32.40 -27.40 -44.99
C MET E 337 31.46 -28.29 -44.19
N TYR E 338 31.78 -28.54 -42.92
CA TYR E 338 30.85 -29.30 -42.08
C TYR E 338 29.54 -28.54 -41.91
N THR E 339 29.61 -27.23 -41.72
CA THR E 339 28.38 -26.45 -41.60
C THR E 339 27.56 -26.51 -42.89
N LEU E 340 28.23 -26.41 -44.03
CA LEU E 340 27.54 -26.48 -45.31
C LEU E 340 26.87 -27.83 -45.50
N TRP E 341 27.56 -28.91 -45.13
CA TRP E 341 26.96 -30.24 -45.25
C TRP E 341 25.81 -30.42 -44.27
N TRP E 342 25.91 -29.84 -43.08
CA TRP E 342 24.81 -29.88 -42.12
C TRP E 342 23.59 -29.16 -42.66
N MET E 343 23.80 -28.05 -43.40
CA MET E 343 22.67 -27.38 -44.02
C MET E 343 22.14 -28.11 -45.24
N LEU E 344 22.80 -29.18 -45.68
CA LEU E 344 22.39 -29.92 -46.88
C LEU E 344 22.23 -31.41 -46.62
N ARG E 345 22.03 -31.80 -45.36
CA ARG E 345 21.84 -33.21 -45.02
C ARG E 345 20.46 -33.52 -44.46
N ARG E 346 19.68 -32.50 -44.09
CA ARG E 346 18.42 -32.72 -43.40
C ARG E 346 17.27 -31.89 -43.96
N SER E 347 17.53 -30.97 -44.90
CA SER E 347 16.51 -30.09 -45.45
C SER E 347 15.86 -29.25 -44.33
N LEU E 348 16.69 -28.37 -43.78
CA LEU E 348 16.36 -27.60 -42.59
C LEU E 348 15.16 -26.67 -42.77
N LYS E 349 14.58 -26.64 -43.97
CA LYS E 349 13.41 -25.83 -44.20
C LYS E 349 12.17 -26.36 -43.47
N LYS E 350 12.22 -27.61 -43.02
CA LYS E 350 11.11 -28.23 -42.32
C LYS E 350 11.57 -28.82 -41.00
N TYR E 351 10.78 -28.61 -39.95
CA TYR E 351 11.07 -29.13 -38.61
C TYR E 351 10.03 -30.19 -38.27
N SER E 352 10.51 -31.38 -37.89
CA SER E 352 9.61 -32.50 -37.66
C SER E 352 8.69 -32.25 -36.46
N PHE E 353 9.27 -31.82 -35.34
CA PHE E 353 8.56 -31.54 -34.09
C PHE E 353 7.81 -32.75 -33.54
N GLU E 354 8.04 -33.94 -34.07
CA GLU E 354 7.24 -35.11 -33.67
C GLU E 354 7.63 -35.63 -32.29
N SER E 355 8.88 -35.48 -31.88
CA SER E 355 9.32 -36.05 -30.61
C SER E 355 8.54 -35.47 -29.44
N ILE E 356 8.41 -34.14 -29.40
CA ILE E 356 7.69 -33.50 -28.29
C ILE E 356 6.19 -33.78 -28.40
N ARG E 357 5.63 -33.70 -29.60
CA ARG E 357 4.20 -33.90 -29.76
C ARG E 357 3.76 -35.34 -29.49
N GLU E 358 4.68 -36.31 -29.56
CA GLU E 358 4.36 -37.67 -29.17
C GLU E 358 4.75 -37.98 -27.74
N GLU E 359 5.76 -37.30 -27.19
CA GLU E 359 6.14 -37.51 -25.80
C GLU E 359 5.09 -36.93 -24.85
N SER E 360 4.65 -35.71 -25.12
CA SER E 360 3.72 -35.01 -24.24
C SER E 360 2.26 -35.19 -24.65
N SER E 361 1.99 -36.00 -25.67
CA SER E 361 0.64 -36.30 -26.14
C SER E 361 -0.09 -35.05 -26.64
N TYR E 362 0.68 -34.03 -27.05
CA TYR E 362 0.12 -32.86 -27.71
C TYR E 362 0.10 -33.14 -29.21
N SER E 363 -0.88 -33.94 -29.64
CA SER E 363 -0.89 -34.44 -31.00
C SER E 363 -0.95 -33.32 -32.03
N ASP E 364 -1.60 -32.20 -31.69
CA ASP E 364 -1.74 -31.10 -32.63
C ASP E 364 -0.66 -30.04 -32.39
N ILE E 365 0.58 -30.46 -32.62
CA ILE E 365 1.72 -29.53 -32.69
C ILE E 365 2.15 -29.47 -34.15
N PRO E 366 1.94 -28.34 -34.82
CA PRO E 366 2.21 -28.29 -36.26
C PRO E 366 3.69 -28.41 -36.57
N ASP E 367 3.99 -29.03 -37.70
CA ASP E 367 5.36 -29.02 -38.20
C ASP E 367 5.70 -27.64 -38.74
N VAL E 368 6.88 -27.17 -38.39
CA VAL E 368 7.30 -25.80 -38.67
C VAL E 368 7.94 -25.74 -40.05
N LYS E 369 7.70 -24.63 -40.76
CA LYS E 369 8.15 -24.43 -42.12
C LYS E 369 9.39 -23.52 -42.14
N ASN E 370 9.77 -23.10 -43.35
CA ASN E 370 11.03 -22.40 -43.58
C ASN E 370 11.11 -21.10 -42.78
N ASP E 371 12.36 -20.70 -42.47
CA ASP E 371 12.72 -19.47 -41.78
C ASP E 371 12.36 -19.55 -40.31
N PHE E 372 11.66 -20.60 -39.93
CA PHE E 372 11.31 -20.88 -38.55
C PHE E 372 11.70 -22.28 -38.13
N ALA E 373 11.83 -23.21 -39.08
CA ALA E 373 12.45 -24.49 -38.78
C ALA E 373 13.96 -24.37 -38.68
N PHE E 374 14.57 -23.47 -39.45
CA PHE E 374 16.02 -23.31 -39.41
C PHE E 374 16.48 -22.80 -38.05
N MET E 375 15.78 -21.84 -37.48
CA MET E 375 16.15 -21.34 -36.16
C MET E 375 15.97 -22.42 -35.10
N LEU E 376 14.93 -23.24 -35.24
CA LEU E 376 14.76 -24.36 -34.32
C LEU E 376 15.90 -25.36 -34.45
N HIS E 377 16.38 -25.60 -35.67
CA HIS E 377 17.52 -26.48 -35.85
C HIS E 377 18.78 -25.89 -35.21
N LEU E 378 18.97 -24.57 -35.34
CA LEU E 378 20.08 -23.91 -34.67
C LEU E 378 19.99 -24.10 -33.15
N ILE E 379 18.80 -23.93 -32.59
CA ILE E 379 18.62 -24.10 -31.16
C ILE E 379 18.91 -25.53 -30.75
N ASP E 380 18.42 -26.50 -31.52
CA ASP E 380 18.70 -27.90 -31.24
C ASP E 380 20.19 -28.18 -31.29
N GLN E 381 20.90 -27.48 -32.17
CA GLN E 381 22.36 -27.56 -32.15
C GLN E 381 22.91 -27.02 -30.83
N TYR E 382 22.34 -25.94 -30.31
CA TYR E 382 22.75 -25.48 -28.99
C TYR E 382 22.16 -26.36 -27.90
N ASP E 383 20.83 -26.41 -27.79
CA ASP E 383 20.16 -27.19 -26.76
C ASP E 383 18.74 -27.53 -27.18
N PRO E 384 18.40 -28.81 -27.35
CA PRO E 384 17.02 -29.16 -27.71
C PRO E 384 15.99 -28.81 -26.65
N LEU E 385 16.42 -28.59 -25.40
CA LEU E 385 15.47 -28.30 -24.33
C LEU E 385 14.72 -27.00 -24.59
N TYR E 386 15.39 -26.01 -25.18
CA TYR E 386 14.70 -24.77 -25.51
C TYR E 386 13.59 -25.02 -26.52
N SER E 387 13.84 -25.84 -27.53
CA SER E 387 12.81 -26.19 -28.49
C SER E 387 11.67 -26.96 -27.82
N LYS E 388 12.00 -27.85 -26.89
CA LYS E 388 10.96 -28.59 -26.17
C LYS E 388 10.08 -27.65 -25.36
N ARG E 389 10.69 -26.66 -24.68
CA ARG E 389 9.91 -25.68 -23.94
C ARG E 389 9.06 -24.82 -24.89
N PHE E 390 9.62 -24.46 -26.04
CA PHE E 390 8.91 -23.61 -26.99
C PHE E 390 7.76 -24.35 -27.68
N ALA E 391 7.83 -25.68 -27.74
CA ALA E 391 6.77 -26.44 -28.39
C ALA E 391 5.43 -26.29 -27.67
N VAL E 392 5.47 -26.21 -26.34
CA VAL E 392 4.22 -26.15 -25.56
C VAL E 392 3.48 -24.84 -25.74
N PHE E 393 4.05 -23.86 -26.43
CA PHE E 393 3.37 -22.62 -26.79
C PHE E 393 2.88 -22.63 -28.23
N LEU E 394 2.70 -23.82 -28.81
CA LEU E 394 2.37 -23.94 -30.22
C LEU E 394 1.24 -24.92 -30.51
N SER E 395 0.75 -25.67 -29.53
CA SER E 395 -0.24 -26.71 -29.82
C SER E 395 -1.66 -26.16 -29.88
N GLU E 396 -1.93 -25.05 -29.19
CA GLU E 396 -3.23 -24.41 -29.07
C GLU E 396 -4.18 -25.22 -28.20
N VAL E 397 -3.75 -26.42 -27.80
CA VAL E 397 -4.39 -27.12 -26.69
C VAL E 397 -3.94 -26.51 -25.38
N SER E 398 -2.65 -26.22 -25.27
CA SER E 398 -2.14 -25.46 -24.13
C SER E 398 -2.78 -24.09 -24.05
N GLU E 399 -3.11 -23.49 -25.19
CA GLU E 399 -3.85 -22.23 -25.18
C GLU E 399 -5.20 -22.40 -24.50
N ASN E 400 -5.93 -23.47 -24.84
CA ASN E 400 -7.22 -23.73 -24.22
C ASN E 400 -7.07 -23.99 -22.73
N LYS E 401 -6.04 -24.75 -22.35
CA LYS E 401 -5.82 -25.02 -20.93
C LYS E 401 -5.49 -23.74 -20.17
N LEU E 402 -4.72 -22.85 -20.78
CA LEU E 402 -4.41 -21.58 -20.16
C LEU E 402 -5.67 -20.72 -20.01
N ARG E 403 -6.53 -20.72 -21.04
CA ARG E 403 -7.79 -19.99 -20.93
C ARG E 403 -8.63 -20.52 -19.77
N GLN E 404 -8.76 -21.85 -19.69
CA GLN E 404 -9.57 -22.43 -18.61
C GLN E 404 -8.98 -22.13 -17.24
N LEU E 405 -7.64 -22.21 -17.12
CA LEU E 405 -7.01 -21.92 -15.83
C LEU E 405 -7.20 -20.47 -15.44
N ASN E 406 -7.07 -19.55 -16.39
CA ASN E 406 -7.28 -18.13 -16.08
C ASN E 406 -8.73 -17.86 -15.70
N LEU E 407 -9.68 -18.52 -16.37
CA LEU E 407 -11.09 -18.36 -15.99
C LEU E 407 -11.35 -18.92 -14.60
N ASN E 408 -10.78 -20.07 -14.29
CA ASN E 408 -11.01 -20.67 -12.98
C ASN E 408 -10.41 -19.81 -11.87
N ASN E 409 -9.22 -19.25 -12.09
CA ASN E 409 -8.66 -18.34 -11.10
C ASN E 409 -9.46 -17.05 -11.01
N GLU E 410 -9.99 -16.58 -12.13
CA GLU E 410 -10.77 -15.35 -12.13
C GLU E 410 -12.13 -15.55 -11.46
N TRP E 411 -12.83 -16.63 -11.80
CA TRP E 411 -14.19 -16.87 -11.32
C TRP E 411 -14.18 -18.07 -10.37
N THR E 412 -13.94 -17.79 -9.09
CA THR E 412 -14.12 -18.79 -8.06
C THR E 412 -15.61 -18.96 -7.76
N LEU E 413 -15.94 -20.05 -7.05
CA LEU E 413 -17.34 -20.30 -6.71
C LEU E 413 -17.90 -19.19 -5.84
N ASP E 414 -17.08 -18.65 -4.92
CA ASP E 414 -17.53 -17.53 -4.09
C ASP E 414 -17.85 -16.31 -4.93
N LYS E 415 -16.99 -15.99 -5.90
CA LYS E 415 -17.22 -14.84 -6.76
C LYS E 415 -18.19 -15.12 -7.89
N LEU E 416 -18.62 -16.37 -8.06
CA LEU E 416 -19.59 -16.75 -9.08
C LEU E 416 -21.01 -16.84 -8.53
N ARG E 417 -21.16 -17.29 -7.28
CA ARG E 417 -22.48 -17.32 -6.65
C ARG E 417 -23.01 -15.92 -6.38
N GLN E 418 -22.13 -14.98 -6.01
CA GLN E 418 -22.57 -13.62 -5.73
C GLN E 418 -23.06 -12.93 -7.01
N ARG E 419 -22.63 -13.41 -8.17
CA ARG E 419 -23.07 -12.83 -9.43
C ARG E 419 -24.38 -13.44 -9.92
N LEU E 420 -24.91 -14.45 -9.22
CA LEU E 420 -26.20 -15.02 -9.60
C LEU E 420 -27.31 -14.01 -9.36
N THR E 421 -28.25 -13.94 -10.31
CA THR E 421 -29.37 -13.02 -10.23
C THR E 421 -30.66 -13.81 -10.44
N LYS E 422 -31.78 -13.14 -10.16
CA LYS E 422 -33.12 -13.69 -10.37
C LYS E 422 -33.74 -12.96 -11.55
N ASN E 423 -34.15 -13.71 -12.57
CA ASN E 423 -34.70 -13.12 -13.78
C ASN E 423 -36.17 -12.76 -13.54
N ALA E 424 -36.88 -12.43 -14.62
CA ALA E 424 -38.28 -12.06 -14.51
C ALA E 424 -39.12 -13.22 -13.99
N GLN E 425 -38.83 -14.43 -14.43
CA GLN E 425 -39.60 -15.61 -14.06
C GLN E 425 -39.19 -16.19 -12.71
N ASP E 426 -38.44 -15.44 -11.91
CA ASP E 426 -38.05 -15.84 -10.55
C ASP E 426 -37.36 -17.20 -10.55
N LYS E 427 -36.28 -17.31 -11.32
CA LYS E 427 -35.44 -18.49 -11.32
C LYS E 427 -33.99 -18.04 -11.43
N LEU E 428 -33.09 -18.81 -10.84
CA LEU E 428 -31.68 -18.41 -10.77
C LEU E 428 -31.07 -18.33 -12.16
N GLU E 429 -30.42 -17.21 -12.44
CA GLU E 429 -29.86 -16.91 -13.74
C GLU E 429 -28.42 -16.45 -13.60
N LEU E 430 -27.55 -16.92 -14.50
CA LEU E 430 -26.18 -16.45 -14.58
C LEU E 430 -25.91 -15.98 -15.99
N HIS E 431 -25.46 -14.73 -16.12
CA HIS E 431 -25.21 -14.11 -17.41
C HIS E 431 -23.70 -13.90 -17.57
N LEU E 432 -23.14 -14.47 -18.63
CA LEU E 432 -21.73 -14.34 -18.93
C LEU E 432 -21.54 -13.38 -20.11
N PHE E 433 -20.68 -12.39 -19.92
CA PHE E 433 -20.57 -11.28 -20.86
C PHE E 433 -19.11 -11.11 -21.26
N MET E 434 -18.83 -11.27 -22.55
CA MET E 434 -17.52 -10.98 -23.14
C MET E 434 -16.41 -11.79 -22.49
N LEU E 435 -16.73 -12.97 -21.95
CA LEU E 435 -15.70 -13.82 -21.39
C LEU E 435 -14.92 -14.52 -22.50
N SER E 436 -13.68 -14.91 -22.17
CA SER E 436 -12.86 -15.67 -23.10
C SER E 436 -13.38 -17.09 -23.30
N GLY E 437 -14.22 -17.58 -22.40
CA GLY E 437 -14.76 -18.92 -22.52
C GLY E 437 -15.67 -19.20 -21.35
N ILE E 438 -16.20 -20.42 -21.32
CA ILE E 438 -17.07 -20.85 -20.23
C ILE E 438 -16.19 -21.33 -19.08
N PRO E 439 -16.24 -20.67 -17.93
CA PRO E 439 -15.43 -21.13 -16.79
C PRO E 439 -15.82 -22.53 -16.35
N ASP E 440 -14.82 -23.30 -15.93
CA ASP E 440 -15.09 -24.64 -15.44
C ASP E 440 -15.75 -24.66 -14.06
N THR E 441 -15.72 -23.54 -13.35
CA THR E 441 -16.44 -23.42 -12.08
C THR E 441 -17.92 -23.12 -12.27
N VAL E 442 -18.36 -22.83 -13.49
CA VAL E 442 -19.77 -22.55 -13.72
C VAL E 442 -20.61 -23.81 -13.65
N PHE E 443 -19.99 -24.98 -13.79
CA PHE E 443 -20.70 -26.25 -13.76
C PHE E 443 -20.70 -26.89 -12.39
N ASP E 444 -20.15 -26.21 -11.38
CA ASP E 444 -20.30 -26.62 -9.99
C ASP E 444 -21.47 -25.93 -9.31
N LEU E 445 -22.16 -25.03 -10.00
CA LEU E 445 -23.32 -24.33 -9.46
C LEU E 445 -24.54 -25.23 -9.64
N VAL E 446 -24.80 -26.06 -8.63
CA VAL E 446 -25.93 -26.99 -8.70
C VAL E 446 -27.24 -26.24 -8.75
N GLU E 447 -27.33 -25.11 -8.04
CA GLU E 447 -28.56 -24.34 -7.95
C GLU E 447 -28.90 -23.59 -9.24
N LEU E 448 -27.97 -23.50 -10.18
CA LEU E 448 -28.20 -22.74 -11.40
C LEU E 448 -29.32 -23.37 -12.23
N GLU E 449 -30.13 -22.52 -12.84
CA GLU E 449 -31.26 -22.99 -13.65
C GLU E 449 -31.29 -22.31 -15.01
N VAL E 450 -30.72 -21.09 -15.09
CA VAL E 450 -30.62 -20.36 -16.34
C VAL E 450 -29.14 -20.03 -16.58
N LEU E 451 -28.60 -20.53 -17.68
CA LEU E 451 -27.23 -20.23 -18.08
C LEU E 451 -27.28 -19.41 -19.36
N LYS E 452 -26.88 -18.15 -19.28
CA LYS E 452 -26.92 -17.22 -20.40
C LYS E 452 -25.51 -17.00 -20.92
N LEU E 453 -25.29 -17.29 -22.20
CA LEU E 453 -24.00 -17.10 -22.85
C LEU E 453 -24.10 -15.97 -23.84
N GLU E 454 -23.29 -14.94 -23.64
CA GLU E 454 -23.38 -13.71 -24.43
C GLU E 454 -21.98 -13.33 -24.90
N LEU E 455 -21.75 -13.44 -26.20
CA LEU E 455 -20.51 -13.00 -26.84
C LEU E 455 -19.28 -13.63 -26.19
N ILE E 456 -19.26 -14.97 -26.18
CA ILE E 456 -18.07 -15.73 -25.82
C ILE E 456 -17.60 -16.48 -27.07
N PRO E 457 -16.32 -16.41 -27.43
CA PRO E 457 -15.89 -16.88 -28.74
C PRO E 457 -15.62 -18.38 -28.79
N ASP E 458 -16.38 -19.09 -29.64
CA ASP E 458 -16.18 -20.50 -29.94
C ASP E 458 -15.97 -21.34 -28.69
N VAL E 459 -17.01 -21.37 -27.86
CA VAL E 459 -16.98 -22.11 -26.61
C VAL E 459 -17.49 -23.52 -26.85
N THR E 460 -16.74 -24.51 -26.41
CA THR E 460 -17.15 -25.91 -26.48
C THR E 460 -17.69 -26.30 -25.11
N ILE E 461 -19.00 -26.48 -25.02
CA ILE E 461 -19.63 -26.82 -23.76
C ILE E 461 -19.18 -28.22 -23.36
N PRO E 462 -18.53 -28.38 -22.21
CA PRO E 462 -17.92 -29.66 -21.86
C PRO E 462 -18.97 -30.65 -21.36
N PRO E 463 -18.63 -31.94 -21.26
CA PRO E 463 -19.55 -32.90 -20.64
C PRO E 463 -19.83 -32.61 -19.17
N SER E 464 -19.07 -31.71 -18.53
CA SER E 464 -19.31 -31.37 -17.15
C SER E 464 -20.61 -30.60 -16.95
N ILE E 465 -21.27 -30.16 -18.02
CA ILE E 465 -22.57 -29.53 -17.89
C ILE E 465 -23.59 -30.51 -17.31
N ALA E 466 -23.35 -31.81 -17.51
CA ALA E 466 -24.23 -32.82 -16.92
C ALA E 466 -24.16 -32.81 -15.39
N GLN E 467 -23.11 -32.22 -14.81
CA GLN E 467 -23.05 -32.09 -13.36
C GLN E 467 -24.19 -31.22 -12.85
N LEU E 468 -24.64 -30.27 -13.66
CA LEU E 468 -25.82 -29.49 -13.32
C LEU E 468 -27.07 -30.35 -13.41
N THR E 469 -27.92 -30.25 -12.40
CA THR E 469 -29.17 -30.98 -12.38
C THR E 469 -30.40 -30.08 -12.46
N GLY E 470 -30.32 -28.87 -11.95
CA GLY E 470 -31.41 -27.92 -12.05
C GLY E 470 -31.43 -27.09 -13.31
N LEU E 471 -30.43 -27.23 -14.18
CA LEU E 471 -30.37 -26.44 -15.39
C LEU E 471 -31.51 -26.80 -16.33
N LYS E 472 -32.29 -25.80 -16.73
CA LYS E 472 -33.40 -26.00 -17.65
C LYS E 472 -33.46 -24.99 -18.78
N GLU E 473 -32.77 -23.85 -18.68
CA GLU E 473 -32.76 -22.84 -19.72
C GLU E 473 -31.32 -22.53 -20.12
N LEU E 474 -31.09 -22.38 -21.42
CA LEU E 474 -29.77 -22.06 -21.94
C LEU E 474 -29.91 -20.96 -22.99
N TRP E 475 -29.23 -19.84 -22.76
CA TRP E 475 -29.28 -18.68 -23.66
C TRP E 475 -27.94 -18.59 -24.38
N LEU E 476 -27.98 -18.59 -25.71
CA LEU E 476 -26.79 -18.47 -26.55
C LEU E 476 -26.93 -17.20 -27.36
N TYR E 477 -26.49 -16.08 -26.79
CA TYR E 477 -26.60 -14.78 -27.45
C TYR E 477 -25.33 -14.51 -28.23
N HIS E 478 -25.44 -14.52 -29.57
CA HIS E 478 -24.32 -14.25 -30.46
C HIS E 478 -23.14 -15.17 -30.17
N THR E 479 -23.45 -16.42 -29.85
CA THR E 479 -22.44 -17.41 -29.50
C THR E 479 -22.73 -18.71 -30.24
N ALA E 480 -21.73 -19.21 -30.97
CA ALA E 480 -21.82 -20.49 -31.67
C ALA E 480 -21.12 -21.53 -30.81
N ALA E 481 -21.90 -22.40 -30.17
CA ALA E 481 -21.38 -23.40 -29.25
C ALA E 481 -21.47 -24.78 -29.88
N LYS E 482 -20.38 -25.52 -29.82
CA LYS E 482 -20.33 -26.90 -30.29
C LYS E 482 -20.32 -27.83 -29.09
N ILE E 483 -20.87 -29.03 -29.28
CA ILE E 483 -21.17 -29.93 -28.18
C ILE E 483 -20.53 -31.30 -28.45
N GLU E 484 -20.29 -32.04 -27.38
CA GLU E 484 -19.75 -33.39 -27.45
C GLU E 484 -20.87 -34.42 -27.24
N ALA E 485 -20.49 -35.70 -27.32
CA ALA E 485 -21.48 -36.76 -27.21
C ALA E 485 -22.17 -36.82 -25.85
N PRO E 486 -21.47 -36.80 -24.69
CA PRO E 486 -22.18 -36.93 -23.41
C PRO E 486 -23.01 -35.70 -23.06
N ALA E 487 -22.44 -34.51 -23.30
CA ALA E 487 -23.15 -33.29 -22.97
C ALA E 487 -24.38 -33.09 -23.84
N LEU E 488 -24.29 -33.45 -25.13
CA LEU E 488 -25.47 -33.36 -25.99
C LEU E 488 -26.57 -34.30 -25.52
N ALA E 489 -26.20 -35.51 -25.09
CA ALA E 489 -27.19 -36.42 -24.54
C ALA E 489 -27.83 -35.86 -23.28
N PHE E 490 -27.01 -35.27 -22.40
CA PHE E 490 -27.55 -34.68 -21.18
C PHE E 490 -28.53 -33.55 -21.50
N LEU E 491 -28.18 -32.70 -22.47
CA LEU E 491 -29.09 -31.64 -22.87
C LEU E 491 -30.35 -32.20 -23.53
N ARG E 492 -30.21 -33.29 -24.28
CA ARG E 492 -31.37 -33.99 -24.81
C ARG E 492 -32.23 -34.55 -23.69
N GLU E 493 -31.66 -34.72 -22.50
CA GLU E 493 -32.40 -35.23 -21.35
C GLU E 493 -32.91 -34.14 -20.42
N ASN E 494 -32.15 -33.08 -20.18
CA ASN E 494 -32.45 -32.12 -19.12
C ASN E 494 -32.29 -30.68 -19.60
N LEU E 495 -32.88 -30.36 -20.74
CA LEU E 495 -32.93 -28.97 -21.21
C LEU E 495 -34.36 -28.65 -21.64
N ARG E 496 -34.91 -27.57 -21.10
CA ARG E 496 -36.29 -27.19 -21.40
C ARG E 496 -36.39 -25.96 -22.30
N ALA E 497 -35.56 -24.95 -22.07
CA ALA E 497 -35.63 -23.69 -22.81
C ALA E 497 -34.33 -23.46 -23.56
N LEU E 498 -34.43 -22.77 -24.70
CA LEU E 498 -33.25 -22.47 -25.52
C LEU E 498 -33.47 -21.12 -26.18
N HIS E 499 -32.69 -20.13 -25.77
CA HIS E 499 -32.70 -18.81 -26.39
C HIS E 499 -31.41 -18.63 -27.19
N ILE E 500 -31.54 -18.25 -28.46
CA ILE E 500 -30.39 -17.99 -29.32
C ILE E 500 -30.62 -16.72 -30.11
N LYS E 501 -29.62 -15.84 -30.12
CA LYS E 501 -29.60 -14.66 -30.98
C LYS E 501 -28.35 -14.74 -31.86
N PHE E 502 -28.52 -14.43 -33.15
CA PHE E 502 -27.45 -14.65 -34.10
C PHE E 502 -27.52 -13.61 -35.21
N THR E 503 -26.37 -13.37 -35.83
CA THR E 503 -26.26 -12.51 -37.00
C THR E 503 -26.22 -13.29 -38.31
N ASP E 504 -25.73 -14.52 -38.28
CA ASP E 504 -25.72 -15.39 -39.44
C ASP E 504 -26.25 -16.75 -39.05
N ILE E 505 -26.79 -17.46 -40.05
CA ILE E 505 -27.38 -18.77 -39.80
C ILE E 505 -26.33 -19.76 -39.33
N LYS E 506 -25.13 -19.67 -39.88
CA LYS E 506 -24.10 -20.67 -39.62
C LYS E 506 -23.67 -20.72 -38.17
N GLU E 507 -23.92 -19.67 -37.39
CA GLU E 507 -23.51 -19.65 -35.99
C GLU E 507 -24.58 -20.15 -35.04
N ILE E 508 -25.73 -20.61 -35.54
CA ILE E 508 -26.71 -21.28 -34.70
C ILE E 508 -26.21 -22.71 -34.50
N PRO E 509 -26.48 -23.34 -33.36
CA PRO E 509 -26.05 -24.73 -33.18
C PRO E 509 -26.73 -25.66 -34.16
N LEU E 510 -25.98 -26.64 -34.66
CA LEU E 510 -26.56 -27.67 -35.51
C LEU E 510 -27.12 -28.84 -34.72
N TRP E 511 -26.91 -28.86 -33.40
CA TRP E 511 -27.46 -29.87 -32.52
C TRP E 511 -28.74 -29.44 -31.84
N ILE E 512 -29.31 -28.30 -32.24
CA ILE E 512 -30.58 -27.85 -31.67
C ILE E 512 -31.68 -28.87 -31.95
N TYR E 513 -31.69 -29.45 -33.15
CA TYR E 513 -32.69 -30.45 -33.50
C TYR E 513 -32.50 -31.76 -32.75
N SER E 514 -31.38 -31.93 -32.07
CA SER E 514 -31.16 -33.12 -31.24
C SER E 514 -31.73 -32.97 -29.84
N LEU E 515 -32.32 -31.82 -29.52
CA LEU E 515 -32.95 -31.60 -28.21
C LEU E 515 -34.39 -32.05 -28.28
N LYS E 516 -34.66 -33.29 -27.89
CA LYS E 516 -35.99 -33.86 -27.96
C LYS E 516 -36.92 -33.37 -26.86
N THR E 517 -36.38 -32.89 -25.74
CA THR E 517 -37.19 -32.48 -24.60
C THR E 517 -37.32 -30.96 -24.49
N LEU E 518 -36.94 -30.22 -25.52
CA LEU E 518 -37.04 -28.76 -25.48
C LEU E 518 -38.50 -28.33 -25.48
N GLU E 519 -38.84 -27.44 -24.55
CA GLU E 519 -40.20 -26.92 -24.43
C GLU E 519 -40.39 -25.63 -25.20
N GLU E 520 -39.62 -24.60 -24.87
CA GLU E 520 -39.72 -23.30 -25.52
C GLU E 520 -38.44 -22.98 -26.27
N LEU E 521 -38.59 -22.44 -27.47
CA LEU E 521 -37.47 -22.04 -28.31
C LEU E 521 -37.63 -20.59 -28.71
N HIS E 522 -36.53 -19.84 -28.68
CA HIS E 522 -36.54 -18.41 -28.97
C HIS E 522 -35.52 -18.13 -30.07
N LEU E 523 -35.99 -17.84 -31.27
CA LEU E 523 -35.13 -17.48 -32.40
C LEU E 523 -35.19 -15.97 -32.59
N THR E 524 -34.05 -15.31 -32.44
CA THR E 524 -33.98 -13.85 -32.50
C THR E 524 -32.86 -13.40 -33.42
N GLY E 525 -32.78 -14.00 -34.61
CA GLY E 525 -31.77 -13.62 -35.58
C GLY E 525 -32.36 -13.22 -36.91
N ASN E 526 -31.90 -13.87 -37.99
CA ASN E 526 -32.40 -13.62 -39.34
C ASN E 526 -32.61 -14.97 -40.03
N LEU E 527 -33.81 -15.53 -39.86
CA LEU E 527 -34.15 -16.77 -40.56
C LEU E 527 -34.36 -16.54 -42.05
N SER E 528 -34.53 -15.30 -42.49
CA SER E 528 -34.72 -14.99 -43.90
C SER E 528 -33.37 -15.07 -44.60
N ALA E 529 -33.03 -16.30 -45.00
CA ALA E 529 -31.76 -16.56 -45.67
C ALA E 529 -31.89 -16.18 -47.15
N GLU E 530 -30.90 -16.59 -47.95
CA GLU E 530 -30.80 -16.17 -49.34
C GLU E 530 -31.90 -16.84 -50.17
N ASN E 531 -33.12 -16.30 -50.03
CA ASN E 531 -34.25 -16.65 -50.89
C ASN E 531 -34.54 -18.15 -50.87
N ASN E 532 -34.58 -18.74 -49.67
CA ASN E 532 -34.91 -20.13 -49.49
C ASN E 532 -36.18 -20.25 -48.66
N ARG E 533 -36.77 -21.45 -48.67
CA ARG E 533 -37.99 -21.71 -47.93
C ARG E 533 -37.70 -22.07 -46.47
N TYR E 534 -36.89 -21.23 -45.81
CA TYR E 534 -36.58 -21.37 -44.39
C TYR E 534 -36.08 -22.77 -44.06
N ILE E 535 -35.16 -23.26 -44.89
CA ILE E 535 -34.53 -24.56 -44.65
C ILE E 535 -33.72 -24.53 -43.36
N VAL E 536 -33.25 -23.37 -42.94
CA VAL E 536 -32.41 -23.26 -41.74
C VAL E 536 -33.17 -23.72 -40.50
N ILE E 537 -34.50 -23.66 -40.54
CA ILE E 537 -35.35 -24.11 -39.44
C ILE E 537 -36.22 -25.29 -39.87
N ASP E 538 -35.87 -25.96 -40.97
CA ASP E 538 -36.71 -27.03 -41.51
C ASP E 538 -36.82 -28.20 -40.55
N GLY E 539 -35.88 -28.35 -39.63
CA GLY E 539 -35.88 -29.48 -38.72
C GLY E 539 -36.67 -29.24 -37.45
N LEU E 540 -37.48 -28.19 -37.43
CA LEU E 540 -38.24 -27.85 -36.23
C LEU E 540 -39.27 -28.91 -35.87
N ARG E 541 -39.76 -29.66 -36.85
CA ARG E 541 -40.75 -30.70 -36.56
C ARG E 541 -40.20 -31.79 -35.65
N GLU E 542 -38.88 -31.93 -35.57
CA GLU E 542 -38.30 -32.99 -34.74
C GLU E 542 -38.59 -32.77 -33.27
N LEU E 543 -38.76 -31.52 -32.85
CA LEU E 543 -39.06 -31.21 -31.45
C LEU E 543 -40.50 -31.58 -31.16
N LYS E 544 -40.70 -32.69 -30.45
CA LYS E 544 -42.05 -33.17 -30.16
C LYS E 544 -42.65 -32.56 -28.90
N ARG E 545 -41.86 -31.86 -28.10
CA ARG E 545 -42.36 -31.22 -26.89
C ARG E 545 -42.24 -29.70 -26.96
N LEU E 546 -42.14 -29.14 -28.16
CA LEU E 546 -42.10 -27.69 -28.32
C LEU E 546 -43.46 -27.10 -27.97
N LYS E 547 -43.46 -26.04 -27.17
CA LYS E 547 -44.71 -25.41 -26.75
C LYS E 547 -44.73 -23.91 -26.97
N VAL E 548 -43.57 -23.25 -26.98
CA VAL E 548 -43.49 -21.80 -27.15
C VAL E 548 -42.52 -21.51 -28.28
N LEU E 549 -42.91 -20.61 -29.17
CA LEU E 549 -42.06 -20.17 -30.28
C LEU E 549 -41.98 -18.65 -30.26
N ARG E 550 -40.78 -18.12 -30.51
CA ARG E 550 -40.47 -16.71 -30.36
C ARG E 550 -39.71 -16.19 -31.58
N LEU E 551 -40.21 -16.49 -32.77
CA LEU E 551 -39.54 -16.11 -34.00
C LEU E 551 -39.50 -14.58 -34.13
N LYS E 552 -38.29 -14.01 -34.08
CA LYS E 552 -38.05 -12.60 -34.37
C LYS E 552 -36.95 -12.57 -35.43
N SER E 553 -37.34 -12.75 -36.69
CA SER E 553 -36.36 -12.87 -37.76
C SER E 553 -36.80 -12.19 -39.05
N ASN E 554 -37.61 -11.14 -38.95
CA ASN E 554 -38.07 -10.39 -40.12
C ASN E 554 -38.72 -11.31 -41.15
N LEU E 555 -39.59 -12.19 -40.68
CA LEU E 555 -40.21 -13.19 -41.55
C LEU E 555 -41.14 -12.51 -42.54
N SER E 556 -40.82 -12.63 -43.83
CA SER E 556 -41.66 -12.06 -44.88
C SER E 556 -42.96 -12.83 -45.08
N LYS E 557 -43.07 -14.03 -44.54
CA LYS E 557 -44.28 -14.84 -44.66
C LYS E 557 -44.21 -15.93 -43.60
N LEU E 558 -45.38 -16.38 -43.17
CA LEU E 558 -45.43 -17.42 -42.15
C LEU E 558 -44.92 -18.73 -42.74
N PRO E 559 -43.91 -19.36 -42.15
CA PRO E 559 -43.31 -20.54 -42.77
C PRO E 559 -44.23 -21.74 -42.76
N GLN E 560 -44.01 -22.63 -43.72
CA GLN E 560 -44.73 -23.90 -43.75
C GLN E 560 -44.37 -24.76 -42.54
N VAL E 561 -43.09 -24.78 -42.15
CA VAL E 561 -42.66 -25.62 -41.03
C VAL E 561 -43.34 -25.17 -39.74
N VAL E 562 -43.48 -23.86 -39.52
CA VAL E 562 -44.15 -23.37 -38.33
C VAL E 562 -45.62 -23.76 -38.34
N THR E 563 -46.26 -23.68 -39.52
CA THR E 563 -47.65 -24.09 -39.63
C THR E 563 -47.81 -25.57 -39.30
N ASP E 564 -46.90 -26.41 -39.78
CA ASP E 564 -46.95 -27.83 -39.49
C ASP E 564 -46.73 -28.10 -38.01
N VAL E 565 -45.75 -27.43 -37.39
CA VAL E 565 -45.43 -27.69 -35.99
C VAL E 565 -46.44 -27.05 -35.05
N GLY E 566 -47.30 -26.17 -35.55
CA GLY E 566 -48.31 -25.56 -34.70
C GLY E 566 -49.42 -26.48 -34.26
N VAL E 567 -49.41 -27.73 -34.71
CA VAL E 567 -50.47 -28.67 -34.34
C VAL E 567 -50.49 -28.90 -32.83
N HIS E 568 -49.36 -28.75 -32.16
CA HIS E 568 -49.27 -28.90 -30.71
C HIS E 568 -48.52 -27.74 -30.08
N LEU E 569 -48.50 -26.59 -30.76
CA LEU E 569 -47.84 -25.40 -30.23
C LEU E 569 -48.80 -24.61 -29.35
N GLN E 570 -48.36 -24.33 -28.12
CA GLN E 570 -49.21 -23.66 -27.15
C GLN E 570 -49.17 -22.14 -27.28
N LYS E 571 -47.97 -21.55 -27.26
CA LYS E 571 -47.81 -20.11 -27.35
C LYS E 571 -47.00 -19.79 -28.60
N LEU E 572 -47.51 -18.87 -29.42
CA LEU E 572 -46.81 -18.38 -30.59
C LEU E 572 -46.56 -16.88 -30.42
N SER E 573 -45.33 -16.45 -30.64
CA SER E 573 -44.97 -15.04 -30.55
C SER E 573 -44.08 -14.70 -31.73
N ILE E 574 -44.52 -13.74 -32.54
CA ILE E 574 -43.77 -13.30 -33.71
C ILE E 574 -43.49 -11.81 -33.56
N ASN E 575 -42.20 -11.45 -33.58
CA ASN E 575 -41.77 -10.06 -33.54
C ASN E 575 -41.13 -9.76 -34.89
N ASN E 576 -41.94 -9.33 -35.85
CA ASN E 576 -41.44 -9.08 -37.20
C ASN E 576 -40.65 -7.79 -37.31
N GLU E 577 -40.61 -6.96 -36.26
CA GLU E 577 -39.86 -5.71 -36.24
C GLU E 577 -40.27 -4.79 -37.39
N GLY E 578 -41.58 -4.68 -37.60
CA GLY E 578 -42.12 -3.80 -38.62
C GLY E 578 -42.24 -4.40 -39.99
N THR E 579 -41.65 -5.56 -40.23
CA THR E 579 -41.76 -6.20 -41.55
C THR E 579 -43.17 -6.72 -41.76
N LYS E 580 -43.71 -6.48 -42.96
CA LYS E 580 -45.05 -6.92 -43.30
C LYS E 580 -45.16 -8.43 -43.17
N LEU E 581 -46.20 -8.89 -42.48
CA LEU E 581 -46.46 -10.31 -42.29
C LEU E 581 -47.80 -10.65 -42.90
N ILE E 582 -47.84 -11.75 -43.65
CA ILE E 582 -49.04 -12.19 -44.34
C ILE E 582 -49.37 -13.61 -43.89
N VAL E 583 -50.65 -13.87 -43.66
CA VAL E 583 -51.13 -15.18 -43.23
C VAL E 583 -51.81 -15.92 -44.37
N LEU E 584 -52.89 -15.35 -44.92
CA LEU E 584 -53.67 -15.97 -46.00
C LEU E 584 -54.13 -17.37 -45.60
N ASN E 585 -54.87 -17.43 -44.50
CA ASN E 585 -55.40 -18.67 -43.95
C ASN E 585 -54.28 -19.66 -43.65
N SER E 586 -53.34 -19.22 -42.82
CA SER E 586 -52.22 -20.05 -42.40
C SER E 586 -52.26 -20.43 -40.92
N LEU E 587 -53.05 -19.73 -40.11
CA LEU E 587 -53.21 -20.08 -38.70
C LEU E 587 -54.36 -21.03 -38.44
N LYS E 588 -55.08 -21.45 -39.49
CA LYS E 588 -56.19 -22.37 -39.30
C LYS E 588 -55.71 -23.73 -38.78
N LYS E 589 -54.56 -24.20 -39.28
CA LYS E 589 -54.08 -25.52 -38.90
C LYS E 589 -53.83 -25.60 -37.40
N MET E 590 -53.25 -24.55 -36.82
CA MET E 590 -53.09 -24.50 -35.37
C MET E 590 -54.45 -24.40 -34.70
N VAL E 591 -54.69 -25.26 -33.71
CA VAL E 591 -55.94 -25.26 -32.97
C VAL E 591 -55.74 -25.31 -31.46
N ASN E 592 -54.50 -25.38 -30.97
CA ASN E 592 -54.24 -25.46 -29.54
C ASN E 592 -53.52 -24.22 -29.03
N LEU E 593 -53.42 -23.17 -29.83
CA LEU E 593 -52.76 -21.95 -29.39
C LEU E 593 -53.56 -21.28 -28.28
N THR E 594 -52.86 -20.84 -27.24
CA THR E 594 -53.45 -20.04 -26.18
C THR E 594 -52.99 -18.59 -26.20
N GLU E 595 -51.87 -18.29 -26.85
CA GLU E 595 -51.37 -16.94 -27.00
C GLU E 595 -50.92 -16.73 -28.43
N LEU E 596 -51.17 -15.54 -28.97
CA LEU E 596 -50.81 -15.21 -30.35
C LEU E 596 -50.17 -13.83 -30.42
N GLU E 597 -49.15 -13.60 -29.60
CA GLU E 597 -48.42 -12.35 -29.65
C GLU E 597 -47.86 -12.11 -31.05
N LEU E 598 -48.14 -10.92 -31.59
CA LEU E 598 -47.77 -10.55 -32.96
C LEU E 598 -47.16 -9.16 -32.98
N ILE E 599 -46.19 -8.93 -32.09
CA ILE E 599 -45.61 -7.60 -31.92
C ILE E 599 -44.93 -7.17 -33.21
N ARG E 600 -45.24 -5.95 -33.66
CA ARG E 600 -44.56 -5.31 -34.79
C ARG E 600 -44.64 -6.16 -36.06
N CYS E 601 -45.80 -6.77 -36.30
CA CYS E 601 -45.99 -7.59 -37.49
C CYS E 601 -46.53 -6.78 -38.68
N ASP E 602 -46.83 -5.50 -38.48
CA ASP E 602 -47.32 -4.61 -39.55
C ASP E 602 -48.57 -5.20 -40.21
N LEU E 603 -49.45 -5.79 -39.40
CA LEU E 603 -50.65 -6.41 -39.94
C LEU E 603 -51.57 -5.39 -40.58
N GLU E 604 -51.76 -4.24 -39.92
CA GLU E 604 -52.61 -3.14 -40.39
C GLU E 604 -54.08 -3.50 -40.31
N ARG E 605 -54.36 -4.77 -40.03
CA ARG E 605 -55.72 -5.31 -39.95
C ARG E 605 -55.65 -6.57 -39.12
N ILE E 606 -56.68 -6.79 -38.30
CA ILE E 606 -56.78 -8.04 -37.55
C ILE E 606 -57.03 -9.15 -38.56
N PRO E 607 -56.17 -10.18 -38.61
CA PRO E 607 -56.29 -11.19 -39.67
C PRO E 607 -57.59 -11.97 -39.55
N HIS E 608 -58.08 -12.43 -40.71
CA HIS E 608 -59.28 -13.25 -40.75
C HIS E 608 -59.04 -14.70 -40.33
N SER E 609 -57.77 -15.13 -40.27
CA SER E 609 -57.45 -16.49 -39.87
C SER E 609 -57.38 -16.66 -38.36
N ILE E 610 -57.34 -15.57 -37.60
CA ILE E 610 -57.31 -15.67 -36.14
C ILE E 610 -58.65 -16.12 -35.58
N PHE E 611 -59.72 -16.03 -36.38
CA PHE E 611 -61.05 -16.37 -35.90
C PHE E 611 -61.21 -17.86 -35.61
N SER E 612 -60.24 -18.68 -36.05
CA SER E 612 -60.36 -20.13 -35.89
C SER E 612 -59.70 -20.65 -34.62
N LEU E 613 -58.81 -19.87 -34.01
CA LEU E 613 -58.09 -20.31 -32.81
C LEU E 613 -59.02 -20.23 -31.61
N HIS E 614 -59.87 -21.25 -31.48
CA HIS E 614 -60.89 -21.27 -30.45
C HIS E 614 -60.32 -21.40 -29.05
N ASN E 615 -59.07 -21.82 -28.91
CA ASN E 615 -58.45 -22.03 -27.61
C ASN E 615 -57.59 -20.86 -27.17
N LEU E 616 -57.61 -19.75 -27.91
CA LEU E 616 -56.80 -18.59 -27.55
C LEU E 616 -57.24 -18.00 -26.21
N GLN E 617 -56.28 -17.49 -25.48
CA GLN E 617 -56.51 -16.79 -24.22
C GLN E 617 -55.90 -15.41 -24.19
N GLU E 618 -54.74 -15.23 -24.83
CA GLU E 618 -54.08 -13.92 -24.93
C GLU E 618 -53.89 -13.58 -26.40
N ILE E 619 -54.17 -12.34 -26.76
CA ILE E 619 -53.94 -11.83 -28.10
C ILE E 619 -53.18 -10.52 -27.97
N ASP E 620 -51.98 -10.46 -28.55
CA ASP E 620 -51.15 -9.26 -28.54
C ASP E 620 -50.90 -8.81 -29.96
N LEU E 621 -51.18 -7.55 -30.25
CA LEU E 621 -51.02 -6.97 -31.57
C LEU E 621 -50.28 -5.63 -31.48
N LYS E 622 -49.20 -5.62 -30.72
CA LYS E 622 -48.44 -4.38 -30.50
C LYS E 622 -47.81 -3.89 -31.78
N ASP E 623 -47.93 -2.59 -32.04
CA ASP E 623 -47.25 -1.91 -33.14
C ASP E 623 -47.55 -2.57 -34.49
N ASN E 624 -48.81 -2.93 -34.69
CA ASN E 624 -49.25 -3.47 -35.97
C ASN E 624 -49.90 -2.41 -36.86
N ASN E 625 -49.94 -1.15 -36.40
CA ASN E 625 -50.57 -0.07 -37.15
C ASN E 625 -52.00 -0.40 -37.53
N LEU E 626 -52.73 -1.01 -36.60
CA LEU E 626 -54.14 -1.32 -36.83
C LEU E 626 -54.94 -0.01 -36.90
N LYS E 627 -55.76 0.11 -37.94
CA LYS E 627 -56.61 1.28 -38.12
C LYS E 627 -58.04 1.04 -37.67
N THR E 628 -58.67 -0.02 -38.15
CA THR E 628 -60.00 -0.43 -37.73
C THR E 628 -59.91 -1.78 -37.04
N ILE E 629 -60.61 -1.91 -35.92
CA ILE E 629 -60.62 -3.16 -35.17
C ILE E 629 -62.03 -3.72 -35.20
N GLU E 630 -62.73 -3.52 -36.31
CA GLU E 630 -64.07 -4.05 -36.48
C GLU E 630 -64.13 -5.57 -36.41
N GLU E 631 -62.98 -6.23 -36.34
CA GLU E 631 -62.92 -7.69 -36.28
C GLU E 631 -63.29 -8.20 -34.89
N ILE E 632 -63.55 -7.27 -33.95
CA ILE E 632 -64.08 -7.66 -32.64
C ILE E 632 -65.41 -8.37 -32.80
N ILE E 633 -66.16 -8.05 -33.86
CA ILE E 633 -67.43 -8.69 -34.14
C ILE E 633 -67.31 -10.19 -34.34
N SER E 634 -66.09 -10.71 -34.50
CA SER E 634 -65.87 -12.13 -34.72
C SER E 634 -65.12 -12.81 -33.59
N PHE E 635 -64.82 -12.10 -32.50
CA PHE E 635 -64.05 -12.68 -31.40
C PHE E 635 -64.93 -13.29 -30.31
N GLN E 636 -66.26 -13.21 -30.43
CA GLN E 636 -67.11 -13.83 -29.42
C GLN E 636 -67.07 -15.35 -29.49
N HIS E 637 -66.60 -15.91 -30.60
CA HIS E 637 -66.48 -17.36 -30.70
C HIS E 637 -65.50 -17.91 -29.67
N LEU E 638 -64.39 -17.22 -29.46
CA LEU E 638 -63.35 -17.68 -28.55
C LEU E 638 -63.86 -17.55 -27.11
N HIS E 639 -64.13 -18.70 -26.47
CA HIS E 639 -64.72 -18.70 -25.14
C HIS E 639 -63.69 -18.54 -24.03
N ARG E 640 -62.39 -18.51 -24.36
CA ARG E 640 -61.34 -18.39 -23.35
C ARG E 640 -60.54 -17.11 -23.52
N LEU E 641 -60.93 -16.23 -24.45
CA LEU E 641 -60.22 -14.97 -24.66
C LEU E 641 -60.40 -14.08 -23.44
N THR E 642 -59.29 -13.73 -22.78
CA THR E 642 -59.34 -12.90 -21.59
C THR E 642 -58.37 -11.73 -21.59
N CYS E 643 -57.36 -11.71 -22.46
CA CYS E 643 -56.29 -10.72 -22.39
C CYS E 643 -56.02 -10.12 -23.76
N LEU E 644 -57.08 -9.69 -24.44
CA LEU E 644 -56.91 -8.99 -25.71
C LEU E 644 -56.10 -7.72 -25.51
N LYS E 645 -54.94 -7.64 -26.16
CA LYS E 645 -54.08 -6.47 -26.12
C LYS E 645 -54.02 -5.86 -27.51
N LEU E 646 -54.32 -4.55 -27.59
CA LEU E 646 -54.28 -3.83 -28.85
C LEU E 646 -53.48 -2.54 -28.71
N TRP E 647 -52.58 -2.48 -27.74
CA TRP E 647 -51.82 -1.27 -27.48
C TRP E 647 -50.85 -0.96 -28.60
N TYR E 648 -50.38 0.29 -28.63
CA TYR E 648 -49.41 0.78 -29.61
C TYR E 648 -49.95 0.62 -31.03
N ASN E 649 -51.08 1.27 -31.28
CA ASN E 649 -51.67 1.28 -32.62
C ASN E 649 -52.29 2.63 -32.91
N HIS E 650 -52.98 2.75 -34.05
CA HIS E 650 -53.70 3.98 -34.42
C HIS E 650 -55.15 3.59 -34.66
N ILE E 651 -55.92 3.53 -33.59
CA ILE E 651 -57.32 3.16 -33.64
C ILE E 651 -58.15 4.31 -33.09
N ALA E 652 -59.20 4.70 -33.81
CA ALA E 652 -59.98 5.87 -33.47
C ALA E 652 -61.20 5.54 -32.61
N TYR E 653 -62.07 4.64 -33.08
CA TYR E 653 -63.32 4.34 -32.40
C TYR E 653 -63.32 2.88 -31.95
N ILE E 654 -63.58 2.67 -30.66
CA ILE E 654 -63.76 1.33 -30.12
C ILE E 654 -65.13 0.84 -30.57
N PRO E 655 -65.22 -0.30 -31.25
CA PRO E 655 -66.48 -0.70 -31.87
C PRO E 655 -67.55 -1.07 -30.85
N ILE E 656 -68.81 -0.98 -31.28
CA ILE E 656 -69.94 -1.40 -30.46
C ILE E 656 -69.95 -2.89 -30.19
N GLN E 657 -69.02 -3.64 -30.79
CA GLN E 657 -69.01 -5.10 -30.68
C GLN E 657 -68.34 -5.59 -29.40
N ILE E 658 -67.84 -4.69 -28.56
CA ILE E 658 -67.28 -5.11 -27.27
C ILE E 658 -68.36 -5.76 -26.41
N GLY E 659 -69.63 -5.38 -26.63
CA GLY E 659 -70.71 -6.03 -25.92
C GLY E 659 -70.81 -7.51 -26.21
N ASN E 660 -70.47 -7.92 -27.44
CA ASN E 660 -70.44 -9.34 -27.76
C ASN E 660 -69.41 -10.08 -26.92
N LEU E 661 -68.24 -9.48 -26.74
CA LEU E 661 -67.24 -10.06 -25.85
C LEU E 661 -67.74 -10.06 -24.42
N THR E 662 -67.45 -11.13 -23.69
CA THR E 662 -67.95 -11.25 -22.32
C THR E 662 -66.85 -11.56 -21.32
N ASN E 663 -65.87 -12.39 -21.68
CA ASN E 663 -64.93 -12.93 -20.73
C ASN E 663 -63.57 -12.23 -20.75
N LEU E 664 -63.53 -10.94 -21.10
CA LEU E 664 -62.29 -10.19 -21.05
C LEU E 664 -61.89 -9.93 -19.61
N GLU E 665 -60.65 -10.23 -19.28
CA GLU E 665 -60.13 -10.05 -17.92
C GLU E 665 -58.97 -9.07 -17.83
N ARG E 666 -58.33 -8.75 -18.95
CA ARG E 666 -57.19 -7.82 -18.95
C ARG E 666 -57.13 -7.16 -20.32
N LEU E 667 -57.51 -5.89 -20.39
CA LEU E 667 -57.56 -5.14 -21.63
C LEU E 667 -56.54 -4.02 -21.62
N TYR E 668 -55.79 -3.91 -22.72
CA TYR E 668 -54.80 -2.84 -22.88
C TYR E 668 -55.11 -2.09 -24.17
N LEU E 669 -55.16 -0.76 -24.08
CA LEU E 669 -55.37 0.07 -25.25
C LEU E 669 -54.45 1.30 -25.19
N ASN E 670 -53.24 1.12 -24.68
CA ASN E 670 -52.31 2.23 -24.58
C ASN E 670 -51.81 2.65 -25.95
N ARG E 671 -51.34 3.90 -26.03
CA ARG E 671 -50.67 4.44 -27.21
C ARG E 671 -51.55 4.30 -28.46
N ASN E 672 -52.70 4.98 -28.42
CA ASN E 672 -53.61 5.05 -29.56
C ASN E 672 -54.17 6.46 -29.66
N LYS E 673 -55.17 6.63 -30.51
CA LYS E 673 -55.88 7.90 -30.66
C LYS E 673 -57.37 7.62 -30.47
N ILE E 674 -57.80 7.58 -29.21
CA ILE E 674 -59.17 7.26 -28.85
C ILE E 674 -59.72 8.42 -28.02
N GLU E 675 -60.83 8.99 -28.46
CA GLU E 675 -61.42 10.13 -27.77
C GLU E 675 -62.46 9.70 -26.74
N LYS E 676 -63.29 8.72 -27.06
CA LYS E 676 -64.41 8.34 -26.21
C LYS E 676 -64.34 6.87 -25.86
N ILE E 677 -64.66 6.56 -24.61
CA ILE E 677 -64.78 5.17 -24.14
C ILE E 677 -66.25 4.77 -24.32
N PRO E 678 -66.55 3.78 -25.17
CA PRO E 678 -67.95 3.42 -25.41
C PRO E 678 -68.61 2.89 -24.15
N THR E 679 -69.92 3.13 -24.06
CA THR E 679 -70.68 2.67 -22.90
C THR E 679 -70.73 1.15 -22.84
N GLN E 680 -70.86 0.50 -23.99
CA GLN E 680 -70.94 -0.96 -24.03
C GLN E 680 -69.62 -1.65 -23.70
N LEU E 681 -68.52 -0.90 -23.60
CA LEU E 681 -67.25 -1.51 -23.20
C LEU E 681 -67.36 -2.15 -21.82
N PHE E 682 -68.18 -1.59 -20.94
CA PHE E 682 -68.32 -2.10 -19.58
C PHE E 682 -69.28 -3.28 -19.49
N TYR E 683 -69.80 -3.75 -20.62
CA TYR E 683 -70.53 -5.02 -20.61
C TYR E 683 -69.61 -6.20 -20.26
N CYS E 684 -68.30 -6.05 -20.48
CA CYS E 684 -67.32 -7.04 -20.05
C CYS E 684 -67.01 -6.75 -18.59
N ARG E 685 -67.73 -7.43 -17.69
CA ARG E 685 -67.70 -7.10 -16.28
C ARG E 685 -66.54 -7.74 -15.52
N LYS E 686 -65.73 -8.57 -16.19
CA LYS E 686 -64.65 -9.28 -15.53
C LYS E 686 -63.29 -8.65 -15.77
N LEU E 687 -63.25 -7.38 -16.18
CA LEU E 687 -61.98 -6.69 -16.36
C LEU E 687 -61.27 -6.52 -15.02
N ARG E 688 -59.95 -6.74 -15.03
CA ARG E 688 -59.14 -6.57 -13.83
C ARG E 688 -58.03 -5.56 -14.07
N TYR E 689 -57.42 -5.61 -15.25
CA TYR E 689 -56.30 -4.75 -15.60
C TYR E 689 -56.62 -3.88 -16.81
N LEU E 690 -57.81 -3.29 -16.81
CA LEU E 690 -58.16 -2.34 -17.87
C LEU E 690 -57.20 -1.17 -17.86
N ASP E 691 -56.68 -0.81 -19.03
CA ASP E 691 -55.65 0.23 -19.13
C ASP E 691 -55.83 0.98 -20.44
N LEU E 692 -56.10 2.28 -20.34
CA LEU E 692 -56.16 3.17 -21.49
C LEU E 692 -55.35 4.42 -21.13
N SER E 693 -54.05 4.39 -21.44
CA SER E 693 -53.16 5.49 -21.16
C SER E 693 -52.53 5.97 -22.46
N HIS E 694 -52.04 7.20 -22.45
CA HIS E 694 -51.47 7.85 -23.63
C HIS E 694 -52.48 7.85 -24.78
N ASN E 695 -53.68 8.34 -24.49
CA ASN E 695 -54.76 8.39 -25.45
C ASN E 695 -55.43 9.74 -25.37
N ASN E 696 -56.03 10.18 -26.48
CA ASN E 696 -56.69 11.48 -26.50
C ASN E 696 -58.09 11.39 -25.91
N LEU E 697 -58.22 10.81 -24.72
CA LEU E 697 -59.51 10.70 -24.07
C LEU E 697 -59.96 12.05 -23.52
N THR E 698 -61.26 12.21 -23.38
CA THR E 698 -61.86 13.44 -22.86
C THR E 698 -62.55 13.24 -21.51
N PHE E 699 -63.26 12.13 -21.33
CA PHE E 699 -64.02 11.90 -20.11
C PHE E 699 -63.96 10.42 -19.76
N LEU E 700 -64.15 10.13 -18.47
CA LEU E 700 -64.31 8.76 -18.01
C LEU E 700 -65.79 8.47 -17.82
N PRO E 701 -66.36 7.52 -18.54
CA PRO E 701 -67.82 7.31 -18.49
C PRO E 701 -68.28 6.90 -17.09
N ALA E 702 -69.52 7.28 -16.77
CA ALA E 702 -70.08 7.04 -15.45
C ALA E 702 -70.48 5.59 -15.21
N ASP E 703 -70.61 4.78 -16.26
CA ASP E 703 -71.00 3.39 -16.11
C ASP E 703 -69.85 2.49 -15.66
N ILE E 704 -68.73 3.08 -15.21
CA ILE E 704 -67.62 2.28 -14.72
C ILE E 704 -68.01 1.54 -13.44
N GLY E 705 -68.97 2.09 -12.68
CA GLY E 705 -69.45 1.39 -11.50
C GLY E 705 -70.07 0.05 -11.81
N LEU E 706 -70.59 -0.12 -13.02
CA LEU E 706 -71.12 -1.41 -13.44
C LEU E 706 -70.03 -2.47 -13.54
N LEU E 707 -68.76 -2.06 -13.64
CA LEU E 707 -67.63 -2.98 -13.68
C LEU E 707 -66.98 -2.95 -12.30
N GLN E 708 -67.48 -3.81 -11.41
CA GLN E 708 -67.08 -3.79 -10.01
C GLN E 708 -65.83 -4.61 -9.72
N ASN E 709 -65.35 -5.39 -10.67
CA ASN E 709 -64.21 -6.28 -10.46
C ASN E 709 -62.89 -5.67 -10.92
N LEU E 710 -62.88 -4.37 -11.23
CA LEU E 710 -61.67 -3.70 -11.66
C LEU E 710 -60.63 -3.70 -10.54
N GLN E 711 -59.36 -3.87 -10.93
CA GLN E 711 -58.26 -3.87 -9.98
C GLN E 711 -57.21 -2.84 -10.37
N ASN E 712 -56.96 -2.70 -11.66
CA ASN E 712 -55.99 -1.72 -12.17
C ASN E 712 -56.65 -0.88 -13.24
N LEU E 713 -56.37 0.42 -13.22
CA LEU E 713 -56.86 1.33 -14.25
C LEU E 713 -55.88 2.48 -14.36
N ALA E 714 -55.12 2.51 -15.45
CA ALA E 714 -54.14 3.56 -15.69
C ALA E 714 -54.68 4.48 -16.78
N VAL E 715 -54.85 5.75 -16.44
CA VAL E 715 -55.36 6.75 -17.38
C VAL E 715 -54.30 7.83 -17.54
N THR E 716 -53.03 7.43 -17.44
CA THR E 716 -51.93 8.37 -17.56
C THR E 716 -51.92 9.02 -18.93
N ALA E 717 -51.55 10.31 -18.97
CA ALA E 717 -51.42 11.07 -20.21
C ALA E 717 -52.73 11.09 -20.99
N ASN E 718 -53.75 11.69 -20.37
CA ASN E 718 -55.06 11.83 -20.98
C ASN E 718 -55.63 13.19 -20.62
N ARG E 719 -56.54 13.68 -21.47
CA ARG E 719 -57.27 14.91 -21.21
C ARG E 719 -58.46 14.61 -20.32
N ILE E 720 -58.16 14.14 -19.11
CA ILE E 720 -59.18 13.77 -18.13
C ILE E 720 -59.41 15.01 -17.27
N GLU E 721 -60.53 15.70 -17.52
CA GLU E 721 -60.83 16.93 -16.77
C GLU E 721 -61.02 16.65 -15.29
N ALA E 722 -61.79 15.61 -14.96
CA ALA E 722 -62.06 15.29 -13.56
C ALA E 722 -62.47 13.83 -13.46
N LEU E 723 -62.21 13.22 -12.31
CA LEU E 723 -62.62 11.85 -12.06
C LEU E 723 -64.11 11.81 -11.77
N PRO E 724 -64.88 10.98 -12.48
CA PRO E 724 -66.31 10.88 -12.19
C PRO E 724 -66.54 10.30 -10.81
N PRO E 725 -67.60 10.71 -10.13
CA PRO E 725 -67.89 10.13 -8.80
C PRO E 725 -68.13 8.63 -8.85
N GLU E 726 -68.64 8.13 -9.98
CA GLU E 726 -68.91 6.69 -10.10
C GLU E 726 -67.63 5.87 -10.18
N LEU E 727 -66.48 6.52 -10.37
CA LEU E 727 -65.21 5.79 -10.40
C LEU E 727 -64.94 5.09 -9.08
N PHE E 728 -65.27 5.74 -7.96
CA PHE E 728 -65.04 5.18 -6.64
C PHE E 728 -66.13 4.22 -6.20
N GLN E 729 -67.17 4.01 -7.01
CA GLN E 729 -68.14 2.98 -6.69
C GLN E 729 -67.50 1.60 -6.65
N CYS E 730 -66.48 1.37 -7.48
CA CYS E 730 -65.69 0.16 -7.37
C CYS E 730 -64.92 0.14 -6.05
N ARG E 731 -64.77 -1.05 -5.47
CA ARG E 731 -64.11 -1.20 -4.18
C ARG E 731 -62.83 -2.01 -4.24
N LYS E 732 -62.67 -2.91 -5.20
CA LYS E 732 -61.52 -3.79 -5.27
C LYS E 732 -60.38 -3.23 -6.11
N LEU E 733 -60.48 -1.96 -6.53
CA LEU E 733 -59.41 -1.35 -7.29
C LEU E 733 -58.13 -1.29 -6.47
N ARG E 734 -57.01 -1.68 -7.09
CA ARG E 734 -55.74 -1.80 -6.39
C ARG E 734 -54.74 -0.73 -6.79
N ALA E 735 -54.55 -0.51 -8.11
CA ALA E 735 -53.63 0.50 -8.59
C ALA E 735 -54.36 1.44 -9.55
N LEU E 736 -54.12 2.73 -9.39
CA LEU E 736 -54.82 3.75 -10.17
C LEU E 736 -53.80 4.80 -10.61
N HIS E 737 -53.44 4.78 -11.89
CA HIS E 737 -52.45 5.70 -12.44
C HIS E 737 -53.18 6.82 -13.17
N LEU E 738 -53.14 8.03 -12.61
CA LEU E 738 -53.74 9.22 -13.22
C LEU E 738 -52.65 10.28 -13.27
N GLY E 739 -51.83 10.24 -14.32
CA GLY E 739 -50.72 11.16 -14.43
C GLY E 739 -50.71 11.96 -15.72
N ASN E 740 -50.11 13.16 -15.67
CA ASN E 740 -50.02 14.04 -16.83
C ASN E 740 -51.41 14.34 -17.41
N ASN E 741 -52.39 14.46 -16.51
CA ASN E 741 -53.76 14.79 -16.87
C ASN E 741 -54.11 16.16 -16.29
N VAL E 742 -55.11 16.80 -16.87
CA VAL E 742 -55.58 18.10 -16.36
C VAL E 742 -56.66 17.78 -15.33
N LEU E 743 -56.20 17.48 -14.12
CA LEU E 743 -57.08 17.15 -13.00
C LEU E 743 -57.03 18.31 -12.02
N GLN E 744 -57.90 19.29 -12.24
CA GLN E 744 -57.96 20.44 -11.33
C GLN E 744 -58.43 20.01 -9.95
N SER E 745 -59.43 19.13 -9.87
CA SER E 745 -60.04 18.74 -8.62
C SER E 745 -60.04 17.24 -8.48
N LEU E 746 -59.82 16.78 -7.24
CA LEU E 746 -59.90 15.38 -6.87
C LEU E 746 -61.02 15.19 -5.85
N PRO E 747 -61.95 14.26 -6.07
CA PRO E 747 -63.04 14.08 -5.11
C PRO E 747 -62.54 13.68 -3.74
N SER E 748 -63.28 14.11 -2.72
CA SER E 748 -62.90 13.86 -1.33
C SER E 748 -63.23 12.45 -0.86
N ARG E 749 -63.90 11.65 -1.69
CA ARG E 749 -64.28 10.29 -1.32
C ARG E 749 -63.24 9.26 -1.76
N VAL E 750 -61.96 9.64 -1.81
CA VAL E 750 -60.91 8.71 -2.19
C VAL E 750 -60.76 7.60 -1.16
N GLY E 751 -61.10 7.87 0.10
CA GLY E 751 -60.88 6.89 1.16
C GLY E 751 -61.79 5.68 1.08
N GLU E 752 -62.79 5.71 0.19
CA GLU E 752 -63.71 4.59 0.08
C GLU E 752 -63.01 3.31 -0.37
N LEU E 753 -61.89 3.45 -1.08
CA LEU E 753 -61.16 2.30 -1.61
C LEU E 753 -60.11 1.86 -0.59
N THR E 754 -60.36 0.73 0.07
CA THR E 754 -59.40 0.19 1.02
C THR E 754 -58.37 -0.73 0.36
N ASN E 755 -58.63 -1.18 -0.86
CA ASN E 755 -57.71 -2.06 -1.58
C ASN E 755 -56.75 -1.30 -2.47
N LEU E 756 -56.87 0.03 -2.55
CA LEU E 756 -55.98 0.83 -3.39
C LEU E 756 -54.60 0.88 -2.74
N THR E 757 -53.59 0.38 -3.45
CA THR E 757 -52.24 0.32 -2.92
C THR E 757 -51.35 1.45 -3.47
N GLN E 758 -51.41 1.70 -4.77
CA GLN E 758 -50.55 2.69 -5.40
C GLN E 758 -51.40 3.60 -6.29
N ILE E 759 -51.24 4.91 -6.10
CA ILE E 759 -51.91 5.90 -6.92
C ILE E 759 -50.89 6.95 -7.34
N GLU E 760 -50.85 7.25 -8.63
CA GLU E 760 -49.90 8.19 -9.20
C GLU E 760 -50.67 9.41 -9.71
N LEU E 761 -50.27 10.60 -9.24
CA LEU E 761 -50.93 11.83 -9.64
C LEU E 761 -49.93 12.92 -10.04
N ARG E 762 -48.69 12.55 -10.32
CA ARG E 762 -47.67 13.52 -10.67
C ARG E 762 -47.97 14.18 -12.01
N GLY E 763 -47.76 15.49 -12.07
CA GLY E 763 -47.96 16.26 -13.29
C GLY E 763 -49.32 16.87 -13.45
N ASN E 764 -50.27 16.56 -12.57
CA ASN E 764 -51.62 17.11 -12.69
C ASN E 764 -51.67 18.54 -12.16
N ARG E 765 -52.72 19.25 -12.54
CA ARG E 765 -52.93 20.64 -12.10
C ARG E 765 -53.77 20.67 -10.82
N LEU E 766 -53.32 19.91 -9.83
CA LEU E 766 -54.00 19.84 -8.54
C LEU E 766 -53.55 20.96 -7.63
N GLU E 767 -54.52 21.63 -7.00
CA GLU E 767 -54.24 22.68 -6.03
C GLU E 767 -54.50 22.26 -4.60
N CYS E 768 -55.26 21.19 -4.38
CA CYS E 768 -55.56 20.72 -3.03
C CYS E 768 -55.78 19.21 -3.07
N LEU E 769 -55.64 18.59 -1.91
CA LEU E 769 -55.81 17.16 -1.78
C LEU E 769 -56.89 16.85 -0.75
N PRO E 770 -57.62 15.75 -0.93
CA PRO E 770 -58.67 15.40 0.04
C PRO E 770 -58.10 15.13 1.42
N VAL E 771 -58.86 15.52 2.45
CA VAL E 771 -58.48 15.21 3.82
C VAL E 771 -58.80 13.77 4.19
N GLU E 772 -59.55 13.07 3.34
CA GLU E 772 -59.87 11.66 3.56
C GLU E 772 -58.87 10.73 2.88
N LEU E 773 -57.81 11.27 2.28
CA LEU E 773 -56.84 10.43 1.60
C LEU E 773 -56.13 9.49 2.55
N GLY E 774 -55.97 9.89 3.82
CA GLY E 774 -55.27 9.06 4.78
C GLY E 774 -56.04 7.85 5.25
N GLU E 775 -57.33 7.75 4.94
CA GLU E 775 -58.14 6.61 5.36
C GLU E 775 -57.94 5.44 4.42
N CYS E 776 -56.70 5.04 4.20
CA CYS E 776 -56.39 3.91 3.34
C CYS E 776 -55.62 2.88 4.16
N PRO E 777 -56.17 1.69 4.39
CA PRO E 777 -55.46 0.69 5.21
C PRO E 777 -54.12 0.27 4.65
N LEU E 778 -53.97 0.22 3.33
CA LEU E 778 -52.75 -0.24 2.68
C LEU E 778 -52.27 0.84 1.71
N LEU E 779 -51.39 1.72 2.19
CA LEU E 779 -50.82 2.78 1.35
C LEU E 779 -49.54 3.26 2.00
N LYS E 780 -48.44 3.23 1.25
CA LYS E 780 -47.15 3.69 1.72
C LYS E 780 -46.72 4.93 0.94
N ARG E 781 -45.51 5.41 1.24
CA ARG E 781 -44.99 6.58 0.54
C ARG E 781 -44.80 6.30 -0.94
N SER E 782 -44.31 5.12 -1.29
CA SER E 782 -44.14 4.75 -2.70
C SER E 782 -45.48 4.65 -3.42
N GLY E 783 -46.57 4.39 -2.70
CA GLY E 783 -47.87 4.26 -3.34
C GLY E 783 -48.43 5.57 -3.85
N LEU E 784 -47.95 6.70 -3.34
CA LEU E 784 -48.40 8.02 -3.78
C LEU E 784 -47.24 8.71 -4.50
N VAL E 785 -47.45 9.08 -5.75
CA VAL E 785 -46.43 9.75 -6.57
C VAL E 785 -46.98 11.12 -6.91
N VAL E 786 -46.66 12.12 -6.07
CA VAL E 786 -47.08 13.50 -6.28
C VAL E 786 -45.90 14.42 -6.01
N GLU E 787 -45.97 15.61 -6.59
CA GLU E 787 -44.96 16.63 -6.33
C GLU E 787 -45.07 17.11 -4.89
N GLU E 788 -43.93 17.45 -4.31
CA GLU E 788 -43.87 17.74 -2.87
C GLU E 788 -44.57 19.04 -2.49
N ASP E 789 -44.73 19.97 -3.43
CA ASP E 789 -45.34 21.25 -3.09
C ASP E 789 -46.80 21.08 -2.67
N LEU E 790 -47.55 20.24 -3.38
CA LEU E 790 -48.94 19.98 -3.04
C LEU E 790 -49.10 18.75 -2.14
N PHE E 791 -48.01 18.09 -1.75
CA PHE E 791 -48.10 17.00 -0.80
C PHE E 791 -48.20 17.51 0.64
N SER E 792 -47.96 18.80 0.86
CA SER E 792 -47.98 19.37 2.21
C SER E 792 -49.30 20.07 2.54
N THR E 793 -50.15 20.33 1.54
CA THR E 793 -51.41 21.02 1.80
C THR E 793 -52.40 20.17 2.60
N LEU E 794 -52.24 18.85 2.59
CA LEU E 794 -53.11 17.97 3.35
C LEU E 794 -52.78 18.07 4.84
N PRO E 795 -53.72 17.68 5.70
CA PRO E 795 -53.48 17.80 7.16
C PRO E 795 -52.27 17.00 7.59
N PRO E 796 -51.51 17.51 8.55
CA PRO E 796 -50.28 16.81 8.97
C PRO E 796 -50.51 15.43 9.54
N GLU E 797 -51.68 15.17 10.13
CA GLU E 797 -51.89 13.89 10.81
C GLU E 797 -51.84 12.72 9.83
N VAL E 798 -52.51 12.83 8.68
CA VAL E 798 -52.50 11.74 7.72
C VAL E 798 -51.13 11.60 7.07
N LYS E 799 -50.43 12.72 6.86
CA LYS E 799 -49.07 12.66 6.34
C LYS E 799 -48.15 11.89 7.28
N GLU E 800 -48.25 12.19 8.58
CA GLU E 800 -47.43 11.50 9.57
C GLU E 800 -47.84 10.04 9.71
N ARG E 801 -49.11 9.74 9.54
CA ARG E 801 -49.54 8.33 9.52
C ARG E 801 -48.95 7.59 8.32
N LEU E 802 -48.93 8.25 7.16
CA LEU E 802 -48.31 7.64 5.98
C LEU E 802 -46.82 7.40 6.21
N TRP E 803 -46.14 8.37 6.82
CA TRP E 803 -44.74 8.17 7.19
C TRP E 803 -44.56 7.03 8.19
N ARG E 804 -45.48 6.90 9.15
CA ARG E 804 -45.42 5.80 10.11
C ARG E 804 -45.58 4.45 9.42
N ALA E 805 -46.43 4.40 8.38
CA ALA E 805 -46.60 3.16 7.65
C ALA E 805 -45.37 2.77 6.84
N ASP E 806 -44.40 3.67 6.70
CA ASP E 806 -43.20 3.42 5.90
C ASP E 806 -42.06 2.82 6.71
N LYS E 807 -42.26 2.54 7.99
CA LYS E 807 -41.17 2.00 8.81
C LYS E 807 -40.72 0.64 8.31
N GLU E 808 -41.66 -0.23 7.98
CA GLU E 808 -41.33 -1.55 7.45
C GLU E 808 -42.54 -2.19 6.78
N PRO F 15 20.57 9.53 -23.86
CA PRO F 15 21.50 8.83 -24.76
C PRO F 15 20.84 8.40 -26.07
N ALA F 16 19.67 8.95 -26.35
CA ALA F 16 18.90 8.58 -27.54
C ALA F 16 19.21 9.53 -28.70
N TYR F 17 20.49 9.59 -29.06
CA TYR F 17 20.94 10.37 -30.20
C TYR F 17 21.02 9.54 -31.48
N ARG F 18 20.92 8.21 -31.38
CA ARG F 18 21.07 7.34 -32.54
C ARG F 18 19.86 7.36 -33.46
N ILE F 19 18.70 7.82 -32.98
CA ILE F 19 17.50 7.82 -33.80
C ILE F 19 17.63 8.81 -34.95
N LEU F 20 18.36 9.89 -34.75
CA LEU F 20 18.54 10.90 -35.79
C LEU F 20 19.71 10.58 -36.72
N LYS F 21 20.37 9.45 -36.54
CA LYS F 21 21.46 9.05 -37.43
C LYS F 21 20.97 7.95 -38.33
N PRO F 22 20.70 8.21 -39.61
CA PRO F 22 20.28 7.14 -40.51
C PRO F 22 21.42 6.16 -40.80
N TRP F 23 21.17 5.18 -41.67
CA TRP F 23 22.21 4.20 -41.97
C TRP F 23 23.41 4.83 -42.65
N TRP F 24 23.17 5.84 -43.51
CA TRP F 24 24.29 6.47 -44.21
C TRP F 24 25.19 7.24 -43.25
N ASP F 25 24.62 7.86 -42.23
CA ASP F 25 25.46 8.53 -41.23
C ASP F 25 26.31 7.54 -40.46
N VAL F 26 25.76 6.38 -40.12
CA VAL F 26 26.54 5.35 -39.45
C VAL F 26 27.66 4.86 -40.35
N PHE F 27 27.37 4.64 -41.63
CA PHE F 27 28.40 4.19 -42.55
C PHE F 27 29.49 5.25 -42.71
N THR F 28 29.12 6.52 -42.79
CA THR F 28 30.13 7.57 -42.90
C THR F 28 30.95 7.67 -41.62
N ASP F 29 30.35 7.44 -40.46
CA ASP F 29 31.11 7.44 -39.22
C ASP F 29 32.13 6.31 -39.21
N TYR F 30 31.72 5.11 -39.66
CA TYR F 30 32.67 3.99 -39.70
C TYR F 30 33.76 4.22 -40.72
N ILE F 31 33.42 4.79 -41.88
CA ILE F 31 34.43 5.09 -42.89
C ILE F 31 35.39 6.15 -42.37
N SER F 32 34.88 7.13 -41.62
CA SER F 32 35.75 8.13 -41.01
C SER F 32 36.68 7.50 -39.99
N ILE F 33 36.18 6.53 -39.21
CA ILE F 33 37.04 5.84 -38.26
C ILE F 33 38.15 5.10 -38.98
N VAL F 34 37.82 4.41 -40.08
CA VAL F 34 38.84 3.67 -40.82
C VAL F 34 39.85 4.63 -41.45
N MET F 35 39.38 5.76 -41.99
CA MET F 35 40.28 6.75 -42.55
C MET F 35 41.18 7.34 -41.49
N LEU F 36 40.65 7.55 -40.28
CA LEU F 36 41.47 8.03 -39.18
C LEU F 36 42.52 7.01 -38.79
N MET F 37 42.14 5.72 -38.79
CA MET F 37 43.11 4.67 -38.48
C MET F 37 44.24 4.64 -39.50
N ILE F 38 43.90 4.72 -40.79
CA ILE F 38 44.98 4.70 -41.78
C ILE F 38 45.78 6.00 -41.73
N ALA F 39 45.14 7.11 -41.34
CA ALA F 39 45.89 8.35 -41.14
C ALA F 39 46.91 8.21 -40.03
N VAL F 40 46.50 7.61 -38.90
CA VAL F 40 47.43 7.40 -37.79
C VAL F 40 48.54 6.45 -38.18
N PHE F 41 48.20 5.39 -38.91
CA PHE F 41 49.21 4.43 -39.36
C PHE F 41 50.24 5.11 -40.28
N GLY F 42 49.76 5.80 -41.30
CA GLY F 42 50.68 6.51 -42.19
C GLY F 42 51.47 7.58 -41.49
N GLY F 43 50.85 8.27 -40.54
CA GLY F 43 51.55 9.33 -39.81
C GLY F 43 52.66 8.79 -38.93
N THR F 44 52.39 7.70 -38.20
CA THR F 44 53.44 7.14 -37.36
C THR F 44 54.54 6.51 -38.21
N LEU F 45 54.20 5.97 -39.39
CA LEU F 45 55.24 5.49 -40.28
C LEU F 45 56.08 6.63 -40.85
N GLN F 46 55.45 7.74 -41.22
CA GLN F 46 56.17 8.86 -41.80
C GLN F 46 56.95 9.63 -40.74
N VAL F 47 56.58 9.45 -39.47
CA VAL F 47 57.35 10.08 -38.39
C VAL F 47 58.53 9.19 -38.00
N THR F 48 58.27 7.91 -37.76
CA THR F 48 59.32 7.02 -37.28
C THR F 48 60.33 6.71 -38.38
N GLN F 49 59.87 6.43 -39.59
CA GLN F 49 60.74 6.00 -40.68
C GLN F 49 60.34 6.73 -41.96
N ASP F 50 60.97 7.88 -42.21
CA ASP F 50 60.72 8.66 -43.42
C ASP F 50 62.00 8.88 -44.20
N LYS F 51 63.01 8.04 -43.98
CA LYS F 51 64.31 8.27 -44.59
C LYS F 51 64.25 8.18 -46.11
N MET F 52 65.06 9.00 -46.76
CA MET F 52 65.39 8.83 -48.16
C MET F 52 66.84 8.39 -48.26
N ILE F 53 67.09 7.43 -49.15
CA ILE F 53 68.44 6.88 -49.33
C ILE F 53 68.92 7.37 -50.69
N CYS F 54 69.81 8.36 -50.68
CA CYS F 54 70.25 9.03 -51.89
C CYS F 54 71.71 8.71 -52.17
N LEU F 55 71.99 8.24 -53.39
CA LEU F 55 73.35 8.02 -53.86
C LEU F 55 73.65 9.01 -54.98
N PRO F 56 74.83 9.62 -54.98
CA PRO F 56 75.17 10.57 -56.04
C PRO F 56 75.39 9.89 -57.38
N CYS F 57 75.19 10.67 -58.44
CA CYS F 57 75.43 10.23 -59.80
C CYS F 57 76.71 10.87 -60.32
N LYS F 58 77.65 10.03 -60.78
CA LYS F 58 78.92 10.54 -61.26
C LYS F 58 78.83 11.00 -62.71
N TRP F 59 78.20 10.20 -63.55
CA TRP F 59 77.99 10.53 -64.95
C TRP F 59 76.54 10.97 -65.13
N VAL F 60 76.34 12.27 -65.35
CA VAL F 60 75.01 12.87 -65.36
C VAL F 60 74.71 13.40 -66.74
N THR F 61 73.55 13.03 -67.28
CA THR F 61 73.03 13.60 -68.52
C THR F 61 71.57 13.99 -68.30
N LYS F 62 71.25 15.24 -68.62
CA LYS F 62 69.88 15.76 -68.50
C LYS F 62 69.36 15.62 -67.06
N ASP F 63 70.21 15.98 -66.09
CA ASP F 63 69.85 15.98 -64.67
C ASP F 63 69.36 14.60 -64.21
N SER F 64 70.08 13.56 -64.63
CA SER F 64 69.76 12.21 -64.21
C SER F 64 70.99 11.33 -64.38
N CYS F 65 70.99 10.20 -63.69
CA CYS F 65 72.05 9.22 -63.85
C CYS F 65 72.07 8.71 -65.29
N ASN F 66 73.26 8.66 -65.88
CA ASN F 66 73.39 8.20 -67.26
C ASN F 66 73.42 6.69 -67.39
N ASP F 67 73.63 5.96 -66.29
CA ASP F 67 73.65 4.50 -66.30
C ASP F 67 74.66 3.95 -67.30
N SER F 68 75.85 4.55 -67.33
CA SER F 68 76.91 4.09 -68.21
C SER F 68 78.27 4.24 -67.53
N THR F 92 89.74 -6.90 -63.87
CA THR F 92 89.41 -8.21 -63.33
C THR F 92 87.91 -8.28 -63.01
N GLY F 93 87.59 -8.53 -61.75
CA GLY F 93 86.22 -8.61 -61.32
C GLY F 93 85.65 -7.25 -61.00
N PRO F 94 84.33 -7.20 -60.83
CA PRO F 94 83.68 -5.93 -60.49
C PRO F 94 84.10 -5.43 -59.12
N THR F 95 84.10 -4.11 -58.98
CA THR F 95 84.46 -3.48 -57.71
C THR F 95 83.52 -2.31 -57.47
N GLY F 96 83.34 -1.99 -56.19
CA GLY F 96 82.50 -0.87 -55.85
C GLY F 96 83.13 0.45 -56.24
N ILE F 97 82.28 1.45 -56.45
CA ILE F 97 82.74 2.79 -56.82
C ILE F 97 82.75 3.66 -55.56
N LYS F 98 83.86 4.35 -55.34
CA LYS F 98 84.02 5.19 -54.16
C LYS F 98 83.57 6.61 -54.47
N TYR F 99 82.70 7.15 -53.63
CA TYR F 99 82.25 8.52 -53.76
C TYR F 99 83.03 9.48 -52.87
N ASP F 100 83.82 8.97 -51.93
CA ASP F 100 84.57 9.80 -50.98
C ASP F 100 83.66 10.74 -50.21
N LEU F 101 82.52 10.20 -49.76
CA LEU F 101 81.54 10.95 -48.99
C LEU F 101 81.47 10.39 -47.58
N ASP F 102 81.46 11.28 -46.59
CA ASP F 102 81.26 10.88 -45.21
C ASP F 102 79.81 10.46 -45.00
N ARG F 103 79.56 9.82 -43.85
CA ARG F 103 78.19 9.45 -43.51
C ARG F 103 77.32 10.68 -43.32
N HIS F 104 77.87 11.75 -42.77
CA HIS F 104 77.09 12.97 -42.56
C HIS F 104 76.82 13.72 -43.85
N GLN F 105 77.72 13.64 -44.83
CA GLN F 105 77.40 14.19 -46.14
C GLN F 105 76.24 13.43 -46.78
N TYR F 106 76.23 12.11 -46.63
CA TYR F 106 75.09 11.32 -47.09
C TYR F 106 73.81 11.72 -46.38
N ASN F 107 73.88 11.91 -45.05
CA ASN F 107 72.70 12.32 -44.30
C ASN F 107 72.20 13.69 -44.76
N TYR F 108 73.12 14.62 -45.00
CA TYR F 108 72.73 15.95 -45.47
C TYR F 108 72.08 15.88 -46.85
N VAL F 109 72.65 15.07 -47.74
CA VAL F 109 72.05 14.90 -49.07
C VAL F 109 70.65 14.31 -48.95
N ASP F 110 70.49 13.30 -48.09
CA ASP F 110 69.18 12.71 -47.88
C ASP F 110 68.18 13.73 -47.36
N ALA F 111 68.61 14.53 -46.38
CA ALA F 111 67.71 15.54 -45.82
C ALA F 111 67.32 16.58 -46.87
N VAL F 112 68.28 17.03 -47.66
CA VAL F 112 68.00 18.09 -48.64
C VAL F 112 67.12 17.56 -49.76
N CYS F 113 67.36 16.33 -50.21
CA CYS F 113 66.53 15.78 -51.28
C CYS F 113 65.15 15.36 -50.78
N TYR F 114 65.04 15.01 -49.49
CA TYR F 114 63.72 14.81 -48.89
C TYR F 114 62.96 16.13 -48.81
N GLU F 115 63.65 17.21 -48.43
CA GLU F 115 62.99 18.50 -48.28
C GLU F 115 62.57 19.10 -49.62
N ASN F 116 63.45 19.05 -50.62
CA ASN F 116 63.24 19.82 -51.83
C ASN F 116 62.65 19.00 -52.97
N ARG F 117 63.16 17.79 -53.22
CA ARG F 117 62.83 17.07 -54.43
C ARG F 117 61.97 15.83 -54.17
N LEU F 118 61.37 15.73 -52.99
CA LEU F 118 60.36 14.72 -52.72
C LEU F 118 58.99 15.39 -52.77
N HIS F 119 58.08 14.82 -53.56
CA HIS F 119 56.80 15.46 -53.79
C HIS F 119 56.05 15.65 -52.48
N TRP F 120 55.45 16.84 -52.32
CA TRP F 120 54.78 17.18 -51.06
C TRP F 120 53.69 16.18 -50.71
N PHE F 121 53.06 15.57 -51.71
CA PHE F 121 52.01 14.60 -51.44
C PHE F 121 52.59 13.38 -50.73
N ALA F 122 53.72 12.87 -51.21
CA ALA F 122 54.34 11.70 -50.60
C ALA F 122 54.79 11.98 -49.17
N LYS F 123 55.00 13.23 -48.80
CA LYS F 123 55.43 13.59 -47.46
C LYS F 123 54.26 13.87 -46.53
N TYR F 124 53.19 14.50 -47.03
CA TYR F 124 52.10 14.97 -46.20
C TYR F 124 50.80 14.24 -46.45
N PHE F 125 50.85 13.07 -47.10
CA PHE F 125 49.64 12.28 -47.29
C PHE F 125 48.93 11.93 -45.99
N PRO F 126 49.60 11.40 -44.95
CA PRO F 126 48.87 11.10 -43.71
C PRO F 126 48.27 12.33 -43.06
N TYR F 127 48.96 13.47 -43.13
CA TYR F 127 48.44 14.69 -42.50
C TYR F 127 47.24 15.24 -43.27
N LEU F 128 47.29 15.17 -44.61
CA LEU F 128 46.13 15.56 -45.39
C LEU F 128 44.95 14.64 -45.12
N VAL F 129 45.21 13.34 -44.97
CA VAL F 129 44.14 12.40 -44.65
C VAL F 129 43.53 12.73 -43.30
N LEU F 130 44.37 13.03 -42.31
CA LEU F 130 43.86 13.40 -40.98
C LEU F 130 43.02 14.67 -41.06
N LEU F 131 43.50 15.69 -41.79
CA LEU F 131 42.75 16.92 -41.91
C LEU F 131 41.41 16.70 -42.59
N HIS F 132 41.39 15.94 -43.68
CA HIS F 132 40.15 15.69 -44.41
C HIS F 132 39.17 14.89 -43.57
N THR F 133 39.66 13.90 -42.83
CA THR F 133 38.77 13.12 -41.97
C THR F 133 38.21 13.96 -40.84
N LEU F 134 39.03 14.84 -40.26
CA LEU F 134 38.52 15.74 -39.22
C LEU F 134 37.45 16.68 -39.78
N ILE F 135 37.66 17.18 -41.00
CA ILE F 135 36.66 18.05 -41.60
C ILE F 135 35.38 17.28 -41.90
N PHE F 136 35.51 16.03 -42.35
CA PHE F 136 34.33 15.20 -42.59
C PHE F 136 33.55 14.98 -41.30
N LEU F 137 34.25 14.66 -40.21
CA LEU F 137 33.57 14.46 -38.93
C LEU F 137 32.92 15.75 -38.44
N ALA F 138 33.60 16.88 -38.61
CA ALA F 138 33.03 18.17 -38.22
C ALA F 138 31.77 18.48 -39.01
N CYS F 139 31.80 18.24 -40.32
CA CYS F 139 30.60 18.47 -41.13
C CYS F 139 29.49 17.51 -40.74
N SER F 140 29.84 16.29 -40.32
CA SER F 140 28.81 15.33 -39.93
C SER F 140 28.15 15.71 -38.62
N ASN F 141 28.92 16.21 -37.65
CA ASN F 141 28.41 16.46 -36.31
C ASN F 141 28.16 17.93 -36.01
N PHE F 142 28.29 18.80 -37.02
CA PHE F 142 28.08 20.22 -36.79
C PHE F 142 26.66 20.52 -36.30
N TRP F 143 25.66 19.93 -36.95
CA TRP F 143 24.29 20.18 -36.54
C TRP F 143 23.98 19.63 -35.16
N PHE F 144 24.62 18.53 -34.77
CA PHE F 144 24.49 18.06 -33.39
C PHE F 144 25.12 19.05 -32.42
N LYS F 145 26.26 19.63 -32.79
CA LYS F 145 26.98 20.52 -31.88
C LYS F 145 26.56 21.98 -31.99
N PHE F 146 25.90 22.37 -33.08
CA PHE F 146 25.44 23.75 -33.22
C PHE F 146 24.27 23.97 -32.28
N PRO F 147 24.35 24.89 -31.33
CA PRO F 147 23.26 25.03 -30.35
C PRO F 147 21.92 25.37 -30.95
N ARG F 148 21.91 26.16 -32.03
CA ARG F 148 20.64 26.57 -32.63
C ARG F 148 19.83 25.37 -33.12
N THR F 149 20.51 24.39 -33.73
CA THR F 149 19.83 23.17 -34.15
C THR F 149 19.90 22.06 -33.11
N SER F 150 20.88 22.10 -32.21
CA SER F 150 20.93 21.12 -31.14
C SER F 150 19.72 21.25 -30.21
N SER F 151 19.31 22.48 -29.92
CA SER F 151 18.14 22.68 -29.08
C SER F 151 16.89 22.10 -29.73
N LYS F 152 16.69 22.36 -31.02
CA LYS F 152 15.53 21.81 -31.71
C LYS F 152 15.59 20.29 -31.76
N LEU F 153 16.77 19.73 -32.00
CA LEU F 153 16.91 18.28 -32.05
C LEU F 153 16.60 17.64 -30.71
N GLU F 154 17.11 18.21 -29.62
CA GLU F 154 16.85 17.63 -28.31
C GLU F 154 15.38 17.78 -27.92
N HIS F 155 14.77 18.91 -28.28
CA HIS F 155 13.34 19.08 -28.02
C HIS F 155 12.53 18.06 -28.79
N PHE F 156 12.85 17.84 -30.06
CA PHE F 156 12.14 16.87 -30.87
C PHE F 156 12.33 15.46 -30.33
N VAL F 157 13.55 15.11 -29.91
CA VAL F 157 13.78 13.78 -29.37
C VAL F 157 13.01 13.58 -28.07
N SER F 158 12.99 14.60 -27.20
CA SER F 158 12.26 14.49 -25.95
C SER F 158 10.76 14.30 -26.21
N ILE F 159 10.20 15.10 -27.11
CA ILE F 159 8.77 14.99 -27.40
C ILE F 159 8.45 13.64 -28.04
N LEU F 160 9.30 13.20 -28.97
CA LEU F 160 9.08 11.91 -29.64
C LEU F 160 9.16 10.76 -28.66
N LEU F 161 10.11 10.81 -27.73
CA LEU F 161 10.22 9.74 -26.74
C LEU F 161 9.07 9.78 -25.74
N LYS F 162 8.58 10.96 -25.40
CA LYS F 162 7.39 11.05 -24.56
C LYS F 162 6.18 10.45 -25.26
N CYS F 163 6.02 10.73 -26.55
CA CYS F 163 4.92 10.14 -27.30
C CYS F 163 5.12 8.65 -27.52
N PHE F 164 6.36 8.17 -27.48
CA PHE F 164 6.61 6.75 -27.70
C PHE F 164 6.19 5.90 -26.51
N ASP F 165 6.51 6.36 -25.29
CA ASP F 165 6.21 5.61 -24.09
C ASP F 165 4.93 6.08 -23.40
N SER F 166 4.03 6.73 -24.15
CA SER F 166 2.77 7.18 -23.59
C SER F 166 1.76 6.04 -23.63
N PRO F 167 1.19 5.63 -22.50
CA PRO F 167 0.21 4.54 -22.53
C PRO F 167 -1.02 4.86 -23.36
N TRP F 168 -1.36 6.14 -23.49
CA TRP F 168 -2.49 6.52 -24.32
C TRP F 168 -2.24 6.18 -25.79
N THR F 169 -0.98 6.22 -26.23
CA THR F 169 -0.67 5.76 -27.58
C THR F 169 -0.95 4.28 -27.75
N THR F 170 -0.58 3.48 -26.74
CA THR F 170 -0.88 2.05 -26.79
C THR F 170 -2.39 1.81 -26.85
N ARG F 171 -3.14 2.55 -26.04
CA ARG F 171 -4.59 2.39 -26.07
C ARG F 171 -5.18 2.83 -27.40
N ALA F 172 -4.68 3.93 -27.97
CA ALA F 172 -5.19 4.39 -29.25
C ALA F 172 -4.89 3.41 -30.37
N LEU F 173 -3.69 2.81 -30.35
CA LEU F 173 -3.36 1.84 -31.39
C LEU F 173 -4.07 0.51 -31.18
N SER F 174 -4.44 0.18 -29.94
CA SER F 174 -5.18 -1.04 -29.66
C SER F 174 -6.69 -0.85 -29.68
N GLU F 175 -7.16 0.37 -29.93
CA GLU F 175 -8.60 0.59 -30.05
C GLU F 175 -9.19 -0.18 -31.21
N THR F 176 -8.49 -0.21 -32.34
CA THR F 176 -8.93 -0.93 -33.54
C THR F 176 -10.29 -0.43 -34.03
N GLY F 230 -12.04 -2.24 -17.38
CA GLY F 230 -11.64 -1.30 -18.40
C GLY F 230 -11.76 0.15 -17.99
N VAL F 231 -10.88 0.59 -17.09
CA VAL F 231 -10.89 1.94 -16.58
C VAL F 231 -9.47 2.51 -16.68
N LEU F 232 -9.38 3.83 -16.73
CA LEU F 232 -8.11 4.54 -16.84
C LEU F 232 -7.87 5.40 -15.61
N ASP F 233 -6.59 5.55 -15.27
CA ASP F 233 -6.20 6.34 -14.11
C ASP F 233 -6.48 7.82 -14.37
N LYS F 234 -6.83 8.54 -13.30
CA LYS F 234 -7.09 9.96 -13.41
C LYS F 234 -5.84 10.73 -13.83
N LYS F 235 -4.69 10.35 -13.27
CA LYS F 235 -3.45 11.06 -13.59
C LYS F 235 -3.00 10.79 -15.03
N GLU F 236 -3.29 9.61 -15.56
CA GLU F 236 -2.88 9.29 -16.92
C GLU F 236 -3.56 10.19 -17.94
N GLY F 237 -4.84 10.48 -17.75
CA GLY F 237 -5.54 11.38 -18.65
C GLY F 237 -4.99 12.79 -18.62
N GLU F 238 -4.68 13.29 -17.43
CA GLU F 238 -4.07 14.61 -17.32
C GLU F 238 -2.69 14.64 -17.97
N GLN F 239 -1.91 13.57 -17.79
CA GLN F 239 -0.61 13.51 -18.44
C GLN F 239 -0.75 13.48 -19.96
N ALA F 240 -1.73 12.75 -20.47
CA ALA F 240 -1.95 12.71 -21.92
C ALA F 240 -2.39 14.07 -22.46
N LYS F 241 -3.24 14.78 -21.71
CA LYS F 241 -3.64 16.12 -22.13
C LYS F 241 -2.44 17.07 -22.14
N ALA F 242 -1.59 16.98 -21.10
CA ALA F 242 -0.40 17.81 -21.06
C ALA F 242 0.53 17.47 -22.22
N LEU F 243 0.62 16.19 -22.57
CA LEU F 243 1.43 15.78 -23.71
C LEU F 243 0.88 16.32 -25.03
N PHE F 244 -0.45 16.31 -25.19
CA PHE F 244 -1.05 16.91 -26.38
C PHE F 244 -0.72 18.39 -26.47
N GLU F 245 -0.84 19.10 -25.35
CA GLU F 245 -0.51 20.52 -25.36
C GLU F 245 0.97 20.75 -25.65
N LYS F 246 1.83 19.90 -25.09
CA LYS F 246 3.27 19.99 -25.35
C LYS F 246 3.56 19.78 -26.83
N VAL F 247 2.89 18.81 -27.45
CA VAL F 247 3.09 18.55 -28.88
C VAL F 247 2.61 19.73 -29.70
N LYS F 248 1.48 20.33 -29.33
CA LYS F 248 1.00 21.50 -30.07
C LYS F 248 1.98 22.67 -29.96
N LYS F 249 2.49 22.92 -28.76
CA LYS F 249 3.46 24.00 -28.58
C LYS F 249 4.75 23.72 -29.35
N PHE F 250 5.23 22.47 -29.31
CA PHE F 250 6.42 22.09 -30.05
C PHE F 250 6.21 22.28 -31.55
N ARG F 251 5.04 21.90 -32.04
CA ARG F 251 4.74 22.04 -33.46
C ARG F 251 4.70 23.51 -33.87
N THR F 252 4.07 24.36 -33.06
CA THR F 252 4.00 25.77 -33.43
C THR F 252 5.33 26.48 -33.22
N HIS F 253 6.23 25.92 -32.41
CA HIS F 253 7.54 26.53 -32.20
C HIS F 253 8.54 26.10 -33.28
N VAL F 254 8.44 24.85 -33.74
CA VAL F 254 9.47 24.29 -34.61
C VAL F 254 9.16 24.45 -36.09
N GLU F 255 7.90 24.27 -36.49
CA GLU F 255 7.54 24.25 -37.91
C GLU F 255 7.84 25.56 -38.63
N GLU F 256 8.01 26.67 -37.92
CA GLU F 256 8.28 27.95 -38.55
C GLU F 256 9.76 28.26 -38.70
N GLY F 257 10.64 27.38 -38.23
CA GLY F 257 12.07 27.66 -38.24
C GLY F 257 12.78 27.40 -39.55
N ASP F 258 12.75 26.14 -40.00
CA ASP F 258 13.45 25.70 -41.21
C ASP F 258 14.95 25.99 -41.11
N ILE F 259 15.56 25.45 -40.06
CA ILE F 259 16.99 25.58 -39.83
C ILE F 259 17.69 24.23 -39.82
N VAL F 260 17.08 23.20 -39.24
CA VAL F 260 17.69 21.88 -39.20
C VAL F 260 17.83 21.34 -40.62
N TYR F 261 16.78 21.46 -41.43
CA TYR F 261 16.84 20.97 -42.81
C TYR F 261 17.88 21.74 -43.61
N ARG F 262 17.91 23.07 -43.47
CA ARG F 262 18.87 23.86 -44.22
C ARG F 262 20.29 23.53 -43.80
N LEU F 263 20.54 23.40 -42.50
CA LEU F 263 21.88 23.08 -42.03
C LEU F 263 22.32 21.69 -42.48
N TYR F 264 21.42 20.71 -42.42
CA TYR F 264 21.75 19.37 -42.88
C TYR F 264 22.04 19.35 -44.37
N MET F 265 21.23 20.07 -45.16
CA MET F 265 21.48 20.19 -46.59
C MET F 265 22.84 20.83 -46.87
N ARG F 266 23.14 21.90 -46.14
CA ARG F 266 24.41 22.59 -46.35
C ARG F 266 25.60 21.69 -46.00
N GLN F 267 25.50 20.96 -44.89
CA GLN F 267 26.63 20.11 -44.51
C GLN F 267 26.78 18.92 -45.46
N THR F 268 25.67 18.39 -45.98
CA THR F 268 25.78 17.33 -46.97
C THR F 268 26.38 17.85 -48.27
N ILE F 269 26.01 19.07 -48.69
CA ILE F 269 26.60 19.64 -49.90
C ILE F 269 28.08 19.90 -49.71
N ILE F 270 28.46 20.37 -48.50
CA ILE F 270 29.88 20.55 -48.21
C ILE F 270 30.62 19.23 -48.29
N LYS F 271 30.04 18.17 -47.72
CA LYS F 271 30.65 16.85 -47.82
C LYS F 271 30.83 16.43 -49.27
N VAL F 272 29.80 16.64 -50.10
CA VAL F 272 29.88 16.21 -51.49
C VAL F 272 30.96 16.98 -52.25
N ILE F 273 30.99 18.31 -52.10
CA ILE F 273 31.97 19.09 -52.84
C ILE F 273 33.38 18.81 -52.34
N LYS F 274 33.54 18.60 -51.03
CA LYS F 274 34.86 18.25 -50.51
C LYS F 274 35.29 16.90 -51.02
N PHE F 275 34.38 15.93 -51.11
CA PHE F 275 34.71 14.63 -51.66
C PHE F 275 35.14 14.76 -53.11
N ALA F 276 34.44 15.57 -53.89
CA ALA F 276 34.82 15.77 -55.28
C ALA F 276 36.22 16.35 -55.39
N LEU F 277 36.50 17.42 -54.64
CA LEU F 277 37.80 18.06 -54.71
C LEU F 277 38.91 17.13 -54.25
N ILE F 278 38.68 16.40 -53.15
CA ILE F 278 39.71 15.54 -52.62
C ILE F 278 39.97 14.37 -53.56
N ILE F 279 38.93 13.80 -54.16
CA ILE F 279 39.14 12.70 -55.08
C ILE F 279 39.89 13.19 -56.31
N CYS F 280 39.56 14.39 -56.82
CA CYS F 280 40.25 14.91 -57.98
C CYS F 280 41.73 15.08 -57.70
N TYR F 281 42.07 15.82 -56.64
CA TYR F 281 43.48 16.11 -56.40
C TYR F 281 44.26 14.88 -55.94
N THR F 282 43.63 13.98 -55.17
CA THR F 282 44.33 12.79 -54.74
C THR F 282 44.61 11.84 -55.90
N VAL F 283 43.63 11.66 -56.78
CA VAL F 283 43.88 10.83 -57.96
C VAL F 283 44.93 11.46 -58.86
N TYR F 284 44.93 12.79 -58.94
CA TYR F 284 45.92 13.46 -59.77
C TYR F 284 47.33 13.30 -59.22
N TYR F 285 47.49 13.38 -57.90
CA TYR F 285 48.81 13.38 -57.28
C TYR F 285 49.26 12.03 -56.73
N VAL F 286 48.43 10.99 -56.85
CA VAL F 286 48.85 9.68 -56.34
C VAL F 286 49.97 9.08 -57.18
N HIS F 287 50.14 9.54 -58.42
CA HIS F 287 51.18 8.99 -59.28
C HIS F 287 52.54 9.63 -59.02
N ASN F 288 52.63 10.60 -58.12
CA ASN F 288 53.89 11.23 -57.76
C ASN F 288 54.59 10.54 -56.61
N ILE F 289 54.01 9.45 -56.08
CA ILE F 289 54.65 8.68 -55.00
C ILE F 289 55.42 7.55 -55.67
N LYS F 290 56.68 7.80 -55.97
CA LYS F 290 57.55 6.85 -56.65
C LYS F 290 58.66 6.39 -55.71
N PHE F 291 59.10 5.14 -55.90
CA PHE F 291 60.17 4.61 -55.08
C PHE F 291 61.48 5.34 -55.32
N ASP F 292 61.87 5.47 -56.58
CA ASP F 292 63.12 6.10 -56.95
C ASP F 292 62.88 7.48 -57.53
N VAL F 293 63.58 8.47 -56.99
CA VAL F 293 63.48 9.86 -57.44
C VAL F 293 64.89 10.36 -57.76
N ASP F 294 64.94 11.38 -58.61
CA ASP F 294 66.20 12.03 -58.96
C ASP F 294 66.15 13.46 -58.43
N CYS F 295 67.15 13.83 -57.63
CA CYS F 295 67.21 15.16 -57.06
C CYS F 295 68.48 15.85 -57.54
N THR F 296 68.33 17.06 -58.06
CA THR F 296 69.45 17.94 -58.39
C THR F 296 69.29 19.16 -57.50
N VAL F 297 69.84 19.09 -56.30
CA VAL F 297 69.51 20.03 -55.23
C VAL F 297 70.51 21.17 -55.12
N ASP F 298 71.55 21.19 -55.97
CA ASP F 298 72.51 22.29 -56.02
C ASP F 298 73.23 22.48 -54.68
N ILE F 299 73.90 21.41 -54.23
CA ILE F 299 74.82 21.47 -53.10
C ILE F 299 76.13 20.84 -53.59
N GLU F 300 77.03 21.68 -54.10
CA GLU F 300 78.32 21.20 -54.58
C GLU F 300 79.48 21.65 -53.71
N SER F 301 79.39 22.84 -53.10
CA SER F 301 80.42 23.26 -52.16
C SER F 301 80.41 22.45 -50.88
N LEU F 302 79.36 21.65 -50.65
CA LEU F 302 79.23 20.82 -49.47
C LEU F 302 79.53 19.36 -49.73
N THR F 303 79.02 18.79 -50.82
CA THR F 303 79.20 17.38 -51.13
C THR F 303 80.02 17.11 -52.37
N GLY F 304 80.16 18.09 -53.27
CA GLY F 304 80.93 17.90 -54.48
C GLY F 304 80.17 17.27 -55.63
N TYR F 305 78.89 16.97 -55.45
CA TYR F 305 78.08 16.33 -56.47
C TYR F 305 76.89 17.20 -56.84
N ARG F 306 76.48 17.10 -58.10
CA ARG F 306 75.41 17.93 -58.63
C ARG F 306 74.04 17.26 -58.48
N THR F 307 73.92 16.02 -58.95
CA THR F 307 72.66 15.30 -58.94
C THR F 307 72.81 14.00 -58.15
N TYR F 308 71.69 13.52 -57.62
CA TYR F 308 71.66 12.30 -56.83
C TYR F 308 70.50 11.43 -57.24
N ARG F 309 70.69 10.11 -57.17
CA ARG F 309 69.64 9.13 -57.42
C ARG F 309 69.16 8.64 -56.06
N CYS F 310 67.91 8.94 -55.72
CA CYS F 310 67.41 8.66 -54.38
C CYS F 310 66.51 7.43 -54.44
N ALA F 311 66.20 6.91 -53.26
CA ALA F 311 65.22 5.84 -53.10
C ALA F 311 64.36 6.14 -51.90
N HIS F 312 63.05 5.98 -52.07
CA HIS F 312 62.07 6.20 -51.01
C HIS F 312 61.50 4.84 -50.64
N PRO F 313 62.09 4.14 -49.66
CA PRO F 313 61.66 2.77 -49.38
C PRO F 313 60.22 2.66 -48.92
N LEU F 314 59.62 3.75 -48.43
CA LEU F 314 58.25 3.75 -47.96
C LEU F 314 57.27 4.20 -49.04
N ALA F 315 57.72 4.30 -50.29
CA ALA F 315 56.86 4.86 -51.34
C ALA F 315 55.78 3.87 -51.75
N THR F 316 56.08 2.57 -51.78
CA THR F 316 55.07 1.60 -52.19
C THR F 316 54.00 1.43 -51.10
N LEU F 317 54.41 1.45 -49.84
CA LEU F 317 53.45 1.39 -48.76
C LEU F 317 52.54 2.61 -48.76
N PHE F 318 53.11 3.79 -48.97
CA PHE F 318 52.28 4.99 -49.08
C PHE F 318 51.41 4.95 -50.33
N LYS F 319 51.87 4.30 -51.39
CA LYS F 319 51.06 4.17 -52.59
C LYS F 319 49.83 3.31 -52.33
N ILE F 320 50.01 2.18 -51.66
CA ILE F 320 48.84 1.33 -51.36
C ILE F 320 47.95 2.00 -50.32
N LEU F 321 48.53 2.74 -49.37
CA LEU F 321 47.71 3.50 -48.43
C LEU F 321 46.89 4.56 -49.14
N ALA F 322 47.49 5.25 -50.10
CA ALA F 322 46.76 6.27 -50.86
C ALA F 322 45.66 5.65 -51.70
N SER F 323 45.92 4.49 -52.30
CA SER F 323 44.88 3.79 -53.05
C SER F 323 43.73 3.38 -52.14
N PHE F 324 44.05 2.86 -50.95
CA PHE F 324 43.02 2.48 -49.99
C PHE F 324 42.20 3.69 -49.55
N TYR F 325 42.88 4.81 -49.31
CA TYR F 325 42.18 6.03 -48.92
C TYR F 325 41.32 6.56 -50.06
N ILE F 326 41.78 6.43 -51.30
CA ILE F 326 40.98 6.83 -52.44
C ILE F 326 39.72 6.00 -52.53
N SER F 327 39.84 4.68 -52.32
CA SER F 327 38.66 3.82 -52.32
C SER F 327 37.70 4.20 -51.19
N LEU F 328 38.23 4.48 -50.00
CA LEU F 328 37.39 4.89 -48.89
C LEU F 328 36.68 6.21 -49.18
N VAL F 329 37.39 7.17 -49.78
CA VAL F 329 36.77 8.44 -50.16
C VAL F 329 35.72 8.23 -51.24
N ILE F 330 35.95 7.28 -52.15
CA ILE F 330 34.95 6.96 -53.15
C ILE F 330 33.67 6.44 -52.49
N PHE F 331 33.83 5.52 -51.52
CA PHE F 331 32.65 5.03 -50.80
C PHE F 331 31.94 6.15 -50.05
N TYR F 332 32.71 7.00 -49.38
CA TYR F 332 32.15 8.12 -48.62
C TYR F 332 31.39 9.06 -49.55
N GLY F 333 31.96 9.36 -50.72
CA GLY F 333 31.31 10.24 -51.66
C GLY F 333 30.07 9.63 -52.27
N LEU F 334 30.09 8.33 -52.54
CA LEU F 334 28.88 7.67 -53.04
C LEU F 334 27.76 7.73 -52.00
N ILE F 335 28.11 7.51 -50.73
CA ILE F 335 27.12 7.58 -49.67
C ILE F 335 26.57 9.01 -49.55
N CYS F 336 27.45 10.01 -49.62
CA CYS F 336 27.00 11.40 -49.54
C CYS F 336 26.13 11.77 -50.73
N MET F 337 26.48 11.28 -51.92
CA MET F 337 25.64 11.52 -53.10
C MET F 337 24.27 10.88 -52.93
N TYR F 338 24.22 9.66 -52.38
CA TYR F 338 22.92 9.04 -52.13
C TYR F 338 22.11 9.85 -51.13
N THR F 339 22.74 10.35 -50.08
CA THR F 339 22.03 11.18 -49.12
C THR F 339 21.50 12.45 -49.77
N LEU F 340 22.32 13.09 -50.59
CA LEU F 340 21.89 14.32 -51.26
C LEU F 340 20.72 14.05 -52.21
N TRP F 341 20.78 12.94 -52.95
CA TRP F 341 19.65 12.57 -53.79
C TRP F 341 18.40 12.29 -52.97
N TRP F 342 18.58 11.61 -51.83
CA TRP F 342 17.45 11.28 -50.97
C TRP F 342 16.76 12.53 -50.44
N MET F 343 17.54 13.54 -50.06
CA MET F 343 16.96 14.76 -49.50
C MET F 343 16.73 15.84 -50.56
N LEU F 344 16.90 15.51 -51.84
CA LEU F 344 16.57 16.44 -52.92
C LEU F 344 15.60 15.86 -53.93
N ARG F 345 14.89 14.79 -53.59
CA ARG F 345 13.91 14.20 -54.49
C ARG F 345 12.50 14.18 -53.93
N ARG F 346 12.34 14.08 -52.61
CA ARG F 346 11.04 13.92 -51.99
C ARG F 346 10.50 15.23 -51.42
N SER F 347 11.25 16.32 -51.50
CA SER F 347 10.87 17.62 -50.93
C SER F 347 10.55 17.45 -49.44
N LEU F 348 11.61 17.14 -48.69
CA LEU F 348 11.49 16.81 -47.27
C LEU F 348 10.87 17.91 -46.44
N LYS F 349 10.61 19.09 -47.01
CA LYS F 349 9.96 20.15 -46.26
C LYS F 349 8.51 19.83 -45.90
N LYS F 350 7.89 18.84 -46.55
CA LYS F 350 6.51 18.48 -46.24
C LYS F 350 6.39 16.98 -46.05
N TYR F 351 5.65 16.58 -45.03
CA TYR F 351 5.42 15.19 -44.71
C TYR F 351 4.08 14.74 -45.27
N SER F 352 3.91 13.41 -45.38
CA SER F 352 2.72 12.84 -46.01
C SER F 352 1.68 12.40 -44.98
N PHE F 353 2.05 11.54 -44.04
CA PHE F 353 1.13 10.95 -43.07
C PHE F 353 -0.05 10.29 -43.78
N GLU F 354 0.28 9.39 -44.69
CA GLU F 354 -0.72 8.69 -45.49
C GLU F 354 -0.94 7.25 -45.06
N SER F 355 0.10 6.56 -44.61
CA SER F 355 -0.05 5.17 -44.19
C SER F 355 -0.97 5.06 -42.98
N ILE F 356 -0.80 5.95 -41.99
CA ILE F 356 -1.65 5.90 -40.81
C ILE F 356 -3.08 6.31 -41.16
N ARG F 357 -3.25 7.30 -42.03
CA ARG F 357 -4.59 7.70 -42.43
C ARG F 357 -5.30 6.62 -43.23
N GLU F 358 -4.56 5.83 -44.00
CA GLU F 358 -5.12 4.69 -44.70
C GLU F 358 -5.27 3.46 -43.81
N GLU F 359 -4.64 3.46 -42.63
CA GLU F 359 -4.69 2.33 -41.72
C GLU F 359 -5.50 2.59 -40.45
N SER F 360 -5.23 3.69 -39.76
CA SER F 360 -5.92 4.00 -38.51
C SER F 360 -7.29 4.61 -38.71
N SER F 361 -7.68 4.88 -39.97
CA SER F 361 -8.99 5.45 -40.30
C SER F 361 -9.18 6.83 -39.69
N TYR F 362 -8.08 7.55 -39.44
CA TYR F 362 -8.12 8.92 -38.95
C TYR F 362 -7.54 9.80 -40.04
N SER F 363 -8.38 10.21 -40.99
CA SER F 363 -7.92 11.03 -42.10
C SER F 363 -7.64 12.47 -41.70
N ASP F 364 -8.00 12.88 -40.49
CA ASP F 364 -7.82 14.25 -40.04
C ASP F 364 -6.47 14.42 -39.33
N ILE F 365 -5.42 14.01 -40.02
CA ILE F 365 -4.04 14.24 -39.58
C ILE F 365 -3.39 15.16 -40.60
N PRO F 366 -3.20 16.44 -40.28
CA PRO F 366 -2.68 17.38 -41.29
C PRO F 366 -1.24 17.09 -41.64
N ASP F 367 -0.87 17.50 -42.85
CA ASP F 367 0.52 17.37 -43.29
C ASP F 367 1.43 18.28 -42.47
N VAL F 368 2.68 17.86 -42.34
CA VAL F 368 3.63 18.53 -41.47
C VAL F 368 4.54 19.41 -42.31
N LYS F 369 4.74 20.64 -41.84
CA LYS F 369 5.50 21.64 -42.59
C LYS F 369 7.00 21.46 -42.33
N ASN F 370 7.80 22.43 -42.77
CA ASN F 370 9.25 22.32 -42.77
C ASN F 370 9.81 22.34 -41.36
N ASP F 371 11.01 21.77 -41.21
CA ASP F 371 11.79 21.70 -39.98
C ASP F 371 11.17 20.72 -38.99
N PHE F 372 10.00 20.20 -39.35
CA PHE F 372 9.31 19.16 -38.59
C PHE F 372 9.02 17.94 -39.44
N ALA F 373 8.78 18.13 -40.74
CA ALA F 373 8.73 17.00 -41.65
C ALA F 373 10.11 16.38 -41.86
N PHE F 374 11.16 17.18 -41.78
CA PHE F 374 12.51 16.66 -41.99
C PHE F 374 12.91 15.69 -40.89
N MET F 375 12.70 16.08 -39.63
CA MET F 375 13.04 15.19 -38.53
C MET F 375 12.13 13.97 -38.52
N LEU F 376 10.88 14.13 -38.95
CA LEU F 376 10.00 12.97 -39.11
C LEU F 376 10.52 12.02 -40.17
N HIS F 377 11.04 12.57 -41.28
CA HIS F 377 11.62 11.73 -42.31
C HIS F 377 12.86 10.99 -41.79
N LEU F 378 13.70 11.68 -41.02
CA LEU F 378 14.86 11.02 -40.44
C LEU F 378 14.45 9.90 -39.49
N ILE F 379 13.45 10.16 -38.65
CA ILE F 379 12.95 9.12 -37.74
C ILE F 379 12.39 7.95 -38.53
N ASP F 380 11.67 8.22 -39.62
CA ASP F 380 11.18 7.15 -40.48
C ASP F 380 12.33 6.35 -41.06
N GLN F 381 13.41 7.03 -41.45
CA GLN F 381 14.60 6.32 -41.90
C GLN F 381 15.16 5.43 -40.81
N TYR F 382 15.04 5.85 -39.55
CA TYR F 382 15.39 4.94 -38.45
C TYR F 382 14.39 3.80 -38.35
N ASP F 383 13.12 4.11 -38.12
CA ASP F 383 12.03 3.13 -38.17
C ASP F 383 10.70 3.86 -38.17
N PRO F 384 9.71 3.41 -38.93
CA PRO F 384 8.41 4.10 -38.95
C PRO F 384 7.60 3.95 -37.68
N LEU F 385 8.02 3.08 -36.75
CA LEU F 385 7.25 2.87 -35.53
C LEU F 385 7.15 4.15 -34.70
N TYR F 386 8.27 4.87 -34.55
CA TYR F 386 8.25 6.11 -33.79
C TYR F 386 7.35 7.14 -34.44
N SER F 387 7.42 7.25 -35.77
CA SER F 387 6.57 8.21 -36.48
C SER F 387 5.09 7.87 -36.31
N LYS F 388 4.74 6.59 -36.41
CA LYS F 388 3.34 6.21 -36.26
C LYS F 388 2.84 6.44 -34.85
N ARG F 389 3.67 6.12 -33.85
CA ARG F 389 3.26 6.38 -32.47
C ARG F 389 3.18 7.87 -32.17
N PHE F 390 3.99 8.68 -32.86
CA PHE F 390 3.94 10.12 -32.65
C PHE F 390 2.75 10.75 -33.33
N ALA F 391 2.29 10.18 -34.46
CA ALA F 391 1.22 10.80 -35.23
C ALA F 391 -0.11 10.84 -34.47
N VAL F 392 -0.28 10.04 -33.41
CA VAL F 392 -1.54 10.06 -32.67
C VAL F 392 -1.71 11.38 -31.91
N PHE F 393 -0.64 12.14 -31.72
CA PHE F 393 -0.74 13.45 -31.10
C PHE F 393 -0.86 14.58 -32.11
N LEU F 394 -0.96 14.26 -33.39
CA LEU F 394 -1.19 15.27 -34.43
C LEU F 394 -2.61 15.25 -34.96
N SER F 395 -3.46 14.34 -34.47
CA SER F 395 -4.82 14.19 -34.96
C SER F 395 -5.79 14.80 -33.97
N GLU F 396 -6.74 15.60 -34.46
CA GLU F 396 -7.74 16.17 -33.60
C GLU F 396 -8.80 15.16 -33.17
N VAL F 397 -8.96 14.06 -33.91
CA VAL F 397 -9.88 13.02 -33.48
C VAL F 397 -9.40 12.37 -32.19
N SER F 398 -8.09 12.08 -32.10
CA SER F 398 -7.55 11.54 -30.86
C SER F 398 -7.62 12.56 -29.75
N GLU F 399 -7.44 13.84 -30.08
CA GLU F 399 -7.58 14.88 -29.06
C GLU F 399 -9.01 14.94 -28.52
N ASN F 400 -10.00 14.82 -29.39
CA ASN F 400 -11.39 14.81 -28.94
C ASN F 400 -11.70 13.56 -28.13
N LYS F 401 -11.17 12.42 -28.54
CA LYS F 401 -11.35 11.20 -27.75
C LYS F 401 -10.75 11.34 -26.36
N LEU F 402 -9.56 11.95 -26.28
CA LEU F 402 -8.95 12.19 -24.97
C LEU F 402 -9.78 13.17 -24.15
N ARG F 403 -10.32 14.22 -24.79
CA ARG F 403 -11.18 15.15 -24.07
C ARG F 403 -12.39 14.42 -23.50
N GLN F 404 -13.03 13.57 -24.29
CA GLN F 404 -14.19 12.83 -23.82
C GLN F 404 -13.83 11.89 -22.69
N LEU F 405 -12.69 11.20 -22.80
CA LEU F 405 -12.28 10.26 -21.75
C LEU F 405 -11.98 11.01 -20.46
N ASN F 406 -11.31 12.16 -20.55
CA ASN F 406 -11.03 12.95 -19.36
C ASN F 406 -12.30 13.53 -18.76
N LEU F 407 -13.26 13.91 -19.60
CA LEU F 407 -14.55 14.37 -19.10
C LEU F 407 -15.28 13.26 -18.34
N ASN F 408 -15.26 12.04 -18.89
CA ASN F 408 -15.89 10.92 -18.20
C ASN F 408 -15.18 10.61 -16.88
N ASN F 409 -13.85 10.64 -16.88
CA ASN F 409 -13.10 10.26 -15.69
C ASN F 409 -13.22 11.32 -14.59
N GLU F 410 -13.19 12.60 -14.97
CA GLU F 410 -13.29 13.67 -13.97
C GLU F 410 -14.71 13.81 -13.45
N TRP F 411 -15.70 13.76 -14.33
CA TRP F 411 -17.10 13.84 -13.93
C TRP F 411 -17.58 12.44 -13.58
N THR F 412 -17.22 12.01 -12.38
CA THR F 412 -17.58 10.68 -11.91
C THR F 412 -19.08 10.63 -11.61
N LEU F 413 -19.60 9.39 -11.53
CA LEU F 413 -21.03 9.20 -11.32
C LEU F 413 -21.49 9.85 -10.03
N ASP F 414 -20.69 9.74 -8.97
CA ASP F 414 -21.08 10.31 -7.68
C ASP F 414 -21.19 11.82 -7.74
N LYS F 415 -20.27 12.48 -8.46
CA LYS F 415 -20.32 13.94 -8.56
C LYS F 415 -21.59 14.40 -9.27
N LEU F 416 -21.95 13.75 -10.39
CA LEU F 416 -23.19 14.11 -11.07
C LEU F 416 -24.40 13.81 -10.21
N ARG F 417 -24.38 12.68 -9.50
CA ARG F 417 -25.50 12.33 -8.63
C ARG F 417 -25.70 13.38 -7.55
N GLN F 418 -24.60 13.85 -6.95
CA GLN F 418 -24.69 14.93 -5.97
C GLN F 418 -25.12 16.24 -6.63
N ARG F 419 -24.78 16.43 -7.90
CA ARG F 419 -25.15 17.65 -8.60
C ARG F 419 -26.61 17.65 -9.07
N LEU F 420 -27.31 16.53 -8.92
CA LEU F 420 -28.72 16.46 -9.31
C LEU F 420 -29.55 17.41 -8.46
N THR F 421 -30.44 18.15 -9.11
CA THR F 421 -31.29 19.14 -8.45
C THR F 421 -32.75 18.87 -8.81
N LYS F 422 -33.63 19.70 -8.26
CA LYS F 422 -35.07 19.61 -8.51
C LYS F 422 -35.53 20.90 -9.19
N ASN F 423 -36.22 20.75 -10.31
CA ASN F 423 -36.69 21.89 -11.09
C ASN F 423 -38.03 22.38 -10.53
N ALA F 424 -38.70 23.25 -11.29
CA ALA F 424 -39.98 23.80 -10.86
C ALA F 424 -41.03 22.70 -10.73
N GLN F 425 -41.04 21.74 -11.64
CA GLN F 425 -42.02 20.65 -11.61
C GLN F 425 -41.71 19.60 -10.54
N ASP F 426 -40.68 19.83 -9.72
CA ASP F 426 -40.30 18.94 -8.62
C ASP F 426 -39.98 17.53 -9.13
N LYS F 427 -38.95 17.48 -9.97
CA LYS F 427 -38.40 16.22 -10.45
C LYS F 427 -36.90 16.39 -10.61
N LEU F 428 -36.18 15.27 -10.61
CA LEU F 428 -34.72 15.31 -10.66
C LEU F 428 -34.24 16.00 -11.93
N GLU F 429 -33.27 16.90 -11.76
CA GLU F 429 -32.78 17.74 -12.84
C GLU F 429 -31.26 17.72 -12.85
N LEU F 430 -30.70 17.67 -14.06
CA LEU F 430 -29.25 17.73 -14.23
C LEU F 430 -28.94 18.77 -15.29
N HIS F 431 -28.17 19.79 -14.93
CA HIS F 431 -27.84 20.90 -15.81
C HIS F 431 -26.39 20.80 -16.24
N LEU F 432 -26.17 20.72 -17.54
CA LEU F 432 -24.83 20.68 -18.13
C LEU F 432 -24.61 21.97 -18.90
N PHE F 433 -23.73 22.82 -18.39
CA PHE F 433 -23.51 24.15 -18.95
C PHE F 433 -22.04 24.30 -19.35
N MET F 434 -21.82 24.59 -20.63
CA MET F 434 -20.49 24.86 -21.18
C MET F 434 -19.53 23.68 -21.07
N LEU F 435 -20.04 22.48 -20.79
CA LEU F 435 -19.18 21.31 -20.80
C LEU F 435 -18.80 20.92 -22.23
N SER F 436 -17.64 20.29 -22.37
CA SER F 436 -17.17 19.85 -23.68
C SER F 436 -18.00 18.71 -24.26
N GLY F 437 -18.83 18.07 -23.45
CA GLY F 437 -19.65 16.98 -23.92
C GLY F 437 -20.48 16.43 -22.79
N ILE F 438 -21.14 15.30 -23.07
CA ILE F 438 -21.96 14.61 -22.09
C ILE F 438 -21.16 13.44 -21.54
N PRO F 439 -20.80 13.44 -20.26
CA PRO F 439 -20.07 12.29 -19.70
C PRO F 439 -20.89 11.01 -19.80
N ASP F 440 -20.20 9.90 -20.04
CA ASP F 440 -20.88 8.61 -20.08
C ASP F 440 -21.41 8.19 -18.71
N THR F 441 -20.90 8.77 -17.63
CA THR F 441 -21.45 8.52 -16.31
C THR F 441 -22.82 9.15 -16.13
N VAL F 442 -23.12 10.20 -16.90
CA VAL F 442 -24.43 10.84 -16.83
C VAL F 442 -25.53 9.85 -17.19
N PHE F 443 -25.30 9.06 -18.24
CA PHE F 443 -26.29 8.09 -18.71
C PHE F 443 -26.40 6.87 -17.82
N ASP F 444 -25.73 6.86 -16.67
CA ASP F 444 -25.93 5.85 -15.64
C ASP F 444 -26.91 6.29 -14.57
N LEU F 445 -27.42 7.53 -14.64
CA LEU F 445 -28.35 8.05 -13.65
C LEU F 445 -29.77 7.71 -14.10
N VAL F 446 -30.14 6.44 -13.87
CA VAL F 446 -31.46 5.97 -14.28
C VAL F 446 -32.58 6.72 -13.57
N GLU F 447 -32.28 7.35 -12.44
CA GLU F 447 -33.28 8.14 -11.72
C GLU F 447 -33.46 9.53 -12.30
N LEU F 448 -32.64 9.93 -13.26
CA LEU F 448 -32.79 11.25 -13.87
C LEU F 448 -34.10 11.32 -14.66
N GLU F 449 -34.72 12.50 -14.65
CA GLU F 449 -36.00 12.68 -15.33
C GLU F 449 -35.92 13.77 -16.38
N VAL F 450 -35.10 14.81 -16.14
CA VAL F 450 -34.92 15.90 -17.08
C VAL F 450 -33.43 16.14 -17.27
N LEU F 451 -33.00 16.29 -18.52
CA LEU F 451 -31.61 16.52 -18.85
C LEU F 451 -31.48 17.86 -19.57
N LYS F 452 -30.74 18.79 -18.97
CA LYS F 452 -30.51 20.11 -19.54
C LYS F 452 -29.10 20.19 -20.11
N LEU F 453 -29.00 20.58 -21.38
CA LEU F 453 -27.72 20.74 -22.06
C LEU F 453 -27.63 22.17 -22.58
N GLU F 454 -26.65 22.92 -22.08
CA GLU F 454 -26.46 24.30 -22.48
C GLU F 454 -25.02 24.51 -22.94
N LEU F 455 -24.86 25.03 -24.16
CA LEU F 455 -23.56 25.42 -24.70
C LEU F 455 -22.56 24.27 -24.68
N ILE F 456 -22.99 23.11 -25.15
CA ILE F 456 -22.13 21.95 -25.31
C ILE F 456 -21.79 21.82 -26.79
N PRO F 457 -20.50 21.85 -27.17
CA PRO F 457 -20.15 21.89 -28.59
C PRO F 457 -20.08 20.52 -29.22
N ASP F 458 -20.71 20.42 -30.40
CA ASP F 458 -20.73 19.20 -31.21
C ASP F 458 -21.15 17.99 -30.37
N VAL F 459 -22.34 18.09 -29.79
CA VAL F 459 -22.86 17.07 -28.90
C VAL F 459 -23.52 15.98 -29.71
N THR F 460 -23.13 14.74 -29.46
CA THR F 460 -23.77 13.57 -30.06
C THR F 460 -24.37 12.72 -28.95
N ILE F 461 -25.67 12.50 -29.03
CA ILE F 461 -26.37 11.73 -28.00
C ILE F 461 -26.14 10.25 -28.26
N PRO F 462 -25.43 9.55 -27.38
CA PRO F 462 -25.06 8.16 -27.66
C PRO F 462 -26.23 7.24 -27.41
N PRO F 463 -26.16 5.99 -27.88
CA PRO F 463 -27.22 5.02 -27.59
C PRO F 463 -27.37 4.71 -26.11
N SER F 464 -26.38 5.07 -25.27
CA SER F 464 -26.46 4.78 -23.85
C SER F 464 -27.56 5.58 -23.14
N ILE F 465 -28.24 6.49 -23.84
CA ILE F 465 -29.38 7.18 -23.26
C ILE F 465 -30.51 6.21 -22.95
N ALA F 466 -30.58 5.09 -23.68
CA ALA F 466 -31.60 4.08 -23.40
C ALA F 466 -31.42 3.47 -22.01
N GLN F 467 -30.22 3.56 -21.44
CA GLN F 467 -30.03 3.13 -20.06
C GLN F 467 -30.87 3.97 -19.11
N LEU F 468 -30.96 5.27 -19.38
CA LEU F 468 -31.92 6.09 -18.67
C LEU F 468 -33.34 5.66 -19.02
N THR F 469 -34.19 5.57 -18.02
CA THR F 469 -35.59 5.20 -18.22
C THR F 469 -36.57 6.24 -17.74
N GLY F 470 -36.26 6.96 -16.67
CA GLY F 470 -37.11 8.02 -16.18
C GLY F 470 -36.99 9.34 -16.90
N LEU F 471 -36.08 9.45 -17.87
CA LEU F 471 -35.93 10.69 -18.62
C LEU F 471 -37.21 10.99 -19.39
N LYS F 472 -37.68 12.23 -19.27
CA LYS F 472 -38.93 12.61 -19.92
C LYS F 472 -38.77 13.92 -20.69
N GLU F 473 -37.87 14.79 -20.25
CA GLU F 473 -37.69 16.09 -20.87
C GLU F 473 -36.23 16.29 -21.23
N LEU F 474 -36.00 16.89 -22.40
CA LEU F 474 -34.64 17.17 -22.88
C LEU F 474 -34.56 18.65 -23.25
N TRP F 475 -33.54 19.32 -22.71
CA TRP F 475 -33.32 20.74 -22.94
C TRP F 475 -32.04 20.91 -23.76
N LEU F 476 -32.17 21.54 -24.93
CA LEU F 476 -31.05 21.76 -25.84
C LEU F 476 -30.85 23.26 -25.99
N TYR F 477 -29.99 23.84 -25.16
CA TYR F 477 -29.72 25.27 -25.17
C TYR F 477 -28.45 25.53 -25.98
N HIS F 478 -28.63 25.98 -27.22
CA HIS F 478 -27.52 26.30 -28.13
C HIS F 478 -26.64 25.08 -28.37
N THR F 479 -27.26 23.90 -28.35
CA THR F 479 -26.56 22.65 -28.62
C THR F 479 -27.21 21.97 -29.82
N ALA F 480 -26.41 21.74 -30.86
CA ALA F 480 -26.87 20.97 -32.02
C ALA F 480 -26.55 19.51 -31.76
N ALA F 481 -27.59 18.72 -31.50
CA ALA F 481 -27.43 17.33 -31.10
C ALA F 481 -27.59 16.42 -32.31
N LYS F 482 -26.64 15.52 -32.51
CA LYS F 482 -26.70 14.49 -33.54
C LYS F 482 -26.92 13.15 -32.84
N ILE F 483 -27.91 12.40 -33.29
CA ILE F 483 -28.40 11.25 -32.53
C ILE F 483 -28.38 10.00 -33.41
N GLU F 484 -28.00 8.89 -32.80
CA GLU F 484 -27.95 7.61 -33.49
C GLU F 484 -29.35 6.99 -33.58
N ALA F 485 -29.44 5.87 -34.30
CA ALA F 485 -30.74 5.22 -34.49
C ALA F 485 -31.37 4.71 -33.20
N PRO F 486 -30.68 3.93 -32.35
CA PRO F 486 -31.35 3.44 -31.14
C PRO F 486 -31.72 4.54 -30.16
N ALA F 487 -30.85 5.54 -30.00
CA ALA F 487 -31.16 6.66 -29.11
C ALA F 487 -32.34 7.45 -29.64
N LEU F 488 -32.42 7.65 -30.96
CA LEU F 488 -33.56 8.36 -31.51
C LEU F 488 -34.84 7.56 -31.38
N ALA F 489 -34.76 6.23 -31.51
CA ALA F 489 -35.94 5.40 -31.25
C ALA F 489 -36.39 5.52 -29.80
N PHE F 490 -35.43 5.50 -28.86
CA PHE F 490 -35.77 5.65 -27.45
C PHE F 490 -36.45 7.00 -27.18
N LEU F 491 -35.92 8.07 -27.76
CA LEU F 491 -36.57 9.38 -27.60
C LEU F 491 -37.94 9.39 -28.26
N ARG F 492 -38.08 8.76 -29.43
CA ARG F 492 -39.37 8.62 -30.09
C ARG F 492 -40.37 7.88 -29.22
N GLU F 493 -39.89 7.04 -28.29
CA GLU F 493 -40.80 6.32 -27.41
C GLU F 493 -40.90 6.90 -26.00
N ASN F 494 -39.85 7.53 -25.49
CA ASN F 494 -39.80 7.91 -24.08
C ASN F 494 -39.29 9.35 -23.89
N LEU F 495 -39.87 10.30 -24.62
CA LEU F 495 -39.55 11.71 -24.42
C LEU F 495 -40.84 12.52 -24.43
N ARG F 496 -41.09 13.23 -23.33
CA ARG F 496 -42.31 14.01 -23.17
C ARG F 496 -42.18 15.44 -23.66
N ALA F 497 -41.16 16.17 -23.20
CA ALA F 497 -41.01 17.57 -23.53
C ALA F 497 -39.63 17.82 -24.13
N LEU F 498 -39.56 18.82 -25.01
CA LEU F 498 -38.32 19.19 -25.67
C LEU F 498 -38.20 20.71 -25.68
N HIS F 499 -37.18 21.22 -24.97
CA HIS F 499 -36.88 22.64 -24.93
C HIS F 499 -35.61 22.88 -25.72
N ILE F 500 -35.69 23.71 -26.76
CA ILE F 500 -34.52 24.06 -27.56
C ILE F 500 -34.48 25.57 -27.74
N LYS F 501 -33.28 26.14 -27.60
CA LYS F 501 -33.03 27.54 -27.91
C LYS F 501 -31.99 27.61 -29.02
N PHE F 502 -32.14 28.56 -29.92
CA PHE F 502 -31.26 28.64 -31.09
C PHE F 502 -31.23 30.08 -31.59
N THR F 503 -30.25 30.35 -32.44
CA THR F 503 -30.15 31.63 -33.13
C THR F 503 -30.40 31.52 -34.63
N ASP F 504 -30.13 30.36 -35.23
CA ASP F 504 -30.40 30.10 -36.63
C ASP F 504 -31.26 28.85 -36.77
N ILE F 505 -32.03 28.80 -37.85
CA ILE F 505 -32.86 27.62 -38.11
C ILE F 505 -32.00 26.39 -38.44
N LYS F 506 -30.75 26.60 -38.85
CA LYS F 506 -29.91 25.48 -39.24
C LYS F 506 -29.42 24.69 -38.03
N GLU F 507 -29.24 25.35 -36.89
CA GLU F 507 -28.68 24.70 -35.71
C GLU F 507 -29.71 24.04 -34.82
N ILE F 508 -30.96 23.90 -35.29
CA ILE F 508 -31.97 23.13 -34.58
C ILE F 508 -31.82 21.67 -35.02
N PRO F 509 -32.16 20.70 -34.17
CA PRO F 509 -32.08 19.30 -34.61
C PRO F 509 -33.03 19.02 -35.76
N LEU F 510 -32.57 18.20 -36.70
CA LEU F 510 -33.42 17.78 -37.81
C LEU F 510 -34.31 16.60 -37.45
N TRP F 511 -34.09 15.99 -36.29
CA TRP F 511 -34.87 14.85 -35.83
C TRP F 511 -35.93 15.22 -34.82
N ILE F 512 -36.22 16.52 -34.67
CA ILE F 512 -37.21 16.96 -33.69
C ILE F 512 -38.60 16.43 -34.03
N TYR F 513 -38.92 16.35 -35.32
CA TYR F 513 -40.24 15.89 -35.75
C TYR F 513 -40.39 14.38 -35.67
N SER F 514 -39.33 13.65 -35.35
CA SER F 514 -39.39 12.20 -35.20
C SER F 514 -39.84 11.77 -33.81
N LEU F 515 -40.08 12.73 -32.91
CA LEU F 515 -40.48 12.42 -31.53
C LEU F 515 -42.00 12.35 -31.46
N LYS F 516 -42.53 11.19 -31.84
CA LYS F 516 -43.98 11.02 -31.93
C LYS F 516 -44.67 11.09 -30.58
N THR F 517 -43.95 10.85 -29.49
CA THR F 517 -44.53 10.90 -28.16
C THR F 517 -44.32 12.24 -27.46
N LEU F 518 -43.81 13.24 -28.18
CA LEU F 518 -43.54 14.54 -27.59
C LEU F 518 -44.85 15.21 -27.18
N GLU F 519 -44.84 15.83 -26.00
CA GLU F 519 -46.00 16.52 -25.46
C GLU F 519 -45.81 18.04 -25.43
N GLU F 520 -44.68 18.52 -24.93
CA GLU F 520 -44.40 19.94 -24.82
C GLU F 520 -43.25 20.30 -25.76
N LEU F 521 -43.43 21.36 -26.53
CA LEU F 521 -42.39 21.88 -27.41
C LEU F 521 -42.18 23.35 -27.10
N HIS F 522 -40.94 23.71 -26.78
CA HIS F 522 -40.59 25.07 -26.39
C HIS F 522 -39.54 25.60 -27.37
N LEU F 523 -39.97 26.38 -28.35
CA LEU F 523 -39.06 27.01 -29.29
C LEU F 523 -38.84 28.45 -28.87
N THR F 524 -37.58 28.81 -28.62
CA THR F 524 -37.20 30.15 -28.17
C THR F 524 -36.10 30.71 -29.04
N GLY F 525 -36.25 30.57 -30.36
CA GLY F 525 -35.26 31.07 -31.29
C GLY F 525 -35.78 32.14 -32.22
N ASN F 526 -35.44 32.03 -33.50
CA ASN F 526 -35.94 32.93 -34.54
C ASN F 526 -36.34 32.06 -35.74
N LEU F 527 -37.62 31.71 -35.79
CA LEU F 527 -38.14 30.87 -36.86
C LEU F 527 -38.39 31.65 -38.15
N SER F 528 -38.27 32.97 -38.13
CA SER F 528 -38.53 33.79 -39.30
C SER F 528 -37.32 33.72 -40.24
N ALA F 529 -37.40 32.87 -41.25
CA ALA F 529 -36.34 32.71 -42.22
C ALA F 529 -36.59 33.63 -43.41
N GLU F 530 -35.88 33.40 -44.51
CA GLU F 530 -35.88 34.31 -45.66
C GLU F 530 -37.09 34.03 -46.55
N ASN F 531 -38.10 34.89 -46.46
CA ASN F 531 -39.25 34.88 -47.36
C ASN F 531 -39.95 33.52 -47.40
N ASN F 532 -40.20 32.96 -46.22
CA ASN F 532 -40.96 31.72 -46.10
C ASN F 532 -41.92 31.83 -44.92
N ARG F 533 -43.05 31.13 -45.05
CA ARG F 533 -44.06 31.15 -44.00
C ARG F 533 -43.71 30.15 -42.90
N TYR F 534 -42.49 30.29 -42.35
CA TYR F 534 -41.99 29.40 -41.31
C TYR F 534 -41.95 27.94 -41.79
N ILE F 535 -41.27 27.74 -42.92
CA ILE F 535 -41.10 26.40 -43.48
C ILE F 535 -40.25 25.52 -42.57
N VAL F 536 -39.48 26.12 -41.67
CA VAL F 536 -38.61 25.34 -40.79
C VAL F 536 -39.42 24.42 -39.89
N ILE F 537 -40.59 24.88 -39.43
CA ILE F 537 -41.44 24.07 -38.56
C ILE F 537 -42.60 23.43 -39.31
N ASP F 538 -42.46 23.25 -40.63
CA ASP F 538 -43.53 22.63 -41.41
C ASP F 538 -43.77 21.18 -40.99
N GLY F 539 -42.84 20.58 -40.26
CA GLY F 539 -43.00 19.24 -39.74
C GLY F 539 -43.74 19.13 -38.43
N LEU F 540 -44.25 20.26 -37.92
CA LEU F 540 -45.02 20.23 -36.68
C LEU F 540 -46.30 19.43 -36.79
N ARG F 541 -46.81 19.23 -38.00
CA ARG F 541 -48.01 18.42 -38.17
C ARG F 541 -47.77 16.95 -37.84
N GLU F 542 -46.52 16.51 -37.87
CA GLU F 542 -46.21 15.11 -37.55
C GLU F 542 -46.55 14.78 -36.11
N LEU F 543 -46.27 15.69 -35.18
CA LEU F 543 -46.48 15.45 -33.77
C LEU F 543 -47.98 15.51 -33.47
N LYS F 544 -48.61 14.33 -33.37
CA LYS F 544 -50.02 14.26 -33.00
C LYS F 544 -50.23 14.23 -31.49
N ARG F 545 -49.17 14.05 -30.71
CA ARG F 545 -49.26 14.01 -29.25
C ARG F 545 -48.92 15.34 -28.60
N LEU F 546 -48.76 16.40 -29.39
CA LEU F 546 -48.34 17.68 -28.84
C LEU F 546 -49.47 18.31 -28.03
N LYS F 547 -49.15 18.75 -26.83
CA LYS F 547 -50.10 19.40 -25.94
C LYS F 547 -49.75 20.85 -25.63
N VAL F 548 -48.46 21.17 -25.53
CA VAL F 548 -48.01 22.51 -25.18
C VAL F 548 -47.05 22.98 -26.27
N LEU F 549 -47.26 24.21 -26.75
CA LEU F 549 -46.37 24.85 -27.70
C LEU F 549 -46.04 26.24 -27.21
N ARG F 550 -44.74 26.58 -27.21
CA ARG F 550 -44.25 27.81 -26.60
C ARG F 550 -43.29 28.54 -27.54
N LEU F 551 -43.74 28.76 -28.77
CA LEU F 551 -42.93 29.50 -29.74
C LEU F 551 -42.59 30.89 -29.22
N LYS F 552 -41.31 31.25 -29.28
CA LYS F 552 -40.83 32.60 -28.98
C LYS F 552 -39.83 32.97 -30.06
N SER F 553 -40.33 33.56 -31.15
CA SER F 553 -39.46 33.96 -32.26
C SER F 553 -39.87 35.30 -32.87
N ASN F 554 -40.61 36.12 -32.14
CA ASN F 554 -41.08 37.41 -32.63
C ASN F 554 -41.92 37.22 -33.90
N LEU F 555 -43.03 36.50 -33.74
CA LEU F 555 -43.87 36.17 -34.88
C LEU F 555 -44.58 37.41 -35.41
N SER F 556 -44.64 37.52 -36.73
CA SER F 556 -45.39 38.57 -37.40
C SER F 556 -46.77 38.09 -37.84
N LYS F 557 -46.81 37.01 -38.61
CA LYS F 557 -48.05 36.33 -38.97
C LYS F 557 -48.02 34.93 -38.38
N LEU F 558 -49.09 34.55 -37.69
CA LEU F 558 -49.14 33.25 -37.04
C LEU F 558 -49.05 32.15 -38.09
N PRO F 559 -48.11 31.20 -37.95
CA PRO F 559 -47.95 30.18 -38.99
C PRO F 559 -49.21 29.36 -39.18
N GLN F 560 -49.51 29.04 -40.44
CA GLN F 560 -50.68 28.21 -40.73
C GLN F 560 -50.50 26.81 -40.19
N VAL F 561 -49.26 26.33 -40.11
CA VAL F 561 -49.00 25.01 -39.54
C VAL F 561 -49.37 24.99 -38.07
N VAL F 562 -49.07 26.07 -37.34
CA VAL F 562 -49.44 26.15 -35.93
C VAL F 562 -50.95 26.20 -35.77
N THR F 563 -51.64 26.96 -36.62
CA THR F 563 -53.10 27.01 -36.55
C THR F 563 -53.70 25.65 -36.84
N ASP F 564 -53.12 24.90 -37.78
CA ASP F 564 -53.62 23.57 -38.07
C ASP F 564 -53.37 22.61 -36.91
N VAL F 565 -52.17 22.65 -36.32
CA VAL F 565 -51.81 21.72 -35.26
C VAL F 565 -52.45 22.08 -33.93
N GLY F 566 -52.97 23.30 -33.79
CA GLY F 566 -53.61 23.68 -32.55
C GLY F 566 -54.97 23.06 -32.30
N VAL F 567 -55.48 22.27 -33.24
CA VAL F 567 -56.78 21.61 -33.06
C VAL F 567 -56.73 20.59 -31.92
N HIS F 568 -55.54 20.20 -31.48
CA HIS F 568 -55.38 19.25 -30.39
C HIS F 568 -54.39 19.77 -29.35
N LEU F 569 -54.28 21.09 -29.23
CA LEU F 569 -53.32 21.71 -28.33
C LEU F 569 -54.01 22.19 -27.07
N GLN F 570 -53.33 22.05 -25.93
CA GLN F 570 -53.87 22.44 -24.64
C GLN F 570 -53.38 23.80 -24.17
N LYS F 571 -52.07 24.04 -24.20
CA LYS F 571 -51.47 25.27 -23.69
C LYS F 571 -50.62 25.89 -24.79
N LEU F 572 -51.17 26.89 -25.47
CA LEU F 572 -50.45 27.62 -26.51
C LEU F 572 -49.92 28.92 -25.90
N SER F 573 -48.61 29.01 -25.74
CA SER F 573 -47.95 30.20 -25.21
C SER F 573 -47.08 30.81 -26.30
N ILE F 574 -47.22 32.11 -26.50
CA ILE F 574 -46.48 32.83 -27.54
C ILE F 574 -45.85 34.07 -26.93
N ASN F 575 -44.59 34.33 -27.29
CA ASN F 575 -43.87 35.51 -26.83
C ASN F 575 -43.13 36.11 -28.02
N ASN F 576 -43.48 37.35 -28.37
CA ASN F 576 -42.82 38.05 -29.46
C ASN F 576 -41.93 39.19 -28.99
N GLU F 577 -41.82 39.41 -27.67
CA GLU F 577 -41.04 40.51 -27.11
C GLU F 577 -41.48 41.86 -27.69
N GLY F 578 -42.79 42.05 -27.80
CA GLY F 578 -43.33 43.29 -28.34
C GLY F 578 -43.40 43.36 -29.84
N THR F 579 -43.16 42.27 -30.56
CA THR F 579 -43.24 42.28 -32.01
C THR F 579 -44.68 42.09 -32.46
N LYS F 580 -45.08 42.86 -33.48
CA LYS F 580 -46.46 42.85 -33.94
C LYS F 580 -46.85 41.47 -34.45
N LEU F 581 -48.01 40.99 -34.00
CA LEU F 581 -48.56 39.71 -34.44
C LEU F 581 -50.03 39.90 -34.79
N ILE F 582 -50.45 39.32 -35.91
CA ILE F 582 -51.82 39.43 -36.40
C ILE F 582 -52.44 38.05 -36.42
N VAL F 583 -53.69 37.95 -35.99
CA VAL F 583 -54.40 36.68 -35.93
C VAL F 583 -55.19 36.44 -37.21
N LEU F 584 -56.16 37.32 -37.48
CA LEU F 584 -56.97 37.28 -38.69
C LEU F 584 -57.66 35.92 -38.87
N ASN F 585 -58.52 35.61 -37.92
CA ASN F 585 -59.33 34.37 -37.93
C ASN F 585 -58.43 33.14 -38.03
N SER F 586 -57.54 33.01 -37.05
CA SER F 586 -56.61 31.89 -37.00
C SER F 586 -56.93 30.89 -35.88
N LEU F 587 -57.48 31.36 -34.76
CA LEU F 587 -57.77 30.49 -33.63
C LEU F 587 -59.13 29.80 -33.72
N LYS F 588 -59.94 30.14 -34.72
CA LYS F 588 -61.26 29.53 -34.84
C LYS F 588 -61.19 28.05 -35.19
N LYS F 589 -60.03 27.56 -35.63
CA LYS F 589 -59.89 26.14 -35.92
C LYS F 589 -59.75 25.32 -34.64
N MET F 590 -59.07 25.86 -33.63
CA MET F 590 -58.93 25.17 -32.36
C MET F 590 -60.27 25.14 -31.63
N VAL F 591 -60.53 24.02 -30.95
CA VAL F 591 -61.78 23.85 -30.23
C VAL F 591 -61.52 23.36 -28.81
N ASN F 592 -60.30 22.91 -28.54
CA ASN F 592 -59.96 22.30 -27.26
C ASN F 592 -58.84 23.03 -26.54
N LEU F 593 -58.47 24.23 -27.00
CA LEU F 593 -57.42 24.99 -26.36
C LEU F 593 -57.90 25.53 -25.02
N THR F 594 -57.01 25.50 -24.02
CA THR F 594 -57.35 25.95 -22.68
C THR F 594 -56.47 27.08 -22.17
N GLU F 595 -55.23 27.18 -22.62
CA GLU F 595 -54.33 28.26 -22.25
C GLU F 595 -53.90 29.01 -23.50
N LEU F 596 -53.94 30.34 -23.43
CA LEU F 596 -53.69 31.20 -24.58
C LEU F 596 -52.77 32.34 -24.20
N GLU F 597 -51.65 32.01 -23.54
CA GLU F 597 -50.66 33.02 -23.22
C GLU F 597 -50.11 33.66 -24.49
N LEU F 598 -50.20 34.99 -24.57
CA LEU F 598 -49.72 35.77 -25.69
C LEU F 598 -48.87 36.92 -25.18
N ILE F 599 -47.92 36.60 -24.30
CA ILE F 599 -47.12 37.61 -23.63
C ILE F 599 -46.25 38.35 -24.64
N ARG F 600 -46.32 39.68 -24.61
CA ARG F 600 -45.48 40.55 -25.43
C ARG F 600 -45.61 40.21 -26.91
N CYS F 601 -46.86 40.16 -27.38
CA CYS F 601 -47.15 39.87 -28.78
C CYS F 601 -47.60 41.10 -29.56
N ASP F 602 -47.67 42.27 -28.91
CA ASP F 602 -47.98 43.52 -29.58
C ASP F 602 -49.29 43.42 -30.37
N LEU F 603 -50.29 42.78 -29.78
CA LEU F 603 -51.60 42.71 -30.44
C LEU F 603 -52.23 44.09 -30.52
N GLU F 604 -52.09 44.89 -29.46
CA GLU F 604 -52.61 46.25 -29.36
C GLU F 604 -54.14 46.24 -29.28
N ARG F 605 -54.74 45.07 -29.46
CA ARG F 605 -56.17 44.88 -29.37
C ARG F 605 -56.43 43.44 -28.99
N ILE F 606 -57.54 43.20 -28.29
CA ILE F 606 -57.94 41.81 -28.00
C ILE F 606 -58.44 41.17 -29.30
N PRO F 607 -57.89 40.03 -29.71
CA PRO F 607 -58.32 39.42 -30.97
C PRO F 607 -59.80 39.05 -30.97
N HIS F 608 -60.44 39.22 -32.12
CA HIS F 608 -61.84 38.85 -32.27
C HIS F 608 -62.05 37.35 -32.38
N SER F 609 -60.99 36.57 -32.57
CA SER F 609 -61.11 35.13 -32.71
C SER F 609 -61.03 34.39 -31.37
N ILE F 610 -60.72 35.10 -30.28
CA ILE F 610 -60.65 34.45 -28.98
C ILE F 610 -62.03 34.13 -28.42
N PHE F 611 -63.08 34.75 -28.96
CA PHE F 611 -64.43 34.53 -28.44
C PHE F 611 -64.91 33.11 -28.74
N SER F 612 -64.57 32.59 -29.91
CA SER F 612 -65.04 31.26 -30.32
C SER F 612 -64.35 30.14 -29.56
N LEU F 613 -63.28 30.42 -28.82
CA LEU F 613 -62.58 29.40 -28.05
C LEU F 613 -63.27 29.25 -26.69
N HIS F 614 -64.42 28.59 -26.72
CA HIS F 614 -65.22 28.43 -25.50
C HIS F 614 -64.49 27.58 -24.46
N ASN F 615 -63.71 26.60 -24.91
CA ASN F 615 -63.02 25.68 -24.01
C ASN F 615 -61.88 26.35 -23.25
N LEU F 616 -61.52 27.58 -23.61
CA LEU F 616 -60.42 28.27 -22.95
C LEU F 616 -60.69 28.43 -21.45
N GLN F 617 -59.64 28.27 -20.65
CA GLN F 617 -59.70 28.46 -19.21
C GLN F 617 -58.68 29.46 -18.69
N GLU F 618 -57.52 29.56 -19.33
CA GLU F 618 -56.50 30.55 -18.98
C GLU F 618 -56.20 31.39 -20.21
N ILE F 619 -56.26 32.71 -20.06
CA ILE F 619 -55.87 33.65 -21.10
C ILE F 619 -54.98 34.70 -20.48
N ASP F 620 -53.81 34.93 -21.07
CA ASP F 620 -52.86 35.92 -20.57
C ASP F 620 -52.37 36.76 -21.74
N LEU F 621 -52.45 38.08 -21.60
CA LEU F 621 -52.06 38.99 -22.67
C LEU F 621 -51.07 40.04 -22.17
N LYS F 622 -50.03 39.60 -21.46
CA LYS F 622 -49.08 40.52 -20.85
C LYS F 622 -48.35 41.35 -21.91
N ASP F 623 -48.25 42.65 -21.66
CA ASP F 623 -47.46 43.58 -22.47
C ASP F 623 -47.88 43.53 -23.95
N ASN F 624 -49.18 43.52 -24.19
CA ASN F 624 -49.71 43.57 -25.54
C ASN F 624 -50.11 44.98 -25.98
N ASN F 625 -49.84 45.99 -25.15
CA ASN F 625 -50.15 47.39 -25.47
C ASN F 625 -51.63 47.58 -25.78
N LEU F 626 -52.48 46.91 -25.00
CA LEU F 626 -53.92 47.05 -25.18
C LEU F 626 -54.39 48.41 -24.68
N LYS F 627 -55.53 48.86 -25.21
CA LYS F 627 -56.13 50.12 -24.81
C LYS F 627 -57.48 49.94 -24.11
N THR F 628 -58.38 49.15 -24.71
CA THR F 628 -59.69 48.90 -24.14
C THR F 628 -59.97 47.40 -24.08
N ILE F 629 -60.69 46.99 -23.05
CA ILE F 629 -61.04 45.58 -22.85
C ILE F 629 -62.55 45.45 -22.74
N GLU F 630 -63.28 46.32 -23.42
CA GLU F 630 -64.74 46.32 -23.35
C GLU F 630 -65.36 45.15 -24.12
N GLU F 631 -64.52 44.21 -24.55
CA GLU F 631 -64.97 43.02 -25.28
C GLU F 631 -65.41 41.90 -24.34
N ILE F 632 -65.54 42.17 -23.04
CA ILE F 632 -65.99 41.15 -22.11
C ILE F 632 -67.40 40.67 -22.44
N ILE F 633 -68.22 41.53 -23.05
CA ILE F 633 -69.58 41.14 -23.41
C ILE F 633 -69.58 39.97 -24.37
N SER F 634 -68.54 39.85 -25.19
CA SER F 634 -68.37 38.70 -26.07
C SER F 634 -67.76 37.49 -25.36
N PHE F 635 -67.21 37.67 -24.17
CA PHE F 635 -66.61 36.58 -23.41
C PHE F 635 -67.64 35.73 -22.68
N GLN F 636 -68.92 36.12 -22.72
CA GLN F 636 -69.95 35.31 -22.07
C GLN F 636 -70.08 33.94 -22.70
N HIS F 637 -69.58 33.77 -23.92
CA HIS F 637 -69.56 32.44 -24.54
C HIS F 637 -68.67 31.47 -23.76
N LEU F 638 -67.59 31.98 -23.16
CA LEU F 638 -66.64 31.16 -22.41
C LEU F 638 -67.19 30.94 -21.01
N HIS F 639 -67.92 29.84 -20.83
CA HIS F 639 -68.51 29.51 -19.53
C HIS F 639 -67.54 28.79 -18.59
N ARG F 640 -66.40 28.32 -19.10
CA ARG F 640 -65.42 27.63 -18.27
C ARG F 640 -64.20 28.49 -17.98
N LEU F 641 -64.16 29.72 -18.47
CA LEU F 641 -63.04 30.62 -18.23
C LEU F 641 -62.99 31.00 -16.74
N THR F 642 -61.82 30.82 -16.13
CA THR F 642 -61.64 31.12 -14.72
C THR F 642 -60.38 31.90 -14.40
N CYS F 643 -59.47 32.08 -15.35
CA CYS F 643 -58.15 32.67 -15.08
C CYS F 643 -57.80 33.71 -16.13
N LEU F 644 -58.75 34.62 -16.41
CA LEU F 644 -58.51 35.71 -17.35
C LEU F 644 -57.41 36.62 -16.81
N LYS F 645 -56.23 36.56 -17.43
CA LYS F 645 -55.08 37.36 -17.02
C LYS F 645 -54.83 38.45 -18.05
N LEU F 646 -54.71 39.70 -17.58
CA LEU F 646 -54.41 40.81 -18.47
C LEU F 646 -53.42 41.80 -17.88
N TRP F 647 -52.56 41.37 -16.96
CA TRP F 647 -51.68 42.32 -16.30
C TRP F 647 -50.58 42.79 -17.26
N TYR F 648 -49.79 43.76 -16.79
CA TYR F 648 -48.75 44.41 -17.59
C TYR F 648 -49.36 45.05 -18.85
N ASN F 649 -50.51 45.72 -18.67
CA ASN F 649 -51.15 46.42 -19.78
C ASN F 649 -51.58 47.81 -19.36
N HIS F 650 -52.32 48.51 -20.22
CA HIS F 650 -52.76 49.89 -19.98
C HIS F 650 -54.22 50.02 -20.38
N ILE F 651 -55.12 49.82 -19.42
CA ILE F 651 -56.56 49.98 -19.64
C ILE F 651 -57.07 51.04 -18.69
N ALA F 652 -57.81 52.02 -19.24
CA ALA F 652 -58.22 53.17 -18.45
C ALA F 652 -59.15 52.76 -17.30
N TYR F 653 -60.11 51.88 -17.56
CA TYR F 653 -61.08 51.51 -16.55
C TYR F 653 -61.61 50.12 -16.84
N ILE F 654 -62.16 49.48 -15.80
CA ILE F 654 -62.74 48.15 -15.92
C ILE F 654 -64.16 48.28 -16.45
N PRO F 655 -64.48 47.66 -17.58
CA PRO F 655 -65.85 47.75 -18.12
C PRO F 655 -66.86 47.04 -17.24
N ILE F 656 -68.12 47.46 -17.38
CA ILE F 656 -69.20 46.88 -16.58
C ILE F 656 -69.50 45.44 -16.94
N GLN F 657 -69.01 44.96 -18.09
CA GLN F 657 -69.34 43.61 -18.54
C GLN F 657 -68.63 42.52 -17.74
N ILE F 658 -67.70 42.89 -16.86
CA ILE F 658 -67.03 41.89 -16.02
C ILE F 658 -68.04 41.19 -15.11
N GLY F 659 -68.98 41.96 -14.56
CA GLY F 659 -69.97 41.36 -13.67
C GLY F 659 -70.87 40.37 -14.36
N ASN F 660 -71.03 40.48 -15.68
CA ASN F 660 -71.84 39.52 -16.41
C ASN F 660 -71.28 38.11 -16.28
N LEU F 661 -69.96 37.96 -16.45
CA LEU F 661 -69.33 36.69 -16.18
C LEU F 661 -69.28 36.44 -14.68
N THR F 662 -69.74 35.25 -14.27
CA THR F 662 -69.77 34.88 -12.87
C THR F 662 -68.86 33.70 -12.54
N ASN F 663 -68.16 33.12 -13.52
CA ASN F 663 -67.24 32.02 -13.28
C ASN F 663 -65.81 32.49 -13.06
N LEU F 664 -65.57 33.80 -13.03
CA LEU F 664 -64.23 34.34 -12.80
C LEU F 664 -63.67 33.86 -11.47
N GLU F 665 -62.61 33.06 -11.53
CA GLU F 665 -61.97 32.52 -10.33
C GLU F 665 -60.57 33.08 -10.11
N ARG F 666 -59.85 33.40 -11.18
CA ARG F 666 -58.56 34.06 -11.10
C ARG F 666 -58.60 35.30 -11.99
N LEU F 667 -58.35 36.47 -11.41
CA LEU F 667 -58.38 37.72 -12.14
C LEU F 667 -57.03 38.43 -11.97
N TYR F 668 -56.52 38.99 -13.06
CA TYR F 668 -55.21 39.62 -13.04
C TYR F 668 -55.18 40.78 -14.02
N LEU F 669 -55.12 42.00 -13.49
CA LEU F 669 -54.92 43.21 -14.28
C LEU F 669 -53.90 44.12 -13.60
N ASN F 670 -52.84 43.52 -13.07
CA ASN F 670 -51.79 44.27 -12.39
C ASN F 670 -51.05 45.17 -13.36
N ARG F 671 -50.39 46.19 -12.80
CA ARG F 671 -49.55 47.12 -13.56
C ARG F 671 -50.36 47.83 -14.65
N ASN F 672 -51.63 48.10 -14.34
CA ASN F 672 -52.51 48.86 -15.22
C ASN F 672 -52.87 50.18 -14.55
N LYS F 673 -53.44 51.09 -15.34
CA LYS F 673 -53.84 52.40 -14.86
C LYS F 673 -55.37 52.47 -14.88
N ILE F 674 -55.97 51.98 -13.80
CA ILE F 674 -57.43 52.00 -13.63
C ILE F 674 -57.73 52.86 -12.40
N GLU F 675 -58.53 53.90 -12.60
CA GLU F 675 -58.80 54.87 -11.55
C GLU F 675 -59.82 54.40 -10.53
N LYS F 676 -60.76 53.54 -10.93
CA LYS F 676 -61.79 53.08 -10.01
C LYS F 676 -62.25 51.68 -10.40
N ILE F 677 -62.72 50.93 -9.42
CA ILE F 677 -63.22 49.58 -9.62
C ILE F 677 -64.75 49.63 -9.59
N PRO F 678 -65.42 49.29 -10.68
CA PRO F 678 -66.89 49.24 -10.66
C PRO F 678 -67.39 48.17 -9.70
N THR F 679 -68.56 48.41 -9.10
CA THR F 679 -69.08 47.51 -8.09
C THR F 679 -69.57 46.20 -8.69
N GLN F 680 -69.94 46.19 -9.97
CA GLN F 680 -70.44 44.98 -10.61
C GLN F 680 -69.38 43.89 -10.70
N LEU F 681 -68.09 44.25 -10.66
CA LEU F 681 -67.03 43.25 -10.69
C LEU F 681 -67.11 42.31 -9.50
N PHE F 682 -67.61 42.79 -8.38
CA PHE F 682 -67.67 41.99 -7.15
C PHE F 682 -68.80 40.98 -7.15
N TYR F 683 -69.62 40.93 -8.20
CA TYR F 683 -70.68 39.92 -8.28
C TYR F 683 -70.09 38.50 -8.26
N CYS F 684 -68.89 38.34 -8.80
CA CYS F 684 -68.25 37.03 -8.90
C CYS F 684 -67.95 36.51 -7.50
N ARG F 685 -68.66 35.48 -7.08
CA ARG F 685 -68.52 34.92 -5.74
C ARG F 685 -67.44 33.86 -5.62
N LYS F 686 -66.74 33.53 -6.71
CA LYS F 686 -65.77 32.44 -6.69
C LYS F 686 -64.36 32.92 -6.98
N LEU F 687 -64.09 34.22 -6.84
CA LEU F 687 -62.74 34.73 -7.00
C LEU F 687 -61.83 34.17 -5.92
N ARG F 688 -60.66 33.70 -6.32
CA ARG F 688 -59.69 33.20 -5.35
C ARG F 688 -58.31 33.82 -5.50
N TYR F 689 -57.88 34.13 -6.72
CA TYR F 689 -56.57 34.70 -6.98
C TYR F 689 -56.68 36.04 -7.70
N LEU F 690 -57.61 36.88 -7.26
CA LEU F 690 -57.73 38.21 -7.82
C LEU F 690 -56.58 39.08 -7.35
N ASP F 691 -55.91 39.75 -8.29
CA ASP F 691 -54.81 40.65 -7.98
C ASP F 691 -54.88 41.86 -8.88
N LEU F 692 -55.00 43.04 -8.28
CA LEU F 692 -54.98 44.32 -9.00
C LEU F 692 -53.95 45.20 -8.30
N SER F 693 -52.69 45.06 -8.70
CA SER F 693 -51.57 45.76 -8.07
C SER F 693 -50.93 46.71 -9.08
N HIS F 694 -50.17 47.67 -8.55
CA HIS F 694 -49.51 48.71 -9.34
C HIS F 694 -50.54 49.44 -10.21
N ASN F 695 -51.51 50.04 -9.51
CA ASN F 695 -52.64 50.68 -10.16
C ASN F 695 -52.97 51.97 -9.45
N ASN F 696 -53.63 52.88 -10.18
CA ASN F 696 -54.03 54.17 -9.63
C ASN F 696 -55.40 54.08 -8.96
N LEU F 697 -55.47 53.19 -7.97
CA LEU F 697 -56.70 52.96 -7.22
C LEU F 697 -56.76 53.86 -5.99
N THR F 698 -57.94 54.38 -5.71
CA THR F 698 -58.17 55.25 -4.55
C THR F 698 -58.79 54.49 -3.37
N PHE F 699 -59.83 53.70 -3.62
CA PHE F 699 -60.47 52.93 -2.57
C PHE F 699 -61.21 51.75 -3.19
N LEU F 700 -61.50 50.74 -2.35
CA LEU F 700 -62.24 49.56 -2.76
C LEU F 700 -63.67 49.65 -2.26
N PRO F 701 -64.67 49.44 -3.13
CA PRO F 701 -66.05 49.43 -2.66
C PRO F 701 -66.32 48.30 -1.69
N ALA F 702 -67.33 48.50 -0.84
CA ALA F 702 -67.67 47.53 0.20
C ALA F 702 -68.21 46.22 -0.35
N ASP F 703 -68.54 46.16 -1.64
CA ASP F 703 -69.07 44.93 -2.22
C ASP F 703 -68.03 43.82 -2.24
N ILE F 704 -66.75 44.16 -2.05
CA ILE F 704 -65.70 43.15 -2.01
C ILE F 704 -65.89 42.19 -0.85
N GLY F 705 -66.59 42.61 0.21
CA GLY F 705 -66.75 41.78 1.38
C GLY F 705 -67.71 40.62 1.18
N LEU F 706 -68.49 40.63 0.11
CA LEU F 706 -69.36 39.51 -0.20
C LEU F 706 -68.62 38.35 -0.87
N LEU F 707 -67.35 38.55 -1.22
CA LEU F 707 -66.53 37.50 -1.84
C LEU F 707 -65.84 36.70 -0.75
N GLN F 708 -66.60 35.78 -0.15
CA GLN F 708 -66.07 34.92 0.89
C GLN F 708 -65.01 33.97 0.35
N ASN F 709 -65.00 33.70 -0.95
CA ASN F 709 -64.11 32.73 -1.56
C ASN F 709 -62.73 33.31 -1.87
N LEU F 710 -62.50 34.60 -1.59
CA LEU F 710 -61.23 35.21 -1.91
C LEU F 710 -60.10 34.60 -1.09
N GLN F 711 -59.00 34.24 -1.76
CA GLN F 711 -57.84 33.66 -1.13
C GLN F 711 -56.63 34.58 -1.14
N ASN F 712 -56.23 35.06 -2.31
CA ASN F 712 -55.06 35.94 -2.44
C ASN F 712 -55.47 37.23 -3.13
N LEU F 713 -54.98 38.34 -2.60
CA LEU F 713 -55.22 39.65 -3.18
C LEU F 713 -53.94 40.48 -3.08
N ALA F 714 -53.62 41.19 -4.16
CA ALA F 714 -52.45 42.06 -4.20
C ALA F 714 -52.89 43.47 -4.52
N VAL F 715 -52.60 44.41 -3.63
CA VAL F 715 -52.97 45.81 -3.79
C VAL F 715 -51.71 46.66 -3.76
N THR F 716 -50.61 46.11 -4.27
CA THR F 716 -49.34 46.81 -4.24
C THR F 716 -49.40 48.08 -5.09
N ALA F 717 -48.74 49.13 -4.59
CA ALA F 717 -48.68 50.44 -5.26
C ALA F 717 -50.08 50.97 -5.56
N ASN F 718 -50.87 51.14 -4.50
CA ASN F 718 -52.22 51.66 -4.60
C ASN F 718 -52.45 52.68 -3.49
N ARG F 719 -53.17 53.75 -3.83
CA ARG F 719 -53.45 54.82 -2.87
C ARG F 719 -54.67 54.49 -2.04
N ILE F 720 -54.68 53.34 -1.38
CA ILE F 720 -55.83 52.88 -0.61
C ILE F 720 -55.72 53.47 0.79
N GLU F 721 -56.53 54.49 1.06
CA GLU F 721 -56.53 55.12 2.38
C GLU F 721 -57.06 54.16 3.44
N ALA F 722 -58.10 53.40 3.13
CA ALA F 722 -58.69 52.47 4.09
C ALA F 722 -59.45 51.38 3.34
N LEU F 723 -59.73 50.30 4.05
CA LEU F 723 -60.49 49.18 3.51
C LEU F 723 -61.86 49.09 4.17
N PRO F 724 -62.87 48.61 3.43
CA PRO F 724 -64.19 48.49 4.03
C PRO F 724 -64.21 47.44 5.12
N PRO F 725 -64.90 47.67 6.23
CA PRO F 725 -65.03 46.63 7.26
C PRO F 725 -65.72 45.37 6.75
N GLU F 726 -66.56 45.49 5.72
CA GLU F 726 -67.20 44.32 5.15
C GLU F 726 -66.19 43.38 4.52
N LEU F 727 -65.08 43.92 4.02
CA LEU F 727 -64.05 43.08 3.38
C LEU F 727 -63.48 42.07 4.37
N PHE F 728 -63.21 42.50 5.59
CA PHE F 728 -62.60 41.63 6.59
C PHE F 728 -63.60 40.71 7.27
N GLN F 729 -64.88 40.83 6.96
CA GLN F 729 -65.87 39.88 7.47
C GLN F 729 -65.72 38.49 6.87
N CYS F 730 -65.01 38.38 5.75
CA CYS F 730 -64.72 37.08 5.17
C CYS F 730 -63.80 36.28 6.09
N ARG F 731 -63.91 34.95 6.00
CA ARG F 731 -63.14 34.06 6.86
C ARG F 731 -62.30 33.05 6.09
N LYS F 732 -62.28 33.12 4.76
CA LYS F 732 -61.54 32.17 3.94
C LYS F 732 -60.35 32.80 3.23
N LEU F 733 -59.92 33.99 3.67
CA LEU F 733 -58.78 34.64 3.06
C LEU F 733 -57.49 33.91 3.39
N ARG F 734 -56.54 33.97 2.46
CA ARG F 734 -55.23 33.34 2.64
C ARG F 734 -54.07 34.32 2.60
N ALA F 735 -54.03 35.23 1.62
CA ALA F 735 -52.91 36.14 1.48
C ALA F 735 -53.43 37.51 1.05
N LEU F 736 -52.88 38.55 1.67
CA LEU F 736 -53.24 39.93 1.34
C LEU F 736 -51.95 40.74 1.23
N HIS F 737 -51.55 41.09 0.02
CA HIS F 737 -50.36 41.89 -0.22
C HIS F 737 -50.75 43.35 -0.32
N LEU F 738 -50.18 44.17 0.57
CA LEU F 738 -50.42 45.61 0.57
C LEU F 738 -49.07 46.31 0.44
N GLY F 739 -48.66 46.56 -0.79
CA GLY F 739 -47.37 47.16 -1.07
C GLY F 739 -47.50 48.65 -1.37
N ASN F 740 -46.86 49.46 -0.54
CA ASN F 740 -46.82 50.91 -0.70
C ASN F 740 -48.23 51.50 -0.79
N ASN F 741 -48.97 51.34 0.29
CA ASN F 741 -50.31 51.89 0.40
C ASN F 741 -50.37 52.90 1.54
N VAL F 742 -51.16 53.94 1.36
CA VAL F 742 -51.26 55.03 2.33
C VAL F 742 -52.30 54.59 3.37
N LEU F 743 -51.83 53.87 4.37
CA LEU F 743 -52.67 53.42 5.48
C LEU F 743 -52.20 54.08 6.77
N GLN F 744 -53.12 54.76 7.45
CA GLN F 744 -52.84 55.37 8.73
C GLN F 744 -53.14 54.45 9.91
N SER F 745 -54.05 53.50 9.73
CA SER F 745 -54.40 52.57 10.80
C SER F 745 -54.83 51.25 10.18
N LEU F 746 -54.76 50.20 10.99
CA LEU F 746 -55.20 48.88 10.59
C LEU F 746 -56.48 48.53 11.34
N PRO F 747 -57.49 47.98 10.67
CA PRO F 747 -58.78 47.73 11.34
C PRO F 747 -58.64 46.77 12.49
N SER F 748 -59.45 46.99 13.53
CA SER F 748 -59.45 46.14 14.71
C SER F 748 -60.24 44.85 14.52
N ARG F 749 -60.99 44.73 13.43
CA ARG F 749 -61.76 43.52 13.17
C ARG F 749 -60.98 42.48 12.39
N VAL F 750 -59.74 42.79 11.98
CA VAL F 750 -58.90 41.80 11.30
C VAL F 750 -58.49 40.68 12.24
N GLY F 751 -58.56 40.91 13.56
CA GLY F 751 -58.21 39.88 14.52
C GLY F 751 -59.09 38.65 14.45
N GLU F 752 -60.27 38.76 13.85
CA GLU F 752 -61.15 37.62 13.65
C GLU F 752 -60.73 36.74 12.48
N LEU F 753 -59.72 37.16 11.71
CA LEU F 753 -59.23 36.36 10.60
C LEU F 753 -58.38 35.21 11.14
N THR F 754 -58.78 33.98 10.83
CA THR F 754 -58.07 32.79 11.26
C THR F 754 -57.45 32.00 10.13
N ASN F 755 -58.13 31.88 8.99
CA ASN F 755 -57.60 31.16 7.84
C ASN F 755 -56.52 31.94 7.10
N LEU F 756 -56.31 33.20 7.46
CA LEU F 756 -55.27 34.00 6.83
C LEU F 756 -53.90 33.36 7.04
N THR F 757 -53.10 33.33 5.97
CA THR F 757 -51.79 32.68 6.02
C THR F 757 -50.64 33.68 6.08
N GLN F 758 -50.69 34.73 5.28
CA GLN F 758 -49.58 35.68 5.21
C GLN F 758 -50.12 37.09 4.98
N ILE F 759 -49.34 38.08 5.43
CA ILE F 759 -49.68 39.48 5.29
C ILE F 759 -48.42 40.25 4.91
N GLU F 760 -48.55 41.16 3.95
CA GLU F 760 -47.47 42.04 3.55
C GLU F 760 -47.91 43.48 3.71
N LEU F 761 -47.10 44.28 4.39
CA LEU F 761 -47.40 45.69 4.67
C LEU F 761 -46.20 46.57 4.34
N ARG F 762 -45.57 46.32 3.20
CA ARG F 762 -44.38 47.06 2.81
C ARG F 762 -44.74 48.38 2.14
N GLY F 763 -44.05 49.45 2.56
CA GLY F 763 -44.28 50.76 2.01
C GLY F 763 -45.36 51.56 2.70
N ASN F 764 -46.13 50.95 3.60
CA ASN F 764 -47.18 51.67 4.30
C ASN F 764 -46.60 52.57 5.37
N ARG F 765 -47.23 53.72 5.58
CA ARG F 765 -46.84 54.63 6.65
C ARG F 765 -47.61 54.34 7.94
N LEU F 766 -47.58 53.07 8.34
CA LEU F 766 -48.30 52.64 9.53
C LEU F 766 -47.52 52.97 10.80
N GLU F 767 -48.26 53.22 11.87
CA GLU F 767 -47.67 53.41 13.18
C GLU F 767 -48.39 52.65 14.29
N CYS F 768 -49.56 52.07 14.01
CA CYS F 768 -50.31 51.32 15.01
C CYS F 768 -50.69 49.97 14.43
N LEU F 769 -50.43 48.91 15.20
CA LEU F 769 -50.79 47.56 14.82
C LEU F 769 -51.60 46.97 15.97
N PRO F 770 -52.81 46.46 15.72
CA PRO F 770 -53.61 45.89 16.81
C PRO F 770 -52.91 44.73 17.48
N VAL F 771 -53.07 44.65 18.80
CA VAL F 771 -52.48 43.54 19.55
C VAL F 771 -53.28 42.26 19.33
N GLU F 772 -54.55 42.40 18.93
CA GLU F 772 -55.41 41.25 18.66
C GLU F 772 -54.99 40.47 17.42
N LEU F 773 -54.09 41.03 16.61
CA LEU F 773 -53.60 40.30 15.44
C LEU F 773 -52.85 39.03 15.81
N GLY F 774 -52.16 39.03 16.96
CA GLY F 774 -51.40 37.86 17.37
C GLY F 774 -52.21 36.68 17.83
N GLU F 775 -53.52 36.87 18.07
CA GLU F 775 -54.41 35.78 18.45
C GLU F 775 -54.94 35.16 17.16
N CYS F 776 -54.19 34.22 16.61
CA CYS F 776 -54.54 33.57 15.37
C CYS F 776 -54.02 32.13 15.43
N PRO F 777 -54.82 31.15 14.99
CA PRO F 777 -54.34 29.76 15.02
C PRO F 777 -53.07 29.54 14.22
N LEU F 778 -52.93 30.21 13.08
CA LEU F 778 -51.77 30.07 12.21
C LEU F 778 -51.16 31.46 12.00
N LEU F 779 -50.04 31.71 12.69
CA LEU F 779 -49.34 32.99 12.54
C LEU F 779 -47.89 32.79 12.95
N LYS F 780 -46.97 33.11 12.04
CA LYS F 780 -45.54 32.97 12.29
C LYS F 780 -44.83 34.22 11.76
N ARG F 781 -43.51 34.23 11.91
CA ARG F 781 -42.72 35.36 11.43
C ARG F 781 -42.75 35.46 9.91
N SER F 782 -42.71 34.32 9.22
CA SER F 782 -42.65 34.33 7.76
C SER F 782 -43.93 34.90 7.16
N GLY F 783 -45.09 34.53 7.70
CA GLY F 783 -46.34 35.00 7.13
C GLY F 783 -46.54 36.50 7.27
N LEU F 784 -46.24 37.03 8.46
CA LEU F 784 -46.44 38.44 8.76
C LEU F 784 -45.07 39.08 8.98
N VAL F 785 -44.66 39.93 8.04
CA VAL F 785 -43.40 40.67 8.13
C VAL F 785 -43.74 42.16 8.17
N VAL F 786 -43.27 42.84 9.21
CA VAL F 786 -43.52 44.26 9.42
C VAL F 786 -42.22 44.92 9.85
N GLU F 787 -42.25 46.25 9.92
CA GLU F 787 -41.07 47.01 10.32
C GLU F 787 -40.72 46.72 11.79
N GLU F 788 -39.42 46.70 12.09
CA GLU F 788 -38.98 46.34 13.43
C GLU F 788 -39.49 47.32 14.47
N ASP F 789 -39.47 48.62 14.16
CA ASP F 789 -39.99 49.62 15.08
C ASP F 789 -41.49 49.42 15.29
N LEU F 790 -42.23 49.14 14.22
CA LEU F 790 -43.66 48.87 14.34
C LEU F 790 -43.93 47.53 15.02
N PHE F 791 -42.97 46.60 14.99
CA PHE F 791 -43.16 45.31 15.64
C PHE F 791 -43.20 45.44 17.16
N SER F 792 -42.65 46.52 17.70
CA SER F 792 -42.59 46.70 19.14
C SER F 792 -43.90 47.18 19.75
N THR F 793 -44.89 47.52 18.92
CA THR F 793 -46.16 48.00 19.45
C THR F 793 -46.98 46.90 20.11
N LEU F 794 -46.64 45.62 19.89
CA LEU F 794 -47.31 44.53 20.56
C LEU F 794 -46.50 44.07 21.77
N PRO F 795 -47.17 43.72 22.86
CA PRO F 795 -46.45 43.38 24.10
C PRO F 795 -45.66 42.09 23.95
N PRO F 796 -44.61 41.90 24.76
CA PRO F 796 -43.68 40.78 24.51
C PRO F 796 -44.20 39.40 24.87
N GLU F 797 -45.25 39.28 25.69
CA GLU F 797 -45.67 37.96 26.15
C GLU F 797 -46.19 37.11 25.00
N VAL F 798 -46.68 37.74 23.93
CA VAL F 798 -47.10 36.97 22.77
C VAL F 798 -45.94 36.80 21.79
N LYS F 799 -45.04 37.78 21.71
CA LYS F 799 -43.90 37.66 20.82
C LYS F 799 -43.00 36.51 21.22
N GLU F 800 -42.72 36.38 22.52
CA GLU F 800 -41.90 35.26 22.99
C GLU F 800 -42.58 33.93 22.75
N ARG F 801 -43.89 33.87 22.98
CA ARG F 801 -44.64 32.64 22.75
C ARG F 801 -44.58 32.21 21.29
N LEU F 802 -44.78 33.15 20.36
CA LEU F 802 -44.74 32.80 18.94
C LEU F 802 -43.31 32.47 18.50
N TRP F 803 -42.31 33.14 19.08
CA TRP F 803 -40.93 32.83 18.76
C TRP F 803 -40.55 31.42 19.24
N ARG F 804 -41.13 30.97 20.36
CA ARG F 804 -40.85 29.62 20.83
C ARG F 804 -41.30 28.57 19.83
N ALA F 805 -42.42 28.81 19.15
CA ALA F 805 -42.97 27.86 18.19
C ALA F 805 -42.50 28.12 16.76
N ASP F 806 -41.60 29.07 16.54
CA ASP F 806 -41.15 29.37 15.18
C ASP F 806 -40.19 28.33 14.63
N LYS F 807 -39.52 27.56 15.49
CA LYS F 807 -38.57 26.55 15.01
C LYS F 807 -39.29 25.49 14.18
N GLU F 808 -40.18 24.73 14.81
CA GLU F 808 -40.96 23.72 14.11
C GLU F 808 -42.12 23.23 14.99
N GLN G 5 -13.95 60.24 -13.59
CA GLN G 5 -13.01 60.41 -12.50
C GLN G 5 -13.61 61.22 -11.36
N VAL G 6 -13.10 61.03 -10.15
CA VAL G 6 -13.59 61.70 -8.96
C VAL G 6 -12.46 62.56 -8.40
N GLN G 7 -12.71 63.86 -8.27
CA GLN G 7 -11.70 64.78 -7.76
C GLN G 7 -12.40 65.88 -6.98
N LEU G 8 -11.73 66.35 -5.92
CA LEU G 8 -12.24 67.40 -5.06
C LEU G 8 -11.32 68.60 -5.13
N VAL G 9 -11.89 69.77 -5.37
CA VAL G 9 -11.14 71.01 -5.44
C VAL G 9 -11.78 72.02 -4.49
N GLU G 10 -10.96 72.59 -3.61
CA GLU G 10 -11.42 73.57 -2.63
C GLU G 10 -10.43 74.72 -2.56
N SER G 11 -10.97 75.92 -2.36
CA SER G 11 -10.17 77.13 -2.23
C SER G 11 -10.99 78.17 -1.48
N GLY G 12 -10.52 79.41 -1.49
CA GLY G 12 -11.18 80.50 -0.82
C GLY G 12 -10.69 80.77 0.59
N GLY G 13 -10.00 79.81 1.20
CA GLY G 13 -9.48 80.01 2.55
C GLY G 13 -8.33 80.98 2.59
N GLY G 14 -8.57 82.16 3.15
CA GLY G 14 -7.55 83.18 3.25
C GLY G 14 -7.45 83.71 4.67
N LEU G 15 -6.41 84.52 4.90
CA LEU G 15 -6.20 85.10 6.22
C LEU G 15 -7.38 85.99 6.60
N VAL G 16 -7.89 85.79 7.82
CA VAL G 16 -9.04 86.50 8.32
C VAL G 16 -8.75 86.97 9.74
N GLN G 17 -9.12 88.21 10.06
CA GLN G 17 -8.96 88.73 11.40
C GLN G 17 -9.83 87.93 12.37
N ALA G 18 -9.42 87.94 13.64
CA ALA G 18 -10.12 87.18 14.66
C ALA G 18 -11.58 87.61 14.76
N GLY G 19 -12.48 86.63 14.81
CA GLY G 19 -13.90 86.90 14.84
C GLY G 19 -14.56 87.15 13.49
N GLY G 20 -13.89 86.81 12.40
CA GLY G 20 -14.42 87.05 11.08
C GLY G 20 -15.42 85.99 10.64
N SER G 21 -15.63 85.92 9.33
CA SER G 21 -16.57 84.96 8.76
C SER G 21 -16.20 84.73 7.30
N LEU G 22 -15.68 83.55 7.00
CA LEU G 22 -15.35 83.17 5.63
C LEU G 22 -16.21 81.98 5.20
N ARG G 23 -16.52 81.95 3.91
CA ARG G 23 -17.37 80.92 3.32
C ARG G 23 -16.47 79.90 2.62
N LEU G 24 -16.23 78.76 3.28
CA LEU G 24 -15.42 77.69 2.70
C LEU G 24 -16.24 76.92 1.67
N SER G 25 -15.60 76.59 0.55
CA SER G 25 -16.26 75.92 -0.55
C SER G 25 -15.42 74.73 -1.01
N CYS G 26 -16.10 73.70 -1.51
CA CYS G 26 -15.44 72.53 -2.06
C CYS G 26 -16.24 72.00 -3.23
N ALA G 27 -15.59 71.84 -4.38
CA ALA G 27 -16.24 71.40 -5.60
C ALA G 27 -16.02 69.91 -5.79
N ALA G 28 -17.09 69.19 -6.14
CA ALA G 28 -17.04 67.75 -6.33
C ALA G 28 -17.20 67.41 -7.81
N SER G 29 -16.52 66.36 -8.25
CA SER G 29 -16.56 65.93 -9.63
C SER G 29 -16.76 64.42 -9.69
N GLY G 30 -17.60 63.98 -10.62
CA GLY G 30 -17.82 62.56 -10.87
C GLY G 30 -18.99 61.96 -10.13
N PHE G 31 -19.55 62.65 -9.13
CA PHE G 31 -20.64 62.09 -8.34
C PHE G 31 -21.53 63.22 -7.87
N PRO G 32 -22.85 63.03 -7.84
CA PRO G 32 -23.72 64.03 -7.22
C PRO G 32 -23.42 64.15 -5.73
N VAL G 33 -23.52 65.38 -5.22
CA VAL G 33 -23.21 65.59 -3.81
C VAL G 33 -24.34 65.10 -2.92
N MET G 34 -25.57 65.05 -3.44
CA MET G 34 -26.69 64.57 -2.64
C MET G 34 -26.52 63.11 -2.25
N ASN G 35 -26.03 62.29 -3.18
CA ASN G 35 -25.79 60.87 -2.89
C ASN G 35 -24.35 60.64 -2.44
N ALA G 36 -23.91 61.40 -1.45
CA ALA G 36 -22.56 61.28 -0.91
C ALA G 36 -22.47 62.05 0.39
N GLY G 37 -21.69 61.51 1.33
CA GLY G 37 -21.41 62.21 2.57
C GLY G 37 -20.08 62.92 2.48
N MET G 38 -20.09 64.21 2.79
CA MET G 38 -18.91 65.06 2.65
C MET G 38 -18.40 65.44 4.04
N TYR G 39 -17.08 65.33 4.23
CA TYR G 39 -16.44 65.60 5.50
C TYR G 39 -15.44 66.74 5.37
N TRP G 40 -15.23 67.46 6.46
CA TRP G 40 -14.25 68.54 6.53
C TRP G 40 -13.25 68.21 7.63
N TYR G 41 -11.98 68.07 7.25
CA TYR G 41 -10.92 67.77 8.20
C TYR G 41 -10.01 68.98 8.41
N ARG G 42 -9.39 69.02 9.58
CA ARG G 42 -8.53 70.13 9.97
C ARG G 42 -7.14 69.59 10.28
N GLN G 43 -6.12 70.19 9.66
CA GLN G 43 -4.73 69.85 9.90
C GLN G 43 -3.97 71.09 10.32
N ALA G 44 -3.40 71.07 11.52
CA ALA G 44 -2.64 72.20 12.03
C ALA G 44 -1.17 71.82 12.15
N PRO G 45 -0.26 72.78 11.96
CA PRO G 45 1.17 72.46 12.08
C PRO G 45 1.51 71.96 13.48
N GLY G 46 2.38 70.96 13.53
CA GLY G 46 2.76 70.35 14.79
C GLY G 46 1.77 69.36 15.35
N LYS G 47 0.66 69.11 14.65
CA LYS G 47 -0.38 68.19 15.13
C LYS G 47 -0.80 67.30 13.96
N GLU G 48 -1.89 66.57 14.17
CA GLU G 48 -2.42 65.63 13.21
C GLU G 48 -3.73 66.15 12.62
N ARG G 49 -4.39 65.31 11.83
CA ARG G 49 -5.66 65.69 11.21
C ARG G 49 -6.80 65.54 12.21
N GLU G 50 -7.61 66.59 12.34
CA GLU G 50 -8.78 66.57 13.20
C GLU G 50 -10.03 66.83 12.36
N TRP G 51 -11.05 66.00 12.59
CA TRP G 51 -12.33 66.18 11.92
C TRP G 51 -13.04 67.42 12.46
N VAL G 52 -13.83 68.07 11.59
CA VAL G 52 -14.52 69.30 11.96
C VAL G 52 -16.02 69.13 11.86
N ALA G 53 -16.51 68.82 10.66
CA ALA G 53 -17.94 68.76 10.42
C ALA G 53 -18.24 67.67 9.41
N ALA G 54 -19.50 67.24 9.39
CA ALA G 54 -19.94 66.18 8.50
C ALA G 54 -21.36 66.48 8.02
N ILE G 55 -21.64 66.11 6.78
CA ILE G 55 -22.97 66.23 6.19
C ILE G 55 -23.39 64.87 5.66
N GLU G 56 -24.64 64.50 5.92
CA GLU G 56 -25.13 63.16 5.60
C GLU G 56 -25.99 63.19 4.35
N SER G 57 -25.80 62.19 3.50
CA SER G 57 -26.48 62.14 2.21
C SER G 57 -27.96 61.86 2.37
N GLU G 58 -28.75 62.35 1.41
CA GLU G 58 -30.21 62.17 1.34
C GLU G 58 -30.87 62.38 2.71
N GLY G 59 -30.86 63.63 3.15
CA GLY G 59 -31.43 63.98 4.43
C GLY G 59 -30.70 65.09 5.14
N THR G 60 -29.54 65.49 4.60
CA THR G 60 -28.74 66.63 5.03
C THR G 60 -28.69 66.83 6.54
N SER G 61 -28.53 65.75 7.30
CA SER G 61 -28.41 65.82 8.76
C SER G 61 -26.96 66.17 9.09
N THR G 62 -26.74 67.38 9.59
CA THR G 62 -25.40 67.88 9.80
C THR G 62 -24.83 67.43 11.13
N TYR G 63 -23.54 67.10 11.14
CA TYR G 63 -22.80 66.74 12.34
C TYR G 63 -21.53 67.56 12.40
N TYR G 64 -21.20 68.05 13.60
CA TYR G 64 -20.03 68.89 13.79
C TYR G 64 -19.22 68.39 14.97
N ALA G 65 -17.92 68.68 14.97
CA ALA G 65 -17.09 68.42 16.12
C ALA G 65 -17.50 69.31 17.28
N ASP G 66 -17.39 68.78 18.50
CA ASP G 66 -17.90 69.48 19.67
C ASP G 66 -17.21 70.83 19.88
N SER G 67 -15.89 70.87 19.66
CA SER G 67 -15.15 72.10 19.90
C SER G 67 -15.53 73.19 18.90
N VAL G 68 -16.01 72.82 17.72
CA VAL G 68 -16.32 73.77 16.65
C VAL G 68 -17.82 73.84 16.37
N LYS G 69 -18.63 73.06 17.07
CA LYS G 69 -20.07 73.11 16.84
C LYS G 69 -20.66 74.39 17.40
N GLY G 70 -21.62 74.96 16.66
CA GLY G 70 -22.26 76.20 17.02
C GLY G 70 -21.69 77.42 16.34
N ARG G 71 -20.53 77.30 15.69
CA ARG G 71 -19.93 78.40 14.94
C ARG G 71 -19.69 78.01 13.48
N PHE G 72 -20.28 76.92 13.02
CA PHE G 72 -20.14 76.44 11.66
C PHE G 72 -21.50 76.23 11.03
N THR G 73 -21.57 76.43 9.71
CA THR G 73 -22.79 76.19 8.94
C THR G 73 -22.42 75.46 7.65
N ILE G 74 -23.04 74.30 7.45
CA ILE G 74 -22.74 73.44 6.31
C ILE G 74 -24.03 73.24 5.51
N SER G 75 -23.98 73.54 4.22
CA SER G 75 -25.11 73.36 3.33
C SER G 75 -24.63 72.73 2.03
N ARG G 76 -25.53 72.00 1.38
CA ARG G 76 -25.22 71.30 0.14
C ARG G 76 -26.18 71.75 -0.95
N ASP G 77 -25.64 71.99 -2.14
CA ASP G 77 -26.43 72.39 -3.30
C ASP G 77 -26.02 71.56 -4.50
N ASN G 78 -26.96 71.34 -5.41
CA ASN G 78 -26.71 70.52 -6.60
C ASN G 78 -26.34 71.34 -7.83
N ALA G 79 -26.90 72.54 -7.97
CA ALA G 79 -26.65 73.35 -9.16
C ALA G 79 -25.17 73.68 -9.28
N LYS G 80 -24.53 74.06 -8.18
CA LYS G 80 -23.10 74.31 -8.16
C LYS G 80 -22.29 73.06 -7.87
N ASN G 81 -22.92 71.99 -7.38
CA ASN G 81 -22.24 70.76 -7.01
C ASN G 81 -21.09 71.03 -6.04
N THR G 82 -21.32 71.98 -5.13
CA THR G 82 -20.31 72.46 -4.21
C THR G 82 -20.83 72.42 -2.78
N VAL G 83 -19.98 71.98 -1.87
CA VAL G 83 -20.29 71.94 -0.44
C VAL G 83 -19.81 73.24 0.18
N TYR G 84 -20.68 73.85 0.98
CA TYR G 84 -20.39 75.15 1.58
C TYR G 84 -20.21 75.00 3.08
N LEU G 85 -19.13 75.60 3.61
CA LEU G 85 -18.90 75.69 5.03
C LEU G 85 -18.79 77.16 5.40
N GLN G 86 -19.65 77.62 6.30
CA GLN G 86 -19.73 79.02 6.69
C GLN G 86 -19.13 79.20 8.08
N MET G 87 -18.26 80.20 8.21
CA MET G 87 -17.57 80.46 9.46
C MET G 87 -18.25 81.56 10.25
N ASN G 88 -18.09 81.50 11.57
CA ASN G 88 -18.60 82.53 12.47
C ASN G 88 -17.70 82.61 13.68
N SER G 89 -17.18 83.80 13.96
CA SER G 89 -16.37 84.09 15.15
C SER G 89 -15.14 83.18 15.21
N LEU G 90 -14.26 83.38 14.23
CA LEU G 90 -13.00 82.64 14.19
C LEU G 90 -12.14 82.98 15.40
N LYS G 91 -11.47 81.96 15.92
CA LYS G 91 -10.60 82.08 17.09
C LYS G 91 -9.14 81.87 16.70
N PRO G 92 -8.19 82.34 17.53
CA PRO G 92 -6.77 82.21 17.17
C PRO G 92 -6.30 80.78 17.02
N GLU G 93 -7.02 79.80 17.56
CA GLU G 93 -6.69 78.39 17.36
C GLU G 93 -7.35 77.80 16.12
N ASP G 94 -8.20 78.56 15.43
CA ASP G 94 -8.90 78.04 14.26
C ASP G 94 -7.99 77.92 13.04
N THR G 95 -6.94 78.73 12.97
CA THR G 95 -6.07 78.74 11.79
C THR G 95 -5.39 77.39 11.60
N ALA G 96 -5.78 76.68 10.56
CA ALA G 96 -5.21 75.39 10.22
C ALA G 96 -5.68 75.02 8.81
N VAL G 97 -5.05 74.01 8.23
CA VAL G 97 -5.36 73.55 6.89
C VAL G 97 -6.71 72.84 6.92
N TYR G 98 -7.62 73.26 6.05
CA TYR G 98 -8.93 72.62 5.91
C TYR G 98 -8.87 71.60 4.78
N TYR G 99 -9.17 70.35 5.10
CA TYR G 99 -9.20 69.28 4.13
C TYR G 99 -10.64 68.94 3.79
N CYS G 100 -10.82 68.30 2.63
CA CYS G 100 -12.14 67.87 2.17
C CYS G 100 -12.07 66.40 1.79
N ASN G 101 -12.99 65.61 2.35
CA ASN G 101 -13.02 64.17 2.12
C ASN G 101 -14.45 63.71 1.89
N VAL G 102 -14.64 62.80 0.93
CA VAL G 102 -15.90 62.11 0.71
C VAL G 102 -15.62 60.63 0.62
N LYS G 103 -16.39 59.83 1.36
CA LYS G 103 -16.22 58.39 1.38
C LYS G 103 -17.47 57.72 0.81
N ASP G 104 -17.26 56.60 0.12
CA ASP G 104 -18.31 55.88 -0.59
C ASP G 104 -19.01 56.78 -1.61
N VAL G 105 -18.22 57.17 -2.62
CA VAL G 105 -18.74 57.84 -3.79
C VAL G 105 -19.51 56.81 -4.62
N GLY G 106 -20.21 57.27 -5.66
CA GLY G 106 -21.00 56.37 -6.46
C GLY G 106 -20.18 55.23 -7.06
N ASP G 107 -18.98 55.54 -7.55
CA ASP G 107 -18.10 54.53 -8.12
C ASP G 107 -17.37 53.81 -6.99
N ASN G 108 -17.65 52.52 -6.83
CA ASN G 108 -17.04 51.73 -5.76
C ASN G 108 -15.74 51.09 -6.27
N HIS G 109 -14.81 51.94 -6.64
CA HIS G 109 -13.54 51.52 -7.22
C HIS G 109 -12.45 51.51 -6.14
N PHE G 110 -11.24 51.15 -6.54
CA PHE G 110 -10.14 51.01 -5.59
C PHE G 110 -9.89 52.28 -4.77
N PRO G 111 -9.92 53.50 -5.33
CA PRO G 111 -9.90 54.67 -4.44
C PRO G 111 -11.25 54.87 -3.77
N TYR G 112 -11.32 54.53 -2.48
CA TYR G 112 -12.57 54.62 -1.74
C TYR G 112 -12.77 55.97 -1.08
N ASP G 113 -11.70 56.63 -0.66
CA ASP G 113 -11.76 57.95 -0.07
C ASP G 113 -10.93 58.91 -0.91
N TYR G 114 -11.37 60.16 -0.99
CA TYR G 114 -10.70 61.18 -1.78
C TYR G 114 -10.44 62.39 -0.91
N TRP G 115 -9.18 62.80 -0.85
CA TRP G 115 -8.77 63.94 -0.05
C TRP G 115 -8.44 65.13 -0.96
N GLY G 116 -8.96 66.29 -0.60
CA GLY G 116 -8.74 67.48 -1.39
C GLY G 116 -7.34 68.04 -1.22
N GLN G 117 -7.04 69.05 -2.05
CA GLN G 117 -5.72 69.68 -2.00
C GLN G 117 -5.46 70.31 -0.63
N GLY G 118 -6.46 70.99 -0.08
CA GLY G 118 -6.33 71.58 1.23
C GLY G 118 -5.82 73.01 1.20
N THR G 119 -6.58 73.92 1.80
CA THR G 119 -6.22 75.32 1.89
C THR G 119 -6.16 75.74 3.36
N GLN G 120 -5.16 76.55 3.69
CA GLN G 120 -4.94 76.97 5.07
C GLN G 120 -5.56 78.35 5.30
N VAL G 121 -6.38 78.46 6.34
CA VAL G 121 -6.90 79.74 6.77
C VAL G 121 -6.00 80.28 7.88
N THR G 122 -5.85 81.59 7.95
CA THR G 122 -5.02 82.24 8.95
C THR G 122 -5.86 83.16 9.81
N VAL G 123 -5.80 82.98 11.13
CA VAL G 123 -6.55 83.78 12.09
C VAL G 123 -5.55 84.47 13.02
N SER G 124 -5.62 85.80 13.07
CA SER G 124 -4.73 86.57 13.93
C SER G 124 -5.29 87.97 14.16
N GLN H 5 4.37 49.72 31.58
CA GLN H 5 5.17 48.85 32.43
C GLN H 5 4.68 48.91 33.87
N VAL H 6 5.09 47.92 34.67
CA VAL H 6 4.69 47.82 36.06
C VAL H 6 5.93 48.02 36.93
N GLN H 7 5.87 49.00 37.82
CA GLN H 7 6.98 49.29 38.73
C GLN H 7 6.42 49.84 40.02
N LEU H 8 7.15 49.59 41.12
CA LEU H 8 6.74 50.01 42.45
C LEU H 8 7.84 50.88 43.04
N VAL H 9 7.45 52.03 43.60
CA VAL H 9 8.39 52.99 44.16
C VAL H 9 7.70 53.74 45.28
N GLU H 10 8.45 53.99 46.36
CA GLU H 10 7.94 54.71 47.53
C GLU H 10 8.92 55.82 47.89
N SER H 11 8.54 56.62 48.89
CA SER H 11 9.34 57.76 49.32
C SER H 11 9.11 57.97 50.81
N GLY H 12 9.52 59.13 51.32
CA GLY H 12 9.35 59.46 52.72
C GLY H 12 10.49 59.05 53.63
N GLY H 13 11.53 58.42 53.10
CA GLY H 13 12.65 57.99 53.91
C GLY H 13 13.37 59.13 54.61
N GLY H 14 13.63 58.96 55.91
CA GLY H 14 14.33 59.98 56.67
C GLY H 14 14.52 59.58 58.12
N LEU H 15 15.72 59.84 58.66
CA LEU H 15 16.01 59.48 60.04
C LEU H 15 15.36 60.48 60.99
N VAL H 16 14.52 59.97 61.89
CA VAL H 16 13.76 60.80 62.83
C VAL H 16 13.96 60.23 64.23
N GLN H 17 14.36 61.09 65.17
CA GLN H 17 14.45 60.69 66.56
C GLN H 17 13.05 60.43 67.11
N ALA H 18 13.00 59.57 68.14
CA ALA H 18 11.72 59.22 68.75
C ALA H 18 11.02 60.47 69.28
N GLY H 19 9.72 60.58 68.98
CA GLY H 19 8.93 61.73 69.38
C GLY H 19 8.22 62.42 68.23
N GLY H 20 8.41 62.01 66.98
CA GLY H 20 7.74 62.64 65.87
C GLY H 20 6.86 61.69 65.09
N SER H 21 6.30 62.16 63.97
CA SER H 21 5.43 61.35 63.14
C SER H 21 5.89 61.45 61.70
N LEU H 22 6.17 60.30 61.08
CA LEU H 22 6.62 60.23 59.70
C LEU H 22 5.50 59.68 58.83
N ARG H 23 5.23 60.37 57.72
CA ARG H 23 4.19 59.97 56.78
C ARG H 23 4.86 59.38 55.54
N LEU H 24 4.76 58.07 55.39
CA LEU H 24 5.30 57.40 54.22
C LEU H 24 4.38 57.61 53.02
N SER H 25 4.74 57.00 51.90
CA SER H 25 3.97 57.09 50.67
C SER H 25 4.37 55.93 49.77
N CYS H 26 3.86 55.94 48.54
CA CYS H 26 4.20 54.93 47.54
C CYS H 26 3.83 55.48 46.17
N ALA H 27 4.05 54.68 45.14
CA ALA H 27 3.67 55.05 43.79
C ALA H 27 3.59 53.78 42.95
N ALA H 28 2.40 53.52 42.40
CA ALA H 28 2.15 52.33 41.60
C ALA H 28 1.89 52.74 40.15
N SER H 29 2.47 51.99 39.22
CA SER H 29 2.35 52.28 37.79
C SER H 29 1.81 51.05 37.07
N GLY H 30 0.91 51.27 36.12
CA GLY H 30 0.42 50.23 35.25
C GLY H 30 -0.82 49.50 35.73
N PHE H 31 -1.29 49.76 36.95
CA PHE H 31 -2.46 49.09 37.46
C PHE H 31 -3.17 49.98 38.46
N PRO H 32 -4.48 49.88 38.60
CA PRO H 32 -5.17 50.57 39.69
C PRO H 32 -4.83 49.96 41.03
N VAL H 33 -4.90 50.79 42.08
CA VAL H 33 -4.57 50.31 43.41
C VAL H 33 -5.76 49.63 44.08
N MET H 34 -6.99 50.04 43.72
CA MET H 34 -8.17 49.44 44.35
C MET H 34 -8.28 47.96 44.04
N ASN H 35 -8.01 47.57 42.79
CA ASN H 35 -8.10 46.17 42.38
C ASN H 35 -6.75 45.45 42.52
N ALA H 36 -6.15 45.57 43.71
CA ALA H 36 -4.85 44.95 43.98
C ALA H 36 -4.59 44.90 45.47
N GLY H 37 -3.92 43.84 45.92
CA GLY H 37 -3.52 43.74 47.31
C GLY H 37 -2.15 44.31 47.57
N MET H 38 -2.09 45.42 48.30
CA MET H 38 -0.85 46.11 48.59
C MET H 38 -0.32 45.68 49.95
N TYR H 39 1.00 45.48 50.03
CA TYR H 39 1.64 45.00 51.23
C TYR H 39 2.80 45.92 51.62
N TRP H 40 3.07 45.99 52.92
CA TRP H 40 4.23 46.69 53.45
C TRP H 40 5.09 45.70 54.23
N TYR H 41 6.38 45.66 53.89
CA TYR H 41 7.34 44.79 54.55
C TYR H 41 8.48 45.61 55.13
N ARG H 42 9.10 45.09 56.17
CA ARG H 42 10.25 45.73 56.81
C ARG H 42 11.50 44.91 56.57
N GLN H 43 12.61 45.61 56.39
CA GLN H 43 13.92 44.98 56.22
C GLN H 43 14.89 45.61 57.21
N ALA H 44 15.62 44.77 57.94
CA ALA H 44 16.53 45.22 58.96
C ALA H 44 17.90 44.58 58.75
N PRO H 45 18.98 45.24 59.18
CA PRO H 45 20.31 44.64 59.06
C PRO H 45 20.42 43.37 59.89
N GLY H 46 20.78 42.27 59.23
CA GLY H 46 20.84 40.98 59.88
C GLY H 46 19.51 40.30 60.06
N LYS H 47 18.43 40.84 59.50
CA LYS H 47 17.10 40.27 59.64
C LYS H 47 16.42 40.22 58.27
N GLU H 48 15.59 39.21 58.08
CA GLU H 48 14.88 39.03 56.82
C GLU H 48 13.66 39.94 56.75
N ARG H 49 12.98 39.89 55.59
CA ARG H 49 11.81 40.72 55.38
C ARG H 49 10.65 40.25 56.23
N GLU H 50 10.19 41.11 57.14
CA GLU H 50 9.07 40.81 58.02
C GLU H 50 7.86 41.62 57.60
N TRP H 51 6.71 40.96 57.52
CA TRP H 51 5.49 41.63 57.12
C TRP H 51 5.03 42.61 58.19
N VAL H 52 4.52 43.76 57.75
CA VAL H 52 4.10 44.81 58.67
C VAL H 52 2.62 45.10 58.49
N ALA H 53 2.23 45.51 57.29
CA ALA H 53 0.86 45.93 57.04
C ALA H 53 0.40 45.38 55.69
N ALA H 54 -0.91 45.14 55.60
CA ALA H 54 -1.53 44.70 54.35
C ALA H 54 -2.93 45.29 54.26
N ILE H 55 -3.29 45.75 53.06
CA ILE H 55 -4.61 46.27 52.79
C ILE H 55 -5.24 45.41 51.70
N GLU H 56 -6.46 44.95 51.94
CA GLU H 56 -7.12 44.00 51.06
C GLU H 56 -7.92 44.72 49.98
N SER H 57 -7.81 44.20 48.76
CA SER H 57 -8.56 44.74 47.64
C SER H 57 -10.04 44.38 47.76
N GLU H 58 -10.85 45.01 46.90
CA GLU H 58 -12.30 44.86 46.86
C GLU H 58 -12.93 44.80 48.24
N GLY H 59 -12.80 45.88 49.01
CA GLY H 59 -13.39 45.94 50.34
C GLY H 59 -12.58 46.79 51.30
N THR H 60 -11.31 47.01 51.00
CA THR H 60 -10.43 47.91 51.75
C THR H 60 -10.44 47.59 53.25
N SER H 61 -9.98 46.38 53.57
CA SER H 61 -9.86 45.94 54.95
C SER H 61 -8.37 45.88 55.32
N THR H 62 -8.02 46.46 56.47
CA THR H 62 -6.64 46.52 56.92
C THR H 62 -6.28 45.27 57.70
N TYR H 63 -5.09 44.73 57.41
CA TYR H 63 -4.57 43.56 58.11
C TYR H 63 -3.21 43.91 58.71
N TYR H 64 -3.07 43.70 60.02
CA TYR H 64 -1.87 44.08 60.74
C TYR H 64 -1.28 42.88 61.48
N ALA H 65 0.04 42.87 61.59
CA ALA H 65 0.73 41.88 62.41
C ALA H 65 0.73 42.31 63.87
N ASP H 66 0.81 41.33 64.76
CA ASP H 66 0.80 41.62 66.19
C ASP H 66 2.04 42.40 66.64
N SER H 67 3.08 42.47 65.80
CA SER H 67 4.27 43.21 66.16
C SER H 67 3.99 44.70 66.30
N VAL H 68 3.22 45.27 65.37
CA VAL H 68 2.94 46.70 65.37
C VAL H 68 1.44 46.98 65.25
N LYS H 69 0.60 46.04 65.66
CA LYS H 69 -0.84 46.22 65.58
C LYS H 69 -1.30 47.33 66.52
N GLY H 70 -2.24 48.14 66.05
CA GLY H 70 -2.81 49.21 66.85
C GLY H 70 -2.03 50.51 66.88
N ARG H 71 -0.98 50.63 66.08
CA ARG H 71 -0.21 51.86 66.01
C ARG H 71 -0.15 52.46 64.62
N PHE H 72 0.03 51.64 63.60
CA PHE H 72 0.11 52.11 62.23
C PHE H 72 -1.28 52.40 61.68
N THR H 73 -1.31 53.17 60.58
CA THR H 73 -2.55 53.44 59.85
C THR H 73 -2.24 53.39 58.36
N ILE H 74 -2.99 52.56 57.63
CA ILE H 74 -2.81 52.39 56.20
C ILE H 74 -4.08 52.85 55.49
N SER H 75 -3.89 53.60 54.41
CA SER H 75 -5.00 54.08 53.59
C SER H 75 -4.59 54.02 52.12
N ARG H 76 -5.60 53.89 51.26
CA ARG H 76 -5.40 53.85 49.82
C ARG H 76 -6.00 55.10 49.20
N ASP H 77 -5.20 55.83 48.43
CA ASP H 77 -5.63 57.04 47.75
C ASP H 77 -5.58 56.79 46.24
N ASN H 78 -6.74 56.46 45.67
CA ASN H 78 -6.81 56.18 44.23
C ASN H 78 -6.64 57.45 43.40
N ALA H 79 -6.81 58.63 43.99
CA ALA H 79 -6.62 59.86 43.25
C ALA H 79 -5.17 60.00 42.78
N LYS H 80 -4.22 59.74 43.67
CA LYS H 80 -2.80 59.75 43.33
C LYS H 80 -2.30 58.38 42.90
N ASN H 81 -3.13 57.34 43.00
CA ASN H 81 -2.74 55.96 42.70
C ASN H 81 -1.56 55.54 43.57
N THR H 82 -1.78 55.57 44.89
CA THR H 82 -0.72 55.32 45.85
C THR H 82 -1.30 54.76 47.13
N VAL H 83 -0.42 54.33 48.02
CA VAL H 83 -0.79 53.82 49.34
C VAL H 83 -0.02 54.63 50.39
N TYR H 84 -0.76 55.23 51.32
CA TYR H 84 -0.16 56.06 52.36
C TYR H 84 -0.11 55.30 53.68
N LEU H 85 1.05 55.37 54.33
CA LEU H 85 1.27 54.70 55.62
C LEU H 85 1.74 55.74 56.62
N GLN H 86 1.11 55.75 57.79
CA GLN H 86 1.41 56.71 58.86
C GLN H 86 1.71 55.97 60.15
N MET H 87 2.75 56.41 60.84
CA MET H 87 3.14 55.85 62.13
C MET H 87 2.69 56.76 63.27
N ASN H 88 2.66 56.19 64.48
CA ASN H 88 2.28 56.90 65.69
C ASN H 88 3.36 56.68 66.74
N SER H 89 4.41 57.51 66.70
CA SER H 89 5.51 57.47 67.66
C SER H 89 6.13 56.08 67.71
N LEU H 90 6.70 55.68 66.57
CA LEU H 90 7.30 54.36 66.46
C LEU H 90 8.51 54.23 67.39
N LYS H 91 8.70 53.03 67.93
CA LYS H 91 9.75 52.78 68.91
C LYS H 91 11.13 52.81 68.27
N PRO H 92 12.18 53.03 69.06
CA PRO H 92 13.54 52.96 68.51
C PRO H 92 13.88 51.61 67.90
N GLU H 93 13.33 50.52 68.44
CA GLU H 93 13.59 49.20 67.90
C GLU H 93 12.86 48.93 66.59
N ASP H 94 11.98 49.84 66.17
CA ASP H 94 11.21 49.67 64.94
C ASP H 94 11.97 50.13 63.70
N THR H 95 13.20 50.61 63.84
CA THR H 95 13.99 51.04 62.70
C THR H 95 14.21 49.87 61.73
N ALA H 96 13.89 50.11 60.46
CA ALA H 96 14.02 49.09 59.42
C ALA H 96 13.93 49.79 58.07
N VAL H 97 14.18 49.01 57.02
CA VAL H 97 14.02 49.47 55.65
C VAL H 97 12.70 48.91 55.13
N TYR H 98 11.74 49.79 54.88
CA TYR H 98 10.40 49.38 54.52
C TYR H 98 10.29 49.11 53.02
N TYR H 99 9.65 47.99 52.68
CA TYR H 99 9.45 47.56 51.30
C TYR H 99 7.96 47.50 51.00
N CYS H 100 7.58 48.08 49.87
CA CYS H 100 6.22 47.92 49.36
C CYS H 100 6.14 46.65 48.52
N ASN H 101 4.95 46.06 48.48
CA ASN H 101 4.74 44.84 47.71
C ASN H 101 3.30 44.73 47.25
N VAL H 102 3.12 44.47 45.96
CA VAL H 102 1.83 44.15 45.38
C VAL H 102 2.00 42.86 44.58
N LYS H 103 1.09 41.92 44.78
CA LYS H 103 1.22 40.59 44.19
C LYS H 103 -0.01 40.26 43.36
N ASP H 104 0.22 39.80 42.13
CA ASP H 104 -0.82 39.28 41.25
C ASP H 104 -1.90 40.33 40.96
N VAL H 105 -1.46 41.38 40.27
CA VAL H 105 -2.35 42.39 39.72
C VAL H 105 -3.14 41.77 38.58
N GLY H 106 -4.15 42.49 38.08
CA GLY H 106 -4.97 41.96 37.01
C GLY H 106 -4.17 41.53 35.80
N ASP H 107 -3.05 42.20 35.54
CA ASP H 107 -2.12 41.74 34.52
C ASP H 107 -1.31 40.57 35.05
N ASN H 108 -1.21 39.50 34.27
CA ASN H 108 -0.60 38.25 34.69
C ASN H 108 0.57 37.91 33.77
N HIS H 109 1.75 38.41 34.12
CA HIS H 109 2.99 38.09 33.40
C HIS H 109 3.99 37.49 34.38
N PHE H 110 5.19 37.22 33.88
CA PHE H 110 6.19 36.48 34.66
C PHE H 110 6.50 37.11 36.02
N PRO H 111 6.73 38.42 36.15
CA PRO H 111 6.91 38.97 37.50
C PRO H 111 5.58 39.04 38.25
N TYR H 112 5.39 38.15 39.22
CA TYR H 112 4.16 38.13 39.98
C TYR H 112 4.22 38.98 41.25
N ASP H 113 5.39 39.18 41.81
CA ASP H 113 5.58 40.01 42.99
C ASP H 113 6.38 41.25 42.60
N TYR H 114 5.85 42.42 42.89
CA TYR H 114 6.51 43.68 42.59
C TYR H 114 6.90 44.37 43.89
N TRP H 115 8.16 44.77 44.01
CA TRP H 115 8.69 45.41 45.20
C TRP H 115 9.18 46.81 44.87
N GLY H 116 9.24 47.66 45.90
CA GLY H 116 9.78 48.99 45.75
C GLY H 116 11.28 49.02 45.91
N GLN H 117 11.85 50.21 45.70
CA GLN H 117 13.30 50.36 45.81
C GLN H 117 13.76 50.18 47.25
N GLY H 118 13.01 50.72 48.21
CA GLY H 118 13.38 50.60 49.61
C GLY H 118 13.81 51.91 50.23
N THR H 119 13.18 52.28 51.34
CA THR H 119 13.50 53.51 52.07
C THR H 119 13.88 53.15 53.49
N GLN H 120 14.96 53.77 53.98
CA GLN H 120 15.46 53.51 55.32
C GLN H 120 15.01 54.60 56.28
N VAL H 121 14.35 54.19 57.36
CA VAL H 121 13.89 55.11 58.40
C VAL H 121 14.56 54.71 59.71
N THR H 122 15.18 55.68 60.38
CA THR H 122 15.95 55.43 61.58
C THR H 122 15.28 56.07 62.78
N VAL H 123 15.21 55.33 63.88
CA VAL H 123 14.65 55.82 65.14
C VAL H 123 15.72 55.67 66.21
N SER H 124 15.99 56.75 66.94
CA SER H 124 17.00 56.73 67.99
C SER H 124 16.57 57.60 69.17
N GLN I 5 23.76 -14.55 56.86
CA GLN I 5 23.95 -15.83 56.18
C GLN I 5 23.24 -16.95 56.93
N VAL I 6 22.85 -17.99 56.19
CA VAL I 6 22.13 -19.13 56.76
C VAL I 6 22.99 -20.37 56.58
N GLN I 7 23.28 -21.04 57.69
CA GLN I 7 24.13 -22.23 57.67
C GLN I 7 23.66 -23.21 58.73
N LEU I 8 23.70 -24.49 58.39
CA LEU I 8 23.31 -25.57 59.30
C LEU I 8 24.55 -26.39 59.63
N VAL I 9 24.78 -26.59 60.93
CA VAL I 9 25.92 -27.38 61.41
C VAL I 9 25.38 -28.44 62.36
N GLU I 10 25.75 -29.69 62.09
CA GLU I 10 25.31 -30.82 62.90
C GLU I 10 26.47 -31.80 63.06
N SER I 11 26.56 -32.39 64.25
CA SER I 11 27.58 -33.39 64.55
C SER I 11 27.09 -34.22 65.73
N GLY I 12 28.00 -35.00 66.31
CA GLY I 12 27.67 -35.85 67.44
C GLY I 12 27.30 -37.28 67.06
N GLY I 13 26.95 -37.53 65.80
CA GLY I 13 26.62 -38.87 65.38
C GLY I 13 27.83 -39.76 65.25
N GLY I 14 27.96 -40.73 66.16
CA GLY I 14 29.09 -41.62 66.16
C GLY I 14 28.64 -43.07 66.22
N LEU I 15 29.60 -43.97 66.11
CA LEU I 15 29.32 -45.40 66.16
C LEU I 15 28.73 -45.78 67.51
N VAL I 16 27.62 -46.50 67.49
CA VAL I 16 26.91 -46.92 68.69
C VAL I 16 26.49 -48.37 68.53
N GLN I 17 26.62 -49.14 69.61
CA GLN I 17 26.20 -50.53 69.59
C GLN I 17 24.71 -50.65 69.29
N ALA I 18 24.32 -51.80 68.74
CA ALA I 18 22.93 -52.04 68.40
C ALA I 18 22.03 -51.92 69.63
N GLY I 19 20.89 -51.26 69.45
CA GLY I 19 19.99 -51.00 70.56
C GLY I 19 20.33 -49.77 71.38
N GLY I 20 21.30 -48.96 70.95
CA GLY I 20 21.70 -47.79 71.69
C GLY I 20 20.76 -46.62 71.49
N SER I 21 21.22 -45.45 71.91
CA SER I 21 20.42 -44.24 71.85
C SER I 21 21.36 -43.04 71.80
N LEU I 22 21.43 -42.38 70.65
CA LEU I 22 22.25 -41.19 70.47
C LEU I 22 21.37 -39.96 70.32
N ARG I 23 21.87 -38.83 70.79
CA ARG I 23 21.17 -37.55 70.73
C ARG I 23 21.70 -36.77 69.54
N LEU I 24 20.95 -36.76 68.46
CA LEU I 24 21.32 -36.02 67.25
C LEU I 24 20.93 -34.56 67.39
N SER I 25 21.86 -33.68 67.07
CA SER I 25 21.69 -32.25 67.24
C SER I 25 22.05 -31.53 65.95
N CYS I 26 21.37 -30.42 65.70
CA CYS I 26 21.65 -29.56 64.56
C CYS I 26 21.50 -28.11 64.98
N ALA I 27 22.41 -27.26 64.51
CA ALA I 27 22.43 -25.84 64.84
C ALA I 27 22.04 -25.02 63.62
N ALA I 28 21.17 -24.04 63.82
CA ALA I 28 20.70 -23.17 62.77
C ALA I 28 21.24 -21.76 62.98
N SER I 29 21.58 -21.09 61.88
CA SER I 29 22.14 -19.74 61.93
C SER I 29 21.42 -18.86 60.92
N GLY I 30 21.18 -17.60 61.30
CA GLY I 30 20.58 -16.62 60.43
C GLY I 30 19.08 -16.50 60.57
N PHE I 31 18.41 -17.45 61.22
CA PHE I 31 16.95 -17.44 61.32
C PHE I 31 16.55 -18.13 62.61
N PRO I 32 15.49 -17.69 63.28
CA PRO I 32 14.99 -18.45 64.43
C PRO I 32 14.44 -19.79 63.99
N VAL I 33 14.71 -20.82 64.81
CA VAL I 33 14.21 -22.15 64.49
C VAL I 33 12.70 -22.25 64.73
N MET I 34 12.15 -21.43 65.63
CA MET I 34 10.71 -21.47 65.89
C MET I 34 9.92 -21.11 64.64
N ASN I 35 10.38 -20.10 63.90
CA ASN I 35 9.72 -19.69 62.66
C ASN I 35 10.35 -20.39 61.45
N ALA I 36 10.47 -21.71 61.52
CA ALA I 36 11.04 -22.50 60.43
C ALA I 36 10.75 -23.97 60.67
N GLY I 37 10.42 -24.67 59.59
CA GLY I 37 10.24 -26.11 59.65
C GLY I 37 11.55 -26.83 59.34
N MET I 38 11.89 -27.79 60.18
CA MET I 38 13.18 -28.48 60.11
C MET I 38 12.94 -29.94 59.76
N TYR I 39 13.75 -30.47 58.85
CA TYR I 39 13.65 -31.85 58.39
C TYR I 39 14.96 -32.57 58.64
N TRP I 40 14.85 -33.89 58.81
CA TRP I 40 16.01 -34.77 59.02
C TRP I 40 16.02 -35.83 57.93
N TYR I 41 16.90 -35.66 56.96
CA TYR I 41 17.03 -36.63 55.87
C TYR I 41 18.12 -37.66 56.21
N ARG I 42 17.98 -38.83 55.60
CA ARG I 42 18.92 -39.93 55.82
C ARG I 42 19.46 -40.42 54.49
N GLN I 43 20.78 -40.48 54.37
CA GLN I 43 21.45 -40.96 53.18
C GLN I 43 22.30 -42.17 53.54
N ALA I 44 22.07 -43.28 52.84
CA ALA I 44 22.81 -44.52 53.07
C ALA I 44 23.62 -44.88 51.83
N PRO I 45 24.79 -45.51 52.00
CA PRO I 45 25.57 -45.92 50.84
C PRO I 45 24.81 -46.92 49.98
N GLY I 46 24.93 -46.76 48.66
CA GLY I 46 24.25 -47.61 47.71
C GLY I 46 22.79 -47.27 47.49
N LYS I 47 22.26 -46.23 48.13
CA LYS I 47 20.86 -45.85 47.99
C LYS I 47 20.80 -44.33 47.85
N GLU I 48 19.59 -43.79 47.92
CA GLU I 48 19.33 -42.36 47.82
C GLU I 48 19.03 -41.79 49.21
N ARG I 49 18.65 -40.53 49.25
CA ARG I 49 18.31 -39.87 50.50
C ARG I 49 16.87 -40.16 50.87
N GLU I 50 16.64 -40.55 52.12
CA GLU I 50 15.30 -40.82 52.63
C GLU I 50 15.00 -39.88 53.79
N TRP I 51 13.82 -39.26 53.74
CA TRP I 51 13.37 -38.41 54.82
C TRP I 51 13.04 -39.22 56.06
N VAL I 52 13.28 -38.64 57.23
CA VAL I 52 13.06 -39.34 58.50
C VAL I 52 12.08 -38.57 59.37
N ALA I 53 12.43 -37.33 59.71
CA ALA I 53 11.66 -36.56 60.69
C ALA I 53 11.29 -35.22 60.11
N ALA I 54 10.21 -34.65 60.65
CA ALA I 54 9.72 -33.35 60.21
C ALA I 54 9.02 -32.67 61.38
N ILE I 55 9.29 -31.38 61.55
CA ILE I 55 8.70 -30.58 62.61
C ILE I 55 8.20 -29.28 61.99
N GLU I 56 7.00 -28.85 62.38
CA GLU I 56 6.35 -27.69 61.79
C GLU I 56 6.49 -26.47 62.69
N SER I 57 6.71 -25.32 62.07
CA SER I 57 6.96 -24.09 62.81
C SER I 57 5.73 -23.64 63.58
N GLU I 58 5.97 -22.91 64.67
CA GLU I 58 4.94 -22.34 65.56
C GLU I 58 3.82 -23.36 65.84
N GLY I 59 4.19 -24.37 66.62
CA GLY I 59 3.24 -25.39 67.00
C GLY I 59 3.84 -26.77 67.11
N THR I 60 5.09 -26.90 66.68
CA THR I 60 5.91 -28.11 66.77
C THR I 60 5.14 -29.41 66.54
N SER I 61 4.24 -29.42 65.54
CA SER I 61 3.54 -30.64 65.17
C SER I 61 4.52 -31.54 64.42
N THR I 62 5.01 -32.58 65.09
CA THR I 62 6.11 -33.38 64.57
C THR I 62 5.60 -34.55 63.74
N TYR I 63 6.27 -34.79 62.61
CA TYR I 63 5.95 -35.90 61.72
C TYR I 63 7.19 -36.76 61.52
N TYR I 64 7.01 -38.07 61.51
CA TYR I 64 8.11 -39.02 61.40
C TYR I 64 7.86 -39.97 60.24
N ALA I 65 8.95 -40.51 59.70
CA ALA I 65 8.83 -41.55 58.69
C ALA I 65 8.27 -42.82 59.34
N ASP I 66 7.42 -43.53 58.59
CA ASP I 66 6.68 -44.65 59.16
C ASP I 66 7.61 -45.75 59.63
N SER I 67 8.68 -46.04 58.87
CA SER I 67 9.58 -47.12 59.25
C SER I 67 10.36 -46.80 60.52
N VAL I 68 10.49 -45.52 60.87
CA VAL I 68 11.28 -45.11 62.01
C VAL I 68 10.43 -44.45 63.09
N LYS I 69 9.14 -44.23 62.83
CA LYS I 69 8.28 -43.60 63.81
C LYS I 69 8.07 -44.51 65.00
N GLY I 70 8.00 -43.92 66.19
CA GLY I 70 7.85 -44.65 67.43
C GLY I 70 9.13 -44.86 68.21
N ARG I 71 10.29 -44.63 67.58
CA ARG I 71 11.58 -44.72 68.26
C ARG I 71 12.41 -43.45 68.06
N PHE I 72 11.79 -42.36 67.64
CA PHE I 72 12.46 -41.09 67.45
C PHE I 72 11.76 -40.01 68.27
N THR I 73 12.55 -39.06 68.78
CA THR I 73 12.03 -37.93 69.52
C THR I 73 12.65 -36.64 68.97
N ILE I 74 11.80 -35.73 68.52
CA ILE I 74 12.24 -34.47 67.92
C ILE I 74 11.61 -33.32 68.70
N SER I 75 12.46 -32.42 69.18
CA SER I 75 11.99 -31.24 69.91
C SER I 75 12.85 -30.05 69.53
N ARG I 76 12.27 -28.86 69.67
CA ARG I 76 12.93 -27.62 69.26
C ARG I 76 13.05 -26.69 70.45
N ASP I 77 14.22 -26.06 70.57
CA ASP I 77 14.48 -25.07 71.61
C ASP I 77 15.03 -23.81 70.97
N ASN I 78 14.60 -22.65 71.48
CA ASN I 78 15.00 -21.38 70.91
C ASN I 78 16.21 -20.76 71.59
N ALA I 79 16.45 -21.07 72.86
CA ALA I 79 17.60 -20.49 73.57
C ALA I 79 18.91 -20.87 72.90
N LYS I 80 19.04 -22.13 72.51
CA LYS I 80 20.21 -22.59 71.78
C LYS I 80 20.08 -22.46 70.27
N ASN I 81 18.87 -22.17 69.77
CA ASN I 81 18.60 -22.07 68.34
C ASN I 81 19.04 -23.34 67.62
N THR I 82 18.66 -24.49 68.18
CA THR I 82 19.10 -25.79 67.69
C THR I 82 17.91 -26.73 67.61
N VAL I 83 18.09 -27.78 66.81
CA VAL I 83 17.09 -28.84 66.64
C VAL I 83 17.66 -30.11 67.23
N TYR I 84 16.82 -30.85 67.96
CA TYR I 84 17.26 -32.04 68.68
C TYR I 84 16.50 -33.27 68.19
N LEU I 85 17.24 -34.34 67.94
CA LEU I 85 16.69 -35.64 67.58
C LEU I 85 17.24 -36.68 68.54
N GLN I 86 16.35 -37.46 69.14
CA GLN I 86 16.74 -38.48 70.12
C GLN I 86 16.46 -39.86 69.54
N MET I 87 17.46 -40.73 69.62
CA MET I 87 17.33 -42.09 69.12
C MET I 87 16.84 -43.02 70.23
N ASN I 88 16.20 -44.11 69.83
CA ASN I 88 15.75 -45.14 70.76
C ASN I 88 15.78 -46.48 70.04
N SER I 89 16.44 -47.47 70.64
CA SER I 89 16.51 -48.83 70.10
C SER I 89 17.11 -48.83 68.69
N LEU I 90 18.37 -48.44 68.63
CA LEU I 90 19.09 -48.41 67.36
C LEU I 90 19.10 -49.80 66.72
N LYS I 91 18.84 -49.84 65.42
CA LYS I 91 18.74 -51.07 64.66
C LYS I 91 19.88 -51.19 63.65
N PRO I 92 20.24 -52.41 63.23
CA PRO I 92 21.36 -52.57 62.29
C PRO I 92 21.13 -51.89 60.94
N GLU I 93 19.90 -51.59 60.58
CA GLU I 93 19.62 -50.88 59.33
C GLU I 93 19.59 -49.37 59.51
N ASP I 94 19.71 -48.86 60.75
CA ASP I 94 19.65 -47.43 60.99
C ASP I 94 20.96 -46.72 60.67
N THR I 95 22.05 -47.45 60.50
CA THR I 95 23.35 -46.83 60.25
C THR I 95 23.42 -46.18 58.87
N ALA I 96 23.35 -44.84 58.84
CA ALA I 96 23.44 -44.09 57.60
C ALA I 96 23.72 -42.64 57.96
N VAL I 97 24.10 -41.86 56.96
CA VAL I 97 24.43 -40.46 57.14
C VAL I 97 23.15 -39.67 57.34
N TYR I 98 23.10 -38.90 58.43
CA TYR I 98 21.95 -38.08 58.74
C TYR I 98 22.16 -36.67 58.20
N TYR I 99 21.21 -36.21 57.39
CA TYR I 99 21.24 -34.86 56.83
C TYR I 99 20.31 -33.95 57.63
N CYS I 100 20.46 -32.66 57.43
CA CYS I 100 19.61 -31.64 58.03
C CYS I 100 19.20 -30.64 56.97
N ASN I 101 17.90 -30.37 56.87
CA ASN I 101 17.39 -29.44 55.88
C ASN I 101 16.29 -28.57 56.48
N VAL I 102 16.29 -27.29 56.13
CA VAL I 102 15.22 -26.36 56.48
C VAL I 102 14.80 -25.64 55.20
N LYS I 103 13.50 -25.61 54.94
CA LYS I 103 12.96 -24.96 53.76
C LYS I 103 12.13 -23.75 54.17
N ASP I 104 12.16 -22.72 53.34
CA ASP I 104 11.48 -21.45 53.59
C ASP I 104 11.95 -20.82 54.91
N VAL I 105 13.24 -20.45 54.91
CA VAL I 105 13.80 -19.65 55.99
C VAL I 105 13.26 -18.24 55.86
N GLY I 106 13.53 -17.40 56.86
CA GLY I 106 12.99 -16.04 56.84
C GLY I 106 13.42 -15.27 55.60
N ASP I 107 14.68 -15.40 55.20
CA ASP I 107 15.19 -14.72 54.02
C ASP I 107 14.80 -15.54 52.78
N ASN I 108 13.96 -14.95 51.93
CA ASN I 108 13.47 -15.63 50.73
C ASN I 108 14.38 -15.32 49.55
N HIS I 109 15.66 -15.67 49.71
CA HIS I 109 16.68 -15.40 48.72
C HIS I 109 16.85 -16.60 47.79
N PHE I 110 17.80 -16.48 46.86
CA PHE I 110 17.99 -17.54 45.87
C PHE I 110 18.25 -18.92 46.49
N PRO I 111 19.06 -19.07 47.55
CA PRO I 111 19.10 -20.37 48.21
C PRO I 111 17.85 -20.61 49.05
N TYR I 112 16.96 -21.47 48.57
CA TYR I 112 15.70 -21.71 49.26
C TYR I 112 15.79 -22.88 50.24
N ASP I 113 16.60 -23.89 49.95
CA ASP I 113 16.81 -25.02 50.83
C ASP I 113 18.28 -25.10 51.22
N TYR I 114 18.54 -25.51 52.46
CA TYR I 114 19.89 -25.58 52.98
C TYR I 114 20.13 -26.97 53.55
N TRP I 115 21.18 -27.63 53.06
CA TRP I 115 21.54 -28.97 53.51
C TRP I 115 22.78 -28.91 54.39
N GLY I 116 22.73 -29.65 55.50
CA GLY I 116 23.84 -29.67 56.42
C GLY I 116 25.01 -30.50 55.93
N GLN I 117 26.11 -30.43 56.68
CA GLN I 117 27.30 -31.18 56.33
C GLN I 117 27.03 -32.69 56.36
N GLY I 118 26.31 -33.15 57.38
CA GLY I 118 25.95 -34.55 57.47
C GLY I 118 26.96 -35.37 58.25
N THR I 119 26.48 -36.09 59.26
CA THR I 119 27.32 -36.97 60.07
C THR I 119 26.74 -38.37 60.03
N GLN I 120 27.62 -39.36 59.94
CA GLN I 120 27.22 -40.76 59.81
C GLN I 120 27.23 -41.42 61.17
N VAL I 121 26.13 -42.08 61.52
CA VAL I 121 26.05 -42.91 62.71
C VAL I 121 26.20 -44.36 62.31
N THR I 122 27.00 -45.12 63.07
CA THR I 122 27.29 -46.51 62.75
C THR I 122 26.67 -47.42 63.80
N VAL I 123 25.91 -48.41 63.34
CA VAL I 123 25.22 -49.36 64.22
C VAL I 123 25.70 -50.75 63.87
N SER I 124 26.19 -51.48 64.87
CA SER I 124 26.66 -52.84 64.67
C SER I 124 26.67 -53.62 65.98
N GLN J 5 7.58 -52.03 27.54
CA GLN J 5 7.27 -52.62 26.24
C GLN J 5 6.06 -53.55 26.34
N VAL J 6 5.46 -53.85 25.20
CA VAL J 6 4.29 -54.72 25.12
C VAL J 6 4.64 -55.93 24.25
N GLN J 7 4.46 -57.11 24.80
CA GLN J 7 4.74 -58.35 24.08
C GLN J 7 4.06 -59.50 24.79
N LEU J 8 3.86 -60.61 24.06
CA LEU J 8 3.26 -61.81 24.59
C LEU J 8 4.24 -62.97 24.45
N VAL J 9 4.36 -63.77 25.49
CA VAL J 9 5.18 -64.98 25.48
C VAL J 9 4.38 -66.11 26.12
N GLU J 10 4.34 -67.26 25.44
CA GLU J 10 3.60 -68.42 25.90
C GLU J 10 4.55 -69.60 26.07
N SER J 11 4.05 -70.66 26.68
CA SER J 11 4.87 -71.84 26.97
C SER J 11 3.97 -73.07 26.92
N GLY J 12 4.47 -74.18 27.46
CA GLY J 12 3.73 -75.43 27.46
C GLY J 12 3.91 -76.29 26.23
N GLY J 13 4.69 -75.84 25.25
CA GLY J 13 4.89 -76.62 24.04
C GLY J 13 5.58 -77.94 24.34
N GLY J 14 5.01 -79.02 23.81
CA GLY J 14 5.57 -80.35 24.00
C GLY J 14 4.76 -81.41 23.28
N LEU J 15 5.44 -82.36 22.63
CA LEU J 15 4.75 -83.41 21.91
C LEU J 15 4.07 -84.37 22.88
N VAL J 16 2.76 -84.52 22.75
CA VAL J 16 1.97 -85.37 23.62
C VAL J 16 1.07 -86.24 22.76
N GLN J 17 1.22 -87.56 22.91
CA GLN J 17 0.35 -88.49 22.20
C GLN J 17 -1.08 -88.38 22.72
N ALA J 18 -2.03 -88.75 21.85
CA ALA J 18 -3.44 -88.70 22.23
C ALA J 18 -3.70 -89.58 23.45
N GLY J 19 -4.45 -89.05 24.40
CA GLY J 19 -4.75 -89.73 25.65
C GLY J 19 -4.41 -88.94 26.89
N GLY J 20 -3.75 -87.79 26.77
CA GLY J 20 -3.43 -86.98 27.92
C GLY J 20 -3.96 -85.56 27.81
N SER J 21 -3.53 -84.68 28.71
CA SER J 21 -3.99 -83.30 28.71
C SER J 21 -2.77 -82.37 28.78
N LEU J 22 -2.80 -81.32 27.97
CA LEU J 22 -1.73 -80.34 27.92
C LEU J 22 -2.26 -78.99 28.41
N ARG J 23 -1.49 -78.35 29.28
CA ARG J 23 -1.87 -77.06 29.86
C ARG J 23 -1.01 -75.97 29.24
N LEU J 24 -1.63 -75.12 28.42
CA LEU J 24 -0.94 -73.98 27.82
C LEU J 24 -1.01 -72.79 28.77
N SER J 25 -0.41 -71.68 28.37
CA SER J 25 -0.38 -70.47 29.17
C SER J 25 0.05 -69.31 28.27
N CYS J 26 0.27 -68.15 28.89
CA CYS J 26 0.78 -66.98 28.19
C CYS J 26 1.43 -66.07 29.21
N ALA J 27 1.82 -64.88 28.76
CA ALA J 27 2.39 -63.87 29.66
C ALA J 27 2.26 -62.52 28.99
N ALA J 28 1.55 -61.59 29.62
CA ALA J 28 1.31 -60.27 29.09
C ALA J 28 2.22 -59.26 29.78
N SER J 29 2.81 -58.36 29.00
CA SER J 29 3.72 -57.35 29.53
C SER J 29 3.22 -55.97 29.14
N GLY J 30 3.18 -55.05 30.12
CA GLY J 30 2.86 -53.66 29.87
C GLY J 30 1.39 -53.31 29.95
N PHE J 31 0.50 -54.29 30.10
CA PHE J 31 -0.92 -53.98 30.17
C PHE J 31 -1.62 -54.99 31.07
N PRO J 32 -2.68 -54.60 31.77
CA PRO J 32 -3.48 -55.57 32.51
C PRO J 32 -4.26 -56.45 31.55
N VAL J 33 -4.54 -57.68 32.01
CA VAL J 33 -5.28 -58.62 31.17
C VAL J 33 -6.78 -58.45 31.31
N MET J 34 -7.27 -57.97 32.45
CA MET J 34 -8.70 -57.80 32.64
C MET J 34 -9.28 -56.78 31.66
N ASN J 35 -8.59 -55.67 31.45
CA ASN J 35 -9.05 -54.63 30.55
C ASN J 35 -8.49 -54.80 29.14
N ALA J 36 -8.65 -56.01 28.60
CA ALA J 36 -8.15 -56.32 27.27
C ALA J 36 -8.78 -57.60 26.73
N GLY J 37 -8.96 -57.68 25.42
CA GLY J 37 -9.47 -58.89 24.81
C GLY J 37 -8.36 -59.81 24.34
N MET J 38 -8.29 -61.01 24.92
CA MET J 38 -7.27 -61.98 24.57
C MET J 38 -7.83 -63.03 23.62
N TYR J 39 -7.03 -63.39 22.61
CA TYR J 39 -7.43 -64.35 21.59
C TYR J 39 -6.38 -65.45 21.48
N TRP J 40 -6.83 -66.64 21.08
CA TRP J 40 -5.95 -67.77 20.81
C TRP J 40 -6.19 -68.23 19.38
N TYR J 41 -5.13 -68.24 18.58
CA TYR J 41 -5.18 -68.71 17.20
C TYR J 41 -4.26 -69.92 17.04
N ARG J 42 -4.55 -70.73 16.04
CA ARG J 42 -3.76 -71.92 15.74
C ARG J 42 -3.20 -71.82 14.33
N GLN J 43 -1.97 -72.32 14.17
CA GLN J 43 -1.29 -72.28 12.88
C GLN J 43 -0.79 -73.69 12.56
N ALA J 44 -0.95 -74.08 11.30
CA ALA J 44 -0.58 -75.40 10.84
C ALA J 44 0.29 -75.28 9.59
N PRO J 45 1.19 -76.25 9.36
CA PRO J 45 2.03 -76.19 8.16
C PRO J 45 1.21 -76.34 6.90
N GLY J 46 1.29 -75.33 6.02
CA GLY J 46 0.49 -75.30 4.82
C GLY J 46 -0.93 -74.84 5.01
N LYS J 47 -1.29 -74.36 6.20
CA LYS J 47 -2.65 -73.90 6.50
C LYS J 47 -2.59 -72.55 7.18
N GLU J 48 -3.63 -71.74 6.94
CA GLU J 48 -3.70 -70.39 7.47
C GLU J 48 -4.17 -70.42 8.93
N ARG J 49 -3.92 -69.32 9.63
CA ARG J 49 -4.30 -69.20 11.03
C ARG J 49 -5.80 -69.31 11.21
N GLU J 50 -6.22 -70.10 12.20
CA GLU J 50 -7.62 -70.31 12.52
C GLU J 50 -7.87 -69.92 13.98
N TRP J 51 -8.96 -69.20 14.22
CA TRP J 51 -9.31 -68.78 15.57
C TRP J 51 -9.76 -69.97 16.41
N VAL J 52 -9.38 -69.96 17.68
CA VAL J 52 -9.69 -71.07 18.58
C VAL J 52 -10.50 -70.55 19.77
N ALA J 53 -9.91 -69.65 20.55
CA ALA J 53 -10.49 -69.20 21.80
C ALA J 53 -10.44 -67.68 21.89
N ALA J 54 -11.48 -67.12 22.49
CA ALA J 54 -11.55 -65.69 22.77
C ALA J 54 -12.19 -65.48 24.12
N ILE J 55 -11.60 -64.61 24.92
CA ILE J 55 -12.15 -64.22 26.22
C ILE J 55 -12.39 -62.72 26.19
N GLU J 56 -13.62 -62.32 26.48
CA GLU J 56 -14.01 -60.94 26.29
C GLU J 56 -13.58 -60.07 27.47
N SER J 57 -13.28 -58.81 27.15
CA SER J 57 -12.93 -57.84 28.17
C SER J 57 -14.20 -57.25 28.80
N GLU J 58 -14.06 -56.83 30.06
CA GLU J 58 -15.15 -56.22 30.81
C GLU J 58 -16.35 -57.16 30.90
N GLY J 59 -16.14 -58.28 31.60
CA GLY J 59 -17.20 -59.24 31.79
C GLY J 59 -16.73 -60.68 31.76
N THR J 60 -15.57 -60.92 31.14
CA THR J 60 -14.90 -62.22 31.14
C THR J 60 -15.82 -63.33 30.64
N SER J 61 -16.22 -63.19 29.39
CA SER J 61 -17.06 -64.17 28.71
C SER J 61 -16.23 -64.92 27.66
N THR J 62 -16.39 -66.23 27.62
CA THR J 62 -15.60 -67.08 26.73
C THR J 62 -16.28 -67.24 25.38
N TYR J 63 -15.46 -67.35 24.33
CA TYR J 63 -15.94 -67.55 22.97
C TYR J 63 -15.07 -68.60 22.29
N TYR J 64 -15.72 -69.59 21.69
CA TYR J 64 -15.03 -70.69 21.03
C TYR J 64 -15.50 -70.84 19.59
N ALA J 65 -14.58 -71.29 18.73
CA ALA J 65 -14.92 -71.60 17.35
C ALA J 65 -15.73 -72.88 17.27
N ASP J 66 -16.50 -73.03 16.20
CA ASP J 66 -17.35 -74.20 16.03
C ASP J 66 -16.54 -75.49 15.95
N SER J 67 -15.26 -75.42 15.60
CA SER J 67 -14.43 -76.61 15.54
C SER J 67 -14.01 -77.09 16.92
N VAL J 68 -13.93 -76.19 17.89
CA VAL J 68 -13.40 -76.51 19.21
C VAL J 68 -14.43 -76.25 20.31
N LYS J 69 -15.72 -76.38 19.99
CA LYS J 69 -16.76 -76.14 20.97
C LYS J 69 -16.77 -77.21 22.05
N GLY J 70 -16.91 -76.76 23.31
CA GLY J 70 -17.14 -77.67 24.41
C GLY J 70 -16.00 -78.60 24.75
N ARG J 71 -14.78 -78.27 24.36
CA ARG J 71 -13.65 -79.14 24.68
C ARG J 71 -12.52 -78.43 25.40
N PHE J 72 -12.27 -77.16 25.08
CA PHE J 72 -11.25 -76.39 25.74
C PHE J 72 -11.82 -75.63 26.93
N THR J 73 -10.91 -75.13 27.77
CA THR J 73 -11.28 -74.29 28.91
C THR J 73 -10.27 -73.15 29.01
N ILE J 74 -10.78 -71.92 29.01
CA ILE J 74 -9.95 -70.72 29.07
C ILE J 74 -10.29 -69.93 30.33
N SER J 75 -9.26 -69.43 31.01
CA SER J 75 -9.43 -68.61 32.19
C SER J 75 -8.36 -67.52 32.20
N ARG J 76 -8.68 -66.42 32.87
CA ARG J 76 -7.76 -65.30 33.01
C ARG J 76 -7.34 -65.20 34.47
N ASP J 77 -6.03 -65.20 34.71
CA ASP J 77 -5.47 -65.07 36.05
C ASP J 77 -4.70 -63.77 36.14
N ASN J 78 -5.28 -62.79 36.85
CA ASN J 78 -4.65 -61.49 37.01
C ASN J 78 -3.51 -61.51 38.02
N ALA J 79 -3.43 -62.55 38.85
CA ALA J 79 -2.32 -62.65 39.79
C ALA J 79 -0.99 -62.80 39.05
N LYS J 80 -0.93 -63.73 38.11
CA LYS J 80 0.25 -63.91 37.27
C LYS J 80 0.21 -63.05 36.01
N ASN J 81 -0.93 -62.37 35.76
CA ASN J 81 -1.11 -61.55 34.56
C ASN J 81 -0.96 -62.41 33.30
N THR J 82 -1.73 -63.50 33.25
CA THR J 82 -1.61 -64.47 32.18
C THR J 82 -2.99 -65.04 31.85
N VAL J 83 -3.06 -65.78 30.74
CA VAL J 83 -4.27 -66.45 30.29
C VAL J 83 -3.96 -67.94 30.17
N TYR J 84 -4.76 -68.76 30.83
CA TYR J 84 -4.57 -70.20 30.84
C TYR J 84 -5.55 -70.88 29.91
N LEU J 85 -5.04 -71.71 29.01
CA LEU J 85 -5.84 -72.48 28.07
C LEU J 85 -5.59 -73.96 28.32
N GLN J 86 -6.66 -74.72 28.55
CA GLN J 86 -6.57 -76.14 28.86
C GLN J 86 -7.47 -76.91 27.90
N MET J 87 -6.91 -77.94 27.28
CA MET J 87 -7.64 -78.80 26.36
C MET J 87 -8.02 -80.12 27.04
N ASN J 88 -8.86 -80.89 26.35
CA ASN J 88 -9.34 -82.18 26.86
C ASN J 88 -9.05 -83.24 25.80
N SER J 89 -7.92 -83.93 25.95
CA SER J 89 -7.52 -85.03 25.07
C SER J 89 -7.56 -84.61 23.60
N LEU J 90 -6.69 -83.66 23.27
CA LEU J 90 -6.67 -83.11 21.92
C LEU J 90 -6.27 -84.16 20.89
N LYS J 91 -6.99 -84.18 19.77
CA LYS J 91 -6.80 -85.16 18.72
C LYS J 91 -5.52 -84.89 17.94
N PRO J 92 -4.97 -85.92 17.28
CA PRO J 92 -3.81 -85.68 16.40
C PRO J 92 -4.10 -84.69 15.28
N GLU J 93 -5.34 -84.63 14.77
CA GLU J 93 -5.69 -83.65 13.76
C GLU J 93 -5.65 -82.22 14.28
N ASP J 94 -5.66 -82.03 15.60
CA ASP J 94 -5.60 -80.70 16.20
C ASP J 94 -4.17 -80.24 16.44
N THR J 95 -3.18 -81.05 16.08
CA THR J 95 -1.78 -80.64 16.18
C THR J 95 -1.52 -79.40 15.34
N ALA J 96 -1.10 -78.32 16.00
CA ALA J 96 -0.91 -77.05 15.32
C ALA J 96 0.00 -76.18 16.17
N VAL J 97 0.32 -75.00 15.65
CA VAL J 97 1.12 -74.01 16.36
C VAL J 97 0.16 -72.92 16.86
N TYR J 98 0.03 -72.82 18.18
CA TYR J 98 -0.93 -71.89 18.77
C TYR J 98 -0.30 -70.51 18.95
N TYR J 99 -1.08 -69.49 18.61
CA TYR J 99 -0.64 -68.10 18.70
C TYR J 99 -1.56 -67.33 19.64
N CYS J 100 -0.95 -66.53 20.51
CA CYS J 100 -1.68 -65.60 21.36
C CYS J 100 -1.88 -64.29 20.61
N ASN J 101 -2.97 -63.59 20.92
CA ASN J 101 -3.26 -62.33 20.27
C ASN J 101 -4.16 -61.48 21.14
N VAL J 102 -3.71 -60.25 21.41
CA VAL J 102 -4.52 -59.22 22.06
C VAL J 102 -4.42 -57.96 21.23
N LYS J 103 -5.56 -57.37 20.90
CA LYS J 103 -5.61 -56.21 20.01
C LYS J 103 -6.24 -55.03 20.73
N ASP J 104 -5.65 -53.85 20.55
CA ASP J 104 -6.18 -52.58 21.04
C ASP J 104 -6.33 -52.59 22.56
N VAL J 105 -5.17 -52.70 23.22
CA VAL J 105 -5.06 -52.51 24.66
C VAL J 105 -5.28 -51.03 24.96
N GLY J 106 -5.38 -50.69 26.24
CA GLY J 106 -5.62 -49.30 26.62
C GLY J 106 -4.61 -48.34 26.03
N ASP J 107 -3.37 -48.77 25.91
CA ASP J 107 -2.37 -47.99 25.20
C ASP J 107 -2.61 -48.12 23.69
N ASN J 108 -2.58 -46.99 22.98
CA ASN J 108 -2.92 -46.94 21.57
C ASN J 108 -1.76 -46.37 20.77
N HIS J 109 -0.84 -47.24 20.35
CA HIS J 109 0.27 -46.87 19.49
C HIS J 109 0.20 -47.66 18.19
N PHE J 110 1.22 -47.50 17.34
CA PHE J 110 1.18 -48.08 16.01
C PHE J 110 0.93 -49.59 16.01
N PRO J 111 1.61 -50.40 16.84
CA PRO J 111 1.22 -51.82 16.90
C PRO J 111 -0.10 -51.98 17.66
N TYR J 112 -1.18 -52.26 16.93
CA TYR J 112 -2.49 -52.39 17.55
C TYR J 112 -2.77 -53.83 17.99
N ASP J 113 -2.12 -54.80 17.38
CA ASP J 113 -2.27 -56.20 17.73
C ASP J 113 -0.91 -56.77 18.10
N TYR J 114 -0.86 -57.56 19.17
CA TYR J 114 0.37 -58.16 19.65
C TYR J 114 0.22 -59.68 19.67
N TRP J 115 1.22 -60.37 19.14
CA TRP J 115 1.22 -61.82 19.03
C TRP J 115 2.37 -62.40 19.82
N GLY J 116 2.21 -63.66 20.25
CA GLY J 116 3.28 -64.37 20.92
C GLY J 116 4.25 -65.00 19.95
N GLN J 117 5.30 -65.60 20.50
CA GLN J 117 6.30 -66.27 19.66
C GLN J 117 5.71 -67.47 18.93
N GLY J 118 4.88 -68.25 19.62
CA GLY J 118 4.28 -69.43 19.03
C GLY J 118 4.87 -70.72 19.56
N THR J 119 3.99 -71.63 20.01
CA THR J 119 4.40 -72.92 20.56
C THR J 119 3.76 -74.03 19.74
N GLN J 120 4.55 -75.05 19.41
CA GLN J 120 4.07 -76.17 18.61
C GLN J 120 3.77 -77.35 19.52
N VAL J 121 2.56 -77.88 19.42
CA VAL J 121 2.13 -79.03 20.18
C VAL J 121 1.83 -80.17 19.21
N THR J 122 2.41 -81.34 19.46
CA THR J 122 2.33 -82.47 18.55
C THR J 122 1.55 -83.61 19.18
N VAL J 123 0.58 -84.13 18.44
CA VAL J 123 -0.22 -85.27 18.86
C VAL J 123 -0.23 -86.30 17.73
N SER J 124 0.03 -87.56 18.07
CA SER J 124 0.05 -88.63 17.09
C SER J 124 -0.48 -89.92 17.68
N GLN K 5 -20.67 -46.36 -38.13
CA GLN K 5 -20.75 -45.16 -38.95
C GLN K 5 -22.17 -44.96 -39.48
N VAL K 6 -22.52 -43.69 -39.76
CA VAL K 6 -23.85 -43.32 -40.22
C VAL K 6 -23.73 -42.68 -41.60
N GLN K 7 -24.42 -43.25 -42.58
CA GLN K 7 -24.40 -42.70 -43.93
C GLN K 7 -25.65 -43.16 -44.67
N LEU K 8 -26.09 -42.33 -45.60
CA LEU K 8 -27.28 -42.58 -46.40
C LEU K 8 -26.87 -42.81 -47.86
N VAL K 9 -27.45 -43.81 -48.49
CA VAL K 9 -27.20 -44.12 -49.89
C VAL K 9 -28.54 -44.24 -50.60
N GLU K 10 -28.67 -43.57 -51.75
CA GLU K 10 -29.90 -43.56 -52.52
C GLU K 10 -29.58 -43.62 -54.00
N SER K 11 -30.45 -44.28 -54.76
CA SER K 11 -30.31 -44.39 -56.20
C SER K 11 -31.67 -44.78 -56.77
N GLY K 12 -31.68 -45.16 -58.06
CA GLY K 12 -32.90 -45.53 -58.74
C GLY K 12 -33.58 -44.40 -59.48
N GLY K 13 -33.26 -43.15 -59.17
CA GLY K 13 -33.85 -42.02 -59.86
C GLY K 13 -33.33 -41.88 -61.28
N GLY K 14 -34.18 -42.18 -62.26
CA GLY K 14 -33.80 -42.11 -63.65
C GLY K 14 -34.80 -41.28 -64.44
N LEU K 15 -34.44 -41.01 -65.68
CA LEU K 15 -35.30 -40.21 -66.56
C LEU K 15 -36.64 -40.90 -66.75
N VAL K 16 -37.71 -40.14 -66.57
CA VAL K 16 -39.07 -40.65 -66.66
C VAL K 16 -39.90 -39.69 -67.51
N GLN K 17 -40.71 -40.25 -68.41
CA GLN K 17 -41.60 -39.43 -69.22
C GLN K 17 -42.63 -38.73 -68.32
N ALA K 18 -43.06 -37.56 -68.77
CA ALA K 18 -44.05 -36.79 -68.01
C ALA K 18 -45.32 -37.60 -67.82
N GLY K 19 -45.82 -37.61 -66.59
CA GLY K 19 -46.96 -38.44 -66.24
C GLY K 19 -46.63 -39.83 -65.75
N GLY K 20 -45.36 -40.14 -65.51
CA GLY K 20 -44.95 -41.44 -65.04
C GLY K 20 -45.00 -41.55 -63.54
N SER K 21 -44.31 -42.56 -63.01
CA SER K 21 -44.25 -42.78 -61.58
C SER K 21 -43.02 -43.63 -61.26
N LEU K 22 -42.05 -43.04 -60.57
CA LEU K 22 -40.87 -43.75 -60.11
C LEU K 22 -40.85 -43.79 -58.59
N ARG K 23 -40.31 -44.87 -58.04
CA ARG K 23 -40.23 -45.08 -56.60
C ARG K 23 -38.83 -44.72 -56.13
N LEU K 24 -38.70 -43.55 -55.51
CA LEU K 24 -37.44 -43.13 -54.95
C LEU K 24 -37.16 -43.86 -53.65
N SER K 25 -35.95 -44.39 -53.51
CA SER K 25 -35.57 -45.17 -52.34
C SER K 25 -34.27 -44.64 -51.76
N CYS K 26 -34.13 -44.80 -50.45
CA CYS K 26 -32.91 -44.42 -49.74
C CYS K 26 -32.65 -45.41 -48.62
N ALA K 27 -31.39 -45.78 -48.45
CA ALA K 27 -30.98 -46.74 -47.43
C ALA K 27 -30.20 -46.03 -46.35
N ALA K 28 -30.51 -46.36 -45.09
CA ALA K 28 -29.89 -45.76 -43.93
C ALA K 28 -29.04 -46.79 -43.21
N SER K 29 -27.87 -46.36 -42.73
CA SER K 29 -26.92 -47.22 -42.06
C SER K 29 -26.50 -46.60 -40.74
N GLY K 30 -26.37 -47.45 -39.71
CA GLY K 30 -25.91 -47.03 -38.40
C GLY K 30 -27.00 -46.72 -37.41
N PHE K 31 -28.25 -46.58 -37.87
CA PHE K 31 -29.35 -46.21 -36.97
C PHE K 31 -30.64 -46.77 -37.51
N PRO K 32 -31.56 -47.23 -36.65
CA PRO K 32 -32.89 -47.60 -37.13
C PRO K 32 -33.61 -46.39 -37.68
N VAL K 33 -34.35 -46.60 -38.77
CA VAL K 33 -35.06 -45.49 -39.39
C VAL K 33 -36.28 -45.10 -38.57
N MET K 34 -36.84 -46.04 -37.80
CA MET K 34 -38.01 -45.73 -36.98
C MET K 34 -37.68 -44.69 -35.93
N ASN K 35 -36.51 -44.79 -35.30
CA ASN K 35 -36.08 -43.80 -34.30
C ASN K 35 -35.24 -42.71 -34.93
N ALA K 36 -35.77 -42.09 -36.00
CA ALA K 36 -35.07 -41.03 -36.70
C ALA K 36 -36.04 -40.32 -37.63
N GLY K 37 -35.89 -39.01 -37.74
CA GLY K 37 -36.69 -38.23 -38.67
C GLY K 37 -36.00 -38.15 -40.02
N MET K 38 -36.73 -38.47 -41.06
CA MET K 38 -36.19 -38.57 -42.41
C MET K 38 -36.75 -37.45 -43.29
N TYR K 39 -35.87 -36.82 -44.06
CA TYR K 39 -36.23 -35.70 -44.92
C TYR K 39 -35.79 -35.97 -46.35
N TRP K 40 -36.47 -35.32 -47.29
CA TRP K 40 -36.13 -35.39 -48.71
C TRP K 40 -35.99 -33.97 -49.24
N TYR K 41 -34.83 -33.64 -49.77
CA TYR K 41 -34.56 -32.34 -50.35
C TYR K 41 -34.38 -32.46 -51.86
N ARG K 42 -34.81 -31.43 -52.58
CA ARG K 42 -34.68 -31.38 -54.03
C ARG K 42 -33.84 -30.19 -54.43
N GLN K 43 -32.86 -30.42 -55.28
CA GLN K 43 -31.98 -29.38 -55.78
C GLN K 43 -32.04 -29.37 -57.30
N ALA K 44 -32.36 -28.20 -57.87
CA ALA K 44 -32.44 -28.05 -59.31
C ALA K 44 -31.36 -27.09 -59.79
N PRO K 45 -30.84 -27.27 -61.00
CA PRO K 45 -29.82 -26.36 -61.52
C PRO K 45 -30.35 -24.93 -61.61
N GLY K 46 -29.49 -23.98 -61.26
CA GLY K 46 -29.86 -22.58 -61.27
C GLY K 46 -30.65 -22.12 -60.06
N LYS K 47 -30.91 -22.99 -59.09
CA LYS K 47 -31.68 -22.66 -57.91
C LYS K 47 -30.97 -23.25 -56.69
N GLU K 48 -31.67 -23.22 -55.56
CA GLU K 48 -31.16 -23.74 -54.29
C GLU K 48 -31.89 -25.02 -53.92
N ARG K 49 -31.60 -25.53 -52.72
CA ARG K 49 -32.22 -26.75 -52.24
C ARG K 49 -33.61 -26.45 -51.68
N GLU K 50 -34.58 -27.30 -52.02
CA GLU K 50 -35.94 -27.19 -51.51
C GLU K 50 -36.36 -28.50 -50.86
N TRP K 51 -36.90 -28.40 -49.65
CA TRP K 51 -37.37 -29.58 -48.94
C TRP K 51 -38.73 -30.02 -49.47
N VAL K 52 -38.96 -31.33 -49.47
CA VAL K 52 -40.19 -31.88 -50.03
C VAL K 52 -40.91 -32.78 -49.04
N ALA K 53 -40.21 -33.80 -48.53
CA ALA K 53 -40.85 -34.84 -47.73
C ALA K 53 -40.28 -34.83 -46.32
N ALA K 54 -41.11 -35.27 -45.38
CA ALA K 54 -40.70 -35.33 -43.97
C ALA K 54 -41.47 -36.46 -43.30
N ILE K 55 -40.75 -37.30 -42.56
CA ILE K 55 -41.33 -38.36 -41.75
C ILE K 55 -40.84 -38.19 -40.32
N GLU K 56 -41.77 -38.22 -39.37
CA GLU K 56 -41.45 -38.06 -37.96
C GLU K 56 -41.29 -39.43 -37.31
N SER K 57 -40.29 -39.55 -36.45
CA SER K 57 -39.94 -40.83 -35.85
C SER K 57 -41.07 -41.34 -34.95
N GLU K 58 -41.12 -42.66 -34.79
CA GLU K 58 -42.07 -43.37 -33.93
C GLU K 58 -43.48 -42.80 -34.06
N GLY K 59 -44.07 -43.05 -35.23
CA GLY K 59 -45.42 -42.59 -35.50
C GLY K 59 -45.64 -42.16 -36.92
N THR K 60 -44.55 -42.06 -37.69
CA THR K 60 -44.51 -41.77 -39.12
C THR K 60 -45.55 -40.74 -39.56
N SER K 61 -45.72 -39.67 -38.79
CA SER K 61 -46.60 -38.57 -39.17
C SER K 61 -45.97 -37.83 -40.34
N THR K 62 -46.51 -38.04 -41.53
CA THR K 62 -45.88 -37.55 -42.75
C THR K 62 -46.23 -36.10 -43.03
N TYR K 63 -45.21 -35.31 -43.40
CA TYR K 63 -45.38 -33.93 -43.80
C TYR K 63 -44.80 -33.74 -45.19
N TYR K 64 -45.55 -33.04 -46.04
CA TYR K 64 -45.15 -32.79 -47.42
C TYR K 64 -45.00 -31.30 -47.65
N ALA K 65 -44.20 -30.96 -48.66
CA ALA K 65 -44.18 -29.58 -49.15
C ALA K 65 -45.49 -29.28 -49.86
N ASP K 66 -45.93 -28.02 -49.74
CA ASP K 66 -47.26 -27.65 -50.24
C ASP K 66 -47.37 -27.83 -51.75
N SER K 67 -46.33 -27.44 -52.50
CA SER K 67 -46.39 -27.51 -53.95
C SER K 67 -46.39 -28.94 -54.48
N VAL K 68 -45.97 -29.91 -53.66
CA VAL K 68 -45.87 -31.30 -54.09
C VAL K 68 -46.75 -32.23 -53.28
N LYS K 69 -47.50 -31.72 -52.31
CA LYS K 69 -48.38 -32.57 -51.53
C LYS K 69 -49.55 -33.06 -52.38
N GLY K 70 -49.93 -34.31 -52.18
CA GLY K 70 -50.99 -34.94 -52.94
C GLY K 70 -50.51 -35.78 -54.12
N ARG K 71 -49.25 -35.64 -54.52
CA ARG K 71 -48.67 -36.44 -55.58
C ARG K 71 -47.43 -37.21 -55.10
N PHE K 72 -47.18 -37.21 -53.80
CA PHE K 72 -46.04 -37.90 -53.22
C PHE K 72 -46.53 -38.89 -52.16
N THR K 73 -45.93 -40.08 -52.16
CA THR K 73 -46.18 -41.09 -51.13
C THR K 73 -44.86 -41.52 -50.53
N ILE K 74 -44.70 -41.31 -49.23
CA ILE K 74 -43.46 -41.62 -48.54
C ILE K 74 -43.77 -42.53 -47.36
N SER K 75 -43.07 -43.65 -47.29
CA SER K 75 -43.29 -44.63 -46.23
C SER K 75 -41.94 -45.15 -45.75
N ARG K 76 -41.93 -45.64 -44.52
CA ARG K 76 -40.72 -46.15 -43.88
C ARG K 76 -40.92 -47.60 -43.47
N ASP K 77 -39.89 -48.41 -43.70
CA ASP K 77 -39.91 -49.82 -43.31
C ASP K 77 -38.60 -50.14 -42.60
N ASN K 78 -38.66 -51.11 -41.69
CA ASN K 78 -37.50 -51.45 -40.87
C ASN K 78 -36.77 -52.68 -41.35
N ALA K 79 -37.43 -53.57 -42.10
CA ALA K 79 -36.79 -54.81 -42.53
C ALA K 79 -35.58 -54.53 -43.40
N LYS K 80 -35.71 -53.61 -44.36
CA LYS K 80 -34.59 -53.18 -45.18
C LYS K 80 -33.85 -51.98 -44.59
N ASN K 81 -34.39 -51.37 -43.53
CA ASN K 81 -33.83 -50.16 -42.94
C ASN K 81 -33.71 -49.06 -44.01
N THR K 82 -34.74 -48.95 -44.83
CA THR K 82 -34.75 -48.03 -45.96
C THR K 82 -35.99 -47.15 -45.92
N VAL K 83 -35.96 -46.09 -46.71
CA VAL K 83 -37.06 -45.14 -46.82
C VAL K 83 -37.61 -45.19 -48.24
N TYR K 84 -38.93 -45.25 -48.36
CA TYR K 84 -39.61 -45.35 -49.64
C TYR K 84 -40.26 -44.02 -49.98
N LEU K 85 -40.10 -43.59 -51.23
CA LEU K 85 -40.78 -42.42 -51.77
C LEU K 85 -41.40 -42.81 -53.11
N GLN K 86 -42.69 -42.55 -53.25
CA GLN K 86 -43.44 -42.92 -54.46
C GLN K 86 -43.90 -41.65 -55.16
N MET K 87 -43.68 -41.59 -56.47
CA MET K 87 -44.05 -40.44 -57.28
C MET K 87 -45.37 -40.67 -57.99
N ASN K 88 -46.06 -39.58 -58.31
CA ASN K 88 -47.32 -39.64 -59.04
C ASN K 88 -47.45 -38.38 -59.88
N SER K 89 -47.66 -38.57 -61.20
CA SER K 89 -47.90 -37.47 -62.13
C SER K 89 -46.75 -36.47 -62.12
N LEU K 90 -45.59 -36.96 -62.55
CA LEU K 90 -44.41 -36.11 -62.66
C LEU K 90 -44.64 -34.99 -63.66
N LYS K 91 -44.21 -33.79 -63.30
CA LYS K 91 -44.35 -32.59 -64.11
C LYS K 91 -43.00 -32.14 -64.65
N PRO K 92 -42.99 -31.32 -65.70
CA PRO K 92 -41.70 -30.87 -66.27
C PRO K 92 -40.84 -30.09 -65.29
N GLU K 93 -41.41 -29.53 -64.23
CA GLU K 93 -40.63 -28.86 -63.20
C GLU K 93 -40.17 -29.80 -62.09
N ASP K 94 -40.56 -31.08 -62.15
CA ASP K 94 -40.19 -32.02 -61.11
C ASP K 94 -38.73 -32.44 -61.19
N THR K 95 -38.11 -32.32 -62.36
CA THR K 95 -36.74 -32.80 -62.54
C THR K 95 -35.77 -31.98 -61.71
N ALA K 96 -35.25 -32.60 -60.65
CA ALA K 96 -34.28 -31.97 -59.77
C ALA K 96 -33.55 -33.08 -59.01
N VAL K 97 -32.39 -32.73 -58.48
CA VAL K 97 -31.56 -33.68 -57.74
C VAL K 97 -32.21 -33.94 -56.39
N TYR K 98 -32.61 -35.19 -56.16
CA TYR K 98 -33.21 -35.58 -54.89
C TYR K 98 -32.12 -35.86 -53.86
N TYR K 99 -32.23 -35.20 -52.71
CA TYR K 99 -31.31 -35.40 -51.60
C TYR K 99 -32.03 -36.09 -50.46
N CYS K 100 -31.26 -36.79 -49.63
CA CYS K 100 -31.79 -37.48 -48.46
C CYS K 100 -31.03 -37.00 -47.23
N ASN K 101 -31.78 -36.58 -46.21
CA ASN K 101 -31.19 -36.07 -44.98
C ASN K 101 -31.91 -36.66 -43.78
N VAL K 102 -31.14 -36.90 -42.72
CA VAL K 102 -31.67 -37.31 -41.43
C VAL K 102 -30.96 -36.52 -40.34
N LYS K 103 -31.74 -35.94 -39.44
CA LYS K 103 -31.19 -35.16 -38.34
C LYS K 103 -31.55 -35.82 -37.02
N ASP K 104 -30.67 -35.65 -36.04
CA ASP K 104 -30.78 -36.31 -34.74
C ASP K 104 -30.80 -37.83 -34.90
N VAL K 105 -29.69 -38.37 -35.40
CA VAL K 105 -29.48 -39.81 -35.45
C VAL K 105 -29.21 -40.30 -34.03
N GLY K 106 -29.17 -41.62 -33.85
CA GLY K 106 -28.96 -42.17 -32.52
C GLY K 106 -27.67 -41.69 -31.88
N ASP K 107 -26.58 -41.67 -32.65
CA ASP K 107 -25.28 -41.23 -32.15
C ASP K 107 -25.21 -39.71 -32.23
N ASN K 108 -25.18 -39.05 -31.07
CA ASN K 108 -25.16 -37.58 -31.02
C ASN K 108 -23.71 -37.08 -31.06
N HIS K 109 -23.02 -37.46 -32.14
CA HIS K 109 -21.65 -37.06 -32.35
C HIS K 109 -21.59 -35.77 -33.15
N PHE K 110 -20.40 -35.34 -33.53
CA PHE K 110 -20.24 -34.07 -34.23
C PHE K 110 -21.05 -33.98 -35.52
N PRO K 111 -21.07 -35.00 -36.39
CA PRO K 111 -21.96 -34.91 -37.55
C PRO K 111 -23.42 -35.07 -37.14
N TYR K 112 -24.17 -33.96 -37.15
CA TYR K 112 -25.57 -33.99 -36.74
C TYR K 112 -26.52 -34.21 -37.92
N ASP K 113 -26.15 -33.76 -39.11
CA ASP K 113 -26.95 -33.96 -40.32
C ASP K 113 -26.13 -34.72 -41.34
N TYR K 114 -26.80 -35.61 -42.06
CA TYR K 114 -26.15 -36.46 -43.06
C TYR K 114 -26.89 -36.30 -44.38
N TRP K 115 -26.16 -35.91 -45.42
CA TRP K 115 -26.74 -35.70 -46.74
C TRP K 115 -26.33 -36.84 -47.67
N GLY K 116 -27.30 -37.34 -48.44
CA GLY K 116 -27.04 -38.42 -49.35
C GLY K 116 -26.23 -37.98 -50.56
N GLN K 117 -25.82 -38.97 -51.36
CA GLN K 117 -25.05 -38.69 -52.56
C GLN K 117 -25.82 -37.81 -53.53
N GLY K 118 -27.10 -38.10 -53.71
CA GLY K 118 -27.94 -37.29 -54.58
C GLY K 118 -28.04 -37.84 -55.99
N THR K 119 -29.26 -38.12 -56.43
CA THR K 119 -29.53 -38.61 -57.77
C THR K 119 -30.55 -37.71 -58.45
N GLN K 120 -30.31 -37.43 -59.73
CA GLN K 120 -31.17 -36.52 -60.48
C GLN K 120 -32.17 -37.31 -61.31
N VAL K 121 -33.45 -36.95 -61.19
CA VAL K 121 -34.50 -37.48 -62.04
C VAL K 121 -34.75 -36.50 -63.16
N THR K 122 -35.10 -37.01 -64.34
CA THR K 122 -35.35 -36.18 -65.51
C THR K 122 -36.78 -36.41 -66.00
N VAL K 123 -37.54 -35.32 -66.13
CA VAL K 123 -38.91 -35.37 -66.60
C VAL K 123 -39.02 -34.56 -67.88
N SER K 124 -39.47 -35.21 -68.95
CA SER K 124 -39.62 -34.55 -70.25
C SER K 124 -40.56 -35.34 -71.15
N GLN L 5 -32.53 1.03 -49.52
CA GLN L 5 -32.22 2.45 -49.44
C GLN L 5 -33.49 3.28 -49.49
N VAL L 6 -33.38 4.55 -49.07
CA VAL L 6 -34.51 5.47 -49.04
C VAL L 6 -34.24 6.63 -49.99
N GLN L 7 -35.17 6.86 -50.91
CA GLN L 7 -35.04 7.94 -51.89
C GLN L 7 -36.40 8.23 -52.49
N LEU L 8 -36.57 9.45 -52.98
CA LEU L 8 -37.81 9.89 -53.61
C LEU L 8 -37.54 10.26 -55.06
N VAL L 9 -38.38 9.78 -55.96
CA VAL L 9 -38.33 10.13 -57.38
C VAL L 9 -39.75 10.40 -57.85
N GLU L 10 -39.94 11.51 -58.55
CA GLU L 10 -41.24 11.93 -59.06
C GLU L 10 -41.17 12.12 -60.56
N SER L 11 -42.33 12.28 -61.17
CA SER L 11 -42.44 12.41 -62.62
C SER L 11 -43.62 13.32 -62.94
N GLY L 12 -44.05 13.31 -64.20
CA GLY L 12 -45.14 14.16 -64.65
C GLY L 12 -44.73 15.55 -65.07
N GLY L 13 -43.45 15.89 -64.99
CA GLY L 13 -43.01 17.22 -65.39
C GLY L 13 -43.22 17.44 -66.88
N GLY L 14 -43.82 18.57 -67.22
CA GLY L 14 -44.06 18.91 -68.62
C GLY L 14 -44.68 20.27 -68.78
N LEU L 15 -44.23 21.04 -69.76
CA LEU L 15 -44.75 22.39 -69.97
C LEU L 15 -46.18 22.30 -70.52
N VAL L 16 -47.11 22.91 -69.80
CA VAL L 16 -48.52 22.87 -70.14
C VAL L 16 -49.08 24.28 -70.11
N GLN L 17 -49.65 24.72 -71.23
CA GLN L 17 -50.32 26.01 -71.27
C GLN L 17 -51.57 25.98 -70.39
N ALA L 18 -51.95 27.15 -69.88
CA ALA L 18 -53.12 27.25 -69.03
C ALA L 18 -54.36 26.76 -69.77
N GLY L 19 -55.15 25.93 -69.09
CA GLY L 19 -56.35 25.34 -69.67
C GLY L 19 -56.41 23.83 -69.60
N GLY L 20 -55.37 23.15 -69.13
CA GLY L 20 -55.40 21.70 -69.03
C GLY L 20 -55.21 21.20 -67.62
N SER L 21 -55.15 19.89 -67.44
CA SER L 21 -54.98 19.28 -66.13
C SER L 21 -53.75 18.38 -66.16
N LEU L 22 -52.88 18.53 -65.18
CA LEU L 22 -51.68 17.72 -65.06
C LEU L 22 -51.77 16.83 -63.82
N ARG L 23 -51.29 15.60 -63.96
CA ARG L 23 -51.30 14.63 -62.87
C ARG L 23 -49.86 14.33 -62.48
N LEU L 24 -49.54 14.57 -61.22
CA LEU L 24 -48.20 14.31 -60.71
C LEU L 24 -48.13 12.91 -60.10
N SER L 25 -46.97 12.58 -59.55
CA SER L 25 -46.75 11.28 -58.93
C SER L 25 -45.46 11.35 -58.12
N CYS L 26 -45.10 10.23 -57.52
CA CYS L 26 -43.84 10.10 -56.79
C CYS L 26 -43.50 8.61 -56.72
N ALA L 27 -42.45 8.27 -55.98
CA ALA L 27 -42.08 6.88 -55.77
C ALA L 27 -41.22 6.79 -54.53
N ALA L 28 -41.71 6.11 -53.50
CA ALA L 28 -41.01 5.97 -52.23
C ALA L 28 -40.42 4.58 -52.15
N SER L 29 -39.14 4.50 -51.75
CA SER L 29 -38.42 3.24 -51.65
C SER L 29 -37.90 3.06 -50.22
N GLY L 30 -38.02 1.84 -49.71
CA GLY L 30 -37.49 1.49 -48.42
C GLY L 30 -38.42 1.73 -47.24
N PHE L 31 -39.60 2.29 -47.47
CA PHE L 31 -40.53 2.55 -46.38
C PHE L 31 -41.94 2.62 -46.92
N PRO L 32 -42.94 2.16 -46.17
CA PRO L 32 -44.32 2.34 -46.61
C PRO L 32 -44.73 3.80 -46.56
N VAL L 33 -45.64 4.18 -47.45
CA VAL L 33 -46.11 5.55 -47.49
C VAL L 33 -47.25 5.77 -46.50
N MET L 34 -47.96 4.70 -46.11
CA MET L 34 -49.06 4.84 -45.17
C MET L 34 -48.58 5.36 -43.82
N ASN L 35 -47.51 4.78 -43.29
CA ASN L 35 -46.99 5.17 -41.97
C ASN L 35 -45.90 6.23 -42.11
N ALA L 36 -46.21 7.30 -42.85
CA ALA L 36 -45.26 8.38 -43.07
C ALA L 36 -45.98 9.64 -43.56
N GLY L 37 -45.49 10.81 -43.13
CA GLY L 37 -46.05 12.05 -43.61
C GLY L 37 -45.38 12.56 -44.87
N MET L 38 -46.14 12.69 -45.94
CA MET L 38 -45.63 13.16 -47.22
C MET L 38 -45.96 14.63 -47.42
N TYR L 39 -45.04 15.35 -48.07
CA TYR L 39 -45.16 16.79 -48.27
C TYR L 39 -44.84 17.13 -49.71
N TRP L 40 -45.42 18.23 -50.19
CA TRP L 40 -45.14 18.78 -51.51
C TRP L 40 -44.67 20.22 -51.36
N TYR L 41 -43.49 20.51 -51.88
CA TYR L 41 -42.93 21.85 -51.88
C TYR L 41 -42.70 22.32 -53.30
N ARG L 42 -42.80 23.63 -53.51
CA ARG L 42 -42.59 24.22 -54.82
C ARG L 42 -41.36 25.12 -54.80
N GLN L 43 -40.58 25.05 -55.88
CA GLN L 43 -39.37 25.84 -56.03
C GLN L 43 -39.48 26.69 -57.28
N ALA L 44 -39.08 27.95 -57.15
CA ALA L 44 -39.21 28.91 -58.24
C ALA L 44 -37.87 29.60 -58.47
N PRO L 45 -37.62 30.06 -59.69
CA PRO L 45 -36.35 30.77 -59.97
C PRO L 45 -36.27 32.06 -59.19
N GLY L 46 -35.23 32.17 -58.35
CA GLY L 46 -35.08 33.31 -57.48
C GLY L 46 -35.96 33.30 -56.24
N LYS L 47 -36.66 32.20 -55.98
CA LYS L 47 -37.54 32.09 -54.83
C LYS L 47 -37.27 30.79 -54.10
N GLU L 48 -37.43 30.82 -52.78
CA GLU L 48 -37.14 29.66 -51.95
C GLU L 48 -38.30 28.66 -52.00
N ARG L 49 -38.08 27.50 -51.38
CA ARG L 49 -39.07 26.42 -51.42
C ARG L 49 -40.30 26.81 -50.60
N GLU L 50 -41.47 26.72 -51.22
CA GLU L 50 -42.74 27.05 -50.57
C GLU L 50 -43.59 25.79 -50.47
N TRP L 51 -44.16 25.57 -49.29
CA TRP L 51 -44.97 24.39 -49.05
C TRP L 51 -46.29 24.48 -49.82
N VAL L 52 -46.71 23.35 -50.38
CA VAL L 52 -47.92 23.30 -51.18
C VAL L 52 -48.94 22.34 -50.57
N ALA L 53 -48.57 21.07 -50.47
CA ALA L 53 -49.48 20.03 -50.02
C ALA L 53 -48.81 19.16 -48.96
N ALA L 54 -49.62 18.73 -47.99
CA ALA L 54 -49.18 17.78 -46.99
C ALA L 54 -50.33 16.83 -46.67
N ILE L 55 -50.01 15.54 -46.58
CA ILE L 55 -50.97 14.52 -46.23
C ILE L 55 -50.49 13.86 -44.94
N GLU L 56 -51.36 13.84 -43.93
CA GLU L 56 -50.99 13.37 -42.61
C GLU L 56 -51.09 11.85 -42.52
N SER L 57 -50.07 11.24 -41.92
CA SER L 57 -50.07 9.80 -41.71
C SER L 57 -51.08 9.42 -40.61
N GLU L 58 -51.30 8.11 -40.48
CA GLU L 58 -52.25 7.53 -39.54
C GLU L 58 -53.55 8.31 -39.45
N GLY L 59 -54.30 8.39 -40.54
CA GLY L 59 -55.57 9.09 -40.57
C GLY L 59 -55.89 9.73 -41.89
N THR L 60 -54.88 9.94 -42.74
CA THR L 60 -55.04 10.42 -44.11
C THR L 60 -55.86 11.70 -44.17
N SER L 61 -55.33 12.75 -43.55
CA SER L 61 -55.93 14.08 -43.58
C SER L 61 -55.05 15.01 -44.41
N THR L 62 -55.67 15.71 -45.37
CA THR L 62 -54.95 16.58 -46.28
C THR L 62 -54.81 17.98 -45.70
N TYR L 63 -53.66 18.60 -45.92
CA TYR L 63 -53.37 19.95 -45.47
C TYR L 63 -52.91 20.78 -46.66
N TYR L 64 -53.56 21.92 -46.89
CA TYR L 64 -53.24 22.80 -48.00
C TYR L 64 -52.93 24.20 -47.50
N ALA L 65 -51.93 24.81 -48.12
CA ALA L 65 -51.62 26.21 -47.85
C ALA L 65 -52.66 27.11 -48.49
N ASP L 66 -52.88 28.28 -47.89
CA ASP L 66 -53.88 29.21 -48.39
C ASP L 66 -53.54 29.71 -49.79
N SER L 67 -52.30 29.57 -50.23
CA SER L 67 -51.94 29.96 -51.59
C SER L 67 -52.65 29.09 -52.62
N VAL L 68 -52.73 27.79 -52.36
CA VAL L 68 -53.35 26.84 -53.29
C VAL L 68 -54.46 26.05 -52.62
N LYS L 69 -55.03 26.58 -51.54
CA LYS L 69 -56.07 25.85 -50.82
C LYS L 69 -57.33 25.73 -51.66
N GLY L 70 -57.95 24.55 -51.61
CA GLY L 70 -59.18 24.31 -52.34
C GLY L 70 -59.04 24.24 -53.84
N ARG L 71 -57.85 23.95 -54.35
CA ARG L 71 -57.61 23.93 -55.79
C ARG L 71 -57.01 22.63 -56.29
N PHE L 72 -56.19 21.95 -55.49
CA PHE L 72 -55.57 20.69 -55.88
C PHE L 72 -56.23 19.53 -55.14
N THR L 73 -55.83 18.32 -55.50
CA THR L 73 -56.25 17.10 -54.83
C THR L 73 -55.04 16.20 -54.65
N ILE L 74 -54.80 15.76 -53.41
CA ILE L 74 -53.67 14.92 -53.07
C ILE L 74 -54.19 13.64 -52.44
N SER L 75 -53.66 12.50 -52.89
CA SER L 75 -54.06 11.19 -52.39
C SER L 75 -52.85 10.28 -52.32
N ARG L 76 -52.94 9.26 -51.47
CA ARG L 76 -51.87 8.28 -51.28
C ARG L 76 -52.34 6.92 -51.77
N ASP L 77 -51.52 6.26 -52.59
CA ASP L 77 -51.81 4.94 -53.12
C ASP L 77 -50.75 3.97 -52.62
N ASN L 78 -51.12 3.10 -51.69
CA ASN L 78 -50.20 2.08 -51.19
C ASN L 78 -49.99 0.94 -52.16
N ALA L 79 -50.88 0.78 -53.15
CA ALA L 79 -50.69 -0.26 -54.16
C ALA L 79 -49.42 -0.02 -54.96
N LYS L 80 -49.19 1.22 -55.38
CA LYS L 80 -47.96 1.60 -56.06
C LYS L 80 -46.92 2.16 -55.11
N ASN L 81 -47.27 2.38 -53.84
CA ASN L 81 -46.37 2.98 -52.85
C ASN L 81 -45.94 4.37 -53.31
N THR L 82 -46.92 5.24 -53.55
CA THR L 82 -46.67 6.57 -54.10
C THR L 82 -47.73 7.53 -53.60
N VAL L 83 -47.55 8.80 -53.95
CA VAL L 83 -48.50 9.86 -53.63
C VAL L 83 -48.85 10.60 -54.92
N TYR L 84 -50.14 10.72 -55.21
CA TYR L 84 -50.61 11.42 -56.39
C TYR L 84 -51.16 12.79 -56.01
N LEU L 85 -50.70 13.82 -56.73
CA LEU L 85 -51.20 15.18 -56.57
C LEU L 85 -51.72 15.65 -57.91
N GLN L 86 -52.97 16.12 -57.93
CA GLN L 86 -53.63 16.54 -59.16
C GLN L 86 -54.01 18.01 -59.05
N MET L 87 -53.68 18.78 -60.07
CA MET L 87 -53.99 20.19 -60.14
C MET L 87 -55.19 20.43 -61.05
N ASN L 88 -55.77 21.63 -60.92
CA ASN L 88 -56.96 22.03 -61.69
C ASN L 88 -56.66 23.34 -62.41
N SER L 89 -56.21 23.23 -63.66
CA SER L 89 -55.94 24.38 -64.52
C SER L 89 -55.02 25.38 -63.82
N LEU L 90 -53.81 24.94 -63.53
CA LEU L 90 -52.86 25.74 -62.77
C LEU L 90 -52.51 27.01 -63.53
N LYS L 91 -52.47 28.13 -62.80
CA LYS L 91 -52.26 29.45 -63.39
C LYS L 91 -50.82 29.60 -63.87
N PRO L 92 -50.58 30.52 -64.80
CA PRO L 92 -49.20 30.80 -65.22
C PRO L 92 -48.29 31.25 -64.08
N GLU L 93 -48.84 31.97 -63.09
CA GLU L 93 -48.03 32.38 -61.94
C GLU L 93 -47.71 31.21 -61.00
N ASP L 94 -48.34 30.06 -61.20
CA ASP L 94 -48.10 28.89 -60.36
C ASP L 94 -46.95 28.01 -60.88
N THR L 95 -46.30 28.41 -61.97
CA THR L 95 -45.17 27.65 -62.49
C THR L 95 -44.05 27.60 -61.45
N ALA L 96 -43.62 26.39 -61.11
CA ALA L 96 -42.60 26.18 -60.10
C ALA L 96 -42.04 24.77 -60.27
N VAL L 97 -40.96 24.50 -59.56
CA VAL L 97 -40.34 23.18 -59.53
C VAL L 97 -40.78 22.48 -58.27
N TYR L 98 -41.65 21.48 -58.41
CA TYR L 98 -42.25 20.82 -57.26
C TYR L 98 -41.30 19.79 -56.67
N TYR L 99 -41.18 19.82 -55.34
CA TYR L 99 -40.32 18.91 -54.60
C TYR L 99 -41.16 18.03 -53.69
N CYS L 100 -40.90 16.74 -53.73
CA CYS L 100 -41.49 15.81 -52.77
C CYS L 100 -40.65 15.82 -51.50
N ASN L 101 -41.30 15.61 -50.36
CA ASN L 101 -40.60 15.58 -49.08
C ASN L 101 -41.33 14.67 -48.11
N VAL L 102 -40.60 13.73 -47.52
CA VAL L 102 -41.08 12.93 -46.40
C VAL L 102 -39.99 12.93 -45.34
N LYS L 103 -40.36 13.26 -44.11
CA LYS L 103 -39.41 13.39 -43.01
C LYS L 103 -39.77 12.46 -41.87
N ASP L 104 -38.74 11.83 -41.31
CA ASP L 104 -38.86 10.99 -40.12
C ASP L 104 -39.82 9.81 -40.35
N VAL L 105 -39.42 8.95 -41.29
CA VAL L 105 -40.06 7.64 -41.48
C VAL L 105 -39.71 6.76 -40.29
N GLY L 106 -40.34 5.59 -40.20
CA GLY L 106 -40.08 4.69 -39.09
C GLY L 106 -38.61 4.37 -38.90
N ASP L 107 -37.84 4.36 -39.97
CA ASP L 107 -36.39 4.24 -39.86
C ASP L 107 -35.78 5.59 -39.53
N ASN L 108 -34.85 5.59 -38.57
CA ASN L 108 -34.28 6.83 -38.04
C ASN L 108 -32.76 6.80 -38.19
N HIS L 109 -32.28 7.26 -39.34
CA HIS L 109 -30.86 7.41 -39.61
C HIS L 109 -30.53 8.88 -39.83
N PHE L 110 -29.27 9.15 -40.18
CA PHE L 110 -28.80 10.54 -40.29
C PHE L 110 -29.64 11.38 -41.24
N PRO L 111 -29.97 10.93 -42.46
CA PRO L 111 -30.90 11.72 -43.28
C PRO L 111 -32.32 11.64 -42.74
N TYR L 112 -32.79 12.70 -42.11
CA TYR L 112 -34.13 12.69 -41.52
C TYR L 112 -35.20 13.16 -42.49
N ASP L 113 -34.82 13.94 -43.50
CA ASP L 113 -35.74 14.39 -44.54
C ASP L 113 -35.22 13.97 -45.90
N TYR L 114 -36.13 13.48 -46.75
CA TYR L 114 -35.78 12.99 -48.08
C TYR L 114 -36.54 13.79 -49.12
N TRP L 115 -35.84 14.24 -50.15
CA TRP L 115 -36.42 15.04 -51.22
C TRP L 115 -36.27 14.32 -52.55
N GLY L 116 -37.13 14.68 -53.49
CA GLY L 116 -37.05 14.16 -54.84
C GLY L 116 -36.09 14.96 -55.70
N GLN L 117 -35.91 14.49 -56.94
CA GLN L 117 -35.03 15.18 -57.87
C GLN L 117 -35.58 16.55 -58.25
N GLY L 118 -36.88 16.65 -58.43
CA GLY L 118 -37.50 17.91 -58.82
C GLY L 118 -37.94 17.94 -60.27
N THR L 119 -39.22 18.22 -60.49
CA THR L 119 -39.79 18.28 -61.83
C THR L 119 -40.30 19.69 -62.10
N GLN L 120 -39.95 20.23 -63.27
CA GLN L 120 -40.32 21.59 -63.63
C GLN L 120 -41.56 21.56 -64.52
N VAL L 121 -42.60 22.25 -64.08
CA VAL L 121 -43.85 22.38 -64.83
C VAL L 121 -44.01 23.83 -65.23
N THR L 122 -44.21 24.07 -66.53
CA THR L 122 -44.27 25.42 -67.08
C THR L 122 -45.69 25.73 -67.52
N VAL L 123 -46.17 26.91 -67.14
CA VAL L 123 -47.49 27.40 -67.54
C VAL L 123 -47.32 28.77 -68.17
N SER L 124 -47.95 28.98 -69.33
CA SER L 124 -47.86 30.26 -70.03
C SER L 124 -49.19 30.61 -70.69
#